data_2MAR
#
_entry.id   2MAR
#
_entity_poly.entity_id   1
_entity_poly.type   'polypeptide(L)'
_entity_poly.pdbx_seq_one_letter_code
;DDTPPPPPFLAGAPQDVVKAFFELLKKDETKTDPEIEKDLDAWVDTLGGDYKAKFETFKKEMKAKEAELAKAHEEAVAKM
TPEAKKADAELSKIAEDDSLNGIQKAQKIQAIYKTLPQSVKDELEKGIGPAVPQ
;
_entity_poly.pdbx_strand_id   A
#
# COMPACT_ATOMS: atom_id res chain seq x y z
N ASP A 1 -3.60 -18.53 14.69
CA ASP A 1 -3.18 -18.29 13.30
C ASP A 1 -2.66 -16.85 13.03
N ASP A 2 -2.41 -16.50 11.76
CA ASP A 2 -1.97 -15.17 11.33
C ASP A 2 -3.07 -14.48 10.49
N THR A 3 -3.89 -13.69 11.17
CA THR A 3 -5.05 -12.99 10.60
C THR A 3 -5.18 -11.56 11.15
N PRO A 4 -5.91 -10.68 10.45
CA PRO A 4 -6.19 -9.31 10.91
C PRO A 4 -7.08 -9.26 12.17
N PRO A 5 -7.23 -8.10 12.82
CA PRO A 5 -8.18 -7.91 13.93
C PRO A 5 -9.65 -8.06 13.46
N PRO A 6 -10.42 -9.06 13.94
CA PRO A 6 -11.87 -9.06 13.80
C PRO A 6 -12.67 -8.07 14.69
N PRO A 7 -12.19 -7.50 15.83
CA PRO A 7 -12.98 -6.52 16.57
C PRO A 7 -13.09 -5.17 15.84
N PRO A 8 -13.98 -4.27 16.30
CA PRO A 8 -14.04 -2.89 15.80
C PRO A 8 -12.72 -2.16 16.05
N PHE A 9 -12.15 -1.56 15.01
CA PHE A 9 -11.03 -0.62 15.15
C PHE A 9 -11.33 0.49 16.18
N LEU A 10 -12.56 1.00 16.14
CA LEU A 10 -13.16 2.01 17.02
C LEU A 10 -13.99 1.38 18.17
N ALA A 11 -13.48 0.32 18.78
CA ALA A 11 -14.05 -0.33 19.96
C ALA A 11 -14.43 0.68 21.08
N GLY A 12 -15.74 0.82 21.32
CA GLY A 12 -16.35 1.74 22.30
C GLY A 12 -17.69 2.34 21.85
N ALA A 13 -18.01 2.25 20.55
CA ALA A 13 -19.22 2.79 19.94
C ALA A 13 -20.50 1.95 20.22
N PRO A 14 -21.72 2.52 20.06
CA PRO A 14 -22.99 1.82 20.29
C PRO A 14 -23.37 0.84 19.18
N GLN A 15 -24.42 0.02 19.39
CA GLN A 15 -24.86 -1.02 18.44
C GLN A 15 -25.12 -0.50 17.02
N ASP A 16 -25.66 0.72 16.91
CA ASP A 16 -25.87 1.46 15.64
C ASP A 16 -24.58 1.56 14.81
N VAL A 17 -23.46 1.84 15.47
CA VAL A 17 -22.12 1.85 14.87
C VAL A 17 -21.58 0.44 14.69
N VAL A 18 -21.77 -0.46 15.66
CA VAL A 18 -21.30 -1.85 15.59
C VAL A 18 -21.82 -2.56 14.32
N LYS A 19 -23.07 -2.30 13.91
CA LYS A 19 -23.59 -2.82 12.63
C LYS A 19 -22.81 -2.28 11.43
N ALA A 20 -22.61 -0.96 11.33
CA ALA A 20 -21.80 -0.35 10.26
C ALA A 20 -20.36 -0.92 10.21
N PHE A 21 -19.68 -1.03 11.36
CA PHE A 21 -18.39 -1.71 11.48
C PHE A 21 -18.45 -3.14 10.93
N PHE A 22 -19.37 -3.99 11.39
CA PHE A 22 -19.47 -5.38 10.94
C PHE A 22 -19.82 -5.51 9.46
N GLU A 23 -20.79 -4.73 8.95
CA GLU A 23 -21.19 -4.73 7.54
C GLU A 23 -20.03 -4.32 6.62
N LEU A 24 -19.20 -3.36 7.08
CA LEU A 24 -17.95 -3.02 6.43
C LEU A 24 -16.93 -4.18 6.53
N LEU A 25 -16.76 -4.79 7.72
CA LEU A 25 -15.80 -5.88 7.95
C LEU A 25 -16.08 -7.17 7.18
N LYS A 26 -17.32 -7.63 7.08
CA LYS A 26 -17.66 -8.85 6.32
C LYS A 26 -17.22 -8.78 4.84
N LYS A 27 -17.17 -7.58 4.26
CA LYS A 27 -16.68 -7.32 2.90
C LYS A 27 -15.16 -7.46 2.77
N ASP A 28 -14.42 -7.09 3.81
CA ASP A 28 -12.95 -7.16 3.87
C ASP A 28 -12.41 -8.24 4.84
N GLU A 29 -13.21 -9.26 5.16
CA GLU A 29 -12.83 -10.36 6.06
C GLU A 29 -11.59 -11.15 5.58
N THR A 30 -11.33 -11.12 4.26
CA THR A 30 -10.22 -11.78 3.55
C THR A 30 -9.00 -10.87 3.29
N LYS A 31 -9.04 -9.59 3.69
CA LYS A 31 -7.92 -8.63 3.64
C LYS A 31 -6.88 -8.83 4.77
N THR A 32 -5.84 -8.01 4.80
CA THR A 32 -4.78 -7.91 5.84
C THR A 32 -5.14 -6.90 6.94
N ASP A 33 -4.36 -6.85 8.02
CA ASP A 33 -4.49 -5.90 9.14
C ASP A 33 -4.55 -4.44 8.66
N PRO A 34 -3.53 -3.92 7.94
CA PRO A 34 -3.52 -2.52 7.49
C PRO A 34 -4.60 -2.20 6.46
N GLU A 35 -5.01 -3.19 5.67
CA GLU A 35 -5.99 -3.02 4.59
C GLU A 35 -7.42 -2.82 5.15
N ILE A 36 -7.78 -3.56 6.20
CA ILE A 36 -9.02 -3.38 6.96
C ILE A 36 -8.97 -2.10 7.78
N GLU A 37 -7.91 -1.91 8.59
CA GLU A 37 -7.82 -0.74 9.46
C GLU A 37 -7.88 0.58 8.69
N LYS A 38 -7.29 0.66 7.48
CA LYS A 38 -7.40 1.81 6.56
C LYS A 38 -8.86 2.19 6.30
N ASP A 39 -9.65 1.24 5.80
CA ASP A 39 -11.05 1.45 5.46
C ASP A 39 -11.89 1.86 6.69
N LEU A 40 -11.64 1.22 7.83
CA LEU A 40 -12.26 1.57 9.12
C LEU A 40 -11.88 3.01 9.54
N ASP A 41 -10.60 3.35 9.47
CA ASP A 41 -10.11 4.69 9.80
C ASP A 41 -10.67 5.79 8.88
N ALA A 42 -10.84 5.51 7.59
CA ALA A 42 -11.39 6.47 6.63
C ALA A 42 -12.76 7.02 7.07
N TRP A 43 -13.70 6.15 7.44
CA TRP A 43 -14.97 6.58 8.02
C TRP A 43 -14.85 7.08 9.49
N VAL A 44 -13.96 6.51 10.33
CA VAL A 44 -13.67 6.98 11.71
C VAL A 44 -13.21 8.44 11.76
N ASP A 45 -12.54 8.94 10.72
CA ASP A 45 -12.11 10.34 10.62
C ASP A 45 -13.30 11.33 10.70
N THR A 46 -14.53 10.85 10.49
CA THR A 46 -15.78 11.61 10.65
C THR A 46 -16.46 11.41 12.00
N LEU A 47 -16.10 10.36 12.77
CA LEU A 47 -16.63 10.14 14.13
C LEU A 47 -16.17 11.23 15.12
N GLY A 48 -14.86 11.30 15.41
CA GLY A 48 -14.29 12.24 16.38
C GLY A 48 -14.50 11.79 17.84
N GLY A 49 -13.53 11.02 18.37
CA GLY A 49 -13.55 10.46 19.71
C GLY A 49 -12.21 9.85 20.12
N ASP A 50 -12.17 9.09 21.21
CA ASP A 50 -10.97 8.43 21.75
C ASP A 50 -10.26 7.51 20.74
N TYR A 51 -10.97 7.10 19.69
CA TYR A 51 -10.47 6.32 18.55
C TYR A 51 -9.29 6.99 17.81
N LYS A 52 -9.12 8.32 17.98
CA LYS A 52 -7.97 9.10 17.51
C LYS A 52 -6.61 8.56 18.01
N ALA A 53 -6.57 8.04 19.24
CA ALA A 53 -5.37 7.44 19.84
C ALA A 53 -5.03 6.09 19.16
N LYS A 54 -6.05 5.29 18.88
CA LYS A 54 -5.92 4.09 18.04
C LYS A 54 -5.42 4.44 16.64
N PHE A 55 -5.91 5.48 15.97
CA PHE A 55 -5.36 5.96 14.70
C PHE A 55 -3.87 6.31 14.79
N GLU A 56 -3.46 7.16 15.75
CA GLU A 56 -2.07 7.58 15.87
C GLU A 56 -1.11 6.39 16.05
N THR A 57 -1.50 5.42 16.90
CA THR A 57 -0.70 4.21 17.15
C THR A 57 -0.72 3.25 15.95
N PHE A 58 -1.85 3.11 15.26
CA PHE A 58 -2.03 2.28 14.07
C PHE A 58 -1.18 2.75 12.91
N LYS A 59 -1.25 4.04 12.57
CA LYS A 59 -0.46 4.64 11.48
C LYS A 59 1.03 4.32 11.66
N LYS A 60 1.57 4.49 12.87
CA LYS A 60 2.94 4.08 13.24
C LYS A 60 3.19 2.58 13.06
N GLU A 61 2.38 1.70 13.65
CA GLU A 61 2.51 0.24 13.52
C GLU A 61 2.52 -0.24 12.06
N MET A 62 1.56 0.25 11.26
CA MET A 62 1.45 -0.06 9.83
C MET A 62 2.67 0.42 9.05
N LYS A 63 3.01 1.70 9.20
CA LYS A 63 4.21 2.29 8.60
C LYS A 63 5.48 1.53 9.01
N ALA A 64 5.55 1.03 10.24
CA ALA A 64 6.70 0.30 10.76
C ALA A 64 6.82 -1.09 10.10
N LYS A 65 5.73 -1.87 10.08
CA LYS A 65 5.68 -3.19 9.43
C LYS A 65 6.01 -3.07 7.95
N GLU A 66 5.36 -2.14 7.26
CA GLU A 66 5.55 -1.89 5.84
C GLU A 66 6.99 -1.44 5.53
N ALA A 67 7.52 -0.44 6.24
CA ALA A 67 8.88 0.06 6.04
C ALA A 67 9.93 -1.03 6.26
N GLU A 68 9.81 -1.84 7.31
CA GLU A 68 10.75 -2.92 7.63
C GLU A 68 10.72 -4.06 6.58
N LEU A 69 9.52 -4.50 6.19
CA LEU A 69 9.32 -5.42 5.05
C LEU A 69 9.94 -4.85 3.77
N ALA A 70 9.64 -3.60 3.43
CA ALA A 70 10.14 -2.96 2.21
C ALA A 70 11.67 -2.81 2.23
N LYS A 71 12.28 -2.45 3.36
CA LYS A 71 13.74 -2.40 3.55
C LYS A 71 14.40 -3.75 3.27
N ALA A 72 13.90 -4.82 3.88
CA ALA A 72 14.44 -6.18 3.71
C ALA A 72 14.27 -6.68 2.27
N HIS A 73 13.05 -6.56 1.72
CA HIS A 73 12.71 -6.93 0.34
C HIS A 73 13.58 -6.15 -0.66
N GLU A 74 13.69 -4.82 -0.53
CA GLU A 74 14.59 -3.98 -1.33
C GLU A 74 16.07 -4.43 -1.26
N GLU A 75 16.60 -4.71 -0.06
CA GLU A 75 17.97 -5.22 0.12
C GLU A 75 18.21 -6.50 -0.70
N ALA A 76 17.34 -7.51 -0.58
CA ALA A 76 17.42 -8.73 -1.39
C ALA A 76 17.17 -8.48 -2.89
N VAL A 77 16.33 -7.51 -3.24
CA VAL A 77 16.01 -7.14 -4.63
C VAL A 77 17.15 -6.39 -5.33
N ALA A 78 18.04 -5.71 -4.61
CA ALA A 78 19.19 -4.98 -5.18
C ALA A 78 20.16 -5.87 -5.99
N LYS A 79 20.28 -7.16 -5.64
CA LYS A 79 21.03 -8.19 -6.38
C LYS A 79 20.21 -8.93 -7.46
N MET A 80 18.91 -8.63 -7.57
CA MET A 80 17.94 -9.27 -8.46
C MET A 80 17.78 -8.51 -9.80
N THR A 81 16.70 -8.78 -10.55
CA THR A 81 16.28 -8.08 -11.78
C THR A 81 16.15 -6.55 -11.62
N PRO A 82 16.32 -5.77 -12.71
CA PRO A 82 16.36 -4.30 -12.66
C PRO A 82 14.98 -3.66 -12.42
N GLU A 83 13.91 -4.19 -13.01
CA GLU A 83 12.53 -3.72 -12.79
C GLU A 83 12.07 -3.91 -11.34
N ALA A 84 12.58 -4.97 -10.71
CA ALA A 84 12.26 -5.28 -9.32
C ALA A 84 12.81 -4.17 -8.40
N LYS A 85 14.04 -3.71 -8.63
CA LYS A 85 14.65 -2.55 -7.95
C LYS A 85 13.79 -1.30 -8.01
N LYS A 86 13.20 -1.00 -9.16
CA LYS A 86 12.31 0.15 -9.39
C LYS A 86 11.01 0.05 -8.57
N ALA A 87 10.32 -1.08 -8.68
CA ALA A 87 9.14 -1.39 -7.87
C ALA A 87 9.43 -1.31 -6.36
N ASP A 88 10.46 -2.03 -5.88
CA ASP A 88 10.85 -2.04 -4.47
C ASP A 88 11.33 -0.69 -3.93
N ALA A 89 12.05 0.11 -4.73
CA ALA A 89 12.40 1.48 -4.37
C ALA A 89 11.16 2.34 -4.12
N GLU A 90 10.17 2.31 -5.03
CA GLU A 90 8.85 2.94 -4.80
C GLU A 90 8.15 2.43 -3.53
N LEU A 91 8.07 1.12 -3.35
CA LEU A 91 7.45 0.49 -2.18
C LEU A 91 8.17 0.89 -0.87
N SER A 92 9.49 1.06 -0.89
CA SER A 92 10.29 1.45 0.27
C SER A 92 10.12 2.93 0.65
N LYS A 93 10.17 3.85 -0.33
CA LYS A 93 9.97 5.29 -0.07
C LYS A 93 8.53 5.57 0.39
N ILE A 94 7.53 4.95 -0.25
CA ILE A 94 6.13 5.12 0.17
C ILE A 94 5.84 4.48 1.53
N ALA A 95 6.49 3.34 1.86
CA ALA A 95 6.30 2.69 3.14
C ALA A 95 6.78 3.51 4.36
N GLU A 96 7.62 4.53 4.17
CA GLU A 96 7.96 5.52 5.21
C GLU A 96 7.19 6.85 5.09
N ASP A 97 6.61 7.15 3.92
CA ASP A 97 5.91 8.42 3.62
C ASP A 97 4.74 8.20 2.64
N ASP A 98 3.58 7.75 3.12
CA ASP A 98 2.39 7.52 2.28
C ASP A 98 1.83 8.82 1.65
N SER A 99 2.07 9.97 2.28
CA SER A 99 1.65 11.31 1.82
C SER A 99 2.36 11.77 0.54
N LEU A 100 3.52 11.18 0.22
CA LEU A 100 4.24 11.39 -1.04
C LEU A 100 3.63 10.54 -2.17
N ASN A 101 2.57 11.06 -2.80
CA ASN A 101 1.96 10.53 -4.02
C ASN A 101 2.60 11.12 -5.29
N GLY A 102 2.14 10.64 -6.46
CA GLY A 102 2.61 11.07 -7.79
C GLY A 102 3.72 10.18 -8.37
N ILE A 103 4.52 9.52 -7.52
CA ILE A 103 5.58 8.58 -7.94
C ILE A 103 5.02 7.35 -8.67
N GLN A 104 3.75 7.00 -8.44
CA GLN A 104 3.04 5.94 -9.17
C GLN A 104 3.21 6.06 -10.69
N LYS A 105 3.21 7.28 -11.24
CA LYS A 105 3.49 7.54 -12.66
C LYS A 105 4.89 7.03 -13.04
N ALA A 106 5.95 7.53 -12.40
CA ALA A 106 7.33 7.17 -12.74
C ALA A 106 7.63 5.68 -12.48
N GLN A 107 7.05 5.10 -11.42
CA GLN A 107 7.10 3.66 -11.14
C GLN A 107 6.50 2.84 -12.29
N LYS A 108 5.32 3.24 -12.81
CA LYS A 108 4.73 2.61 -13.98
C LYS A 108 5.64 2.73 -15.21
N ILE A 109 6.12 3.94 -15.52
CA ILE A 109 7.07 4.22 -16.63
C ILE A 109 8.27 3.27 -16.56
N GLN A 110 8.93 3.16 -15.41
CA GLN A 110 10.08 2.27 -15.24
C GLN A 110 9.69 0.79 -15.41
N ALA A 111 8.60 0.34 -14.79
CA ALA A 111 8.11 -1.03 -14.88
C ALA A 111 7.86 -1.45 -16.34
N ILE A 112 7.21 -0.58 -17.14
CA ILE A 112 7.04 -0.82 -18.59
C ILE A 112 8.35 -0.65 -19.37
N TYR A 113 9.19 0.35 -19.06
CA TYR A 113 10.46 0.62 -19.78
C TYR A 113 11.42 -0.57 -19.77
N LYS A 114 11.50 -1.30 -18.64
CA LYS A 114 12.31 -2.52 -18.48
C LYS A 114 11.80 -3.69 -19.32
N THR A 115 10.56 -3.61 -19.82
CA THR A 115 9.90 -4.58 -20.71
C THR A 115 9.44 -3.96 -22.05
N LEU A 116 10.02 -2.82 -22.44
CA LEU A 116 9.88 -2.18 -23.76
C LEU A 116 11.20 -2.31 -24.57
N PRO A 117 11.50 -3.49 -25.16
CA PRO A 117 12.61 -3.65 -26.08
C PRO A 117 12.38 -2.92 -27.40
N GLN A 118 13.42 -2.81 -28.23
CA GLN A 118 13.30 -2.18 -29.56
C GLN A 118 12.35 -2.94 -30.49
N SER A 119 12.11 -4.24 -30.27
CA SER A 119 11.16 -5.05 -31.05
C SER A 119 9.72 -4.52 -30.93
N VAL A 120 9.22 -4.34 -29.70
CA VAL A 120 7.87 -3.81 -29.47
C VAL A 120 7.78 -2.32 -29.81
N LYS A 121 8.80 -1.53 -29.48
CA LYS A 121 8.87 -0.12 -29.88
C LYS A 121 8.82 0.05 -31.40
N ASP A 122 9.59 -0.73 -32.17
CA ASP A 122 9.56 -0.68 -33.64
C ASP A 122 8.24 -1.22 -34.25
N GLU A 123 7.66 -2.30 -33.72
CA GLU A 123 6.38 -2.83 -34.23
C GLU A 123 5.18 -1.91 -33.92
N LEU A 124 5.22 -1.16 -32.80
CA LEU A 124 4.17 -0.21 -32.39
C LEU A 124 4.43 1.23 -32.86
N GLU A 125 5.66 1.58 -33.25
CA GLU A 125 6.03 2.89 -33.82
C GLU A 125 5.15 3.28 -35.02
N LYS A 126 4.80 2.30 -35.87
CA LYS A 126 3.86 2.48 -36.99
C LYS A 126 2.38 2.43 -36.55
N GLY A 127 2.04 1.66 -35.51
CA GLY A 127 0.70 1.65 -34.93
C GLY A 127 0.43 0.51 -33.93
N ILE A 128 -0.20 -0.57 -34.41
CA ILE A 128 -0.71 -1.69 -33.60
C ILE A 128 -0.35 -3.04 -34.22
N GLY A 129 0.96 -3.31 -34.35
CA GLY A 129 1.55 -4.48 -35.01
C GLY A 129 1.00 -4.70 -36.43
N PRO A 130 1.42 -3.89 -37.43
CA PRO A 130 0.88 -3.92 -38.79
C PRO A 130 1.30 -5.20 -39.54
N ALA A 131 0.34 -6.11 -39.76
CA ALA A 131 0.50 -7.43 -40.39
C ALA A 131 1.67 -8.25 -39.80
N VAL A 132 1.57 -8.60 -38.51
CA VAL A 132 2.59 -9.32 -37.72
C VAL A 132 2.04 -10.68 -37.25
N PRO A 133 2.78 -11.80 -37.39
CA PRO A 133 2.38 -13.13 -36.91
C PRO A 133 2.40 -13.25 -35.37
N GLN A 134 1.98 -14.42 -34.85
CA GLN A 134 2.02 -14.76 -33.41
C GLN A 134 3.45 -14.71 -32.79
N ASP A 1 1.03 -13.28 12.18
CA ASP A 1 1.31 -12.71 10.84
C ASP A 1 0.69 -13.59 9.72
N ASP A 2 -0.61 -13.40 9.43
CA ASP A 2 -1.30 -14.07 8.31
C ASP A 2 -2.50 -13.25 7.79
N THR A 3 -3.53 -13.07 8.62
CA THR A 3 -4.78 -12.34 8.32
C THR A 3 -4.96 -11.09 9.21
N PRO A 4 -5.85 -10.15 8.82
CA PRO A 4 -6.15 -8.97 9.62
C PRO A 4 -6.89 -9.28 10.94
N PRO A 5 -6.99 -8.31 11.86
CA PRO A 5 -7.75 -8.44 13.11
C PRO A 5 -9.26 -8.61 12.83
N PRO A 6 -9.92 -9.66 13.38
CA PRO A 6 -11.38 -9.75 13.41
C PRO A 6 -12.11 -8.71 14.30
N PRO A 7 -11.56 -8.11 15.38
CA PRO A 7 -12.29 -7.08 16.14
C PRO A 7 -12.49 -5.78 15.33
N PRO A 8 -13.42 -4.90 15.77
CA PRO A 8 -13.56 -3.57 15.20
C PRO A 8 -12.30 -2.74 15.38
N PHE A 9 -11.86 -2.06 14.32
CA PHE A 9 -10.79 -1.06 14.38
C PHE A 9 -11.04 -0.03 15.51
N LEU A 10 -12.28 0.44 15.63
CA LEU A 10 -12.74 1.42 16.61
C LEU A 10 -13.11 0.83 18.00
N ALA A 11 -12.63 -0.38 18.36
CA ALA A 11 -12.99 -1.14 19.58
C ALA A 11 -13.23 -0.28 20.84
N GLY A 12 -14.52 -0.13 21.22
CA GLY A 12 -14.97 0.77 22.29
C GLY A 12 -16.29 1.49 22.01
N ALA A 13 -17.16 0.90 21.18
CA ALA A 13 -18.42 1.46 20.69
C ALA A 13 -19.64 0.60 21.07
N PRO A 14 -20.87 1.15 21.14
CA PRO A 14 -22.08 0.42 21.51
C PRO A 14 -22.58 -0.55 20.42
N GLN A 15 -23.49 -1.45 20.78
CA GLN A 15 -24.08 -2.47 19.89
C GLN A 15 -24.65 -1.88 18.58
N ASP A 16 -25.33 -0.73 18.69
CA ASP A 16 -25.88 0.06 17.57
C ASP A 16 -24.81 0.44 16.53
N VAL A 17 -23.60 0.79 16.98
CA VAL A 17 -22.44 1.08 16.13
C VAL A 17 -21.74 -0.21 15.66
N VAL A 18 -21.62 -1.22 16.53
CA VAL A 18 -21.02 -2.53 16.17
C VAL A 18 -21.74 -3.16 14.97
N LYS A 19 -23.07 -3.07 14.89
CA LYS A 19 -23.84 -3.54 13.73
C LYS A 19 -23.41 -2.85 12.43
N ALA A 20 -23.37 -1.52 12.45
CA ALA A 20 -22.96 -0.70 11.32
C ALA A 20 -21.54 -1.04 10.84
N PHE A 21 -20.60 -1.15 11.77
CA PHE A 21 -19.26 -1.72 11.54
C PHE A 21 -19.32 -3.10 10.87
N PHE A 22 -20.12 -4.04 11.39
CA PHE A 22 -20.21 -5.39 10.84
C PHE A 22 -20.74 -5.42 9.40
N GLU A 23 -21.80 -4.66 9.09
CA GLU A 23 -22.35 -4.57 7.73
C GLU A 23 -21.36 -3.90 6.77
N LEU A 24 -20.60 -2.92 7.25
CA LEU A 24 -19.49 -2.34 6.50
C LEU A 24 -18.34 -3.35 6.26
N LEU A 25 -17.97 -4.16 7.25
CA LEU A 25 -16.91 -5.18 7.15
C LEU A 25 -17.28 -6.39 6.30
N LYS A 26 -18.56 -6.73 6.15
CA LYS A 26 -19.03 -7.81 5.27
C LYS A 26 -18.53 -7.68 3.83
N LYS A 27 -18.62 -6.48 3.22
CA LYS A 27 -18.05 -6.19 1.89
C LYS A 27 -16.50 -6.14 1.88
N ASP A 28 -15.90 -5.84 3.03
CA ASP A 28 -14.47 -5.66 3.25
C ASP A 28 -13.80 -6.88 3.95
N GLU A 29 -14.46 -8.04 3.95
CA GLU A 29 -13.97 -9.26 4.61
C GLU A 29 -12.66 -9.81 3.99
N THR A 30 -12.37 -9.40 2.76
CA THR A 30 -11.18 -9.77 1.94
C THR A 30 -10.06 -8.73 1.96
N LYS A 31 -10.20 -7.64 2.75
CA LYS A 31 -9.17 -6.62 2.99
C LYS A 31 -8.03 -7.11 3.91
N THR A 32 -7.05 -6.26 4.18
CA THR A 32 -5.85 -6.48 5.03
C THR A 32 -5.85 -5.53 6.23
N ASP A 33 -4.91 -5.72 7.17
CA ASP A 33 -4.68 -4.88 8.35
C ASP A 33 -4.69 -3.36 8.03
N PRO A 34 -3.84 -2.86 7.11
CA PRO A 34 -3.85 -1.45 6.72
C PRO A 34 -5.10 -1.05 5.92
N GLU A 35 -5.60 -1.91 5.04
CA GLU A 35 -6.78 -1.59 4.22
C GLU A 35 -8.05 -1.40 5.06
N ILE A 36 -8.25 -2.27 6.07
CA ILE A 36 -9.35 -2.13 7.03
C ILE A 36 -9.13 -0.88 7.89
N GLU A 37 -7.96 -0.72 8.53
CA GLU A 37 -7.74 0.41 9.45
C GLU A 37 -7.95 1.77 8.75
N LYS A 38 -7.48 1.91 7.50
CA LYS A 38 -7.69 3.08 6.64
C LYS A 38 -9.18 3.40 6.43
N ASP A 39 -9.92 2.46 5.83
CA ASP A 39 -11.32 2.71 5.48
C ASP A 39 -12.20 2.91 6.72
N LEU A 40 -11.89 2.23 7.81
CA LEU A 40 -12.52 2.39 9.11
C LEU A 40 -12.22 3.77 9.71
N ASP A 41 -10.95 4.18 9.76
CA ASP A 41 -10.58 5.52 10.22
C ASP A 41 -11.28 6.63 9.45
N ALA A 42 -11.44 6.46 8.13
CA ALA A 42 -12.04 7.49 7.29
C ALA A 42 -13.43 7.93 7.80
N TRP A 43 -14.33 6.98 8.06
CA TRP A 43 -15.61 7.24 8.75
C TRP A 43 -15.48 7.52 10.27
N VAL A 44 -14.54 6.88 10.99
CA VAL A 44 -14.25 7.13 12.42
C VAL A 44 -13.90 8.59 12.70
N ASP A 45 -13.26 9.29 11.75
CA ASP A 45 -12.92 10.71 11.89
C ASP A 45 -14.16 11.60 12.13
N THR A 46 -15.37 11.11 11.79
CA THR A 46 -16.64 11.77 12.06
C THR A 46 -17.25 11.37 13.41
N LEU A 47 -16.90 10.19 13.95
CA LEU A 47 -17.42 9.71 15.23
C LEU A 47 -16.99 10.58 16.43
N GLY A 48 -15.68 10.72 16.69
CA GLY A 48 -15.13 11.51 17.81
C GLY A 48 -15.45 10.93 19.20
N GLY A 49 -14.90 9.76 19.51
CA GLY A 49 -15.11 9.02 20.76
C GLY A 49 -13.89 8.21 21.22
N ASP A 50 -12.74 8.87 21.33
CA ASP A 50 -11.41 8.35 21.68
C ASP A 50 -10.74 7.48 20.60
N TYR A 51 -11.46 7.23 19.48
CA TYR A 51 -11.02 6.41 18.35
C TYR A 51 -9.77 6.95 17.62
N LYS A 52 -9.51 8.26 17.75
CA LYS A 52 -8.29 8.94 17.26
C LYS A 52 -6.98 8.30 17.76
N ALA A 53 -6.97 7.79 19.00
CA ALA A 53 -5.82 7.09 19.58
C ALA A 53 -5.57 5.73 18.90
N LYS A 54 -6.63 4.97 18.63
CA LYS A 54 -6.55 3.76 17.78
C LYS A 54 -5.96 4.09 16.41
N PHE A 55 -6.42 5.15 15.74
CA PHE A 55 -5.82 5.58 14.48
C PHE A 55 -4.33 5.91 14.59
N GLU A 56 -3.89 6.65 15.62
CA GLU A 56 -2.47 7.00 15.78
C GLU A 56 -1.61 5.73 15.89
N THR A 57 -2.07 4.74 16.66
CA THR A 57 -1.33 3.48 16.88
C THR A 57 -1.37 2.56 15.66
N PHE A 58 -2.48 2.52 14.93
CA PHE A 58 -2.62 1.76 13.69
C PHE A 58 -1.75 2.32 12.56
N LYS A 59 -1.85 3.62 12.27
CA LYS A 59 -1.04 4.29 11.22
C LYS A 59 0.45 3.98 11.38
N LYS A 60 1.02 4.19 12.57
CA LYS A 60 2.41 3.84 12.89
C LYS A 60 2.69 2.34 12.78
N GLU A 61 1.81 1.46 13.25
CA GLU A 61 1.96 -0.01 13.11
C GLU A 61 2.10 -0.43 11.65
N MET A 62 1.21 0.05 10.79
CA MET A 62 1.23 -0.24 9.36
C MET A 62 2.47 0.32 8.68
N LYS A 63 2.78 1.59 8.91
CA LYS A 63 3.99 2.25 8.40
C LYS A 63 5.26 1.52 8.87
N ALA A 64 5.27 0.98 10.09
CA ALA A 64 6.42 0.27 10.66
C ALA A 64 6.63 -1.09 10.00
N LYS A 65 5.58 -1.93 9.92
CA LYS A 65 5.61 -3.22 9.22
C LYS A 65 6.02 -3.03 7.76
N GLU A 66 5.36 -2.11 7.05
CA GLU A 66 5.63 -1.85 5.65
C GLU A 66 7.08 -1.38 5.41
N ALA A 67 7.56 -0.37 6.15
CA ALA A 67 8.92 0.13 6.03
C ALA A 67 9.98 -0.94 6.34
N GLU A 68 9.77 -1.78 7.36
CA GLU A 68 10.67 -2.88 7.72
C GLU A 68 10.76 -3.94 6.60
N LEU A 69 9.61 -4.41 6.12
CA LEU A 69 9.50 -5.35 5.00
C LEU A 69 10.21 -4.79 3.76
N ALA A 70 9.91 -3.55 3.37
CA ALA A 70 10.60 -2.82 2.32
C ALA A 70 12.11 -2.76 2.54
N LYS A 71 12.62 -2.33 3.70
CA LYS A 71 14.06 -2.25 4.01
C LYS A 71 14.78 -3.59 3.76
N ALA A 72 14.25 -4.68 4.30
CA ALA A 72 14.83 -6.02 4.12
C ALA A 72 14.78 -6.48 2.65
N HIS A 73 13.62 -6.36 2.01
CA HIS A 73 13.43 -6.64 0.58
C HIS A 73 14.42 -5.83 -0.27
N GLU A 74 14.49 -4.51 -0.11
CA GLU A 74 15.40 -3.58 -0.81
C GLU A 74 16.86 -4.02 -0.71
N GLU A 75 17.32 -4.38 0.49
CA GLU A 75 18.66 -4.94 0.73
C GLU A 75 18.93 -6.21 -0.11
N ALA A 76 18.00 -7.17 -0.11
CA ALA A 76 18.07 -8.34 -0.98
C ALA A 76 17.93 -8.02 -2.49
N VAL A 77 17.12 -7.02 -2.85
CA VAL A 77 16.89 -6.58 -4.22
C VAL A 77 18.12 -5.88 -4.82
N ALA A 78 18.98 -5.26 -4.02
CA ALA A 78 20.23 -4.63 -4.47
C ALA A 78 21.21 -5.59 -5.18
N LYS A 79 21.08 -6.91 -4.98
CA LYS A 79 21.83 -7.98 -5.68
C LYS A 79 21.01 -8.75 -6.73
N MET A 80 19.73 -8.39 -6.93
CA MET A 80 18.75 -9.04 -7.82
C MET A 80 18.63 -8.32 -9.18
N THR A 81 17.54 -8.54 -9.94
CA THR A 81 17.23 -7.87 -11.22
C THR A 81 17.13 -6.33 -11.11
N PRO A 82 17.33 -5.60 -12.23
CA PRO A 82 17.32 -4.13 -12.24
C PRO A 82 15.93 -3.52 -12.03
N GLU A 83 14.90 -4.08 -12.67
CA GLU A 83 13.50 -3.66 -12.53
C GLU A 83 12.97 -3.84 -11.10
N ALA A 84 13.41 -4.92 -10.45
CA ALA A 84 13.10 -5.18 -9.06
C ALA A 84 13.59 -4.03 -8.18
N LYS A 85 14.79 -3.49 -8.45
CA LYS A 85 15.33 -2.32 -7.73
C LYS A 85 14.41 -1.12 -7.78
N LYS A 86 13.86 -0.79 -8.95
CA LYS A 86 12.93 0.33 -9.17
C LYS A 86 11.64 0.14 -8.38
N ALA A 87 10.99 -1.01 -8.55
CA ALA A 87 9.77 -1.39 -7.82
C ALA A 87 9.99 -1.34 -6.29
N ASP A 88 11.00 -2.04 -5.78
CA ASP A 88 11.25 -2.11 -4.34
C ASP A 88 11.74 -0.79 -3.73
N ALA A 89 12.50 0.03 -4.48
CA ALA A 89 12.86 1.39 -4.07
C ALA A 89 11.62 2.29 -3.91
N GLU A 90 10.69 2.26 -4.87
CA GLU A 90 9.39 2.93 -4.75
C GLU A 90 8.58 2.43 -3.54
N LEU A 91 8.43 1.12 -3.38
CA LEU A 91 7.77 0.54 -2.19
C LEU A 91 8.47 0.97 -0.89
N SER A 92 9.80 1.13 -0.88
CA SER A 92 10.58 1.55 0.28
C SER A 92 10.33 3.02 0.64
N LYS A 93 10.44 3.95 -0.32
CA LYS A 93 10.20 5.37 -0.08
C LYS A 93 8.75 5.64 0.31
N ILE A 94 7.78 4.97 -0.32
CA ILE A 94 6.37 5.18 0.04
C ILE A 94 6.05 4.60 1.42
N ALA A 95 6.62 3.45 1.78
CA ALA A 95 6.33 2.78 3.03
C ALA A 95 6.82 3.55 4.27
N GLU A 96 7.79 4.44 4.10
CA GLU A 96 8.30 5.35 5.14
C GLU A 96 7.96 6.82 4.91
N ASP A 97 7.35 7.16 3.76
CA ASP A 97 7.02 8.53 3.35
C ASP A 97 5.86 8.60 2.32
N ASP A 98 4.62 8.47 2.78
CA ASP A 98 3.43 8.55 1.92
C ASP A 98 3.20 9.96 1.31
N SER A 99 3.90 10.98 1.83
CA SER A 99 3.83 12.39 1.39
C SER A 99 4.54 12.67 0.05
N LEU A 100 5.25 11.70 -0.53
CA LEU A 100 6.02 11.83 -1.77
C LEU A 100 5.41 10.97 -2.89
N ASN A 101 4.41 11.52 -3.58
CA ASN A 101 3.82 10.90 -4.78
C ASN A 101 4.46 11.43 -6.08
N GLY A 102 4.46 10.62 -7.14
CA GLY A 102 5.06 10.93 -8.44
C GLY A 102 5.73 9.73 -9.09
N ILE A 103 6.84 9.24 -8.53
CA ILE A 103 7.60 8.09 -9.11
C ILE A 103 6.75 6.81 -9.20
N GLN A 104 5.75 6.65 -8.33
CA GLN A 104 4.72 5.61 -8.36
C GLN A 104 4.20 5.33 -9.79
N LYS A 105 3.88 6.40 -10.55
CA LYS A 105 3.43 6.29 -11.95
C LYS A 105 4.48 5.62 -12.82
N ALA A 106 5.69 6.19 -12.90
CA ALA A 106 6.75 5.69 -13.77
C ALA A 106 7.28 4.31 -13.36
N GLN A 107 7.33 4.03 -12.06
CA GLN A 107 7.55 2.70 -11.50
C GLN A 107 6.55 1.70 -12.05
N LYS A 108 5.25 2.01 -12.02
CA LYS A 108 4.20 1.13 -12.54
C LYS A 108 4.44 0.83 -14.01
N ILE A 109 4.70 1.86 -14.83
CA ILE A 109 5.04 1.73 -16.26
C ILE A 109 6.22 0.79 -16.47
N GLN A 110 7.34 0.96 -15.75
CA GLN A 110 8.50 0.08 -15.84
C GLN A 110 8.21 -1.36 -15.39
N ALA A 111 7.53 -1.54 -14.27
CA ALA A 111 7.16 -2.85 -13.72
C ALA A 111 6.29 -3.66 -14.70
N ILE A 112 5.23 -3.05 -15.26
CA ILE A 112 4.40 -3.68 -16.30
C ILE A 112 5.15 -3.84 -17.63
N TYR A 113 5.99 -2.88 -18.03
CA TYR A 113 6.80 -2.96 -19.26
C TYR A 113 7.82 -4.11 -19.24
N LYS A 114 8.34 -4.48 -18.06
CA LYS A 114 9.26 -5.62 -17.86
C LYS A 114 8.58 -6.99 -17.87
N THR A 115 7.24 -7.01 -17.82
CA THR A 115 6.41 -8.23 -17.84
C THR A 115 5.27 -8.16 -18.87
N LEU A 116 5.43 -7.31 -19.89
CA LEU A 116 4.46 -7.03 -20.95
C LEU A 116 3.87 -8.31 -21.57
N PRO A 117 2.57 -8.33 -21.93
CA PRO A 117 1.94 -9.49 -22.55
C PRO A 117 2.45 -9.67 -23.98
N GLN A 118 3.24 -10.73 -24.23
CA GLN A 118 3.73 -11.07 -25.57
C GLN A 118 2.59 -11.22 -26.59
N SER A 119 1.40 -11.64 -26.14
CA SER A 119 0.17 -11.71 -26.92
C SER A 119 -0.24 -10.36 -27.53
N VAL A 120 -0.30 -9.27 -26.75
CA VAL A 120 -0.63 -7.94 -27.29
C VAL A 120 0.43 -7.51 -28.30
N LYS A 121 1.71 -7.74 -27.99
CA LYS A 121 2.78 -7.40 -28.90
C LYS A 121 2.70 -8.20 -30.21
N ASP A 122 2.47 -9.51 -30.18
CA ASP A 122 2.30 -10.33 -31.40
C ASP A 122 1.03 -9.95 -32.20
N GLU A 123 -0.09 -9.63 -31.54
CA GLU A 123 -1.32 -9.21 -32.23
C GLU A 123 -1.20 -7.81 -32.87
N LEU A 124 -0.51 -6.87 -32.20
CA LEU A 124 -0.31 -5.50 -32.70
C LEU A 124 0.92 -5.36 -33.62
N GLU A 125 1.87 -6.30 -33.59
CA GLU A 125 3.10 -6.33 -34.41
C GLU A 125 2.79 -6.17 -35.90
N LYS A 126 1.69 -6.78 -36.35
CA LYS A 126 1.16 -6.69 -37.70
C LYS A 126 0.61 -5.30 -38.01
N GLY A 127 -0.14 -4.72 -37.08
CA GLY A 127 -0.84 -3.44 -37.23
C GLY A 127 -1.60 -3.34 -38.56
N ILE A 128 -1.49 -2.19 -39.22
CA ILE A 128 -2.18 -1.84 -40.48
C ILE A 128 -1.32 -0.88 -41.34
N GLY A 129 -0.08 -1.30 -41.62
CA GLY A 129 0.94 -0.51 -42.34
C GLY A 129 1.13 0.91 -41.77
N PRO A 130 1.78 1.05 -40.59
CA PRO A 130 1.93 2.34 -39.92
C PRO A 130 2.87 3.29 -40.67
N ALA A 131 2.69 4.60 -40.43
CA ALA A 131 3.33 5.72 -41.14
C ALA A 131 3.00 5.75 -42.64
N VAL A 132 2.17 6.71 -43.08
CA VAL A 132 1.81 6.92 -44.50
C VAL A 132 2.31 8.30 -44.98
N PRO A 133 3.64 8.47 -45.18
CA PRO A 133 4.23 9.71 -45.69
C PRO A 133 4.00 9.96 -47.19
N GLN A 134 3.50 8.94 -47.91
CA GLN A 134 3.22 8.87 -49.36
C GLN A 134 4.48 8.85 -50.26
N ASP A 1 -1.71 -17.19 6.04
CA ASP A 1 -1.94 -17.42 7.48
C ASP A 1 -2.18 -16.12 8.27
N ASP A 2 -1.39 -15.08 7.99
CA ASP A 2 -1.48 -13.75 8.62
C ASP A 2 -2.74 -12.99 8.19
N THR A 3 -3.83 -13.18 8.93
CA THR A 3 -5.12 -12.52 8.72
C THR A 3 -5.30 -11.28 9.61
N PRO A 4 -6.23 -10.38 9.26
CA PRO A 4 -6.55 -9.19 10.06
C PRO A 4 -7.23 -9.57 11.39
N PRO A 5 -7.28 -8.66 12.37
CA PRO A 5 -7.99 -8.89 13.63
C PRO A 5 -9.51 -9.03 13.39
N PRO A 6 -10.16 -10.11 13.86
CA PRO A 6 -11.61 -10.20 13.91
C PRO A 6 -12.32 -9.26 14.91
N PRO A 7 -11.73 -8.70 16.01
CA PRO A 7 -12.45 -7.76 16.89
C PRO A 7 -12.72 -6.39 16.24
N PRO A 8 -13.58 -5.55 16.85
CA PRO A 8 -13.82 -4.17 16.43
C PRO A 8 -12.55 -3.33 16.49
N PHE A 9 -12.13 -2.79 15.35
CA PHE A 9 -11.02 -1.84 15.27
C PHE A 9 -11.18 -0.61 16.19
N LEU A 10 -12.43 -0.23 16.49
CA LEU A 10 -12.85 0.87 17.37
C LEU A 10 -13.45 0.38 18.70
N ALA A 11 -12.91 -0.72 19.26
CA ALA A 11 -13.35 -1.33 20.52
C ALA A 11 -13.63 -0.31 21.65
N GLY A 12 -14.91 -0.21 22.03
CA GLY A 12 -15.45 0.71 23.05
C GLY A 12 -16.91 1.12 22.82
N ALA A 13 -17.41 0.93 21.59
CA ALA A 13 -18.74 1.33 21.14
C ALA A 13 -19.86 0.33 21.52
N PRO A 14 -21.15 0.75 21.55
CA PRO A 14 -22.28 -0.12 21.91
C PRO A 14 -22.67 -1.10 20.79
N GLN A 15 -23.58 -2.03 21.09
CA GLN A 15 -24.04 -3.07 20.14
C GLN A 15 -24.55 -2.50 18.80
N ASP A 16 -25.17 -1.32 18.85
CA ASP A 16 -25.65 -0.56 17.69
C ASP A 16 -24.53 -0.24 16.68
N VAL A 17 -23.32 0.03 17.18
CA VAL A 17 -22.08 0.15 16.40
C VAL A 17 -21.51 -1.22 16.03
N VAL A 18 -21.49 -2.18 16.97
CA VAL A 18 -20.96 -3.54 16.72
C VAL A 18 -21.62 -4.18 15.49
N LYS A 19 -22.91 -3.98 15.25
CA LYS A 19 -23.59 -4.47 14.03
C LYS A 19 -23.01 -3.87 12.76
N ALA A 20 -22.88 -2.54 12.73
CA ALA A 20 -22.29 -1.80 11.62
C ALA A 20 -20.84 -2.25 11.37
N PHE A 21 -20.00 -2.32 12.41
CA PHE A 21 -18.66 -2.90 12.35
C PHE A 21 -18.67 -4.30 11.73
N PHE A 22 -19.50 -5.24 12.20
CA PHE A 22 -19.53 -6.61 11.68
C PHE A 22 -19.92 -6.68 10.19
N GLU A 23 -20.95 -5.94 9.78
CA GLU A 23 -21.43 -5.92 8.39
C GLU A 23 -20.43 -5.21 7.46
N LEU A 24 -19.64 -4.29 8.00
CA LEU A 24 -18.49 -3.69 7.31
C LEU A 24 -17.30 -4.69 7.20
N LEU A 25 -16.83 -5.28 8.30
CA LEU A 25 -15.72 -6.24 8.35
C LEU A 25 -15.92 -7.48 7.48
N LYS A 26 -17.12 -8.09 7.46
CA LYS A 26 -17.39 -9.23 6.56
C LYS A 26 -17.20 -8.88 5.07
N LYS A 27 -17.36 -7.61 4.71
CA LYS A 27 -17.23 -7.08 3.33
C LYS A 27 -15.78 -7.01 2.87
N ASP A 28 -14.88 -6.65 3.79
CA ASP A 28 -13.43 -6.56 3.62
C ASP A 28 -12.64 -7.66 4.36
N GLU A 29 -13.26 -8.77 4.74
CA GLU A 29 -12.60 -9.85 5.53
C GLU A 29 -11.37 -10.46 4.82
N THR A 30 -11.31 -10.34 3.49
CA THR A 30 -10.26 -10.76 2.56
C THR A 30 -9.07 -9.80 2.44
N LYS A 31 -9.05 -8.68 3.18
CA LYS A 31 -7.95 -7.70 3.28
C LYS A 31 -7.00 -8.02 4.46
N THR A 32 -6.01 -7.15 4.70
CA THR A 32 -5.05 -7.17 5.81
C THR A 32 -5.47 -6.23 6.95
N ASP A 33 -4.84 -6.36 8.13
CA ASP A 33 -5.01 -5.49 9.30
C ASP A 33 -5.07 -3.99 8.94
N PRO A 34 -4.03 -3.38 8.32
CA PRO A 34 -4.04 -1.95 8.01
C PRO A 34 -5.09 -1.57 6.96
N GLU A 35 -5.32 -2.44 5.97
CA GLU A 35 -6.23 -2.21 4.86
C GLU A 35 -7.68 -2.02 5.35
N ILE A 36 -8.17 -2.94 6.19
CA ILE A 36 -9.47 -2.84 6.87
C ILE A 36 -9.50 -1.70 7.89
N GLU A 37 -8.48 -1.62 8.75
CA GLU A 37 -8.37 -0.58 9.78
C GLU A 37 -8.60 0.82 9.18
N LYS A 38 -7.98 1.15 8.03
CA LYS A 38 -8.21 2.41 7.31
C LYS A 38 -9.70 2.69 7.04
N ASP A 39 -10.43 1.69 6.53
CA ASP A 39 -11.87 1.79 6.24
C ASP A 39 -12.69 2.03 7.51
N LEU A 40 -12.45 1.23 8.56
CA LEU A 40 -13.09 1.38 9.86
C LEU A 40 -12.80 2.76 10.45
N ASP A 41 -11.54 3.17 10.45
CA ASP A 41 -11.08 4.49 10.90
C ASP A 41 -11.72 5.65 10.14
N ALA A 42 -11.98 5.51 8.83
CA ALA A 42 -12.58 6.56 8.03
C ALA A 42 -13.97 6.99 8.56
N TRP A 43 -14.89 6.04 8.76
CA TRP A 43 -16.20 6.31 9.36
C TRP A 43 -16.14 6.58 10.89
N VAL A 44 -15.17 5.98 11.59
CA VAL A 44 -14.84 6.22 13.01
C VAL A 44 -14.45 7.66 13.30
N ASP A 45 -13.78 8.35 12.37
CA ASP A 45 -13.49 9.78 12.51
C ASP A 45 -14.76 10.63 12.73
N THR A 46 -15.96 10.08 12.46
CA THR A 46 -17.27 10.72 12.67
C THR A 46 -18.07 10.13 13.84
N LEU A 47 -17.62 9.02 14.47
CA LEU A 47 -18.28 8.42 15.63
C LEU A 47 -18.32 9.33 16.86
N GLY A 48 -17.15 9.73 17.35
CA GLY A 48 -16.94 10.40 18.64
C GLY A 48 -15.53 10.97 18.71
N GLY A 49 -14.98 11.07 19.93
CA GLY A 49 -13.67 11.70 20.19
C GLY A 49 -12.62 10.85 20.89
N ASP A 50 -12.91 9.58 21.13
CA ASP A 50 -11.98 8.56 21.66
C ASP A 50 -11.46 7.62 20.56
N TYR A 51 -12.33 7.27 19.61
CA TYR A 51 -12.01 6.33 18.50
C TYR A 51 -11.11 6.97 17.43
N LYS A 52 -11.14 8.30 17.33
CA LYS A 52 -10.21 9.11 16.49
C LYS A 52 -8.74 8.86 16.81
N ALA A 53 -8.40 8.58 18.07
CA ALA A 53 -7.04 8.25 18.49
C ALA A 53 -6.56 6.94 17.83
N LYS A 54 -7.47 5.99 17.60
CA LYS A 54 -7.18 4.77 16.85
C LYS A 54 -6.82 5.08 15.39
N PHE A 55 -7.49 6.05 14.73
CA PHE A 55 -7.13 6.50 13.38
C PHE A 55 -5.75 7.16 13.32
N GLU A 56 -5.51 8.17 14.15
CA GLU A 56 -4.24 8.90 14.14
C GLU A 56 -3.05 7.97 14.44
N THR A 57 -3.22 7.05 15.40
CA THR A 57 -2.19 6.06 15.77
C THR A 57 -2.01 4.97 14.70
N PHE A 58 -3.10 4.52 14.07
CA PHE A 58 -3.07 3.58 12.94
C PHE A 58 -2.19 4.10 11.81
N LYS A 59 -2.41 5.35 11.37
CA LYS A 59 -1.65 5.92 10.24
C LYS A 59 -0.14 5.74 10.43
N LYS A 60 0.38 6.09 11.61
CA LYS A 60 1.77 5.85 12.04
C LYS A 60 2.16 4.38 12.09
N GLU A 61 1.40 3.53 12.79
CA GLU A 61 1.64 2.08 12.88
C GLU A 61 1.76 1.43 11.49
N MET A 62 0.84 1.75 10.59
CA MET A 62 0.82 1.28 9.21
C MET A 62 2.04 1.73 8.43
N LYS A 63 2.32 3.04 8.43
CA LYS A 63 3.55 3.57 7.81
C LYS A 63 4.82 2.91 8.35
N ALA A 64 4.85 2.54 9.64
CA ALA A 64 6.00 1.86 10.24
C ALA A 64 6.13 0.41 9.73
N LYS A 65 5.05 -0.39 9.81
CA LYS A 65 5.04 -1.78 9.29
C LYS A 65 5.36 -1.83 7.80
N GLU A 66 4.72 -0.98 7.00
CA GLU A 66 4.95 -0.85 5.56
C GLU A 66 6.40 -0.44 5.24
N ALA A 67 6.94 0.62 5.86
CA ALA A 67 8.33 1.04 5.66
C ALA A 67 9.35 -0.07 5.98
N GLU A 68 9.23 -0.72 7.14
CA GLU A 68 10.12 -1.82 7.56
C GLU A 68 10.02 -3.03 6.62
N LEU A 69 8.80 -3.50 6.33
CA LEU A 69 8.54 -4.59 5.40
C LEU A 69 9.13 -4.27 4.02
N ALA A 70 8.84 -3.08 3.47
CA ALA A 70 9.36 -2.63 2.18
C ALA A 70 10.90 -2.61 2.16
N LYS A 71 11.58 -2.09 3.19
CA LYS A 71 13.05 -2.11 3.28
C LYS A 71 13.62 -3.53 3.21
N ALA A 72 13.07 -4.46 3.99
CA ALA A 72 13.47 -5.87 3.97
C ALA A 72 13.20 -6.53 2.60
N HIS A 73 11.98 -6.35 2.06
CA HIS A 73 11.57 -6.87 0.76
C HIS A 73 12.48 -6.35 -0.36
N GLU A 74 12.73 -5.04 -0.44
CA GLU A 74 13.70 -4.39 -1.34
C GLU A 74 15.10 -5.03 -1.26
N GLU A 75 15.64 -5.20 -0.05
CA GLU A 75 16.95 -5.83 0.18
C GLU A 75 17.03 -7.23 -0.44
N ALA A 76 16.03 -8.08 -0.18
CA ALA A 76 15.91 -9.40 -0.79
C ALA A 76 15.63 -9.35 -2.30
N VAL A 77 14.89 -8.34 -2.77
CA VAL A 77 14.58 -8.13 -4.19
C VAL A 77 15.80 -7.72 -5.02
N ALA A 78 16.80 -7.07 -4.42
CA ALA A 78 18.06 -6.71 -5.09
C ALA A 78 18.79 -7.89 -5.76
N LYS A 79 18.61 -9.11 -5.23
CA LYS A 79 19.14 -10.38 -5.77
C LYS A 79 18.13 -11.20 -6.58
N MET A 80 16.88 -10.73 -6.72
CA MET A 80 15.84 -11.36 -7.55
C MET A 80 15.87 -10.81 -8.98
N THR A 81 15.18 -9.67 -9.23
CA THR A 81 14.96 -9.04 -10.55
C THR A 81 15.32 -7.54 -10.57
N PRO A 82 15.68 -6.97 -11.74
CA PRO A 82 16.09 -5.56 -11.87
C PRO A 82 14.93 -4.58 -11.66
N GLU A 83 13.79 -4.82 -12.31
CA GLU A 83 12.59 -3.98 -12.18
C GLU A 83 11.87 -4.11 -10.85
N ALA A 84 11.87 -5.32 -10.28
CA ALA A 84 11.32 -5.55 -8.96
C ALA A 84 12.00 -4.63 -7.93
N LYS A 85 13.34 -4.47 -8.00
CA LYS A 85 14.09 -3.51 -7.16
C LYS A 85 13.52 -2.12 -7.32
N LYS A 86 13.32 -1.64 -8.56
CA LYS A 86 12.78 -0.29 -8.82
C LYS A 86 11.43 -0.09 -8.14
N ALA A 87 10.47 -1.00 -8.38
CA ALA A 87 9.14 -0.95 -7.76
C ALA A 87 9.19 -1.02 -6.21
N ASP A 88 9.91 -1.99 -5.65
CA ASP A 88 10.00 -2.21 -4.21
C ASP A 88 10.75 -1.08 -3.48
N ALA A 89 11.89 -0.62 -4.03
CA ALA A 89 12.64 0.54 -3.54
C ALA A 89 11.80 1.81 -3.56
N GLU A 90 11.05 2.06 -4.64
CA GLU A 90 10.11 3.19 -4.71
C GLU A 90 9.04 3.11 -3.63
N LEU A 91 8.46 1.93 -3.39
CA LEU A 91 7.54 1.71 -2.27
C LEU A 91 8.21 1.90 -0.89
N SER A 92 9.48 1.52 -0.74
CA SER A 92 10.25 1.66 0.50
C SER A 92 10.56 3.13 0.84
N LYS A 93 11.05 3.92 -0.14
CA LYS A 93 11.32 5.34 0.02
C LYS A 93 10.03 6.14 0.22
N ILE A 94 8.97 5.84 -0.54
CA ILE A 94 7.70 6.57 -0.40
C ILE A 94 6.97 6.25 0.91
N ALA A 95 7.08 5.01 1.42
CA ALA A 95 6.42 4.60 2.66
C ALA A 95 6.84 5.42 3.88
N GLU A 96 8.08 5.93 3.89
CA GLU A 96 8.63 6.79 4.94
C GLU A 96 8.82 8.26 4.50
N ASP A 97 8.56 8.58 3.23
CA ASP A 97 8.71 9.92 2.65
C ASP A 97 7.85 10.11 1.37
N ASP A 98 6.55 10.38 1.54
CA ASP A 98 5.65 10.66 0.41
C ASP A 98 5.98 11.97 -0.36
N SER A 99 6.85 12.81 0.21
CA SER A 99 7.33 14.06 -0.41
C SER A 99 8.50 13.85 -1.41
N LEU A 100 9.14 12.67 -1.41
CA LEU A 100 10.11 12.26 -2.43
C LEU A 100 9.39 11.84 -3.73
N ASN A 101 9.07 12.81 -4.57
CA ASN A 101 8.62 12.60 -5.95
C ASN A 101 9.79 12.64 -6.96
N GLY A 102 9.53 12.24 -8.21
CA GLY A 102 10.48 12.25 -9.33
C GLY A 102 10.68 10.86 -9.92
N ILE A 103 11.43 10.00 -9.21
CA ILE A 103 11.77 8.64 -9.67
C ILE A 103 10.51 7.77 -9.92
N GLN A 104 9.42 8.06 -9.20
CA GLN A 104 8.09 7.45 -9.40
C GLN A 104 7.64 7.40 -10.87
N LYS A 105 8.03 8.37 -11.70
CA LYS A 105 7.83 8.36 -13.15
C LYS A 105 8.55 7.17 -13.79
N ALA A 106 9.88 7.07 -13.67
CA ALA A 106 10.65 5.99 -14.29
C ALA A 106 10.25 4.61 -13.77
N GLN A 107 9.91 4.52 -12.48
CA GLN A 107 9.36 3.31 -11.87
C GLN A 107 8.07 2.84 -12.54
N LYS A 108 7.11 3.76 -12.73
CA LYS A 108 5.89 3.47 -13.51
C LYS A 108 6.25 3.01 -14.91
N ILE A 109 7.09 3.75 -15.65
CA ILE A 109 7.53 3.42 -17.02
C ILE A 109 8.05 1.99 -17.10
N GLN A 110 8.94 1.57 -16.20
CA GLN A 110 9.44 0.20 -16.14
C GLN A 110 8.31 -0.80 -15.84
N ALA A 111 7.53 -0.57 -14.79
CA ALA A 111 6.48 -1.50 -14.35
C ALA A 111 5.42 -1.75 -15.44
N ILE A 112 5.12 -0.74 -16.27
CA ILE A 112 4.31 -0.89 -17.48
C ILE A 112 5.12 -1.48 -18.64
N TYR A 113 6.38 -1.10 -18.87
CA TYR A 113 7.24 -1.62 -19.95
C TYR A 113 7.38 -3.15 -19.96
N LYS A 114 7.48 -3.80 -18.79
CA LYS A 114 7.49 -5.27 -18.67
C LYS A 114 6.17 -5.93 -19.05
N THR A 115 5.08 -5.13 -19.11
CA THR A 115 3.71 -5.52 -19.39
C THR A 115 3.03 -4.61 -20.44
N LEU A 116 3.81 -4.14 -21.41
CA LEU A 116 3.39 -3.34 -22.58
C LEU A 116 3.49 -4.20 -23.87
N PRO A 117 2.59 -5.19 -24.07
CA PRO A 117 2.50 -5.95 -25.31
C PRO A 117 2.05 -5.09 -26.51
N GLN A 118 2.12 -5.66 -27.71
CA GLN A 118 1.62 -5.05 -28.94
C GLN A 118 0.12 -4.73 -28.89
N SER A 119 -0.70 -5.45 -28.10
CA SER A 119 -2.15 -5.17 -27.97
C SER A 119 -2.44 -3.82 -27.32
N VAL A 120 -1.82 -3.52 -26.18
CA VAL A 120 -1.95 -2.22 -25.50
C VAL A 120 -1.26 -1.10 -26.30
N LYS A 121 -0.10 -1.36 -26.90
CA LYS A 121 0.52 -0.39 -27.82
C LYS A 121 -0.37 -0.06 -29.02
N ASP A 122 -0.98 -1.04 -29.68
CA ASP A 122 -1.89 -0.81 -30.82
C ASP A 122 -3.20 -0.09 -30.39
N GLU A 123 -3.79 -0.46 -29.25
CA GLU A 123 -5.01 0.21 -28.74
C GLU A 123 -4.76 1.66 -28.29
N LEU A 124 -3.59 1.96 -27.68
CA LEU A 124 -3.21 3.30 -27.22
C LEU A 124 -2.55 4.15 -28.32
N GLU A 125 -2.04 3.55 -29.40
CA GLU A 125 -1.38 4.20 -30.55
C GLU A 125 -2.24 5.27 -31.24
N LYS A 126 -3.57 5.20 -31.05
CA LYS A 126 -4.54 6.23 -31.45
C LYS A 126 -4.25 7.62 -30.83
N GLY A 127 -3.65 7.65 -29.64
CA GLY A 127 -3.28 8.85 -28.88
C GLY A 127 -3.91 8.90 -27.47
N ILE A 128 -3.67 10.02 -26.78
CA ILE A 128 -4.01 10.25 -25.36
C ILE A 128 -4.71 11.61 -25.16
N GLY A 129 -5.90 11.74 -25.76
CA GLY A 129 -6.73 12.97 -25.78
C GLY A 129 -5.94 14.22 -26.26
N PRO A 130 -5.68 14.33 -27.58
CA PRO A 130 -4.89 15.44 -28.15
C PRO A 130 -5.63 16.80 -28.10
N ALA A 131 -4.92 17.87 -28.45
CA ALA A 131 -5.41 19.25 -28.43
C ALA A 131 -5.03 20.01 -29.72
N VAL A 132 -5.93 20.01 -30.70
CA VAL A 132 -5.79 20.77 -31.96
C VAL A 132 -6.23 22.24 -31.79
N PRO A 133 -5.47 23.24 -32.28
CA PRO A 133 -5.86 24.65 -32.27
C PRO A 133 -7.00 24.96 -33.29
N GLN A 134 -7.40 26.23 -33.38
CA GLN A 134 -8.48 26.71 -34.26
C GLN A 134 -8.05 26.76 -35.74
N ASP A 1 3.72 -14.88 6.18
CA ASP A 1 2.82 -13.72 6.15
C ASP A 1 1.67 -13.84 7.17
N ASP A 2 1.76 -13.14 8.30
CA ASP A 2 0.69 -13.07 9.31
C ASP A 2 -0.54 -12.29 8.80
N THR A 3 -1.74 -12.71 9.22
CA THR A 3 -3.01 -12.07 8.88
C THR A 3 -3.31 -10.81 9.72
N PRO A 4 -4.19 -9.90 9.24
CA PRO A 4 -4.61 -8.70 9.97
C PRO A 4 -5.48 -9.03 11.19
N PRO A 5 -5.72 -8.07 12.09
CA PRO A 5 -6.55 -8.26 13.28
C PRO A 5 -8.02 -8.54 12.89
N PRO A 6 -8.64 -9.61 13.44
CA PRO A 6 -10.09 -9.81 13.35
C PRO A 6 -10.95 -8.78 14.14
N PRO A 7 -10.53 -8.11 15.23
CA PRO A 7 -11.38 -7.12 15.90
C PRO A 7 -11.60 -5.85 15.04
N PRO A 8 -12.62 -5.04 15.37
CA PRO A 8 -12.84 -3.75 14.76
C PRO A 8 -11.68 -2.79 15.03
N PHE A 9 -11.31 -1.99 14.03
CA PHE A 9 -10.35 -0.90 14.17
C PHE A 9 -10.73 0.05 15.32
N LEU A 10 -12.03 0.37 15.42
CA LEU A 10 -12.64 1.23 16.43
C LEU A 10 -13.00 0.52 17.76
N ALA A 11 -12.41 -0.64 18.07
CA ALA A 11 -12.68 -1.50 19.23
C ALA A 11 -13.05 -0.77 20.54
N GLY A 12 -14.35 -0.73 20.86
CA GLY A 12 -14.90 0.07 21.96
C GLY A 12 -16.27 0.70 21.68
N ALA A 13 -17.09 0.07 20.84
CA ALA A 13 -18.40 0.56 20.39
C ALA A 13 -19.53 -0.44 20.73
N PRO A 14 -20.80 0.01 20.83
CA PRO A 14 -21.94 -0.87 21.16
C PRO A 14 -22.34 -1.78 19.99
N GLN A 15 -23.21 -2.76 20.24
CA GLN A 15 -23.66 -3.75 19.25
C GLN A 15 -24.23 -3.11 17.96
N ASP A 16 -24.97 -2.02 18.10
CA ASP A 16 -25.50 -1.19 17.00
C ASP A 16 -24.41 -0.72 16.03
N VAL A 17 -23.24 -0.35 16.57
CA VAL A 17 -22.05 0.06 15.80
C VAL A 17 -21.27 -1.16 15.29
N VAL A 18 -21.13 -2.21 16.10
CA VAL A 18 -20.45 -3.46 15.71
C VAL A 18 -21.07 -4.04 14.43
N LYS A 19 -22.41 -4.03 14.29
CA LYS A 19 -23.08 -4.48 13.05
C LYS A 19 -22.66 -3.67 11.82
N ALA A 20 -22.71 -2.35 11.92
CA ALA A 20 -22.28 -1.42 10.86
C ALA A 20 -20.82 -1.68 10.45
N PHE A 21 -19.90 -1.78 11.43
CA PHE A 21 -18.53 -2.23 11.22
C PHE A 21 -18.47 -3.56 10.45
N PHE A 22 -19.21 -4.59 10.87
CA PHE A 22 -19.18 -5.91 10.23
C PHE A 22 -19.61 -5.85 8.76
N GLU A 23 -20.72 -5.17 8.46
CA GLU A 23 -21.24 -5.04 7.10
C GLU A 23 -20.31 -4.21 6.19
N LEU A 24 -19.61 -3.23 6.78
CA LEU A 24 -18.51 -2.51 6.12
C LEU A 24 -17.29 -3.44 5.84
N LEU A 25 -16.82 -4.19 6.85
CA LEU A 25 -15.71 -5.15 6.75
C LEU A 25 -15.96 -6.32 5.79
N LYS A 26 -17.21 -6.69 5.52
CA LYS A 26 -17.55 -7.72 4.51
C LYS A 26 -16.95 -7.44 3.12
N LYS A 27 -16.80 -6.17 2.72
CA LYS A 27 -16.05 -5.76 1.52
C LYS A 27 -14.53 -5.87 1.70
N ASP A 28 -14.04 -5.52 2.88
CA ASP A 28 -12.61 -5.45 3.21
C ASP A 28 -12.09 -6.72 3.94
N GLU A 29 -12.82 -7.84 3.84
CA GLU A 29 -12.48 -9.10 4.53
C GLU A 29 -11.12 -9.72 4.13
N THR A 30 -10.58 -9.32 2.96
CA THR A 30 -9.28 -9.77 2.40
C THR A 30 -8.22 -8.66 2.39
N LYS A 31 -8.48 -7.50 3.01
CA LYS A 31 -7.52 -6.39 3.14
C LYS A 31 -6.46 -6.68 4.20
N THR A 32 -5.52 -5.75 4.39
CA THR A 32 -4.46 -5.77 5.41
C THR A 32 -4.78 -4.83 6.57
N ASP A 33 -3.98 -4.89 7.64
CA ASP A 33 -4.05 -4.01 8.82
C ASP A 33 -4.19 -2.52 8.44
N PRO A 34 -3.25 -1.91 7.67
CA PRO A 34 -3.37 -0.50 7.26
C PRO A 34 -4.53 -0.25 6.31
N GLU A 35 -4.79 -1.18 5.38
CA GLU A 35 -5.84 -1.05 4.37
C GLU A 35 -7.24 -0.93 5.00
N ILE A 36 -7.52 -1.74 6.04
CA ILE A 36 -8.74 -1.62 6.86
C ILE A 36 -8.69 -0.35 7.70
N GLU A 37 -7.60 -0.10 8.45
CA GLU A 37 -7.48 1.08 9.33
C GLU A 37 -7.79 2.38 8.60
N LYS A 38 -7.39 2.52 7.32
CA LYS A 38 -7.60 3.71 6.50
C LYS A 38 -9.09 3.98 6.26
N ASP A 39 -9.79 3.04 5.65
CA ASP A 39 -11.23 3.17 5.36
C ASP A 39 -12.07 3.25 6.63
N LEU A 40 -11.70 2.51 7.68
CA LEU A 40 -12.33 2.58 8.99
C LEU A 40 -12.11 3.96 9.63
N ASP A 41 -10.87 4.45 9.69
CA ASP A 41 -10.58 5.78 10.20
C ASP A 41 -11.34 6.89 9.48
N ALA A 42 -11.50 6.76 8.16
CA ALA A 42 -12.18 7.79 7.38
C ALA A 42 -13.58 8.12 7.92
N TRP A 43 -14.42 7.12 8.16
CA TRP A 43 -15.70 7.30 8.85
C TRP A 43 -15.57 7.52 10.38
N VAL A 44 -14.60 6.86 11.07
CA VAL A 44 -14.30 7.05 12.51
C VAL A 44 -13.97 8.50 12.85
N ASP A 45 -13.36 9.26 11.94
CA ASP A 45 -13.04 10.67 12.13
C ASP A 45 -14.30 11.53 12.39
N THR A 46 -15.49 11.01 12.07
CA THR A 46 -16.79 11.66 12.29
C THR A 46 -17.53 11.10 13.51
N LEU A 47 -17.12 9.93 14.04
CA LEU A 47 -17.72 9.33 15.24
C LEU A 47 -17.59 10.23 16.49
N GLY A 48 -16.36 10.60 16.85
CA GLY A 48 -16.04 11.22 18.12
C GLY A 48 -14.56 11.56 18.26
N GLY A 49 -14.13 11.73 19.50
CA GLY A 49 -12.79 12.15 19.91
C GLY A 49 -12.08 11.17 20.85
N ASP A 50 -12.52 9.91 20.86
CA ASP A 50 -11.89 8.79 21.54
C ASP A 50 -11.22 7.83 20.53
N TYR A 51 -11.86 7.62 19.38
CA TYR A 51 -11.36 6.74 18.32
C TYR A 51 -10.14 7.32 17.59
N LYS A 52 -10.00 8.65 17.59
CA LYS A 52 -8.81 9.38 17.09
C LYS A 52 -7.48 8.92 17.71
N ALA A 53 -7.48 8.54 19.00
CA ALA A 53 -6.30 8.03 19.70
C ALA A 53 -5.87 6.66 19.17
N LYS A 54 -6.84 5.74 18.98
CA LYS A 54 -6.57 4.48 18.29
C LYS A 54 -5.98 4.74 16.90
N PHE A 55 -6.53 5.66 16.12
CA PHE A 55 -5.94 6.01 14.83
C PHE A 55 -4.49 6.49 14.92
N GLU A 56 -4.16 7.40 15.85
CA GLU A 56 -2.79 7.89 16.00
C GLU A 56 -1.80 6.74 16.26
N THR A 57 -2.19 5.78 17.12
CA THR A 57 -1.34 4.64 17.49
C THR A 57 -1.29 3.56 16.39
N PHE A 58 -2.39 3.34 15.68
CA PHE A 58 -2.49 2.45 14.53
C PHE A 58 -1.63 2.93 13.37
N LYS A 59 -1.77 4.20 12.97
CA LYS A 59 -1.01 4.80 11.86
C LYS A 59 0.50 4.56 12.00
N LYS A 60 1.08 4.91 13.16
CA LYS A 60 2.49 4.62 13.49
C LYS A 60 2.82 3.11 13.50
N GLU A 61 2.00 2.28 14.14
CA GLU A 61 2.19 0.81 14.17
C GLU A 61 2.24 0.19 12.76
N MET A 62 1.27 0.53 11.91
CA MET A 62 1.19 0.12 10.51
C MET A 62 2.32 0.64 9.66
N LYS A 63 2.59 1.95 9.68
CA LYS A 63 3.76 2.51 8.99
C LYS A 63 5.06 1.85 9.44
N ALA A 64 5.19 1.46 10.71
CA ALA A 64 6.38 0.79 11.22
C ALA A 64 6.52 -0.63 10.67
N LYS A 65 5.47 -1.46 10.77
CA LYS A 65 5.44 -2.83 10.23
C LYS A 65 5.68 -2.84 8.73
N GLU A 66 4.95 -2.00 8.00
CA GLU A 66 5.03 -1.87 6.54
C GLU A 66 6.40 -1.37 6.08
N ALA A 67 6.92 -0.27 6.66
CA ALA A 67 8.26 0.25 6.34
C ALA A 67 9.36 -0.80 6.61
N GLU A 68 9.32 -1.49 7.75
CA GLU A 68 10.33 -2.49 8.13
C GLU A 68 10.32 -3.70 7.18
N LEU A 69 9.14 -4.28 6.93
CA LEU A 69 8.92 -5.34 5.94
C LEU A 69 9.44 -4.90 4.57
N ALA A 70 9.04 -3.73 4.11
CA ALA A 70 9.43 -3.19 2.81
C ALA A 70 10.95 -3.01 2.72
N LYS A 71 11.62 -2.51 3.77
CA LYS A 71 13.08 -2.34 3.82
C LYS A 71 13.81 -3.68 3.64
N ALA A 72 13.43 -4.71 4.42
CA ALA A 72 13.98 -6.06 4.31
C ALA A 72 13.72 -6.70 2.94
N HIS A 73 12.47 -6.61 2.47
CA HIS A 73 12.06 -7.13 1.16
C HIS A 73 12.85 -6.45 0.03
N GLU A 74 12.92 -5.12 0.00
CA GLU A 74 13.72 -4.29 -0.93
C GLU A 74 15.20 -4.70 -0.96
N GLU A 75 15.82 -4.88 0.21
CA GLU A 75 17.19 -5.39 0.35
C GLU A 75 17.39 -6.74 -0.37
N ALA A 76 16.54 -7.74 -0.09
CA ALA A 76 16.64 -9.04 -0.77
C ALA A 76 16.27 -8.95 -2.27
N VAL A 77 15.37 -8.03 -2.64
CA VAL A 77 14.95 -7.75 -4.02
C VAL A 77 16.03 -7.03 -4.85
N ALA A 78 16.98 -6.33 -4.22
CA ALA A 78 18.09 -5.66 -4.92
C ALA A 78 18.94 -6.59 -5.79
N LYS A 79 19.07 -7.87 -5.41
CA LYS A 79 19.73 -8.94 -6.20
C LYS A 79 18.81 -9.66 -7.20
N MET A 80 17.54 -9.27 -7.28
CA MET A 80 16.51 -9.87 -8.14
C MET A 80 16.32 -9.09 -9.46
N THR A 81 15.19 -9.29 -10.15
CA THR A 81 14.73 -8.53 -11.32
C THR A 81 14.68 -7.01 -11.09
N PRO A 82 14.78 -6.17 -12.16
CA PRO A 82 14.81 -4.72 -12.04
C PRO A 82 13.45 -4.13 -11.63
N GLU A 83 12.35 -4.62 -12.21
CA GLU A 83 10.99 -4.21 -11.86
C GLU A 83 10.60 -4.55 -10.42
N ALA A 84 11.21 -5.60 -9.87
CA ALA A 84 10.99 -5.99 -8.49
C ALA A 84 11.45 -4.88 -7.52
N LYS A 85 12.65 -4.32 -7.68
CA LYS A 85 13.13 -3.16 -6.90
C LYS A 85 12.13 -2.02 -6.92
N LYS A 86 11.51 -1.74 -8.08
CA LYS A 86 10.52 -0.68 -8.29
C LYS A 86 9.28 -0.88 -7.42
N ALA A 87 8.69 -2.09 -7.45
CA ALA A 87 7.53 -2.45 -6.62
C ALA A 87 7.82 -2.40 -5.10
N ASP A 88 8.95 -2.97 -4.68
CA ASP A 88 9.39 -2.96 -3.28
C ASP A 88 9.73 -1.54 -2.80
N ALA A 89 10.39 -0.74 -3.62
CA ALA A 89 10.62 0.68 -3.37
C ALA A 89 9.31 1.47 -3.27
N GLU A 90 8.28 1.19 -4.09
CA GLU A 90 6.93 1.77 -3.95
C GLU A 90 6.35 1.50 -2.55
N LEU A 91 6.33 0.24 -2.10
CA LEU A 91 5.82 -0.06 -0.77
C LEU A 91 6.68 0.59 0.35
N SER A 92 8.00 0.65 0.15
CA SER A 92 8.95 1.17 1.15
C SER A 92 8.89 2.69 1.27
N LYS A 93 8.76 3.40 0.14
CA LYS A 93 8.58 4.85 0.09
C LYS A 93 7.20 5.19 0.64
N ILE A 94 6.11 4.55 0.19
CA ILE A 94 4.76 4.91 0.63
C ILE A 94 4.51 4.63 2.11
N ALA A 95 5.16 3.61 2.69
CA ALA A 95 5.08 3.38 4.13
C ALA A 95 5.83 4.43 4.98
N GLU A 96 6.73 5.23 4.39
CA GLU A 96 7.55 6.25 5.05
C GLU A 96 7.14 7.69 4.68
N ASP A 97 6.60 7.89 3.47
CA ASP A 97 6.11 9.16 2.91
C ASP A 97 4.59 9.33 3.14
N ASP A 98 4.16 10.57 3.33
CA ASP A 98 2.75 10.97 3.36
C ASP A 98 2.28 11.65 2.06
N SER A 99 3.08 12.58 1.52
CA SER A 99 2.79 13.35 0.29
C SER A 99 3.88 13.25 -0.81
N LEU A 100 5.00 12.59 -0.53
CA LEU A 100 6.15 12.46 -1.42
C LEU A 100 5.91 11.35 -2.49
N ASN A 101 5.23 11.71 -3.58
CA ASN A 101 5.03 10.79 -4.71
C ASN A 101 6.35 10.41 -5.40
N GLY A 102 6.29 9.42 -6.28
CA GLY A 102 7.46 8.90 -7.02
C GLY A 102 7.27 7.49 -7.57
N ILE A 103 6.22 6.76 -7.14
CA ILE A 103 5.83 5.50 -7.79
C ILE A 103 5.60 5.66 -9.28
N GLN A 104 4.85 6.66 -9.71
CA GLN A 104 4.52 6.89 -11.14
C GLN A 104 5.73 6.71 -12.08
N LYS A 105 6.88 7.28 -11.73
CA LYS A 105 8.17 7.07 -12.40
C LYS A 105 8.53 5.58 -12.45
N ALA A 106 8.65 4.94 -11.30
CA ALA A 106 8.98 3.53 -11.17
C ALA A 106 8.01 2.59 -11.93
N GLN A 107 6.71 2.91 -11.91
CA GLN A 107 5.65 2.23 -12.66
C GLN A 107 5.90 2.30 -14.17
N LYS A 108 6.19 3.50 -14.69
CA LYS A 108 6.60 3.69 -16.09
C LYS A 108 7.80 2.82 -16.45
N ILE A 109 8.86 2.80 -15.62
CA ILE A 109 10.05 1.97 -15.90
C ILE A 109 9.69 0.50 -16.05
N GLN A 110 8.91 -0.05 -15.12
CA GLN A 110 8.45 -1.46 -15.22
C GLN A 110 7.67 -1.71 -16.51
N ALA A 111 6.72 -0.81 -16.81
CA ALA A 111 5.81 -0.91 -17.95
C ALA A 111 6.56 -0.90 -19.28
N ILE A 112 7.49 0.04 -19.50
CA ILE A 112 8.36 0.06 -20.68
C ILE A 112 9.37 -1.10 -20.68
N TYR A 113 9.80 -1.60 -19.50
CA TYR A 113 10.70 -2.76 -19.38
C TYR A 113 10.02 -4.09 -19.73
N LYS A 114 8.71 -4.25 -19.49
CA LYS A 114 7.92 -5.43 -19.93
C LYS A 114 7.43 -5.33 -21.37
N THR A 115 7.43 -4.12 -21.95
CA THR A 115 6.95 -3.81 -23.32
C THR A 115 8.01 -3.19 -24.24
N LEU A 116 9.28 -3.39 -23.89
CA LEU A 116 10.48 -2.95 -24.62
C LEU A 116 10.40 -3.22 -26.15
N PRO A 117 11.08 -2.40 -26.98
CA PRO A 117 11.04 -2.57 -28.43
C PRO A 117 11.71 -3.88 -28.87
N GLN A 118 11.35 -4.37 -30.05
CA GLN A 118 11.96 -5.58 -30.60
C GLN A 118 13.46 -5.39 -30.89
N SER A 119 13.92 -4.15 -31.09
CA SER A 119 15.32 -3.79 -31.33
C SER A 119 16.23 -4.16 -30.16
N VAL A 120 15.88 -3.75 -28.93
CA VAL A 120 16.63 -4.14 -27.73
C VAL A 120 16.46 -5.63 -27.41
N LYS A 121 15.27 -6.20 -27.63
CA LYS A 121 15.08 -7.66 -27.50
C LYS A 121 15.97 -8.47 -28.44
N ASP A 122 16.03 -8.13 -29.72
CA ASP A 122 16.89 -8.82 -30.70
C ASP A 122 18.39 -8.60 -30.43
N GLU A 123 18.82 -7.38 -30.06
CA GLU A 123 20.23 -7.12 -29.74
C GLU A 123 20.69 -7.84 -28.45
N LEU A 124 19.81 -7.94 -27.44
CA LEU A 124 20.09 -8.61 -26.16
C LEU A 124 19.83 -10.12 -26.19
N GLU A 125 19.01 -10.62 -27.13
CA GLU A 125 18.67 -12.05 -27.30
C GLU A 125 19.90 -12.95 -27.41
N LYS A 126 20.97 -12.44 -28.02
CA LYS A 126 22.29 -13.09 -28.11
C LYS A 126 23.03 -13.10 -26.76
N GLY A 127 22.89 -12.01 -26.00
CA GLY A 127 23.36 -11.83 -24.62
C GLY A 127 22.50 -12.57 -23.58
N ILE A 128 22.64 -12.19 -22.32
CA ILE A 128 22.12 -12.90 -21.14
C ILE A 128 21.49 -11.95 -20.11
N GLY A 129 20.39 -11.29 -20.52
CA GLY A 129 19.66 -10.28 -19.74
C GLY A 129 20.56 -9.18 -19.15
N PRO A 130 21.05 -8.23 -19.97
CA PRO A 130 21.98 -7.19 -19.54
C PRO A 130 21.33 -6.17 -18.60
N ALA A 131 22.16 -5.38 -17.92
CA ALA A 131 21.75 -4.35 -16.97
C ALA A 131 22.77 -3.19 -16.95
N VAL A 132 22.38 -2.04 -17.51
CA VAL A 132 23.17 -0.79 -17.49
C VAL A 132 22.31 0.36 -16.92
N PRO A 133 22.09 0.41 -15.58
CA PRO A 133 21.40 1.52 -14.92
C PRO A 133 22.26 2.81 -14.88
N GLN A 134 21.69 3.91 -14.37
CA GLN A 134 22.39 5.18 -14.13
C GLN A 134 23.61 5.02 -13.21
N ASP A 1 3.18 -13.76 8.31
CA ASP A 1 2.16 -14.84 8.36
C ASP A 1 1.16 -14.70 9.53
N ASP A 2 0.30 -13.70 9.43
CA ASP A 2 -0.77 -13.38 10.38
C ASP A 2 -1.97 -12.75 9.66
N THR A 3 -3.19 -13.26 9.92
CA THR A 3 -4.46 -12.66 9.46
C THR A 3 -4.69 -11.26 10.05
N PRO A 4 -5.55 -10.43 9.41
CA PRO A 4 -5.86 -9.09 9.92
C PRO A 4 -6.64 -9.15 11.25
N PRO A 5 -6.75 -8.04 12.00
CA PRO A 5 -7.54 -7.99 13.23
C PRO A 5 -9.05 -8.19 12.93
N PRO A 6 -9.68 -9.27 13.42
CA PRO A 6 -11.14 -9.39 13.42
C PRO A 6 -11.89 -8.49 14.42
N PRO A 7 -11.33 -7.93 15.53
CA PRO A 7 -12.11 -7.03 16.39
C PRO A 7 -12.37 -5.67 15.72
N PRO A 8 -13.30 -4.86 16.27
CA PRO A 8 -13.48 -3.47 15.86
C PRO A 8 -12.19 -2.67 16.06
N PHE A 9 -11.81 -1.89 15.05
CA PHE A 9 -10.74 -0.89 15.15
C PHE A 9 -10.97 0.02 16.38
N LEU A 10 -12.21 0.51 16.54
CA LEU A 10 -12.69 1.39 17.61
C LEU A 10 -13.30 0.64 18.81
N ALA A 11 -12.76 -0.53 19.18
CA ALA A 11 -13.17 -1.34 20.33
C ALA A 11 -13.44 -0.51 21.61
N GLY A 12 -14.71 -0.44 22.02
CA GLY A 12 -15.21 0.38 23.14
C GLY A 12 -16.58 1.03 22.93
N ALA A 13 -17.38 0.55 21.97
CA ALA A 13 -18.64 1.17 21.51
C ALA A 13 -19.88 0.26 21.73
N PRO A 14 -21.11 0.80 21.74
CA PRO A 14 -22.33 0.01 21.99
C PRO A 14 -22.75 -0.87 20.79
N GLN A 15 -23.73 -1.76 20.98
CA GLN A 15 -24.22 -2.68 19.94
C GLN A 15 -24.65 -1.98 18.64
N ASP A 16 -25.23 -0.78 18.76
CA ASP A 16 -25.58 0.11 17.65
C ASP A 16 -24.39 0.39 16.70
N VAL A 17 -23.20 0.59 17.28
CA VAL A 17 -21.93 0.76 16.57
C VAL A 17 -21.32 -0.58 16.16
N VAL A 18 -21.30 -1.58 17.05
CA VAL A 18 -20.73 -2.92 16.76
C VAL A 18 -21.38 -3.53 15.52
N LYS A 19 -22.68 -3.36 15.31
CA LYS A 19 -23.36 -3.80 14.08
C LYS A 19 -22.83 -3.07 12.83
N ALA A 20 -22.76 -1.74 12.85
CA ALA A 20 -22.21 -0.94 11.75
C ALA A 20 -20.78 -1.38 11.36
N PHE A 21 -19.89 -1.52 12.35
CA PHE A 21 -18.56 -2.11 12.20
C PHE A 21 -18.62 -3.49 11.51
N PHE A 22 -19.42 -4.43 12.01
CA PHE A 22 -19.53 -5.77 11.45
C PHE A 22 -20.08 -5.79 10.02
N GLU A 23 -21.17 -5.07 9.76
CA GLU A 23 -21.82 -4.99 8.45
C GLU A 23 -20.85 -4.45 7.38
N LEU A 24 -20.06 -3.44 7.76
CA LEU A 24 -18.94 -2.97 6.94
C LEU A 24 -17.88 -4.10 6.74
N LEU A 25 -17.42 -4.72 7.83
CA LEU A 25 -16.44 -5.84 7.78
C LEU A 25 -16.88 -7.04 6.95
N LYS A 26 -18.17 -7.39 6.89
CA LYS A 26 -18.66 -8.52 6.06
C LYS A 26 -18.27 -8.38 4.58
N LYS A 27 -18.23 -7.16 4.03
CA LYS A 27 -17.74 -6.84 2.68
C LYS A 27 -16.21 -6.93 2.55
N ASP A 28 -15.50 -6.77 3.67
CA ASP A 28 -14.04 -6.71 3.76
C ASP A 28 -13.41 -7.94 4.46
N GLU A 29 -14.17 -9.03 4.64
CA GLU A 29 -13.77 -10.21 5.42
C GLU A 29 -12.48 -10.90 4.91
N THR A 30 -12.13 -10.67 3.63
CA THR A 30 -10.97 -11.21 2.91
C THR A 30 -9.87 -10.18 2.61
N LYS A 31 -10.03 -8.91 3.06
CA LYS A 31 -9.04 -7.81 2.93
C LYS A 31 -7.89 -7.95 3.94
N THR A 32 -6.84 -7.14 3.81
CA THR A 32 -5.71 -7.05 4.77
C THR A 32 -6.02 -6.11 5.95
N ASP A 33 -5.13 -6.11 6.93
CA ASP A 33 -5.11 -5.23 8.11
C ASP A 33 -5.25 -3.74 7.72
N PRO A 34 -4.32 -3.11 6.96
CA PRO A 34 -4.43 -1.70 6.58
C PRO A 34 -5.66 -1.40 5.72
N GLU A 35 -6.10 -2.34 4.87
CA GLU A 35 -7.27 -2.17 3.99
C GLU A 35 -8.57 -1.98 4.79
N ILE A 36 -8.86 -2.89 5.73
CA ILE A 36 -10.01 -2.81 6.64
C ILE A 36 -9.89 -1.59 7.55
N GLU A 37 -8.75 -1.45 8.23
CA GLU A 37 -8.39 -0.35 9.12
C GLU A 37 -8.68 1.02 8.50
N LYS A 38 -8.18 1.32 7.29
CA LYS A 38 -8.39 2.61 6.62
C LYS A 38 -9.87 2.95 6.45
N ASP A 39 -10.68 1.99 6.02
CA ASP A 39 -12.13 2.11 5.91
C ASP A 39 -12.82 2.32 7.27
N LEU A 40 -12.40 1.58 8.30
CA LEU A 40 -12.84 1.75 9.69
C LEU A 40 -12.54 3.16 10.22
N ASP A 41 -11.30 3.63 10.04
CA ASP A 41 -10.89 4.97 10.43
C ASP A 41 -11.64 6.08 9.70
N ALA A 42 -11.95 5.90 8.41
CA ALA A 42 -12.69 6.89 7.63
C ALA A 42 -14.04 7.26 8.28
N TRP A 43 -14.84 6.28 8.67
CA TRP A 43 -16.08 6.52 9.43
C TRP A 43 -15.84 6.91 10.91
N VAL A 44 -14.80 6.37 11.59
CA VAL A 44 -14.40 6.76 12.95
C VAL A 44 -14.07 8.25 13.07
N ASP A 45 -13.55 8.88 12.02
CA ASP A 45 -13.24 10.32 12.00
C ASP A 45 -14.49 11.19 12.23
N THR A 46 -15.70 10.62 12.08
CA THR A 46 -16.98 11.28 12.38
C THR A 46 -17.50 10.98 13.79
N LEU A 47 -17.05 9.90 14.43
CA LEU A 47 -17.47 9.52 15.80
C LEU A 47 -17.16 10.59 16.85
N GLY A 48 -15.87 10.90 17.08
CA GLY A 48 -15.44 11.88 18.08
C GLY A 48 -15.42 11.32 19.51
N GLY A 49 -14.27 10.80 19.93
CA GLY A 49 -14.06 10.16 21.24
C GLY A 49 -12.63 9.64 21.41
N ASP A 50 -12.40 8.76 22.39
CA ASP A 50 -11.10 8.13 22.67
C ASP A 50 -10.50 7.37 21.47
N TYR A 51 -11.33 7.06 20.47
CA TYR A 51 -10.98 6.48 19.17
C TYR A 51 -9.90 7.28 18.40
N LYS A 52 -9.72 8.57 18.72
CA LYS A 52 -8.61 9.42 18.25
C LYS A 52 -7.21 8.86 18.56
N ALA A 53 -7.04 8.22 19.71
CA ALA A 53 -5.79 7.55 20.07
C ALA A 53 -5.52 6.34 19.17
N LYS A 54 -6.57 5.58 18.85
CA LYS A 54 -6.53 4.53 17.83
C LYS A 54 -6.15 5.09 16.45
N PHE A 55 -6.63 6.26 16.01
CA PHE A 55 -6.19 6.92 14.77
C PHE A 55 -4.68 7.26 14.77
N GLU A 56 -4.20 7.97 15.80
CA GLU A 56 -2.79 8.38 15.88
C GLU A 56 -1.84 7.17 15.85
N THR A 57 -2.22 6.10 16.56
CA THR A 57 -1.47 4.84 16.59
C THR A 57 -1.63 4.00 15.31
N PHE A 58 -2.78 4.05 14.63
CA PHE A 58 -3.02 3.44 13.31
C PHE A 58 -2.01 3.93 12.29
N LYS A 59 -1.84 5.26 12.18
CA LYS A 59 -0.97 5.86 11.17
C LYS A 59 0.45 5.26 11.27
N LYS A 60 1.00 5.23 12.48
CA LYS A 60 2.27 4.56 12.80
C LYS A 60 2.25 3.06 12.58
N GLU A 61 1.26 2.32 13.07
CA GLU A 61 1.14 0.87 12.89
C GLU A 61 1.25 0.45 11.41
N MET A 62 0.47 1.09 10.53
CA MET A 62 0.45 0.76 9.11
C MET A 62 1.69 1.25 8.39
N LYS A 63 2.11 2.50 8.62
CA LYS A 63 3.37 3.04 8.09
C LYS A 63 4.58 2.20 8.52
N ALA A 64 4.57 1.66 9.74
CA ALA A 64 5.62 0.79 10.26
C ALA A 64 5.60 -0.57 9.58
N LYS A 65 4.44 -1.25 9.49
CA LYS A 65 4.31 -2.53 8.79
C LYS A 65 4.80 -2.41 7.36
N GLU A 66 4.25 -1.44 6.63
CA GLU A 66 4.56 -1.18 5.23
C GLU A 66 6.06 -0.84 5.03
N ALA A 67 6.63 0.10 5.79
CA ALA A 67 8.05 0.45 5.68
C ALA A 67 8.98 -0.72 6.03
N GLU A 68 8.71 -1.46 7.11
CA GLU A 68 9.54 -2.60 7.55
C GLU A 68 9.49 -3.75 6.54
N LEU A 69 8.28 -4.13 6.07
CA LEU A 69 8.07 -5.10 5.00
C LEU A 69 8.80 -4.68 3.72
N ALA A 70 8.60 -3.45 3.27
CA ALA A 70 9.24 -2.90 2.08
C ALA A 70 10.77 -2.94 2.19
N LYS A 71 11.35 -2.55 3.33
CA LYS A 71 12.79 -2.61 3.59
C LYS A 71 13.35 -4.03 3.49
N ALA A 72 12.72 -5.00 4.18
CA ALA A 72 13.10 -6.42 4.12
C ALA A 72 12.99 -7.01 2.71
N HIS A 73 11.84 -6.77 2.04
CA HIS A 73 11.63 -7.14 0.64
C HIS A 73 12.71 -6.54 -0.26
N GLU A 74 12.94 -5.22 -0.24
CA GLU A 74 13.97 -4.54 -1.05
C GLU A 74 15.38 -5.11 -0.83
N GLU A 75 15.77 -5.39 0.43
CA GLU A 75 17.01 -6.10 0.77
C GLU A 75 17.13 -7.47 0.08
N ALA A 76 16.12 -8.34 0.20
CA ALA A 76 16.12 -9.64 -0.50
C ALA A 76 16.02 -9.51 -2.04
N VAL A 77 15.36 -8.47 -2.54
CA VAL A 77 15.22 -8.13 -3.96
C VAL A 77 16.51 -7.57 -4.57
N ALA A 78 17.41 -6.97 -3.79
CA ALA A 78 18.70 -6.45 -4.27
C ALA A 78 19.61 -7.49 -4.95
N LYS A 79 19.53 -8.76 -4.55
CA LYS A 79 20.22 -9.90 -5.19
C LYS A 79 19.44 -10.54 -6.36
N MET A 80 18.26 -10.02 -6.68
CA MET A 80 17.29 -10.56 -7.65
C MET A 80 17.33 -9.78 -8.99
N THR A 81 16.28 -9.87 -9.81
CA THR A 81 16.14 -9.16 -11.10
C THR A 81 16.22 -7.62 -10.97
N PRO A 82 16.59 -6.90 -12.06
CA PRO A 82 16.77 -5.45 -12.03
C PRO A 82 15.46 -4.69 -11.86
N GLU A 83 14.41 -5.05 -12.61
CA GLU A 83 13.07 -4.46 -12.51
C GLU A 83 12.46 -4.60 -11.11
N ALA A 84 12.79 -5.70 -10.44
CA ALA A 84 12.30 -5.99 -9.09
C ALA A 84 12.84 -4.95 -8.11
N LYS A 85 14.16 -4.66 -8.13
CA LYS A 85 14.76 -3.58 -7.34
C LYS A 85 14.07 -2.24 -7.61
N LYS A 86 13.78 -1.91 -8.86
CA LYS A 86 13.09 -0.64 -9.21
C LYS A 86 11.73 -0.55 -8.51
N ALA A 87 10.86 -1.54 -8.70
CA ALA A 87 9.55 -1.61 -8.05
C ALA A 87 9.62 -1.60 -6.51
N ASP A 88 10.46 -2.45 -5.91
CA ASP A 88 10.61 -2.55 -4.46
C ASP A 88 11.29 -1.33 -3.80
N ALA A 89 12.28 -0.70 -4.46
CA ALA A 89 12.86 0.57 -3.99
C ALA A 89 11.83 1.70 -4.02
N GLU A 90 11.05 1.82 -5.11
CA GLU A 90 9.92 2.75 -5.20
C GLU A 90 8.89 2.52 -4.08
N LEU A 91 8.53 1.26 -3.79
CA LEU A 91 7.67 0.91 -2.66
C LEU A 91 8.32 1.23 -1.29
N SER A 92 9.64 1.03 -1.15
CA SER A 92 10.37 1.23 0.11
C SER A 92 10.54 2.71 0.45
N LYS A 93 10.75 3.58 -0.55
CA LYS A 93 10.79 5.03 -0.35
C LYS A 93 9.38 5.55 -0.06
N ILE A 94 8.39 5.22 -0.88
CA ILE A 94 7.03 5.75 -0.68
C ILE A 94 6.40 5.28 0.66
N ALA A 95 6.77 4.09 1.14
CA ALA A 95 6.31 3.56 2.42
C ALA A 95 6.65 4.44 3.65
N GLU A 96 7.69 5.28 3.57
CA GLU A 96 8.00 6.30 4.59
C GLU A 96 7.78 7.75 4.10
N ASP A 97 7.87 8.01 2.79
CA ASP A 97 7.80 9.34 2.18
C ASP A 97 6.51 9.54 1.36
N ASP A 98 5.42 9.87 2.06
CA ASP A 98 4.11 10.18 1.47
C ASP A 98 4.08 11.45 0.58
N SER A 99 5.13 12.28 0.64
CA SER A 99 5.30 13.48 -0.18
C SER A 99 5.58 13.19 -1.66
N LEU A 100 6.03 11.97 -2.00
CA LEU A 100 6.28 11.53 -3.37
C LEU A 100 4.98 11.00 -4.01
N ASN A 101 4.17 11.90 -4.55
CA ASN A 101 2.98 11.56 -5.34
C ASN A 101 3.32 11.39 -6.83
N GLY A 102 2.50 10.62 -7.55
CA GLY A 102 2.68 10.32 -8.98
C GLY A 102 3.79 9.31 -9.30
N ILE A 103 4.33 8.59 -8.31
CA ILE A 103 5.48 7.68 -8.49
C ILE A 103 5.24 6.58 -9.53
N GLN A 104 3.97 6.23 -9.79
CA GLN A 104 3.56 5.33 -10.88
C GLN A 104 4.21 5.68 -12.23
N LYS A 105 4.40 6.97 -12.55
CA LYS A 105 5.14 7.39 -13.76
C LYS A 105 6.57 6.86 -13.74
N ALA A 106 7.37 7.24 -12.73
CA ALA A 106 8.79 6.84 -12.69
C ALA A 106 8.96 5.32 -12.56
N GLN A 107 8.09 4.66 -11.78
CA GLN A 107 8.02 3.20 -11.71
C GLN A 107 7.87 2.59 -13.10
N LYS A 108 6.90 3.06 -13.91
CA LYS A 108 6.69 2.62 -15.29
C LYS A 108 7.92 2.87 -16.17
N ILE A 109 8.49 4.08 -16.16
CA ILE A 109 9.74 4.43 -16.87
C ILE A 109 10.84 3.43 -16.55
N GLN A 110 11.08 3.11 -15.27
CA GLN A 110 12.11 2.16 -14.86
C GLN A 110 11.80 0.71 -15.32
N ALA A 111 10.55 0.27 -15.19
CA ALA A 111 10.07 -1.05 -15.64
C ALA A 111 10.26 -1.27 -17.14
N ILE A 112 9.97 -0.26 -17.99
CA ILE A 112 10.25 -0.31 -19.43
C ILE A 112 11.75 -0.12 -19.72
N TYR A 113 12.46 0.79 -19.02
CA TYR A 113 13.89 1.06 -19.21
C TYR A 113 14.78 -0.16 -18.98
N LYS A 114 14.37 -1.10 -18.10
CA LYS A 114 15.09 -2.37 -17.87
C LYS A 114 15.26 -3.21 -19.15
N THR A 115 14.48 -2.93 -20.19
CA THR A 115 14.54 -3.61 -21.50
C THR A 115 15.91 -3.49 -22.18
N LEU A 116 16.70 -2.48 -21.81
CA LEU A 116 18.08 -2.26 -22.26
C LEU A 116 18.98 -3.49 -22.01
N PRO A 117 20.03 -3.69 -22.82
CA PRO A 117 20.90 -4.87 -22.72
C PRO A 117 21.73 -4.88 -21.43
N GLN A 118 22.16 -6.06 -21.00
CA GLN A 118 23.07 -6.24 -19.85
C GLN A 118 24.41 -5.53 -20.03
N SER A 119 24.85 -5.21 -21.27
CA SER A 119 26.06 -4.43 -21.52
C SER A 119 25.95 -3.00 -20.98
N VAL A 120 24.87 -2.27 -21.33
CA VAL A 120 24.68 -0.90 -20.83
C VAL A 120 24.25 -0.90 -19.36
N LYS A 121 23.41 -1.84 -18.93
CA LYS A 121 23.07 -2.01 -17.51
C LYS A 121 24.32 -2.26 -16.65
N ASP A 122 25.20 -3.18 -17.02
CA ASP A 122 26.42 -3.46 -16.25
C ASP A 122 27.45 -2.30 -16.31
N GLU A 123 27.63 -1.64 -17.47
CA GLU A 123 28.55 -0.49 -17.57
C GLU A 123 28.08 0.73 -16.75
N LEU A 124 26.76 0.96 -16.67
CA LEU A 124 26.16 2.07 -15.90
C LEU A 124 25.91 1.71 -14.42
N GLU A 125 25.84 0.42 -14.07
CA GLU A 125 25.67 -0.09 -12.70
C GLU A 125 26.77 0.38 -11.72
N LYS A 126 27.89 0.91 -12.22
CA LYS A 126 28.89 1.63 -11.41
C LYS A 126 28.37 2.93 -10.76
N GLY A 127 27.25 3.48 -11.22
CA GLY A 127 26.63 4.72 -10.73
C GLY A 127 25.31 4.47 -9.99
N ILE A 128 25.36 4.31 -8.66
CA ILE A 128 24.22 3.96 -7.79
C ILE A 128 24.10 4.91 -6.56
N GLY A 129 23.90 6.20 -6.84
CA GLY A 129 23.82 7.27 -5.83
C GLY A 129 25.03 7.32 -4.88
N PRO A 130 26.20 7.80 -5.33
CA PRO A 130 27.47 7.73 -4.60
C PRO A 130 27.52 8.66 -3.37
N ALA A 131 27.13 8.13 -2.21
CA ALA A 131 27.07 8.78 -0.91
C ALA A 131 26.99 7.71 0.21
N VAL A 132 27.95 7.72 1.14
CA VAL A 132 28.01 6.85 2.32
C VAL A 132 27.91 7.69 3.61
N PRO A 133 27.03 7.34 4.57
CA PRO A 133 26.90 8.06 5.85
C PRO A 133 28.10 7.84 6.79
N GLN A 134 28.16 8.61 7.89
CA GLN A 134 29.22 8.54 8.91
C GLN A 134 29.18 7.23 9.72
N ASP A 1 3.80 -16.35 10.78
CA ASP A 1 2.72 -15.59 10.14
C ASP A 1 1.61 -15.23 11.15
N ASP A 2 0.88 -14.15 10.88
CA ASP A 2 -0.25 -13.67 11.68
C ASP A 2 -1.23 -12.91 10.80
N THR A 3 -2.47 -13.42 10.67
CA THR A 3 -3.57 -12.71 10.02
C THR A 3 -3.91 -11.38 10.72
N PRO A 4 -4.51 -10.42 9.99
CA PRO A 4 -4.91 -9.13 10.57
C PRO A 4 -6.07 -9.26 11.57
N PRO A 5 -6.42 -8.20 12.32
CA PRO A 5 -7.56 -8.21 13.24
C PRO A 5 -8.89 -8.38 12.48
N PRO A 6 -9.65 -9.48 12.68
CA PRO A 6 -11.05 -9.54 12.28
C PRO A 6 -12.02 -8.66 13.11
N PRO A 7 -11.78 -8.23 14.38
CA PRO A 7 -12.73 -7.36 15.08
C PRO A 7 -12.81 -5.95 14.49
N PRO A 8 -13.80 -5.14 14.91
CA PRO A 8 -13.86 -3.73 14.56
C PRO A 8 -12.62 -3.00 15.06
N PHE A 9 -11.95 -2.25 14.19
CA PHE A 9 -10.88 -1.33 14.57
C PHE A 9 -11.29 -0.47 15.78
N LEU A 10 -12.48 0.12 15.71
CA LEU A 10 -13.16 0.94 16.72
C LEU A 10 -14.09 0.15 17.68
N ALA A 11 -13.67 -1.05 18.09
CA ALA A 11 -14.37 -1.87 19.09
C ALA A 11 -14.87 -1.06 20.31
N GLY A 12 -16.21 -0.96 20.44
CA GLY A 12 -16.92 -0.18 21.46
C GLY A 12 -18.21 0.49 20.97
N ALA A 13 -18.43 0.55 19.65
CA ALA A 13 -19.61 1.14 19.02
C ALA A 13 -20.88 0.23 19.10
N PRO A 14 -22.11 0.79 18.91
CA PRO A 14 -23.37 0.03 18.97
C PRO A 14 -23.62 -0.84 17.71
N GLN A 15 -24.66 -1.68 17.74
CA GLN A 15 -25.04 -2.60 16.64
C GLN A 15 -25.21 -1.89 15.28
N ASP A 16 -25.76 -0.67 15.28
CA ASP A 16 -25.88 0.21 14.10
C ASP A 16 -24.53 0.43 13.39
N VAL A 17 -23.45 0.62 14.18
CA VAL A 17 -22.07 0.73 13.68
C VAL A 17 -21.46 -0.63 13.39
N VAL A 18 -21.68 -1.63 14.25
CA VAL A 18 -21.12 -2.98 14.08
C VAL A 18 -21.51 -3.55 12.70
N LYS A 19 -22.75 -3.33 12.24
CA LYS A 19 -23.17 -3.73 10.89
C LYS A 19 -22.33 -3.04 9.79
N ALA A 20 -22.19 -1.72 9.84
CA ALA A 20 -21.36 -0.96 8.90
C ALA A 20 -19.91 -1.51 8.85
N PHE A 21 -19.26 -1.68 10.01
CA PHE A 21 -17.97 -2.36 10.13
C PHE A 21 -17.99 -3.75 9.46
N PHE A 22 -18.98 -4.60 9.75
CA PHE A 22 -19.05 -5.96 9.20
C PHE A 22 -19.12 -6.00 7.67
N GLU A 23 -19.99 -5.18 7.08
CA GLU A 23 -20.16 -5.13 5.62
C GLU A 23 -18.96 -4.49 4.91
N LEU A 24 -18.31 -3.53 5.58
CA LEU A 24 -17.03 -2.96 5.15
C LEU A 24 -15.90 -4.01 5.16
N LEU A 25 -15.74 -4.77 6.26
CA LEU A 25 -14.76 -5.86 6.41
C LEU A 25 -15.03 -7.06 5.51
N LYS A 26 -16.28 -7.37 5.14
CA LYS A 26 -16.60 -8.47 4.21
C LYS A 26 -15.85 -8.36 2.88
N LYS A 27 -15.93 -7.20 2.22
CA LYS A 27 -15.17 -6.88 0.99
C LYS A 27 -13.67 -6.74 1.22
N ASP A 28 -13.25 -6.56 2.48
CA ASP A 28 -11.86 -6.40 2.91
C ASP A 28 -11.31 -7.62 3.70
N GLU A 29 -11.93 -8.80 3.57
CA GLU A 29 -11.54 -10.00 4.33
C GLU A 29 -10.12 -10.52 3.98
N THR A 30 -9.60 -10.13 2.81
CA THR A 30 -8.27 -10.50 2.26
C THR A 30 -7.23 -9.36 2.39
N LYS A 31 -7.55 -8.27 3.08
CA LYS A 31 -6.64 -7.16 3.42
C LYS A 31 -5.64 -7.53 4.53
N THR A 32 -4.87 -6.55 5.01
CA THR A 32 -3.82 -6.63 6.04
C THR A 32 -4.11 -5.66 7.20
N ASP A 33 -3.37 -5.75 8.30
CA ASP A 33 -3.45 -4.85 9.46
C ASP A 33 -3.52 -3.36 9.06
N PRO A 34 -2.55 -2.82 8.28
CA PRO A 34 -2.62 -1.44 7.80
C PRO A 34 -3.73 -1.22 6.77
N GLU A 35 -3.94 -2.12 5.81
CA GLU A 35 -4.97 -1.93 4.77
C GLU A 35 -6.39 -1.81 5.36
N ILE A 36 -6.72 -2.64 6.37
CA ILE A 36 -7.99 -2.56 7.09
C ILE A 36 -8.02 -1.29 7.95
N GLU A 37 -7.01 -1.06 8.79
CA GLU A 37 -7.05 0.08 9.73
C GLU A 37 -7.19 1.42 8.98
N LYS A 38 -6.58 1.58 7.79
CA LYS A 38 -6.70 2.76 6.91
C LYS A 38 -8.16 3.09 6.59
N ASP A 39 -8.86 2.16 5.93
CA ASP A 39 -10.26 2.35 5.53
C ASP A 39 -11.19 2.52 6.74
N LEU A 40 -10.92 1.79 7.82
CA LEU A 40 -11.64 1.91 9.08
C LEU A 40 -11.46 3.29 9.71
N ASP A 41 -10.23 3.77 9.80
CA ASP A 41 -9.92 5.08 10.36
C ASP A 41 -10.50 6.23 9.52
N ALA A 42 -10.56 6.07 8.20
CA ALA A 42 -11.13 7.08 7.32
C ALA A 42 -12.57 7.46 7.72
N TRP A 43 -13.45 6.48 7.92
CA TRP A 43 -14.78 6.70 8.49
C TRP A 43 -14.80 6.97 10.03
N VAL A 44 -13.87 6.41 10.83
CA VAL A 44 -13.71 6.70 12.28
C VAL A 44 -13.42 8.18 12.53
N ASP A 45 -12.74 8.86 11.62
CA ASP A 45 -12.46 10.31 11.74
C ASP A 45 -13.76 11.14 11.82
N THR A 46 -14.90 10.58 11.39
CA THR A 46 -16.22 11.21 11.45
C THR A 46 -17.05 10.78 12.67
N LEU A 47 -16.64 9.71 13.38
CA LEU A 47 -17.30 9.27 14.62
C LEU A 47 -17.21 10.33 15.74
N GLY A 48 -15.99 10.64 16.22
CA GLY A 48 -15.75 11.57 17.32
C GLY A 48 -15.66 10.85 18.66
N GLY A 49 -14.49 10.92 19.30
CA GLY A 49 -14.21 10.31 20.61
C GLY A 49 -12.72 10.08 20.84
N ASP A 50 -12.38 9.33 21.90
CA ASP A 50 -10.99 8.94 22.22
C ASP A 50 -10.31 8.12 21.10
N TYR A 51 -11.08 7.60 20.15
CA TYR A 51 -10.64 6.89 18.94
C TYR A 51 -9.56 7.64 18.14
N LYS A 52 -9.55 8.98 18.18
CA LYS A 52 -8.51 9.83 17.58
C LYS A 52 -7.07 9.51 18.07
N ALA A 53 -6.93 9.13 19.34
CA ALA A 53 -5.65 8.71 19.93
C ALA A 53 -5.19 7.37 19.35
N LYS A 54 -6.14 6.44 19.13
CA LYS A 54 -5.84 5.15 18.51
C LYS A 54 -5.38 5.35 17.06
N PHE A 55 -5.90 6.35 16.35
CA PHE A 55 -5.43 6.70 15.02
C PHE A 55 -3.97 7.14 15.03
N GLU A 56 -3.63 8.13 15.88
CA GLU A 56 -2.26 8.65 15.93
C GLU A 56 -1.24 7.53 16.24
N THR A 57 -1.58 6.61 17.16
CA THR A 57 -0.72 5.47 17.50
C THR A 57 -0.67 4.40 16.40
N PHE A 58 -1.80 4.11 15.75
CA PHE A 58 -1.87 3.17 14.62
C PHE A 58 -1.01 3.62 13.45
N LYS A 59 -1.18 4.86 12.98
CA LYS A 59 -0.37 5.42 11.88
C LYS A 59 1.13 5.16 12.11
N LYS A 60 1.64 5.41 13.32
CA LYS A 60 3.02 5.08 13.74
C LYS A 60 3.35 3.58 13.66
N GLU A 61 2.59 2.72 14.34
CA GLU A 61 2.80 1.26 14.31
C GLU A 61 2.80 0.70 12.88
N MET A 62 1.80 1.06 12.09
CA MET A 62 1.64 0.60 10.71
C MET A 62 2.75 1.11 9.81
N LYS A 63 3.06 2.41 9.86
CA LYS A 63 4.22 2.99 9.18
C LYS A 63 5.51 2.28 9.55
N ALA A 64 5.70 1.91 10.82
CA ALA A 64 6.90 1.22 11.30
C ALA A 64 7.00 -0.19 10.72
N LYS A 65 5.94 -0.99 10.83
CA LYS A 65 5.88 -2.36 10.30
C LYS A 65 6.08 -2.38 8.79
N GLU A 66 5.37 -1.51 8.06
CA GLU A 66 5.48 -1.33 6.62
C GLU A 66 6.89 -0.87 6.20
N ALA A 67 7.46 0.18 6.83
CA ALA A 67 8.81 0.66 6.54
C ALA A 67 9.89 -0.41 6.70
N GLU A 68 9.92 -1.11 7.85
CA GLU A 68 10.89 -2.19 8.09
C GLU A 68 10.73 -3.37 7.12
N LEU A 69 9.49 -3.85 6.93
CA LEU A 69 9.16 -4.89 5.95
C LEU A 69 9.64 -4.50 4.55
N ALA A 70 9.28 -3.30 4.10
CA ALA A 70 9.64 -2.77 2.79
C ALA A 70 11.16 -2.64 2.61
N LYS A 71 11.91 -2.15 3.62
CA LYS A 71 13.38 -2.11 3.59
C LYS A 71 13.98 -3.51 3.39
N ALA A 72 13.57 -4.48 4.20
CA ALA A 72 14.05 -5.88 4.13
C ALA A 72 13.69 -6.56 2.79
N HIS A 73 12.43 -6.43 2.37
CA HIS A 73 11.95 -6.87 1.05
C HIS A 73 12.78 -6.24 -0.07
N GLU A 74 12.88 -4.90 -0.14
CA GLU A 74 13.64 -4.19 -1.16
C GLU A 74 15.12 -4.62 -1.25
N GLU A 75 15.78 -4.84 -0.11
CA GLU A 75 17.13 -5.43 -0.06
C GLU A 75 17.20 -6.82 -0.72
N ALA A 76 16.33 -7.76 -0.34
CA ALA A 76 16.28 -9.09 -0.97
C ALA A 76 15.81 -9.05 -2.45
N VAL A 77 14.98 -8.08 -2.81
CA VAL A 77 14.50 -7.82 -4.17
C VAL A 77 15.59 -7.21 -5.07
N ALA A 78 16.57 -6.49 -4.52
CA ALA A 78 17.69 -5.92 -5.29
C ALA A 78 18.47 -6.96 -6.12
N LYS A 79 18.61 -8.18 -5.61
CA LYS A 79 19.24 -9.33 -6.30
C LYS A 79 18.29 -10.11 -7.23
N MET A 80 17.04 -9.68 -7.36
CA MET A 80 15.94 -10.33 -8.10
C MET A 80 15.68 -9.64 -9.45
N THR A 81 14.48 -9.81 -10.04
CA THR A 81 14.04 -9.17 -11.31
C THR A 81 14.10 -7.63 -11.27
N PRO A 82 14.20 -6.96 -12.44
CA PRO A 82 14.31 -5.50 -12.52
C PRO A 82 13.02 -4.77 -12.11
N GLU A 83 11.85 -5.23 -12.59
CA GLU A 83 10.54 -4.68 -12.23
C GLU A 83 10.24 -4.81 -10.74
N ALA A 84 10.78 -5.86 -10.11
CA ALA A 84 10.60 -6.10 -8.68
C ALA A 84 11.29 -4.99 -7.87
N LYS A 85 12.55 -4.64 -8.17
CA LYS A 85 13.26 -3.50 -7.55
C LYS A 85 12.44 -2.24 -7.68
N LYS A 86 11.86 -1.94 -8.85
CA LYS A 86 11.03 -0.75 -9.06
C LYS A 86 9.83 -0.74 -8.11
N ALA A 87 9.01 -1.80 -8.09
CA ALA A 87 7.84 -1.88 -7.22
C ALA A 87 8.19 -1.79 -5.72
N ASP A 88 9.17 -2.58 -5.28
CA ASP A 88 9.66 -2.57 -3.88
C ASP A 88 10.34 -1.25 -3.49
N ALA A 89 11.04 -0.56 -4.39
CA ALA A 89 11.59 0.77 -4.16
C ALA A 89 10.48 1.81 -3.94
N GLU A 90 9.44 1.83 -4.79
CA GLU A 90 8.25 2.67 -4.58
C GLU A 90 7.59 2.38 -3.22
N LEU A 91 7.38 1.10 -2.89
CA LEU A 91 6.84 0.73 -1.58
C LEU A 91 7.76 1.14 -0.42
N SER A 92 9.08 1.03 -0.55
CA SER A 92 10.06 1.34 0.50
C SER A 92 10.16 2.85 0.75
N LYS A 93 10.19 3.68 -0.31
CA LYS A 93 10.20 5.13 -0.19
C LYS A 93 8.87 5.64 0.36
N ILE A 94 7.72 5.16 -0.16
CA ILE A 94 6.42 5.64 0.31
C ILE A 94 6.16 5.23 1.76
N ALA A 95 6.65 4.05 2.18
CA ALA A 95 6.48 3.55 3.54
C ALA A 95 7.16 4.42 4.60
N GLU A 96 8.28 5.06 4.28
CA GLU A 96 8.93 6.03 5.18
C GLU A 96 8.54 7.48 4.89
N ASP A 97 8.19 7.82 3.64
CA ASP A 97 7.93 9.18 3.18
C ASP A 97 6.62 9.24 2.36
N ASP A 98 5.48 9.26 3.06
CA ASP A 98 4.15 9.27 2.40
C ASP A 98 3.86 10.61 1.69
N SER A 99 4.39 11.71 2.25
CA SER A 99 4.28 13.08 1.71
C SER A 99 5.18 13.32 0.47
N LEU A 100 6.20 12.48 0.26
CA LEU A 100 7.11 12.57 -0.89
C LEU A 100 6.60 11.65 -2.01
N ASN A 101 5.67 12.17 -2.81
CA ASN A 101 5.23 11.53 -4.05
C ASN A 101 6.04 12.05 -5.26
N GLY A 102 6.06 11.26 -6.34
CA GLY A 102 6.75 11.59 -7.60
C GLY A 102 7.02 10.34 -8.43
N ILE A 103 8.15 9.66 -8.20
CA ILE A 103 8.51 8.44 -8.95
C ILE A 103 7.41 7.37 -8.86
N GLN A 104 6.68 7.31 -7.75
CA GLN A 104 5.60 6.34 -7.51
C GLN A 104 4.63 6.18 -8.69
N LYS A 105 4.31 7.30 -9.39
CA LYS A 105 3.53 7.29 -10.63
C LYS A 105 4.24 6.48 -11.72
N ALA A 106 5.46 6.86 -12.11
CA ALA A 106 6.21 6.19 -13.19
C ALA A 106 6.55 4.73 -12.85
N GLN A 107 6.79 4.46 -11.57
CA GLN A 107 7.00 3.11 -11.04
C GLN A 107 5.80 2.22 -11.29
N LYS A 108 4.59 2.69 -10.93
CA LYS A 108 3.32 2.02 -11.22
C LYS A 108 3.14 1.81 -12.73
N ILE A 109 3.36 2.84 -13.55
CA ILE A 109 3.29 2.76 -15.02
C ILE A 109 4.19 1.65 -15.56
N GLN A 110 5.47 1.57 -15.16
CA GLN A 110 6.37 0.49 -15.58
C GLN A 110 5.92 -0.89 -15.09
N ALA A 111 5.50 -0.99 -13.82
CA ALA A 111 5.04 -2.22 -13.20
C ALA A 111 3.84 -2.81 -13.98
N ILE A 112 2.83 -1.98 -14.28
CA ILE A 112 1.70 -2.36 -15.13
C ILE A 112 2.10 -2.54 -16.61
N TYR A 113 2.97 -1.71 -17.19
CA TYR A 113 3.38 -1.78 -18.60
C TYR A 113 4.01 -3.13 -18.97
N LYS A 114 4.82 -3.71 -18.08
CA LYS A 114 5.39 -5.06 -18.20
C LYS A 114 4.34 -6.19 -18.11
N THR A 115 3.12 -5.87 -17.65
CA THR A 115 1.98 -6.78 -17.48
C THR A 115 0.65 -6.20 -18.04
N LEU A 116 0.72 -5.41 -19.12
CA LEU A 116 -0.41 -4.84 -19.86
C LEU A 116 -0.55 -5.54 -21.23
N PRO A 117 -1.07 -6.80 -21.28
CA PRO A 117 -1.37 -7.48 -22.54
C PRO A 117 -2.55 -6.83 -23.28
N GLN A 118 -2.75 -7.22 -24.54
CA GLN A 118 -3.92 -6.78 -25.31
C GLN A 118 -5.26 -7.20 -24.66
N SER A 119 -5.32 -8.29 -23.89
CA SER A 119 -6.55 -8.72 -23.21
C SER A 119 -7.07 -7.67 -22.22
N VAL A 120 -6.21 -7.19 -21.31
CA VAL A 120 -6.60 -6.10 -20.38
C VAL A 120 -6.82 -4.77 -21.11
N LYS A 121 -5.97 -4.44 -22.10
CA LYS A 121 -6.17 -3.24 -22.92
C LYS A 121 -7.51 -3.25 -23.66
N ASP A 122 -7.90 -4.33 -24.31
CA ASP A 122 -9.20 -4.46 -24.99
C ASP A 122 -10.40 -4.52 -24.02
N GLU A 123 -10.28 -5.20 -22.87
CA GLU A 123 -11.37 -5.24 -21.88
C GLU A 123 -11.59 -3.87 -21.19
N LEU A 124 -10.52 -3.11 -20.92
CA LEU A 124 -10.57 -1.79 -20.28
C LEU A 124 -10.80 -0.64 -21.29
N GLU A 125 -10.50 -0.85 -22.58
CA GLU A 125 -10.70 0.12 -23.69
C GLU A 125 -12.13 0.67 -23.78
N LYS A 126 -13.12 -0.06 -23.25
CA LYS A 126 -14.50 0.38 -23.07
C LYS A 126 -14.62 1.69 -22.26
N GLY A 127 -13.69 1.93 -21.34
CA GLY A 127 -13.68 3.07 -20.43
C GLY A 127 -14.50 2.83 -19.15
N ILE A 128 -15.21 3.87 -18.71
CA ILE A 128 -15.92 3.96 -17.41
C ILE A 128 -17.43 4.14 -17.62
N GLY A 129 -18.08 3.14 -18.20
CA GLY A 129 -19.49 3.14 -18.60
C GLY A 129 -19.89 4.37 -19.44
N PRO A 130 -19.51 4.44 -20.72
CA PRO A 130 -19.76 5.60 -21.58
C PRO A 130 -21.25 5.77 -21.91
N ALA A 131 -21.62 6.98 -22.35
CA ALA A 131 -23.00 7.36 -22.68
C ALA A 131 -23.05 8.30 -23.90
N VAL A 132 -23.32 7.74 -25.09
CA VAL A 132 -23.40 8.46 -26.38
C VAL A 132 -24.65 8.01 -27.16
N PRO A 133 -25.48 8.93 -27.70
CA PRO A 133 -26.65 8.59 -28.52
C PRO A 133 -26.28 8.03 -29.91
N GLN A 134 -27.29 7.59 -30.67
CA GLN A 134 -27.16 6.98 -32.01
C GLN A 134 -28.18 7.54 -33.03
N ASP A 1 -5.53 -16.36 15.12
CA ASP A 1 -5.58 -17.61 14.33
C ASP A 1 -5.21 -17.38 12.85
N ASP A 2 -4.09 -16.67 12.63
CA ASP A 2 -3.57 -16.26 11.31
C ASP A 2 -4.49 -15.26 10.55
N THR A 3 -5.48 -14.70 11.25
CA THR A 3 -6.57 -13.84 10.76
C THR A 3 -6.57 -12.47 11.45
N PRO A 4 -7.22 -11.45 10.85
CA PRO A 4 -7.35 -10.13 11.44
C PRO A 4 -8.23 -10.14 12.70
N PRO A 5 -8.27 -9.05 13.49
CA PRO A 5 -9.21 -8.92 14.61
C PRO A 5 -10.67 -8.88 14.11
N PRO A 6 -11.53 -9.84 14.50
CA PRO A 6 -12.97 -9.70 14.35
C PRO A 6 -13.65 -8.65 15.26
N PRO A 7 -13.13 -8.21 16.45
CA PRO A 7 -13.82 -7.21 17.27
C PRO A 7 -13.78 -5.78 16.67
N PRO A 8 -14.56 -4.83 17.23
CA PRO A 8 -14.55 -3.43 16.80
C PRO A 8 -13.17 -2.78 17.01
N PHE A 9 -12.56 -2.27 15.94
CA PHE A 9 -11.34 -1.47 15.99
C PHE A 9 -11.44 -0.21 16.87
N LEU A 10 -12.68 0.22 17.15
CA LEU A 10 -13.11 1.35 17.98
C LEU A 10 -13.94 0.90 19.20
N ALA A 11 -13.59 -0.25 19.80
CA ALA A 11 -14.20 -0.79 21.01
C ALA A 11 -14.42 0.28 22.11
N GLY A 12 -15.69 0.61 22.38
CA GLY A 12 -16.10 1.69 23.30
C GLY A 12 -17.39 2.44 22.91
N ALA A 13 -18.17 1.92 21.96
CA ALA A 13 -19.32 2.58 21.34
C ALA A 13 -20.66 1.85 21.62
N PRO A 14 -21.83 2.51 21.48
CA PRO A 14 -23.15 1.91 21.74
C PRO A 14 -23.59 0.92 20.65
N GLN A 15 -24.68 0.18 20.89
CA GLN A 15 -25.21 -0.83 19.96
C GLN A 15 -25.49 -0.28 18.55
N ASP A 16 -25.92 0.98 18.45
CA ASP A 16 -26.08 1.74 17.19
C ASP A 16 -24.80 1.73 16.32
N VAL A 17 -23.63 1.86 16.96
CA VAL A 17 -22.31 1.75 16.33
C VAL A 17 -21.91 0.29 16.11
N VAL A 18 -22.11 -0.58 17.11
CA VAL A 18 -21.75 -2.01 17.01
C VAL A 18 -22.38 -2.66 15.78
N LYS A 19 -23.63 -2.32 15.44
CA LYS A 19 -24.28 -2.81 14.21
C LYS A 19 -23.55 -2.33 12.93
N ALA A 20 -23.28 -1.03 12.82
CA ALA A 20 -22.52 -0.46 11.70
C ALA A 20 -21.15 -1.16 11.54
N PHE A 21 -20.39 -1.30 12.63
CA PHE A 21 -19.15 -2.09 12.67
C PHE A 21 -19.38 -3.53 12.15
N PHE A 22 -20.38 -4.27 12.64
CA PHE A 22 -20.63 -5.66 12.23
C PHE A 22 -20.94 -5.81 10.73
N GLU A 23 -21.83 -4.98 10.19
CA GLU A 23 -22.19 -5.02 8.77
C GLU A 23 -20.99 -4.64 7.88
N LEU A 24 -20.22 -3.63 8.31
CA LEU A 24 -18.98 -3.21 7.66
C LEU A 24 -17.92 -4.35 7.68
N LEU A 25 -17.71 -5.02 8.82
CA LEU A 25 -16.79 -6.17 8.93
C LEU A 25 -17.19 -7.38 8.08
N LYS A 26 -18.49 -7.72 8.00
CA LYS A 26 -18.99 -8.79 7.12
C LYS A 26 -18.62 -8.58 5.65
N LYS A 27 -18.60 -7.32 5.17
CA LYS A 27 -18.13 -6.92 3.83
C LYS A 27 -16.62 -7.02 3.66
N ASP A 28 -15.86 -6.66 4.69
CA ASP A 28 -14.40 -6.67 4.71
C ASP A 28 -13.80 -7.94 5.38
N GLU A 29 -14.55 -9.03 5.49
CA GLU A 29 -14.16 -10.24 6.22
C GLU A 29 -12.95 -10.99 5.60
N THR A 30 -12.63 -10.71 4.34
CA THR A 30 -11.52 -11.25 3.54
C THR A 30 -10.26 -10.38 3.53
N LYS A 31 -10.27 -9.25 4.26
CA LYS A 31 -9.14 -8.30 4.38
C LYS A 31 -8.15 -8.76 5.48
N THR A 32 -7.09 -7.98 5.67
CA THR A 32 -6.04 -8.18 6.69
C THR A 32 -6.21 -7.21 7.86
N ASP A 33 -5.44 -7.40 8.93
CA ASP A 33 -5.42 -6.52 10.12
C ASP A 33 -5.30 -5.03 9.73
N PRO A 34 -4.26 -4.58 9.00
CA PRO A 34 -4.14 -3.19 8.57
C PRO A 34 -5.20 -2.75 7.56
N GLU A 35 -5.58 -3.62 6.62
CA GLU A 35 -6.59 -3.29 5.62
C GLU A 35 -7.95 -2.95 6.25
N ILE A 36 -8.41 -3.76 7.24
CA ILE A 36 -9.64 -3.48 7.99
C ILE A 36 -9.46 -2.27 8.90
N GLU A 37 -8.37 -2.18 9.67
CA GLU A 37 -8.16 -1.06 10.61
C GLU A 37 -8.30 0.29 9.89
N LYS A 38 -7.77 0.42 8.67
CA LYS A 38 -7.85 1.62 7.84
C LYS A 38 -9.29 1.99 7.47
N ASP A 39 -10.08 1.03 6.95
CA ASP A 39 -11.50 1.25 6.64
C ASP A 39 -12.33 1.65 7.87
N LEU A 40 -12.09 0.99 9.01
CA LEU A 40 -12.74 1.32 10.28
C LEU A 40 -12.33 2.73 10.74
N ASP A 41 -11.04 3.03 10.72
CA ASP A 41 -10.52 4.35 11.05
C ASP A 41 -11.03 5.47 10.14
N ALA A 42 -11.32 5.18 8.87
CA ALA A 42 -11.83 6.18 7.93
C ALA A 42 -13.15 6.81 8.40
N TRP A 43 -14.13 5.98 8.75
CA TRP A 43 -15.38 6.46 9.36
C TRP A 43 -15.21 6.89 10.84
N VAL A 44 -14.29 6.28 11.61
CA VAL A 44 -13.93 6.66 13.00
C VAL A 44 -13.45 8.10 13.11
N ASP A 45 -12.78 8.63 12.08
CA ASP A 45 -12.36 10.04 12.05
C ASP A 45 -13.55 11.02 12.18
N THR A 46 -14.78 10.54 11.99
CA THR A 46 -16.03 11.31 12.14
C THR A 46 -16.75 11.06 13.47
N LEU A 47 -16.39 10.00 14.22
CA LEU A 47 -16.95 9.71 15.55
C LEU A 47 -16.58 10.76 16.60
N GLY A 48 -15.28 10.98 16.84
CA GLY A 48 -14.78 11.92 17.86
C GLY A 48 -14.89 11.42 19.30
N GLY A 49 -14.52 10.15 19.56
CA GLY A 49 -14.59 9.48 20.87
C GLY A 49 -13.25 8.88 21.32
N ASP A 50 -12.17 9.67 21.23
CA ASP A 50 -10.75 9.33 21.51
C ASP A 50 -10.12 8.36 20.48
N TYR A 51 -10.90 7.91 19.49
CA TYR A 51 -10.49 6.97 18.44
C TYR A 51 -9.41 7.52 17.49
N LYS A 52 -9.26 8.86 17.41
CA LYS A 52 -8.21 9.56 16.67
C LYS A 52 -6.79 9.09 17.04
N ALA A 53 -6.56 8.77 18.32
CA ALA A 53 -5.28 8.25 18.81
C ALA A 53 -5.00 6.83 18.27
N LYS A 54 -6.02 5.96 18.29
CA LYS A 54 -5.96 4.66 17.60
C LYS A 54 -5.73 4.82 16.09
N PHE A 55 -6.39 5.76 15.41
CA PHE A 55 -6.12 6.01 13.99
C PHE A 55 -4.66 6.38 13.71
N GLU A 56 -4.10 7.36 14.44
CA GLU A 56 -2.70 7.78 14.24
C GLU A 56 -1.71 6.62 14.48
N THR A 57 -1.90 5.85 15.56
CA THR A 57 -1.01 4.73 15.90
C THR A 57 -1.13 3.57 14.89
N PHE A 58 -2.34 3.28 14.42
CA PHE A 58 -2.60 2.22 13.44
C PHE A 58 -1.97 2.53 12.09
N LYS A 59 -2.29 3.71 11.52
CA LYS A 59 -1.75 4.12 10.22
C LYS A 59 -0.22 4.05 10.20
N LYS A 60 0.43 4.50 11.28
CA LYS A 60 1.87 4.35 11.56
C LYS A 60 2.33 2.89 11.56
N GLU A 61 1.73 2.02 12.35
CA GLU A 61 2.05 0.57 12.36
C GLU A 61 1.98 -0.06 10.97
N MET A 62 0.94 0.22 10.18
CA MET A 62 0.80 -0.29 8.81
C MET A 62 1.91 0.21 7.90
N LYS A 63 2.12 1.53 7.86
CA LYS A 63 3.19 2.19 7.10
C LYS A 63 4.56 1.66 7.49
N ALA A 64 4.76 1.32 8.77
CA ALA A 64 6.01 0.78 9.29
C ALA A 64 6.26 -0.64 8.76
N LYS A 65 5.27 -1.54 8.88
CA LYS A 65 5.37 -2.93 8.43
C LYS A 65 5.63 -3.01 6.93
N GLU A 66 4.88 -2.24 6.14
CA GLU A 66 5.03 -2.14 4.69
C GLU A 66 6.41 -1.58 4.29
N ALA A 67 6.85 -0.44 4.85
CA ALA A 67 8.17 0.13 4.57
C ALA A 67 9.31 -0.84 4.93
N GLU A 68 9.25 -1.47 6.10
CA GLU A 68 10.29 -2.40 6.58
C GLU A 68 10.41 -3.65 5.68
N LEU A 69 9.28 -4.28 5.31
CA LEU A 69 9.22 -5.37 4.33
C LEU A 69 9.83 -4.95 2.99
N ALA A 70 9.39 -3.81 2.45
CA ALA A 70 9.86 -3.29 1.17
C ALA A 70 11.38 -3.03 1.18
N LYS A 71 11.93 -2.49 2.28
CA LYS A 71 13.36 -2.27 2.48
C LYS A 71 14.14 -3.58 2.46
N ALA A 72 13.72 -4.59 3.23
CA ALA A 72 14.36 -5.92 3.23
C ALA A 72 14.35 -6.57 1.84
N HIS A 73 13.20 -6.54 1.17
CA HIS A 73 13.04 -7.03 -0.21
C HIS A 73 13.98 -6.31 -1.17
N GLU A 74 13.99 -4.97 -1.20
CA GLU A 74 14.93 -4.14 -1.99
C GLU A 74 16.41 -4.52 -1.76
N GLU A 75 16.82 -4.72 -0.50
CA GLU A 75 18.18 -5.11 -0.11
C GLU A 75 18.59 -6.45 -0.75
N ALA A 76 17.75 -7.48 -0.63
CA ALA A 76 17.94 -8.77 -1.32
C ALA A 76 17.84 -8.67 -2.84
N VAL A 77 16.98 -7.79 -3.36
CA VAL A 77 16.77 -7.57 -4.80
C VAL A 77 17.95 -6.82 -5.46
N ALA A 78 18.75 -6.07 -4.71
CA ALA A 78 19.96 -5.39 -5.22
C ALA A 78 20.96 -6.33 -5.92
N LYS A 79 21.04 -7.60 -5.48
CA LYS A 79 21.88 -8.65 -6.08
C LYS A 79 21.26 -9.34 -7.31
N MET A 80 20.03 -8.96 -7.67
CA MET A 80 19.22 -9.55 -8.74
C MET A 80 19.28 -8.72 -10.05
N THR A 81 18.30 -8.90 -10.94
CA THR A 81 18.08 -8.09 -12.16
C THR A 81 18.00 -6.57 -11.89
N PRO A 82 18.30 -5.72 -12.89
CA PRO A 82 18.34 -4.27 -12.73
C PRO A 82 16.95 -3.68 -12.46
N GLU A 83 15.95 -4.03 -13.28
CA GLU A 83 14.54 -3.58 -13.14
C GLU A 83 13.89 -3.99 -11.83
N ALA A 84 14.37 -5.11 -11.25
CA ALA A 84 13.86 -5.61 -9.98
C ALA A 84 14.16 -4.61 -8.86
N LYS A 85 15.42 -4.17 -8.72
CA LYS A 85 15.82 -3.12 -7.76
C LYS A 85 14.95 -1.89 -7.95
N LYS A 86 14.69 -1.47 -9.19
CA LYS A 86 13.88 -0.28 -9.49
C LYS A 86 12.47 -0.42 -8.91
N ALA A 87 11.75 -1.50 -9.25
CA ALA A 87 10.41 -1.77 -8.74
C ALA A 87 10.35 -1.83 -7.20
N ASP A 88 11.29 -2.56 -6.58
CA ASP A 88 11.40 -2.68 -5.13
C ASP A 88 11.79 -1.37 -4.41
N ALA A 89 12.70 -0.58 -4.97
CA ALA A 89 13.04 0.76 -4.51
C ALA A 89 11.81 1.68 -4.57
N GLU A 90 11.09 1.70 -5.70
CA GLU A 90 9.82 2.42 -5.86
C GLU A 90 8.80 2.01 -4.78
N LEU A 91 8.66 0.71 -4.48
CA LEU A 91 7.77 0.23 -3.42
C LEU A 91 8.25 0.62 -2.01
N SER A 92 9.56 0.65 -1.77
CA SER A 92 10.17 1.05 -0.49
C SER A 92 10.06 2.56 -0.22
N LYS A 93 10.32 3.41 -1.22
CA LYS A 93 10.17 4.88 -1.12
C LYS A 93 8.71 5.29 -1.08
N ILE A 94 7.81 4.60 -1.81
CA ILE A 94 6.38 4.92 -1.73
C ILE A 94 5.75 4.46 -0.40
N ALA A 95 6.24 3.35 0.18
CA ALA A 95 5.74 2.82 1.45
C ALA A 95 5.89 3.79 2.64
N GLU A 96 6.72 4.82 2.50
CA GLU A 96 6.92 5.89 3.47
C GLU A 96 6.51 7.29 2.94
N ASP A 97 5.87 7.39 1.75
CA ASP A 97 5.38 8.66 1.22
C ASP A 97 4.26 9.27 2.10
N ASP A 98 4.35 10.57 2.32
CA ASP A 98 3.29 11.41 2.91
C ASP A 98 2.54 12.26 1.86
N SER A 99 3.27 12.93 0.96
CA SER A 99 2.73 13.78 -0.12
C SER A 99 3.19 13.40 -1.54
N LEU A 100 4.08 12.40 -1.68
CA LEU A 100 4.65 11.94 -2.94
C LEU A 100 3.63 11.03 -3.69
N ASN A 101 2.72 11.66 -4.44
CA ASN A 101 1.74 10.99 -5.29
C ASN A 101 2.23 10.86 -6.75
N GLY A 102 1.63 9.94 -7.52
CA GLY A 102 1.98 9.71 -8.94
C GLY A 102 3.27 8.93 -9.19
N ILE A 103 3.65 7.99 -8.30
CA ILE A 103 4.89 7.21 -8.45
C ILE A 103 4.95 6.40 -9.76
N GLN A 104 3.78 6.02 -10.30
CA GLN A 104 3.64 5.28 -11.56
C GLN A 104 4.48 5.86 -12.71
N LYS A 105 4.65 7.19 -12.75
CA LYS A 105 5.57 7.87 -13.69
C LYS A 105 7.00 7.38 -13.50
N ALA A 106 7.59 7.53 -12.31
CA ALA A 106 8.99 7.15 -12.08
C ALA A 106 9.19 5.63 -12.24
N GLN A 107 8.24 4.82 -11.80
CA GLN A 107 8.24 3.36 -12.02
C GLN A 107 8.39 3.03 -13.51
N LYS A 108 7.54 3.62 -14.37
CA LYS A 108 7.62 3.47 -15.82
C LYS A 108 8.99 3.92 -16.36
N ILE A 109 9.43 5.14 -16.02
CA ILE A 109 10.75 5.69 -16.42
C ILE A 109 11.86 4.69 -16.14
N GLN A 110 11.89 4.09 -14.95
CA GLN A 110 12.92 3.13 -14.54
C GLN A 110 12.81 1.79 -15.32
N ALA A 111 11.59 1.26 -15.50
CA ALA A 111 11.30 0.06 -16.30
C ALA A 111 11.70 0.20 -17.78
N ILE A 112 11.62 1.39 -18.38
CA ILE A 112 12.13 1.67 -19.73
C ILE A 112 13.62 2.07 -19.73
N TYR A 113 14.10 2.72 -18.67
CA TYR A 113 15.52 3.10 -18.52
C TYR A 113 16.43 1.87 -18.44
N LYS A 114 15.98 0.78 -17.84
CA LYS A 114 16.74 -0.49 -17.81
C LYS A 114 16.93 -1.10 -19.20
N THR A 115 16.08 -0.72 -20.17
CA THR A 115 16.10 -1.20 -21.56
C THR A 115 17.19 -0.54 -22.40
N LEU A 116 17.61 0.68 -22.03
CA LEU A 116 18.75 1.38 -22.65
C LEU A 116 20.04 0.52 -22.63
N PRO A 117 20.96 0.71 -23.60
CA PRO A 117 22.17 -0.09 -23.72
C PRO A 117 23.15 0.15 -22.55
N GLN A 118 24.06 -0.80 -22.32
CA GLN A 118 25.12 -0.65 -21.31
C GLN A 118 26.04 0.55 -21.59
N SER A 119 26.16 1.01 -22.85
CA SER A 119 27.00 2.15 -23.21
C SER A 119 26.51 3.46 -22.57
N VAL A 120 25.22 3.78 -22.72
CA VAL A 120 24.62 4.97 -22.08
C VAL A 120 24.49 4.79 -20.57
N LYS A 121 24.10 3.60 -20.10
CA LYS A 121 24.09 3.31 -18.66
C LYS A 121 25.46 3.52 -18.02
N ASP A 122 26.54 2.96 -18.56
CA ASP A 122 27.88 3.08 -17.99
C ASP A 122 28.43 4.53 -18.10
N GLU A 123 28.24 5.21 -19.24
CA GLU A 123 28.66 6.61 -19.40
C GLU A 123 27.93 7.57 -18.44
N LEU A 124 26.64 7.32 -18.14
CA LEU A 124 25.84 8.13 -17.22
C LEU A 124 25.90 7.66 -15.76
N GLU A 125 26.30 6.41 -15.48
CA GLU A 125 26.49 5.83 -14.13
C GLU A 125 27.48 6.63 -13.27
N LYS A 126 28.45 7.31 -13.92
CA LYS A 126 29.40 8.26 -13.30
C LYS A 126 28.95 9.72 -13.37
N GLY A 127 27.81 10.01 -14.01
CA GLY A 127 27.13 11.30 -14.05
C GLY A 127 26.19 11.46 -12.85
N ILE A 128 24.86 11.50 -13.10
CA ILE A 128 23.75 11.65 -12.12
C ILE A 128 24.13 12.45 -10.84
N GLY A 129 24.52 13.71 -11.04
CA GLY A 129 25.05 14.61 -9.99
C GLY A 129 26.29 14.04 -9.27
N PRO A 130 27.47 14.03 -9.90
CA PRO A 130 28.67 13.36 -9.38
C PRO A 130 29.27 14.06 -8.16
N ALA A 131 29.15 13.42 -6.99
CA ALA A 131 29.64 13.89 -5.70
C ALA A 131 29.74 12.73 -4.68
N VAL A 132 30.95 12.41 -4.23
CA VAL A 132 31.21 11.40 -3.17
C VAL A 132 31.39 12.10 -1.80
N PRO A 133 30.73 11.63 -0.72
CA PRO A 133 30.89 12.18 0.63
C PRO A 133 32.26 11.84 1.25
N GLN A 134 32.54 12.39 2.44
CA GLN A 134 33.76 12.15 3.24
C GLN A 134 33.91 10.69 3.71
N ASP A 1 -0.50 -11.27 14.58
CA ASP A 1 -0.19 -12.35 13.63
C ASP A 1 -0.05 -11.87 12.16
N ASP A 2 0.23 -12.80 11.24
CA ASP A 2 0.38 -12.55 9.79
C ASP A 2 -0.92 -12.04 9.11
N THR A 3 -2.08 -12.58 9.48
CA THR A 3 -3.41 -12.10 9.03
C THR A 3 -3.80 -10.76 9.64
N PRO A 4 -4.74 -10.01 9.02
CA PRO A 4 -5.22 -8.73 9.56
C PRO A 4 -6.09 -8.94 10.81
N PRO A 5 -6.30 -7.88 11.63
CA PRO A 5 -7.06 -7.96 12.87
C PRO A 5 -8.55 -8.30 12.61
N PRO A 6 -9.06 -9.44 13.11
CA PRO A 6 -10.50 -9.73 13.12
C PRO A 6 -11.36 -8.90 14.11
N PRO A 7 -10.87 -8.28 15.22
CA PRO A 7 -11.75 -7.44 16.06
C PRO A 7 -12.16 -6.13 15.36
N PRO A 8 -13.15 -5.40 15.90
CA PRO A 8 -13.48 -4.05 15.43
C PRO A 8 -12.29 -3.11 15.54
N PHE A 9 -12.03 -2.33 14.48
CA PHE A 9 -11.04 -1.25 14.50
C PHE A 9 -11.24 -0.32 15.71
N LEU A 10 -12.48 0.10 15.92
CA LEU A 10 -12.93 1.01 16.98
C LEU A 10 -13.17 0.33 18.36
N ALA A 11 -12.62 -0.87 18.61
CA ALA A 11 -12.86 -1.72 19.79
C ALA A 11 -13.08 -0.96 21.13
N GLY A 12 -14.34 -0.90 21.58
CA GLY A 12 -14.79 -0.11 22.73
C GLY A 12 -16.21 0.48 22.61
N ALA A 13 -17.08 -0.13 21.78
CA ALA A 13 -18.41 0.35 21.43
C ALA A 13 -19.52 -0.67 21.79
N PRO A 14 -20.79 -0.25 21.97
CA PRO A 14 -21.88 -1.15 22.37
C PRO A 14 -22.35 -2.07 21.22
N GLN A 15 -23.18 -3.07 21.54
CA GLN A 15 -23.72 -4.07 20.60
C GLN A 15 -24.38 -3.45 19.35
N ASP A 16 -25.14 -2.36 19.55
CA ASP A 16 -25.75 -1.56 18.47
C ASP A 16 -24.72 -1.06 17.44
N VAL A 17 -23.54 -0.62 17.91
CA VAL A 17 -22.43 -0.18 17.06
C VAL A 17 -21.65 -1.37 16.49
N VAL A 18 -21.43 -2.44 17.27
CA VAL A 18 -20.76 -3.67 16.82
C VAL A 18 -21.48 -4.28 15.61
N LYS A 19 -22.82 -4.28 15.58
CA LYS A 19 -23.58 -4.74 14.40
C LYS A 19 -23.32 -3.86 13.16
N ALA A 20 -23.44 -2.54 13.29
CA ALA A 20 -23.11 -1.59 12.23
C ALA A 20 -21.69 -1.81 11.66
N PHE A 21 -20.68 -1.93 12.54
CA PHE A 21 -19.32 -2.36 12.20
C PHE A 21 -19.33 -3.67 11.39
N PHE A 22 -19.98 -4.74 11.88
CA PHE A 22 -20.00 -6.04 11.22
C PHE A 22 -20.61 -5.99 9.81
N GLU A 23 -21.76 -5.35 9.65
CA GLU A 23 -22.44 -5.21 8.35
C GLU A 23 -21.57 -4.42 7.35
N LEU A 24 -20.95 -3.34 7.82
CA LEU A 24 -19.98 -2.57 7.04
C LEU A 24 -18.78 -3.45 6.60
N LEU A 25 -18.21 -4.23 7.53
CA LEU A 25 -17.10 -5.15 7.27
C LEU A 25 -17.43 -6.30 6.31
N LYS A 26 -18.68 -6.80 6.26
CA LYS A 26 -19.05 -7.87 5.30
C LYS A 26 -18.80 -7.48 3.84
N LYS A 27 -18.88 -6.18 3.50
CA LYS A 27 -18.46 -5.63 2.19
C LYS A 27 -16.93 -5.67 2.01
N ASP A 28 -16.20 -5.26 3.04
CA ASP A 28 -14.75 -5.10 3.05
C ASP A 28 -13.99 -6.32 3.62
N GLU A 29 -14.61 -7.50 3.68
CA GLU A 29 -14.04 -8.69 4.33
C GLU A 29 -12.71 -9.16 3.69
N THR A 30 -12.51 -8.83 2.41
CA THR A 30 -11.32 -9.17 1.60
C THR A 30 -10.18 -8.15 1.70
N LYS A 31 -10.33 -7.07 2.48
CA LYS A 31 -9.31 -6.02 2.70
C LYS A 31 -8.26 -6.43 3.75
N THR A 32 -7.12 -5.75 3.73
CA THR A 32 -5.96 -5.92 4.64
C THR A 32 -6.12 -5.07 5.91
N ASP A 33 -5.23 -5.27 6.89
CA ASP A 33 -5.08 -4.49 8.14
C ASP A 33 -5.19 -2.96 7.91
N PRO A 34 -4.34 -2.33 7.08
CA PRO A 34 -4.41 -0.90 6.84
C PRO A 34 -5.58 -0.48 5.94
N GLU A 35 -6.01 -1.33 5.00
CA GLU A 35 -7.16 -1.04 4.13
C GLU A 35 -8.47 -0.98 4.93
N ILE A 36 -8.68 -1.91 5.88
CA ILE A 36 -9.82 -1.88 6.81
C ILE A 36 -9.68 -0.66 7.74
N GLU A 37 -8.55 -0.49 8.43
CA GLU A 37 -8.41 0.57 9.44
C GLU A 37 -8.69 1.97 8.85
N LYS A 38 -8.24 2.24 7.61
CA LYS A 38 -8.46 3.50 6.91
C LYS A 38 -9.95 3.81 6.71
N ASP A 39 -10.70 2.91 6.06
CA ASP A 39 -12.12 3.11 5.78
C ASP A 39 -12.95 3.20 7.08
N LEU A 40 -12.58 2.39 8.08
CA LEU A 40 -13.17 2.41 9.42
C LEU A 40 -12.90 3.76 10.12
N ASP A 41 -11.66 4.25 10.13
CA ASP A 41 -11.33 5.56 10.65
C ASP A 41 -12.13 6.69 10.00
N ALA A 42 -12.33 6.63 8.68
CA ALA A 42 -13.03 7.70 7.97
C ALA A 42 -14.41 8.03 8.56
N TRP A 43 -15.24 7.01 8.82
CA TRP A 43 -16.48 7.16 9.60
C TRP A 43 -16.27 7.35 11.12
N VAL A 44 -15.28 6.69 11.75
CA VAL A 44 -14.92 6.84 13.18
C VAL A 44 -14.59 8.29 13.54
N ASP A 45 -14.00 9.08 12.62
CA ASP A 45 -13.69 10.50 12.83
C ASP A 45 -14.94 11.35 13.13
N THR A 46 -16.15 10.79 12.93
CA THR A 46 -17.44 11.43 13.20
C THR A 46 -18.16 10.79 14.39
N LEU A 47 -17.69 9.64 14.90
CA LEU A 47 -18.23 9.01 16.13
C LEU A 47 -17.98 9.84 17.41
N GLY A 48 -16.71 10.20 17.66
CA GLY A 48 -16.25 10.66 18.97
C GLY A 48 -14.79 11.09 18.97
N GLY A 49 -14.25 11.24 20.17
CA GLY A 49 -12.89 11.76 20.44
C GLY A 49 -12.00 10.82 21.26
N ASP A 50 -12.43 9.57 21.42
CA ASP A 50 -11.72 8.45 22.05
C ASP A 50 -11.23 7.41 21.01
N TYR A 51 -11.96 7.23 19.91
CA TYR A 51 -11.58 6.33 18.80
C TYR A 51 -10.42 6.89 17.96
N LYS A 52 -10.21 8.21 17.99
CA LYS A 52 -9.05 8.90 17.40
C LYS A 52 -7.68 8.37 17.86
N ALA A 53 -7.58 7.90 19.11
CA ALA A 53 -6.35 7.33 19.66
C ALA A 53 -6.02 5.97 19.03
N LYS A 54 -7.03 5.13 18.79
CA LYS A 54 -6.89 3.91 18.00
C LYS A 54 -6.33 4.22 16.61
N PHE A 55 -6.86 5.23 15.92
CA PHE A 55 -6.32 5.69 14.63
C PHE A 55 -4.85 6.11 14.70
N GLU A 56 -4.46 6.95 15.67
CA GLU A 56 -3.08 7.44 15.78
C GLU A 56 -2.09 6.28 15.91
N THR A 57 -2.44 5.27 16.72
CA THR A 57 -1.59 4.09 16.93
C THR A 57 -1.58 3.14 15.72
N PHE A 58 -2.72 2.98 15.03
CA PHE A 58 -2.85 2.17 13.81
C PHE A 58 -2.01 2.71 12.65
N LYS A 59 -2.09 4.02 12.37
CA LYS A 59 -1.31 4.69 11.31
C LYS A 59 0.20 4.47 11.50
N LYS A 60 0.72 4.61 12.73
CA LYS A 60 2.09 4.23 13.09
C LYS A 60 2.38 2.75 12.81
N GLU A 61 1.56 1.84 13.30
CA GLU A 61 1.72 0.40 13.04
C GLU A 61 1.75 0.06 11.54
N MET A 62 0.87 0.69 10.73
CA MET A 62 0.86 0.52 9.28
C MET A 62 2.16 0.97 8.63
N LYS A 63 2.60 2.20 8.93
CA LYS A 63 3.86 2.74 8.42
C LYS A 63 5.07 1.93 8.91
N ALA A 64 4.97 1.32 10.09
CA ALA A 64 6.03 0.51 10.68
C ALA A 64 6.18 -0.85 9.99
N LYS A 65 5.07 -1.61 9.84
CA LYS A 65 5.09 -2.87 9.07
C LYS A 65 5.55 -2.62 7.65
N GLU A 66 4.93 -1.67 6.95
CA GLU A 66 5.24 -1.36 5.55
C GLU A 66 6.72 -0.95 5.37
N ALA A 67 7.26 -0.03 6.18
CA ALA A 67 8.67 0.37 6.10
C ALA A 67 9.63 -0.79 6.39
N GLU A 68 9.40 -1.56 7.47
CA GLU A 68 10.28 -2.68 7.85
C GLU A 68 10.24 -3.83 6.82
N LEU A 69 9.05 -4.23 6.38
CA LEU A 69 8.85 -5.21 5.31
C LEU A 69 9.53 -4.75 4.02
N ALA A 70 9.30 -3.50 3.59
CA ALA A 70 9.94 -2.94 2.42
C ALA A 70 11.47 -2.90 2.54
N LYS A 71 12.06 -2.51 3.69
CA LYS A 71 13.51 -2.57 3.94
C LYS A 71 14.08 -3.97 3.77
N ALA A 72 13.47 -4.98 4.40
CA ALA A 72 13.90 -6.38 4.26
C ALA A 72 13.76 -6.92 2.83
N HIS A 73 12.58 -6.76 2.20
CA HIS A 73 12.34 -7.12 0.80
C HIS A 73 13.32 -6.42 -0.14
N GLU A 74 13.46 -5.10 -0.08
CA GLU A 74 14.43 -4.31 -0.88
C GLU A 74 15.86 -4.85 -0.74
N GLU A 75 16.32 -5.17 0.47
CA GLU A 75 17.63 -5.80 0.71
C GLU A 75 17.78 -7.14 -0.05
N ALA A 76 16.83 -8.06 0.10
CA ALA A 76 16.87 -9.35 -0.61
C ALA A 76 16.69 -9.21 -2.14
N VAL A 77 15.94 -8.21 -2.58
CA VAL A 77 15.70 -7.83 -3.98
C VAL A 77 16.93 -7.18 -4.64
N ALA A 78 17.84 -6.55 -3.88
CA ALA A 78 19.07 -5.96 -4.40
C ALA A 78 19.99 -6.94 -5.18
N LYS A 79 19.99 -8.23 -4.82
CA LYS A 79 20.69 -9.34 -5.53
C LYS A 79 19.85 -10.00 -6.64
N MET A 80 18.64 -9.50 -6.89
CA MET A 80 17.62 -10.07 -7.79
C MET A 80 17.51 -9.23 -9.10
N THR A 81 16.42 -9.41 -9.87
CA THR A 81 16.14 -8.68 -11.13
C THR A 81 16.13 -7.14 -10.99
N PRO A 82 16.43 -6.38 -12.05
CA PRO A 82 16.60 -4.92 -12.01
C PRO A 82 15.27 -4.17 -11.74
N GLU A 83 14.20 -4.55 -12.45
CA GLU A 83 12.84 -4.01 -12.28
C GLU A 83 12.32 -4.18 -10.84
N ALA A 84 12.66 -5.32 -10.22
CA ALA A 84 12.28 -5.63 -8.86
C ALA A 84 12.92 -4.63 -7.89
N LYS A 85 14.22 -4.37 -8.04
CA LYS A 85 14.97 -3.35 -7.27
C LYS A 85 14.26 -2.00 -7.28
N LYS A 86 13.81 -1.58 -8.46
CA LYS A 86 13.11 -0.31 -8.67
C LYS A 86 11.75 -0.28 -7.96
N ALA A 87 10.90 -1.29 -8.17
CA ALA A 87 9.60 -1.42 -7.51
C ALA A 87 9.71 -1.49 -5.97
N ASP A 88 10.63 -2.30 -5.44
CA ASP A 88 10.87 -2.41 -3.99
C ASP A 88 11.53 -1.17 -3.38
N ALA A 89 12.46 -0.51 -4.08
CA ALA A 89 13.02 0.78 -3.65
C ALA A 89 11.95 1.87 -3.60
N GLU A 90 11.08 1.95 -4.61
CA GLU A 90 9.87 2.79 -4.64
C GLU A 90 8.98 2.52 -3.41
N LEU A 91 8.65 1.26 -3.13
CA LEU A 91 7.90 0.88 -1.93
C LEU A 91 8.64 1.29 -0.63
N SER A 92 9.96 1.16 -0.57
CA SER A 92 10.76 1.42 0.63
C SER A 92 10.88 2.91 0.94
N LYS A 93 11.02 3.77 -0.09
CA LYS A 93 11.05 5.22 0.07
C LYS A 93 9.66 5.75 0.43
N ILE A 94 8.62 5.34 -0.31
CA ILE A 94 7.25 5.81 -0.06
C ILE A 94 6.67 5.33 1.28
N ALA A 95 7.12 4.18 1.80
CA ALA A 95 6.69 3.67 3.09
C ALA A 95 6.95 4.64 4.27
N GLU A 96 8.06 5.39 4.22
CA GLU A 96 8.32 6.48 5.18
C GLU A 96 7.57 7.78 4.85
N ASP A 97 7.25 8.05 3.57
CA ASP A 97 6.67 9.31 3.11
C ASP A 97 5.75 9.14 1.89
N ASP A 98 4.43 9.10 2.11
CA ASP A 98 3.41 8.99 1.06
C ASP A 98 3.37 10.19 0.09
N SER A 99 4.00 11.32 0.43
CA SER A 99 4.08 12.53 -0.41
C SER A 99 5.09 12.42 -1.58
N LEU A 100 5.87 11.34 -1.67
CA LEU A 100 6.83 11.08 -2.74
C LEU A 100 6.13 10.72 -4.07
N ASN A 101 5.73 11.76 -4.83
CA ASN A 101 5.17 11.65 -6.19
C ASN A 101 6.27 11.63 -7.28
N GLY A 102 5.86 11.48 -8.55
CA GLY A 102 6.73 11.49 -9.73
C GLY A 102 7.36 10.14 -10.09
N ILE A 103 7.44 9.21 -9.13
CA ILE A 103 7.98 7.85 -9.33
C ILE A 103 7.18 7.03 -10.37
N GLN A 104 5.90 7.38 -10.57
CA GLN A 104 5.01 6.81 -11.60
C GLN A 104 5.64 6.80 -12.99
N LYS A 105 6.44 7.82 -13.34
CA LYS A 105 7.23 7.88 -14.59
C LYS A 105 8.17 6.68 -14.71
N ALA A 106 9.09 6.52 -13.73
CA ALA A 106 10.06 5.44 -13.77
C ALA A 106 9.37 4.07 -13.65
N GLN A 107 8.30 3.95 -12.85
CA GLN A 107 7.49 2.74 -12.72
C GLN A 107 6.94 2.31 -14.09
N LYS A 108 6.37 3.25 -14.88
CA LYS A 108 6.03 3.02 -16.29
C LYS A 108 7.22 2.52 -17.11
N ILE A 109 8.38 3.21 -17.08
CA ILE A 109 9.59 2.79 -17.81
C ILE A 109 9.97 1.33 -17.49
N GLN A 110 9.95 0.94 -16.22
CA GLN A 110 10.28 -0.42 -15.77
C GLN A 110 9.24 -1.45 -16.25
N ALA A 111 7.94 -1.14 -16.12
CA ALA A 111 6.83 -1.99 -16.53
C ALA A 111 6.87 -2.27 -18.04
N ILE A 112 7.05 -1.24 -18.88
CA ILE A 112 7.22 -1.40 -20.33
C ILE A 112 8.56 -2.07 -20.68
N TYR A 113 9.67 -1.76 -19.99
CA TYR A 113 10.96 -2.42 -20.21
C TYR A 113 10.94 -3.92 -19.86
N LYS A 114 10.08 -4.36 -18.93
CA LYS A 114 9.83 -5.78 -18.65
C LYS A 114 9.15 -6.53 -19.80
N THR A 115 8.64 -5.84 -20.82
CA THR A 115 8.08 -6.46 -22.04
C THR A 115 9.15 -7.04 -22.98
N LEU A 116 10.45 -6.79 -22.72
CA LEU A 116 11.58 -7.27 -23.52
C LEU A 116 11.50 -8.77 -23.87
N PRO A 117 12.05 -9.21 -25.02
CA PRO A 117 11.92 -10.58 -25.51
C PRO A 117 12.64 -11.61 -24.63
N GLN A 118 12.32 -12.89 -24.84
CA GLN A 118 12.96 -14.03 -24.16
C GLN A 118 14.50 -14.03 -24.33
N SER A 119 15.05 -13.48 -25.41
CA SER A 119 16.49 -13.35 -25.65
C SER A 119 17.21 -12.55 -24.55
N VAL A 120 16.71 -11.35 -24.22
CA VAL A 120 17.25 -10.54 -23.11
C VAL A 120 16.88 -11.18 -21.80
N LYS A 121 15.61 -11.58 -21.66
CA LYS A 121 15.15 -12.07 -20.36
C LYS A 121 16.00 -13.28 -19.93
N ASP A 122 16.32 -14.17 -20.86
CA ASP A 122 17.23 -15.31 -20.67
C ASP A 122 18.69 -14.87 -20.40
N GLU A 123 19.25 -13.93 -21.18
CA GLU A 123 20.62 -13.45 -20.95
C GLU A 123 20.82 -12.83 -19.55
N LEU A 124 19.81 -12.10 -19.05
CA LEU A 124 19.87 -11.44 -17.74
C LEU A 124 19.37 -12.35 -16.59
N GLU A 125 18.57 -13.39 -16.87
CA GLU A 125 18.08 -14.40 -15.90
C GLU A 125 19.21 -15.16 -15.18
N LYS A 126 20.40 -15.23 -15.79
CA LYS A 126 21.65 -15.70 -15.16
C LYS A 126 21.97 -14.93 -13.87
N GLY A 127 21.52 -13.68 -13.76
CA GLY A 127 21.82 -12.78 -12.64
C GLY A 127 23.33 -12.72 -12.36
N ILE A 128 23.69 -12.81 -11.07
CA ILE A 128 25.05 -12.67 -10.53
C ILE A 128 25.31 -13.63 -9.35
N GLY A 129 24.97 -14.91 -9.57
CA GLY A 129 25.08 -16.01 -8.59
C GLY A 129 24.31 -15.74 -7.28
N PRO A 130 22.97 -15.88 -7.30
CA PRO A 130 22.10 -15.53 -6.17
C PRO A 130 22.20 -16.54 -5.01
N ALA A 131 21.58 -16.19 -3.88
CA ALA A 131 21.58 -16.96 -2.63
C ALA A 131 20.16 -17.01 -2.03
N VAL A 132 19.27 -17.82 -2.64
CA VAL A 132 17.86 -18.05 -2.21
C VAL A 132 17.50 -19.52 -2.45
N PRO A 133 16.88 -20.24 -1.48
CA PRO A 133 16.38 -21.61 -1.66
C PRO A 133 15.13 -21.70 -2.56
N GLN A 134 14.62 -22.92 -2.78
CA GLN A 134 13.40 -23.20 -3.56
C GLN A 134 12.13 -22.55 -2.96
N ASP A 1 4.35 -3.68 18.89
CA ASP A 1 3.66 -4.61 18.00
C ASP A 1 4.11 -4.45 16.52
N ASP A 2 4.02 -5.54 15.74
CA ASP A 2 4.47 -5.63 14.34
C ASP A 2 3.78 -6.77 13.56
N THR A 3 2.44 -6.76 13.55
CA THR A 3 1.61 -7.77 12.86
C THR A 3 0.35 -7.14 12.21
N PRO A 4 -0.33 -7.82 11.28
CA PRO A 4 -1.62 -7.37 10.73
C PRO A 4 -2.73 -7.51 11.79
N PRO A 5 -3.40 -6.41 12.22
CA PRO A 5 -4.43 -6.46 13.27
C PRO A 5 -5.77 -7.03 12.76
N PRO A 6 -6.24 -8.20 13.24
CA PRO A 6 -7.59 -8.68 12.94
C PRO A 6 -8.78 -7.88 13.56
N PRO A 7 -8.67 -7.08 14.66
CA PRO A 7 -9.81 -6.29 15.15
C PRO A 7 -10.16 -5.11 14.21
N PRO A 8 -11.34 -4.47 14.39
CA PRO A 8 -11.73 -3.29 13.63
C PRO A 8 -10.84 -2.07 13.95
N PHE A 9 -10.63 -1.21 12.94
CA PHE A 9 -9.82 0.01 13.06
C PHE A 9 -10.34 1.02 14.11
N LEU A 10 -11.64 0.96 14.40
CA LEU A 10 -12.38 1.76 15.39
C LEU A 10 -12.88 0.90 16.56
N ALA A 11 -12.12 -0.15 16.92
CA ALA A 11 -12.34 -0.97 18.12
C ALA A 11 -12.71 -0.14 19.36
N GLY A 12 -13.92 -0.37 19.87
CA GLY A 12 -14.51 0.28 21.06
C GLY A 12 -16.00 0.60 20.91
N ALA A 13 -16.53 0.50 19.69
CA ALA A 13 -17.91 0.81 19.33
C ALA A 13 -18.85 -0.41 19.53
N PRO A 14 -20.18 -0.19 19.66
CA PRO A 14 -21.15 -1.26 19.90
C PRO A 14 -21.41 -2.13 18.65
N GLN A 15 -22.19 -3.20 18.84
CA GLN A 15 -22.60 -4.16 17.78
C GLN A 15 -23.22 -3.46 16.55
N ASP A 16 -23.98 -2.37 16.77
CA ASP A 16 -24.51 -1.49 15.74
C ASP A 16 -23.45 -0.97 14.76
N VAL A 17 -22.27 -0.60 15.27
CA VAL A 17 -21.10 -0.18 14.46
C VAL A 17 -20.33 -1.37 13.90
N VAL A 18 -20.14 -2.44 14.70
CA VAL A 18 -19.43 -3.65 14.26
C VAL A 18 -20.06 -4.26 13.00
N LYS A 19 -21.40 -4.24 12.89
CA LYS A 19 -22.12 -4.66 11.68
C LYS A 19 -21.78 -3.78 10.46
N ALA A 20 -21.85 -2.45 10.61
CA ALA A 20 -21.50 -1.50 9.55
C ALA A 20 -20.06 -1.74 9.03
N PHE A 21 -19.10 -1.89 9.96
CA PHE A 21 -17.74 -2.35 9.68
C PHE A 21 -17.75 -3.66 8.87
N PHE A 22 -18.43 -4.72 9.32
CA PHE A 22 -18.47 -6.02 8.64
C PHE A 22 -19.00 -5.96 7.20
N GLU A 23 -20.12 -5.27 6.97
CA GLU A 23 -20.70 -5.12 5.64
C GLU A 23 -19.78 -4.31 4.70
N LEU A 24 -19.17 -3.24 5.23
CA LEU A 24 -18.13 -2.47 4.51
C LEU A 24 -16.92 -3.36 4.15
N LEU A 25 -16.46 -4.18 5.10
CA LEU A 25 -15.34 -5.13 4.98
C LEU A 25 -15.58 -6.21 3.93
N LYS A 26 -16.78 -6.76 3.80
CA LYS A 26 -17.11 -7.73 2.74
C LYS A 26 -16.80 -7.23 1.32
N LYS A 27 -16.88 -5.92 1.06
CA LYS A 27 -16.50 -5.30 -0.23
C LYS A 27 -14.99 -5.36 -0.49
N ASP A 28 -14.20 -5.04 0.54
CA ASP A 28 -12.73 -4.96 0.53
C ASP A 28 -12.08 -6.20 1.18
N GLU A 29 -12.75 -7.36 1.16
CA GLU A 29 -12.26 -8.62 1.76
C GLU A 29 -10.89 -9.08 1.22
N THR A 30 -10.54 -8.65 0.00
CA THR A 30 -9.26 -8.91 -0.67
C THR A 30 -8.09 -8.11 -0.08
N LYS A 31 -8.36 -6.91 0.47
CA LYS A 31 -7.36 -6.07 1.14
C LYS A 31 -6.87 -6.74 2.43
N THR A 32 -5.58 -6.60 2.73
CA THR A 32 -4.99 -7.04 4.02
C THR A 32 -5.52 -6.15 5.14
N ASP A 33 -5.48 -6.63 6.39
CA ASP A 33 -5.83 -5.83 7.59
C ASP A 33 -5.37 -4.36 7.51
N PRO A 34 -4.07 -4.02 7.37
CA PRO A 34 -3.58 -2.64 7.24
C PRO A 34 -4.17 -1.84 6.06
N GLU A 35 -4.27 -2.46 4.88
CA GLU A 35 -4.86 -1.88 3.69
C GLU A 35 -6.33 -1.48 3.91
N ILE A 36 -7.08 -2.30 4.65
CA ILE A 36 -8.45 -1.99 5.09
C ILE A 36 -8.45 -0.81 6.07
N GLU A 37 -7.57 -0.81 7.09
CA GLU A 37 -7.50 0.24 8.12
C GLU A 37 -7.40 1.65 7.55
N LYS A 38 -6.63 1.80 6.47
CA LYS A 38 -6.59 3.05 5.70
C LYS A 38 -8.00 3.56 5.27
N ASP A 39 -8.74 2.72 4.55
CA ASP A 39 -10.09 3.02 4.05
C ASP A 39 -11.10 3.25 5.19
N LEU A 40 -10.92 2.53 6.30
CA LEU A 40 -11.64 2.73 7.55
C LEU A 40 -11.39 4.14 8.12
N ASP A 41 -10.12 4.55 8.24
CA ASP A 41 -9.74 5.89 8.70
C ASP A 41 -10.40 7.01 7.89
N ALA A 42 -10.59 6.81 6.58
CA ALA A 42 -11.28 7.79 5.75
C ALA A 42 -12.69 8.16 6.26
N TRP A 43 -13.59 7.18 6.47
CA TRP A 43 -14.92 7.43 7.05
C TRP A 43 -14.89 7.72 8.57
N VAL A 44 -13.97 7.11 9.34
CA VAL A 44 -13.75 7.36 10.76
C VAL A 44 -13.42 8.83 11.04
N ASP A 45 -12.77 9.54 10.11
CA ASP A 45 -12.51 10.98 10.26
C ASP A 45 -13.80 11.81 10.45
N THR A 46 -14.96 11.25 10.09
CA THR A 46 -16.28 11.87 10.28
C THR A 46 -17.01 11.39 11.54
N LEU A 47 -16.52 10.33 12.21
CA LEU A 47 -17.05 9.90 13.53
C LEU A 47 -16.77 10.92 14.64
N GLY A 48 -15.52 11.08 15.06
CA GLY A 48 -15.10 12.00 16.14
C GLY A 48 -15.39 11.45 17.54
N GLY A 49 -14.37 10.88 18.19
CA GLY A 49 -14.45 10.31 19.54
C GLY A 49 -13.10 9.80 20.06
N ASP A 50 -13.10 9.10 21.20
CA ASP A 50 -11.92 8.53 21.86
C ASP A 50 -11.15 7.53 20.97
N TYR A 51 -11.80 7.02 19.93
CA TYR A 51 -11.24 6.22 18.85
C TYR A 51 -10.01 6.86 18.18
N LYS A 52 -9.85 8.18 18.24
CA LYS A 52 -8.65 8.93 17.80
C LYS A 52 -7.33 8.30 18.25
N ALA A 53 -7.28 7.82 19.50
CA ALA A 53 -6.12 7.13 20.07
C ALA A 53 -5.85 5.77 19.41
N LYS A 54 -6.90 4.97 19.16
CA LYS A 54 -6.79 3.76 18.34
C LYS A 54 -6.21 4.11 16.96
N PHE A 55 -6.68 5.17 16.30
CA PHE A 55 -6.16 5.55 14.98
C PHE A 55 -4.66 5.88 15.00
N GLU A 56 -4.20 6.63 16.01
CA GLU A 56 -2.76 6.95 16.16
C GLU A 56 -1.91 5.67 16.32
N THR A 57 -2.36 4.73 17.16
CA THR A 57 -1.63 3.48 17.42
C THR A 57 -1.67 2.51 16.24
N PHE A 58 -2.82 2.41 15.55
CA PHE A 58 -2.99 1.58 14.35
C PHE A 58 -2.15 2.06 13.18
N LYS A 59 -2.18 3.37 12.87
CA LYS A 59 -1.36 3.93 11.78
C LYS A 59 0.13 3.61 11.98
N LYS A 60 0.63 3.74 13.21
CA LYS A 60 1.98 3.35 13.65
C LYS A 60 2.27 1.87 13.43
N GLU A 61 1.43 0.96 13.94
CA GLU A 61 1.55 -0.50 13.71
C GLU A 61 1.62 -0.84 12.21
N MET A 62 0.73 -0.26 11.40
CA MET A 62 0.70 -0.46 9.96
C MET A 62 1.99 -0.03 9.28
N LYS A 63 2.41 1.22 9.53
CA LYS A 63 3.68 1.77 9.04
C LYS A 63 4.88 0.96 9.49
N ALA A 64 4.85 0.36 10.69
CA ALA A 64 5.92 -0.47 11.22
C ALA A 64 6.03 -1.81 10.47
N LYS A 65 4.91 -2.53 10.34
CA LYS A 65 4.82 -3.79 9.59
C LYS A 65 5.25 -3.57 8.14
N GLU A 66 4.66 -2.59 7.47
CA GLU A 66 4.98 -2.25 6.07
C GLU A 66 6.45 -1.84 5.89
N ALA A 67 7.00 -0.92 6.70
CA ALA A 67 8.40 -0.52 6.61
C ALA A 67 9.37 -1.70 6.78
N GLU A 68 9.19 -2.53 7.81
CA GLU A 68 10.02 -3.72 8.05
C GLU A 68 9.91 -4.75 6.90
N LEU A 69 8.68 -5.14 6.56
CA LEU A 69 8.36 -6.08 5.49
C LEU A 69 8.98 -5.61 4.17
N ALA A 70 8.73 -4.35 3.80
CA ALA A 70 9.27 -3.73 2.61
C ALA A 70 10.80 -3.75 2.63
N LYS A 71 11.48 -3.33 3.71
CA LYS A 71 12.96 -3.39 3.78
C LYS A 71 13.50 -4.80 3.50
N ALA A 72 12.97 -5.83 4.17
CA ALA A 72 13.34 -7.23 3.95
C ALA A 72 13.08 -7.69 2.49
N HIS A 73 11.85 -7.45 2.00
CA HIS A 73 11.41 -7.79 0.64
C HIS A 73 12.29 -7.10 -0.40
N GLU A 74 12.53 -5.80 -0.28
CA GLU A 74 13.45 -4.99 -1.12
C GLU A 74 14.87 -5.56 -1.15
N GLU A 75 15.42 -5.98 -0.01
CA GLU A 75 16.74 -6.63 0.07
C GLU A 75 16.79 -7.91 -0.77
N ALA A 76 15.81 -8.82 -0.59
CA ALA A 76 15.71 -10.04 -1.40
C ALA A 76 15.45 -9.72 -2.89
N VAL A 77 14.65 -8.70 -3.18
CA VAL A 77 14.28 -8.24 -4.52
C VAL A 77 15.47 -7.62 -5.29
N ALA A 78 16.45 -7.03 -4.59
CA ALA A 78 17.69 -6.50 -5.18
C ALA A 78 18.47 -7.50 -6.06
N LYS A 79 18.25 -8.81 -5.86
CA LYS A 79 18.80 -9.90 -6.67
C LYS A 79 17.73 -10.74 -7.42
N MET A 80 16.44 -10.39 -7.30
CA MET A 80 15.30 -11.10 -7.89
C MET A 80 15.03 -10.62 -9.33
N THR A 81 14.28 -9.51 -9.48
CA THR A 81 13.81 -8.92 -10.75
C THR A 81 14.12 -7.41 -10.85
N PRO A 82 14.32 -6.85 -12.06
CA PRO A 82 14.69 -5.44 -12.27
C PRO A 82 13.54 -4.46 -11.95
N GLU A 83 12.35 -4.70 -12.50
CA GLU A 83 11.13 -3.89 -12.27
C GLU A 83 10.67 -3.96 -10.80
N ALA A 84 10.79 -5.15 -10.19
CA ALA A 84 10.44 -5.37 -8.80
C ALA A 84 11.32 -4.54 -7.87
N LYS A 85 12.61 -4.35 -8.20
CA LYS A 85 13.53 -3.47 -7.47
C LYS A 85 12.96 -2.06 -7.33
N LYS A 86 12.45 -1.49 -8.42
CA LYS A 86 11.83 -0.18 -8.45
C LYS A 86 10.56 -0.15 -7.61
N ALA A 87 9.62 -1.08 -7.86
CA ALA A 87 8.38 -1.20 -7.08
C ALA A 87 8.65 -1.31 -5.57
N ASP A 88 9.46 -2.27 -5.15
CA ASP A 88 9.74 -2.54 -3.74
C ASP A 88 10.55 -1.42 -3.08
N ALA A 89 11.51 -0.81 -3.79
CA ALA A 89 12.23 0.37 -3.31
C ALA A 89 11.27 1.53 -3.04
N GLU A 90 10.40 1.85 -4.01
CA GLU A 90 9.36 2.87 -3.88
C GLU A 90 8.38 2.56 -2.73
N LEU A 91 7.96 1.31 -2.53
CA LEU A 91 7.15 0.90 -1.37
C LEU A 91 7.93 1.00 -0.04
N SER A 92 9.22 0.66 0.00
CA SER A 92 10.05 0.72 1.22
C SER A 92 10.37 2.15 1.65
N LYS A 93 10.73 3.03 0.70
CA LYS A 93 10.93 4.46 0.97
C LYS A 93 9.63 5.11 1.40
N ILE A 94 8.53 4.90 0.65
CA ILE A 94 7.25 5.53 0.99
C ILE A 94 6.66 5.03 2.32
N ALA A 95 6.97 3.80 2.72
CA ALA A 95 6.52 3.25 3.99
C ALA A 95 7.02 4.02 5.23
N GLU A 96 8.18 4.69 5.13
CA GLU A 96 8.72 5.58 6.18
C GLU A 96 8.56 7.08 5.84
N ASP A 97 8.51 7.45 4.56
CA ASP A 97 8.39 8.84 4.08
C ASP A 97 6.92 9.31 3.91
N ASP A 98 6.27 9.75 5.00
CA ASP A 98 4.88 10.27 4.93
C ASP A 98 4.76 11.67 4.28
N SER A 99 5.83 12.49 4.31
CA SER A 99 5.85 13.85 3.76
C SER A 99 5.93 13.90 2.21
N LEU A 100 6.33 12.80 1.58
CA LEU A 100 6.47 12.63 0.12
C LEU A 100 5.10 12.36 -0.55
N ASN A 101 5.05 12.52 -1.87
CA ASN A 101 3.89 12.18 -2.70
C ASN A 101 3.67 10.66 -2.85
N GLY A 102 2.52 10.28 -3.43
CA GLY A 102 2.12 8.88 -3.69
C GLY A 102 2.82 8.24 -4.90
N ILE A 103 4.15 8.27 -4.96
CA ILE A 103 4.96 7.75 -6.08
C ILE A 103 4.63 6.27 -6.41
N GLN A 104 4.19 5.50 -5.41
CA GLN A 104 3.65 4.15 -5.56
C GLN A 104 2.65 3.99 -6.73
N LYS A 105 1.83 5.02 -7.02
CA LYS A 105 0.96 5.04 -8.20
C LYS A 105 1.76 4.98 -9.50
N ALA A 106 2.66 5.93 -9.74
CA ALA A 106 3.42 5.98 -10.99
C ALA A 106 4.36 4.77 -11.15
N GLN A 107 4.87 4.24 -10.03
CA GLN A 107 5.63 3.00 -10.02
C GLN A 107 4.79 1.82 -10.56
N LYS A 108 3.59 1.61 -10.00
CA LYS A 108 2.65 0.59 -10.50
C LYS A 108 2.37 0.77 -11.98
N ILE A 109 2.07 2.00 -12.45
CA ILE A 109 1.90 2.33 -13.87
C ILE A 109 3.09 1.87 -14.72
N GLN A 110 4.33 2.18 -14.34
CA GLN A 110 5.52 1.74 -15.09
C GLN A 110 5.69 0.21 -15.07
N ALA A 111 5.56 -0.43 -13.91
CA ALA A 111 5.67 -1.88 -13.74
C ALA A 111 4.67 -2.64 -14.64
N ILE A 112 3.39 -2.24 -14.63
CA ILE A 112 2.38 -2.80 -15.55
C ILE A 112 2.63 -2.38 -17.00
N TYR A 113 3.02 -1.13 -17.29
CA TYR A 113 3.27 -0.63 -18.65
C TYR A 113 4.35 -1.43 -19.41
N LYS A 114 5.43 -1.86 -18.73
CA LYS A 114 6.45 -2.75 -19.31
C LYS A 114 5.90 -4.12 -19.73
N THR A 115 4.73 -4.51 -19.21
CA THR A 115 4.00 -5.73 -19.54
C THR A 115 2.59 -5.46 -20.13
N LEU A 116 2.39 -4.29 -20.73
CA LEU A 116 1.15 -3.84 -21.39
C LEU A 116 1.38 -3.65 -22.91
N PRO A 117 1.56 -4.75 -23.68
CA PRO A 117 1.69 -4.69 -25.15
C PRO A 117 0.36 -4.29 -25.83
N GLN A 118 0.42 -3.94 -27.11
CA GLN A 118 -0.79 -3.64 -27.90
C GLN A 118 -1.76 -4.82 -28.00
N SER A 119 -1.31 -6.07 -27.86
CA SER A 119 -2.19 -7.25 -27.87
C SER A 119 -3.19 -7.23 -26.72
N VAL A 120 -2.71 -7.05 -25.47
CA VAL A 120 -3.62 -6.94 -24.31
C VAL A 120 -4.39 -5.63 -24.33
N LYS A 121 -3.76 -4.51 -24.74
CA LYS A 121 -4.47 -3.23 -24.84
C LYS A 121 -5.63 -3.28 -25.84
N ASP A 122 -5.41 -3.85 -27.04
CA ASP A 122 -6.45 -4.01 -28.07
C ASP A 122 -7.53 -5.04 -27.70
N GLU A 123 -7.17 -6.17 -27.07
CA GLU A 123 -8.16 -7.16 -26.62
C GLU A 123 -9.03 -6.63 -25.47
N LEU A 124 -8.47 -5.83 -24.55
CA LEU A 124 -9.19 -5.23 -23.41
C LEU A 124 -9.89 -3.91 -23.77
N GLU A 125 -9.50 -3.23 -24.85
CA GLU A 125 -10.09 -1.97 -25.35
C GLU A 125 -11.62 -2.05 -25.58
N LYS A 126 -12.14 -3.25 -25.85
CA LYS A 126 -13.57 -3.57 -25.96
C LYS A 126 -14.33 -3.38 -24.64
N GLY A 127 -13.64 -3.39 -23.50
CA GLY A 127 -14.20 -3.28 -22.16
C GLY A 127 -15.17 -4.42 -21.82
N ILE A 128 -16.32 -4.06 -21.24
CA ILE A 128 -17.33 -4.96 -20.67
C ILE A 128 -18.74 -4.62 -21.23
N GLY A 129 -18.89 -4.75 -22.55
CA GLY A 129 -20.07 -4.37 -23.33
C GLY A 129 -20.52 -2.92 -23.06
N PRO A 130 -19.81 -1.90 -23.58
CA PRO A 130 -20.01 -0.49 -23.26
C PRO A 130 -21.31 0.06 -23.88
N ALA A 131 -22.39 0.06 -23.08
CA ALA A 131 -23.78 0.30 -23.46
C ALA A 131 -24.29 -0.69 -24.55
N VAL A 132 -25.16 -1.63 -24.15
CA VAL A 132 -25.84 -2.60 -25.03
C VAL A 132 -27.34 -2.25 -25.21
N PRO A 133 -27.69 -1.26 -26.07
CA PRO A 133 -29.09 -0.88 -26.32
C PRO A 133 -29.89 -1.90 -27.15
N GLN A 134 -29.20 -2.87 -27.76
CA GLN A 134 -29.61 -4.00 -28.63
C GLN A 134 -30.45 -3.68 -29.89
N ASP A 1 0.88 -10.41 16.21
CA ASP A 1 0.04 -11.57 15.84
C ASP A 1 0.12 -11.89 14.32
N ASP A 2 -0.09 -13.16 13.93
CA ASP A 2 -0.06 -13.62 12.53
C ASP A 2 -1.24 -13.05 11.71
N THR A 3 -2.47 -13.42 12.10
CA THR A 3 -3.71 -12.90 11.50
C THR A 3 -3.98 -11.44 11.93
N PRO A 4 -4.80 -10.70 11.16
CA PRO A 4 -5.16 -9.33 11.51
C PRO A 4 -6.09 -9.27 12.73
N PRO A 5 -6.28 -8.09 13.37
CA PRO A 5 -7.13 -7.94 14.54
C PRO A 5 -8.60 -8.25 14.21
N PRO A 6 -9.22 -9.30 14.82
CA PRO A 6 -10.67 -9.46 14.76
C PRO A 6 -11.49 -8.41 15.54
N PRO A 7 -11.01 -7.68 16.58
CA PRO A 7 -11.85 -6.68 17.24
C PRO A 7 -12.11 -5.45 16.35
N PRO A 8 -13.16 -4.67 16.66
CA PRO A 8 -13.45 -3.41 15.98
C PRO A 8 -12.35 -2.36 16.23
N PHE A 9 -11.83 -1.72 15.17
CA PHE A 9 -10.86 -0.62 15.29
C PHE A 9 -11.34 0.49 16.26
N LEU A 10 -12.59 0.97 16.07
CA LEU A 10 -13.18 2.05 16.87
C LEU A 10 -13.55 1.61 18.31
N ALA A 11 -13.35 0.34 18.68
CA ALA A 11 -13.71 -0.31 19.96
C ALA A 11 -14.06 0.66 21.12
N GLY A 12 -15.35 0.86 21.34
CA GLY A 12 -15.89 1.79 22.35
C GLY A 12 -17.37 2.17 22.16
N ALA A 13 -17.91 2.05 20.94
CA ALA A 13 -19.32 2.29 20.64
C ALA A 13 -20.25 1.14 21.08
N PRO A 14 -21.58 1.37 21.21
CA PRO A 14 -22.55 0.36 21.63
C PRO A 14 -22.87 -0.70 20.57
N GLN A 15 -23.62 -1.74 20.94
CA GLN A 15 -24.02 -2.86 20.07
C GLN A 15 -24.68 -2.41 18.76
N ASP A 16 -25.48 -1.32 18.81
CA ASP A 16 -26.10 -0.67 17.66
C ASP A 16 -25.09 -0.28 16.56
N VAL A 17 -23.92 0.21 16.97
CA VAL A 17 -22.79 0.56 16.11
C VAL A 17 -21.93 -0.66 15.75
N VAL A 18 -21.69 -1.56 16.71
CA VAL A 18 -20.93 -2.81 16.49
C VAL A 18 -21.54 -3.64 15.36
N LYS A 19 -22.88 -3.71 15.27
CA LYS A 19 -23.58 -4.35 14.15
C LYS A 19 -23.26 -3.68 12.80
N ALA A 20 -23.38 -2.35 12.71
CA ALA A 20 -23.06 -1.60 11.51
C ALA A 20 -21.62 -1.88 11.00
N PHE A 21 -20.64 -1.84 11.92
CA PHE A 21 -19.27 -2.32 11.69
C PHE A 21 -19.24 -3.77 11.16
N PHE A 22 -19.88 -4.71 11.85
CA PHE A 22 -19.89 -6.12 11.43
C PHE A 22 -20.46 -6.32 10.03
N GLU A 23 -21.61 -5.73 9.71
CA GLU A 23 -22.26 -5.84 8.39
C GLU A 23 -21.42 -5.19 7.27
N LEU A 24 -20.75 -4.07 7.57
CA LEU A 24 -19.77 -3.45 6.67
C LEU A 24 -18.58 -4.40 6.39
N LEU A 25 -17.95 -4.94 7.43
CA LEU A 25 -16.77 -5.82 7.34
C LEU A 25 -17.09 -7.21 6.80
N LYS A 26 -18.32 -7.71 6.97
CA LYS A 26 -18.84 -8.97 6.41
C LYS A 26 -18.63 -9.05 4.89
N LYS A 27 -19.00 -8.00 4.16
CA LYS A 27 -18.83 -7.95 2.70
C LYS A 27 -17.35 -7.92 2.27
N ASP A 28 -16.48 -7.45 3.16
CA ASP A 28 -15.03 -7.35 3.02
C ASP A 28 -14.27 -8.35 3.92
N GLU A 29 -14.83 -9.54 4.21
CA GLU A 29 -14.25 -10.51 5.18
C GLU A 29 -12.78 -10.90 4.86
N THR A 30 -12.38 -10.77 3.60
CA THR A 30 -11.04 -10.92 3.03
C THR A 30 -10.08 -9.73 3.29
N LYS A 31 -10.47 -8.76 4.13
CA LYS A 31 -9.62 -7.66 4.65
C LYS A 31 -8.35 -8.15 5.38
N THR A 32 -7.50 -7.19 5.72
CA THR A 32 -6.21 -7.33 6.39
C THR A 32 -6.06 -6.22 7.44
N ASP A 33 -5.05 -6.30 8.30
CA ASP A 33 -4.65 -5.30 9.31
C ASP A 33 -4.76 -3.83 8.79
N PRO A 34 -4.08 -3.45 7.68
CA PRO A 34 -4.21 -2.11 7.09
C PRO A 34 -5.58 -1.85 6.46
N GLU A 35 -6.22 -2.84 5.83
CA GLU A 35 -7.54 -2.65 5.24
C GLU A 35 -8.59 -2.36 6.31
N ILE A 36 -8.55 -3.05 7.46
CA ILE A 36 -9.42 -2.78 8.60
C ILE A 36 -9.15 -1.36 9.10
N GLU A 37 -7.91 -1.01 9.41
CA GLU A 37 -7.67 0.31 10.00
C GLU A 37 -8.05 1.44 9.04
N LYS A 38 -7.78 1.27 7.74
CA LYS A 38 -8.12 2.23 6.68
C LYS A 38 -9.63 2.38 6.50
N ASP A 39 -10.35 1.30 6.17
CA ASP A 39 -11.80 1.34 5.97
C ASP A 39 -12.55 1.83 7.21
N LEU A 40 -12.11 1.42 8.40
CA LEU A 40 -12.70 1.89 9.65
C LEU A 40 -12.45 3.37 9.84
N ASP A 41 -11.20 3.82 9.72
CA ASP A 41 -10.87 5.24 9.85
C ASP A 41 -11.61 6.12 8.84
N ALA A 42 -11.86 5.60 7.64
CA ALA A 42 -12.57 6.34 6.60
C ALA A 42 -13.95 6.83 7.06
N TRP A 43 -14.79 5.94 7.60
CA TRP A 43 -16.03 6.33 8.27
C TRP A 43 -15.83 6.96 9.68
N VAL A 44 -14.84 6.53 10.48
CA VAL A 44 -14.51 7.13 11.80
C VAL A 44 -14.19 8.62 11.70
N ASP A 45 -13.68 9.09 10.55
CA ASP A 45 -13.42 10.51 10.29
C ASP A 45 -14.66 11.39 10.49
N THR A 46 -15.87 10.84 10.34
CA THR A 46 -17.13 11.55 10.63
C THR A 46 -17.59 11.42 12.08
N LEU A 47 -17.13 10.39 12.80
CA LEU A 47 -17.53 10.19 14.20
C LEU A 47 -17.02 11.33 15.11
N GLY A 48 -15.70 11.50 15.21
CA GLY A 48 -15.05 12.55 16.02
C GLY A 48 -15.07 12.22 17.52
N GLY A 49 -13.99 11.59 18.00
CA GLY A 49 -13.84 11.15 19.39
C GLY A 49 -12.43 10.63 19.68
N ASP A 50 -12.25 9.93 20.80
CA ASP A 50 -10.99 9.31 21.22
C ASP A 50 -10.43 8.28 20.22
N TYR A 51 -11.24 7.86 19.24
CA TYR A 51 -10.87 6.99 18.12
C TYR A 51 -9.65 7.49 17.31
N LYS A 52 -9.37 8.80 17.36
CA LYS A 52 -8.14 9.42 16.82
C LYS A 52 -6.83 8.79 17.34
N ALA A 53 -6.80 8.37 18.60
CA ALA A 53 -5.65 7.69 19.21
C ALA A 53 -5.42 6.30 18.59
N LYS A 54 -6.51 5.54 18.39
CA LYS A 54 -6.47 4.30 17.63
C LYS A 54 -5.99 4.53 16.18
N PHE A 55 -6.43 5.60 15.51
CA PHE A 55 -5.93 5.92 14.17
C PHE A 55 -4.41 6.13 14.16
N GLU A 56 -3.89 6.97 15.05
CA GLU A 56 -2.45 7.25 15.11
C GLU A 56 -1.63 5.98 15.35
N THR A 57 -2.04 5.13 16.31
CA THR A 57 -1.32 3.89 16.65
C THR A 57 -1.37 2.86 15.50
N PHE A 58 -2.53 2.67 14.86
CA PHE A 58 -2.69 1.76 13.73
C PHE A 58 -1.90 2.22 12.51
N LYS A 59 -2.10 3.46 12.06
CA LYS A 59 -1.36 4.06 10.93
C LYS A 59 0.15 3.87 11.07
N LYS A 60 0.70 4.14 12.26
CA LYS A 60 2.11 3.86 12.62
C LYS A 60 2.49 2.39 12.48
N GLU A 61 1.77 1.46 13.13
CA GLU A 61 2.01 0.02 13.00
C GLU A 61 1.98 -0.47 11.55
N MET A 62 1.00 -0.02 10.75
CA MET A 62 0.88 -0.35 9.32
C MET A 62 2.06 0.15 8.50
N LYS A 63 2.38 1.45 8.59
CA LYS A 63 3.56 2.02 7.95
C LYS A 63 4.84 1.30 8.36
N ALA A 64 4.95 0.87 9.62
CA ALA A 64 6.13 0.19 10.15
C ALA A 64 6.28 -1.22 9.55
N LYS A 65 5.20 -2.01 9.56
CA LYS A 65 5.15 -3.36 8.98
C LYS A 65 5.47 -3.32 7.49
N GLU A 66 4.78 -2.45 6.74
CA GLU A 66 4.98 -2.26 5.30
C GLU A 66 6.41 -1.79 4.97
N ALA A 67 6.92 -0.75 5.64
CA ALA A 67 8.29 -0.27 5.47
C ALA A 67 9.35 -1.36 5.68
N GLU A 68 9.28 -2.10 6.79
CA GLU A 68 10.22 -3.18 7.12
C GLU A 68 10.15 -4.34 6.11
N LEU A 69 8.94 -4.81 5.77
CA LEU A 69 8.72 -5.81 4.73
C LEU A 69 9.28 -5.37 3.38
N ALA A 70 9.01 -4.13 2.98
CA ALA A 70 9.53 -3.53 1.75
C ALA A 70 11.07 -3.48 1.77
N LYS A 71 11.71 -2.99 2.85
CA LYS A 71 13.17 -2.96 3.00
C LYS A 71 13.80 -4.34 2.80
N ALA A 72 13.30 -5.36 3.51
CA ALA A 72 13.81 -6.73 3.41
C ALA A 72 13.62 -7.34 2.01
N HIS A 73 12.41 -7.23 1.45
CA HIS A 73 12.10 -7.62 0.06
C HIS A 73 13.02 -6.92 -0.93
N GLU A 74 13.10 -5.59 -0.90
CA GLU A 74 13.93 -4.77 -1.78
C GLU A 74 15.41 -5.17 -1.75
N GLU A 75 15.95 -5.50 -0.58
CA GLU A 75 17.32 -6.03 -0.41
C GLU A 75 17.50 -7.37 -1.14
N ALA A 76 16.60 -8.34 -0.91
CA ALA A 76 16.62 -9.63 -1.62
C ALA A 76 16.29 -9.52 -3.13
N VAL A 77 15.48 -8.54 -3.53
CA VAL A 77 15.13 -8.21 -4.92
C VAL A 77 16.29 -7.54 -5.68
N ALA A 78 17.19 -6.84 -4.98
CA ALA A 78 18.40 -6.25 -5.57
C ALA A 78 19.28 -7.25 -6.35
N LYS A 79 19.36 -8.49 -5.87
CA LYS A 79 20.08 -9.61 -6.49
C LYS A 79 19.23 -10.45 -7.46
N MET A 80 17.97 -10.08 -7.68
CA MET A 80 16.99 -10.82 -8.48
C MET A 80 16.90 -10.27 -9.91
N THR A 81 16.22 -9.13 -10.10
CA THR A 81 15.94 -8.47 -11.40
C THR A 81 16.32 -6.96 -11.39
N PRO A 82 16.73 -6.37 -12.53
CA PRO A 82 17.15 -4.96 -12.61
C PRO A 82 15.99 -3.96 -12.46
N GLU A 83 14.88 -4.20 -13.17
CA GLU A 83 13.65 -3.38 -13.07
C GLU A 83 12.95 -3.54 -11.72
N ALA A 84 13.04 -4.73 -11.12
CA ALA A 84 12.45 -5.02 -9.82
C ALA A 84 13.12 -4.22 -8.71
N LYS A 85 14.44 -3.96 -8.82
CA LYS A 85 15.14 -3.03 -7.92
C LYS A 85 14.47 -1.66 -7.93
N LYS A 86 14.24 -1.08 -9.12
CA LYS A 86 13.59 0.24 -9.30
C LYS A 86 12.20 0.25 -8.65
N ALA A 87 11.35 -0.70 -9.02
CA ALA A 87 9.99 -0.81 -8.51
C ALA A 87 9.94 -0.99 -6.98
N ASP A 88 10.66 -1.97 -6.43
CA ASP A 88 10.71 -2.24 -4.99
C ASP A 88 11.38 -1.10 -4.21
N ALA A 89 12.40 -0.43 -4.76
CA ALA A 89 13.04 0.73 -4.12
C ALA A 89 12.05 1.88 -3.98
N GLU A 90 11.33 2.22 -5.05
CA GLU A 90 10.23 3.18 -5.04
C GLU A 90 9.15 2.81 -4.01
N LEU A 91 8.73 1.53 -3.95
CA LEU A 91 7.79 1.05 -2.92
C LEU A 91 8.37 1.16 -1.49
N SER A 92 9.65 0.88 -1.29
CA SER A 92 10.29 0.90 0.04
C SER A 92 10.48 2.32 0.56
N LYS A 93 10.89 3.27 -0.29
CA LYS A 93 11.04 4.68 0.08
C LYS A 93 9.67 5.32 0.34
N ILE A 94 8.66 5.03 -0.49
CA ILE A 94 7.31 5.58 -0.26
C ILE A 94 6.63 4.96 0.96
N ALA A 95 6.92 3.69 1.29
CA ALA A 95 6.34 3.02 2.44
C ALA A 95 6.72 3.68 3.79
N GLU A 96 7.91 4.27 3.89
CA GLU A 96 8.33 5.06 5.05
C GLU A 96 7.81 6.52 5.04
N ASP A 97 7.27 7.03 3.94
CA ASP A 97 6.90 8.45 3.77
C ASP A 97 5.84 8.69 2.67
N ASP A 98 4.55 8.77 3.04
CA ASP A 98 3.45 9.04 2.10
C ASP A 98 3.34 10.52 1.66
N SER A 99 4.10 11.42 2.28
CA SER A 99 4.15 12.86 1.99
C SER A 99 5.05 13.24 0.79
N LEU A 100 5.69 12.26 0.13
CA LEU A 100 6.49 12.44 -1.08
C LEU A 100 5.64 12.78 -2.33
N ASN A 101 6.32 13.10 -3.42
CA ASN A 101 5.74 13.34 -4.75
C ASN A 101 5.18 12.05 -5.38
N GLY A 102 4.59 12.15 -6.56
CA GLY A 102 4.02 11.03 -7.34
C GLY A 102 5.08 10.17 -8.05
N ILE A 103 6.06 9.63 -7.31
CA ILE A 103 7.16 8.82 -7.83
C ILE A 103 6.68 7.60 -8.65
N GLN A 104 5.48 7.09 -8.35
CA GLN A 104 4.79 6.04 -9.11
C GLN A 104 4.76 6.29 -10.63
N LYS A 105 4.67 7.56 -11.07
CA LYS A 105 4.77 7.93 -12.49
C LYS A 105 6.13 7.52 -13.08
N ALA A 106 7.23 8.03 -12.53
CA ALA A 106 8.59 7.74 -13.00
C ALA A 106 8.96 6.26 -12.83
N GLN A 107 8.49 5.61 -11.75
CA GLN A 107 8.57 4.16 -11.55
C GLN A 107 7.97 3.41 -12.75
N LYS A 108 6.74 3.75 -13.14
CA LYS A 108 6.06 3.19 -14.31
C LYS A 108 6.89 3.41 -15.58
N ILE A 109 7.36 4.63 -15.87
CA ILE A 109 8.22 4.93 -17.03
C ILE A 109 9.47 4.03 -17.05
N GLN A 110 10.19 3.91 -15.93
CA GLN A 110 11.35 3.02 -15.82
C GLN A 110 10.98 1.54 -16.02
N ALA A 111 9.89 1.07 -15.41
CA ALA A 111 9.43 -0.33 -15.52
C ALA A 111 9.07 -0.69 -16.98
N ILE A 112 8.26 0.14 -17.66
CA ILE A 112 7.89 -0.05 -19.08
C ILE A 112 9.11 0.12 -20.01
N TYR A 113 10.03 1.03 -19.70
CA TYR A 113 11.28 1.23 -20.45
C TYR A 113 12.28 0.08 -20.26
N LYS A 114 12.33 -0.59 -19.10
CA LYS A 114 13.18 -1.76 -18.87
C LYS A 114 12.73 -2.98 -19.69
N THR A 115 11.44 -3.02 -20.06
CA THR A 115 10.84 -4.04 -20.96
C THR A 115 10.71 -3.54 -22.42
N LEU A 116 11.75 -2.88 -22.95
CA LEU A 116 11.86 -2.48 -24.37
C LEU A 116 11.56 -3.66 -25.32
N PRO A 117 10.93 -3.42 -26.49
CA PRO A 117 10.56 -4.49 -27.42
C PRO A 117 11.77 -5.22 -28.01
N GLN A 118 11.54 -6.44 -28.53
CA GLN A 118 12.59 -7.22 -29.18
C GLN A 118 13.15 -6.52 -30.42
N SER A 119 12.39 -5.66 -31.10
CA SER A 119 12.86 -4.90 -32.28
C SER A 119 14.04 -3.98 -31.93
N VAL A 120 13.89 -3.14 -30.89
CA VAL A 120 14.97 -2.23 -30.46
C VAL A 120 16.07 -2.98 -29.71
N LYS A 121 15.73 -3.97 -28.87
CA LYS A 121 16.76 -4.84 -28.26
C LYS A 121 17.62 -5.53 -29.32
N ASP A 122 17.03 -6.19 -30.33
CA ASP A 122 17.78 -6.86 -31.41
C ASP A 122 18.59 -5.87 -32.26
N GLU A 123 18.03 -4.73 -32.65
CA GLU A 123 18.76 -3.74 -33.48
C GLU A 123 19.95 -3.10 -32.73
N LEU A 124 19.82 -2.89 -31.41
CA LEU A 124 20.89 -2.32 -30.56
C LEU A 124 21.86 -3.39 -30.01
N GLU A 125 21.43 -4.65 -29.90
CA GLU A 125 22.22 -5.80 -29.39
C GLU A 125 23.54 -6.01 -30.15
N LYS A 126 23.59 -5.55 -31.40
CA LYS A 126 24.79 -5.50 -32.23
C LYS A 126 25.95 -4.80 -31.51
N GLY A 127 25.66 -3.72 -30.78
CA GLY A 127 26.61 -2.90 -30.04
C GLY A 127 27.88 -2.65 -30.84
N ILE A 128 29.04 -2.86 -30.20
CA ILE A 128 30.39 -2.61 -30.73
C ILE A 128 31.42 -3.56 -30.08
N GLY A 129 31.16 -4.88 -30.17
CA GLY A 129 31.96 -5.95 -29.57
C GLY A 129 32.27 -5.76 -28.08
N PRO A 130 31.29 -5.96 -27.18
CA PRO A 130 31.41 -5.60 -25.76
C PRO A 130 32.37 -6.49 -24.97
N ALA A 131 32.58 -7.74 -25.39
CA ALA A 131 33.46 -8.76 -24.80
C ALA A 131 33.43 -8.80 -23.25
N VAL A 132 32.23 -9.04 -22.70
CA VAL A 132 31.98 -9.14 -21.25
C VAL A 132 32.56 -10.44 -20.67
N PRO A 133 33.28 -10.39 -19.53
CA PRO A 133 33.77 -11.59 -18.82
C PRO A 133 32.65 -12.37 -18.11
N GLN A 134 33.01 -13.35 -17.28
CA GLN A 134 32.10 -14.25 -16.54
C GLN A 134 31.40 -13.55 -15.36
N ASP A 1 3.86 -10.79 12.07
CA ASP A 1 3.45 -11.73 11.02
C ASP A 1 2.33 -12.68 11.53
N ASP A 2 1.06 -12.27 11.37
CA ASP A 2 -0.12 -13.10 11.70
C ASP A 2 -1.39 -12.66 10.94
N THR A 3 -2.55 -13.26 11.22
CA THR A 3 -3.87 -12.83 10.72
C THR A 3 -4.19 -11.36 11.06
N PRO A 4 -5.11 -10.71 10.32
CA PRO A 4 -5.51 -9.32 10.59
C PRO A 4 -6.27 -9.17 11.92
N PRO A 5 -6.39 -7.95 12.48
CA PRO A 5 -7.09 -7.70 13.73
C PRO A 5 -8.58 -8.04 13.62
N PRO A 6 -9.11 -9.02 14.40
CA PRO A 6 -10.54 -9.22 14.53
C PRO A 6 -11.31 -8.15 15.35
N PRO A 7 -10.73 -7.33 16.26
CA PRO A 7 -11.54 -6.31 16.96
C PRO A 7 -11.99 -5.17 16.02
N PRO A 8 -12.95 -4.33 16.45
CA PRO A 8 -13.29 -3.10 15.75
C PRO A 8 -12.08 -2.18 15.64
N PHE A 9 -11.82 -1.67 14.43
CA PHE A 9 -10.84 -0.61 14.20
C PHE A 9 -11.07 0.56 15.18
N LEU A 10 -12.32 1.02 15.28
CA LEU A 10 -12.80 2.08 16.18
C LEU A 10 -13.07 1.62 17.63
N ALA A 11 -12.38 0.60 18.14
CA ALA A 11 -12.54 0.06 19.50
C ALA A 11 -12.72 1.14 20.59
N GLY A 12 -13.93 1.26 21.13
CA GLY A 12 -14.33 2.29 22.10
C GLY A 12 -15.76 2.84 21.94
N ALA A 13 -16.62 2.13 21.19
CA ALA A 13 -17.97 2.56 20.80
C ALA A 13 -19.06 1.73 21.52
N PRO A 14 -20.32 2.24 21.64
CA PRO A 14 -21.43 1.49 22.23
C PRO A 14 -21.95 0.37 21.31
N GLN A 15 -22.77 -0.54 21.83
CA GLN A 15 -23.31 -1.71 21.10
C GLN A 15 -24.01 -1.32 19.79
N ASP A 16 -24.75 -0.21 19.80
CA ASP A 16 -25.40 0.40 18.63
C ASP A 16 -24.42 0.64 17.46
N VAL A 17 -23.20 1.09 17.78
CA VAL A 17 -22.10 1.32 16.82
C VAL A 17 -21.36 0.01 16.49
N VAL A 18 -21.11 -0.85 17.48
CA VAL A 18 -20.47 -2.16 17.27
C VAL A 18 -21.23 -3.00 16.24
N LYS A 19 -22.57 -2.99 16.26
CA LYS A 19 -23.39 -3.65 15.23
C LYS A 19 -23.14 -3.06 13.83
N ALA A 20 -23.20 -1.75 13.69
CA ALA A 20 -22.94 -1.07 12.41
C ALA A 20 -21.56 -1.44 11.82
N PHE A 21 -20.52 -1.43 12.66
CA PHE A 21 -19.20 -1.99 12.35
C PHE A 21 -19.28 -3.44 11.87
N PHE A 22 -19.91 -4.36 12.62
CA PHE A 22 -20.02 -5.78 12.25
C PHE A 22 -20.73 -6.01 10.90
N GLU A 23 -21.88 -5.37 10.69
CA GLU A 23 -22.62 -5.43 9.42
C GLU A 23 -21.78 -4.88 8.25
N LEU A 24 -21.01 -3.82 8.47
CA LEU A 24 -20.04 -3.34 7.48
C LEU A 24 -18.91 -4.37 7.24
N LEU A 25 -18.33 -4.94 8.30
CA LEU A 25 -17.24 -5.92 8.26
C LEU A 25 -17.61 -7.22 7.54
N LYS A 26 -18.84 -7.72 7.62
CA LYS A 26 -19.26 -8.92 6.87
C LYS A 26 -19.03 -8.79 5.35
N LYS A 27 -19.12 -7.57 4.80
CA LYS A 27 -18.87 -7.23 3.38
C LYS A 27 -17.39 -7.34 3.01
N ASP A 28 -16.52 -6.96 3.94
CA ASP A 28 -15.06 -6.89 3.80
C ASP A 28 -14.34 -7.99 4.62
N GLU A 29 -15.02 -9.07 5.00
CA GLU A 29 -14.45 -10.13 5.87
C GLU A 29 -13.22 -10.82 5.25
N THR A 30 -13.13 -10.82 3.92
CA THR A 30 -12.04 -11.37 3.09
C THR A 30 -10.86 -10.42 2.88
N LYS A 31 -10.89 -9.19 3.43
CA LYS A 31 -9.82 -8.17 3.34
C LYS A 31 -8.71 -8.40 4.38
N THR A 32 -7.59 -7.69 4.21
CA THR A 32 -6.40 -7.69 5.07
C THR A 32 -6.48 -6.63 6.18
N ASP A 33 -5.53 -6.65 7.13
CA ASP A 33 -5.34 -5.65 8.18
C ASP A 33 -5.40 -4.20 7.66
N PRO A 34 -4.50 -3.79 6.73
CA PRO A 34 -4.55 -2.45 6.16
C PRO A 34 -5.80 -2.20 5.31
N GLU A 35 -6.27 -3.18 4.54
CA GLU A 35 -7.45 -3.02 3.69
C GLU A 35 -8.73 -2.73 4.50
N ILE A 36 -8.95 -3.43 5.63
CA ILE A 36 -10.05 -3.16 6.57
C ILE A 36 -9.85 -1.82 7.28
N GLU A 37 -8.68 -1.57 7.90
CA GLU A 37 -8.44 -0.35 8.69
C GLU A 37 -8.65 0.92 7.87
N LYS A 38 -8.26 0.92 6.58
CA LYS A 38 -8.44 2.04 5.64
C LYS A 38 -9.92 2.39 5.45
N ASP A 39 -10.74 1.43 5.05
CA ASP A 39 -12.17 1.65 4.80
C ASP A 39 -12.93 2.02 6.09
N LEU A 40 -12.53 1.42 7.22
CA LEU A 40 -12.99 1.78 8.56
C LEU A 40 -12.64 3.23 8.94
N ASP A 41 -11.39 3.65 8.79
CA ASP A 41 -10.99 5.04 9.06
C ASP A 41 -11.73 6.06 8.18
N ALA A 42 -11.98 5.71 6.91
CA ALA A 42 -12.66 6.60 5.98
C ALA A 42 -14.02 7.09 6.49
N TRP A 43 -14.88 6.17 6.97
CA TRP A 43 -16.13 6.54 7.66
C TRP A 43 -15.91 7.08 9.11
N VAL A 44 -14.93 6.58 9.88
CA VAL A 44 -14.55 7.07 11.23
C VAL A 44 -14.19 8.56 11.22
N ASP A 45 -13.62 9.08 10.13
CA ASP A 45 -13.31 10.51 9.99
C ASP A 45 -14.56 11.41 10.16
N THR A 46 -15.77 10.86 10.00
CA THR A 46 -17.05 11.54 10.23
C THR A 46 -17.63 11.31 11.63
N LEU A 47 -17.13 10.32 12.38
CA LEU A 47 -17.53 10.09 13.78
C LEU A 47 -17.06 11.21 14.72
N GLY A 48 -15.75 11.37 14.91
CA GLY A 48 -15.15 12.38 15.79
C GLY A 48 -15.25 12.00 17.27
N GLY A 49 -14.22 11.32 17.80
CA GLY A 49 -14.16 10.80 19.16
C GLY A 49 -12.80 10.16 19.47
N ASP A 50 -12.72 9.38 20.55
CA ASP A 50 -11.48 8.69 21.01
C ASP A 50 -10.89 7.73 19.95
N TYR A 51 -11.67 7.39 18.92
CA TYR A 51 -11.29 6.60 17.74
C TYR A 51 -10.04 7.12 17.01
N LYS A 52 -9.74 8.42 17.13
CA LYS A 52 -8.51 9.07 16.65
C LYS A 52 -7.22 8.38 17.13
N ALA A 53 -7.22 7.92 18.39
CA ALA A 53 -6.12 7.17 18.98
C ALA A 53 -5.94 5.83 18.27
N LYS A 54 -7.02 5.05 18.15
CA LYS A 54 -6.99 3.77 17.42
C LYS A 54 -6.45 3.95 16.00
N PHE A 55 -6.91 4.96 15.26
CA PHE A 55 -6.35 5.29 13.95
C PHE A 55 -4.83 5.52 13.98
N GLU A 56 -4.32 6.34 14.92
CA GLU A 56 -2.87 6.59 15.00
C GLU A 56 -2.08 5.28 15.18
N THR A 57 -2.49 4.41 16.11
CA THR A 57 -1.88 3.11 16.37
C THR A 57 -1.90 2.18 15.15
N PHE A 58 -3.07 2.04 14.50
CA PHE A 58 -3.25 1.21 13.31
C PHE A 58 -2.37 1.69 12.15
N LYS A 59 -2.45 2.97 11.79
CA LYS A 59 -1.64 3.59 10.74
C LYS A 59 -0.13 3.36 10.97
N LYS A 60 0.37 3.56 12.20
CA LYS A 60 1.75 3.23 12.59
C LYS A 60 2.09 1.76 12.34
N GLU A 61 1.28 0.83 12.84
CA GLU A 61 1.47 -0.62 12.60
C GLU A 61 1.52 -0.98 11.10
N MET A 62 0.63 -0.39 10.29
CA MET A 62 0.63 -0.57 8.84
C MET A 62 1.91 -0.10 8.17
N LYS A 63 2.30 1.15 8.42
CA LYS A 63 3.56 1.71 7.91
C LYS A 63 4.78 0.93 8.40
N ALA A 64 4.71 0.37 9.62
CA ALA A 64 5.79 -0.43 10.20
C ALA A 64 5.95 -1.77 9.48
N LYS A 65 4.85 -2.53 9.31
CA LYS A 65 4.87 -3.83 8.62
C LYS A 65 5.32 -3.64 7.16
N GLU A 66 4.73 -2.67 6.45
CA GLU A 66 5.07 -2.33 5.08
C GLU A 66 6.55 -1.89 4.92
N ALA A 67 7.04 -0.93 5.71
CA ALA A 67 8.44 -0.50 5.67
C ALA A 67 9.43 -1.66 5.94
N GLU A 68 9.16 -2.51 6.95
CA GLU A 68 10.00 -3.67 7.28
C GLU A 68 10.02 -4.69 6.12
N LEU A 69 8.84 -5.09 5.61
CA LEU A 69 8.71 -6.00 4.47
C LEU A 69 9.44 -5.45 3.24
N ALA A 70 9.19 -4.19 2.89
CA ALA A 70 9.85 -3.50 1.81
C ALA A 70 11.39 -3.46 1.99
N LYS A 71 11.92 -3.15 3.19
CA LYS A 71 13.38 -3.15 3.44
C LYS A 71 14.00 -4.53 3.18
N ALA A 72 13.43 -5.59 3.76
CA ALA A 72 13.92 -6.96 3.59
C ALA A 72 13.85 -7.45 2.14
N HIS A 73 12.68 -7.27 1.49
CA HIS A 73 12.48 -7.56 0.08
C HIS A 73 13.47 -6.77 -0.79
N GLU A 74 13.59 -5.46 -0.63
CA GLU A 74 14.54 -4.60 -1.36
C GLU A 74 16.00 -5.06 -1.22
N GLU A 75 16.43 -5.47 -0.02
CA GLU A 75 17.75 -6.06 0.22
C GLU A 75 18.00 -7.31 -0.64
N ALA A 76 17.08 -8.30 -0.60
CA ALA A 76 17.17 -9.49 -1.44
C ALA A 76 17.05 -9.18 -2.94
N VAL A 77 16.20 -8.22 -3.30
CA VAL A 77 15.93 -7.76 -4.66
C VAL A 77 17.13 -7.03 -5.30
N ALA A 78 17.99 -6.38 -4.50
CA ALA A 78 19.22 -5.73 -4.98
C ALA A 78 20.15 -6.63 -5.80
N LYS A 79 20.13 -7.95 -5.54
CA LYS A 79 20.88 -8.99 -6.26
C LYS A 79 20.02 -9.85 -7.20
N MET A 80 18.71 -9.57 -7.28
CA MET A 80 17.72 -10.31 -8.06
C MET A 80 17.51 -9.70 -9.46
N THR A 81 16.72 -8.63 -9.55
CA THR A 81 16.30 -7.93 -10.79
C THR A 81 16.57 -6.41 -10.73
N PRO A 82 16.96 -5.76 -11.86
CA PRO A 82 17.27 -4.32 -11.89
C PRO A 82 16.03 -3.41 -11.68
N GLU A 83 14.94 -3.66 -12.42
CA GLU A 83 13.65 -2.96 -12.30
C GLU A 83 12.98 -3.17 -10.94
N ALA A 84 13.10 -4.39 -10.41
CA ALA A 84 12.52 -4.75 -9.13
C ALA A 84 13.16 -3.92 -8.00
N LYS A 85 14.49 -3.70 -8.04
CA LYS A 85 15.17 -2.78 -7.12
C LYS A 85 14.55 -1.39 -7.20
N LYS A 86 14.37 -0.82 -8.40
CA LYS A 86 13.78 0.52 -8.57
C LYS A 86 12.40 0.60 -7.89
N ALA A 87 11.49 -0.30 -8.22
CA ALA A 87 10.14 -0.34 -7.65
C ALA A 87 10.11 -0.61 -6.14
N ASP A 88 10.86 -1.60 -5.66
CA ASP A 88 10.88 -2.00 -4.25
C ASP A 88 11.59 -0.97 -3.37
N ALA A 89 12.69 -0.37 -3.83
CA ALA A 89 13.34 0.76 -3.17
C ALA A 89 12.42 1.97 -3.07
N GLU A 90 11.76 2.36 -4.17
CA GLU A 90 10.73 3.41 -4.14
C GLU A 90 9.59 3.07 -3.15
N LEU A 91 9.08 1.83 -3.10
CA LEU A 91 8.11 1.38 -2.10
C LEU A 91 8.66 1.44 -0.66
N SER A 92 9.93 1.07 -0.44
CA SER A 92 10.57 1.03 0.88
C SER A 92 10.83 2.41 1.46
N LYS A 93 11.36 3.35 0.65
CA LYS A 93 11.58 4.74 1.06
C LYS A 93 10.25 5.48 1.25
N ILE A 94 9.27 5.27 0.36
CA ILE A 94 7.97 5.93 0.51
C ILE A 94 7.14 5.38 1.68
N ALA A 95 7.29 4.11 2.04
CA ALA A 95 6.60 3.52 3.18
C ALA A 95 6.90 4.25 4.52
N GLU A 96 8.12 4.75 4.69
CA GLU A 96 8.52 5.61 5.82
C GLU A 96 8.09 7.08 5.65
N ASP A 97 7.95 7.58 4.42
CA ASP A 97 7.68 8.99 4.09
C ASP A 97 6.52 9.14 3.08
N ASP A 98 5.28 9.24 3.57
CA ASP A 98 4.09 9.41 2.70
C ASP A 98 3.95 10.81 2.07
N SER A 99 4.78 11.78 2.51
CA SER A 99 4.87 13.16 2.00
C SER A 99 5.46 13.30 0.58
N LEU A 100 5.98 12.22 -0.02
CA LEU A 100 6.53 12.20 -1.38
C LEU A 100 5.43 12.40 -2.46
N ASN A 101 5.86 12.67 -3.69
CA ASN A 101 5.00 12.82 -4.88
C ASN A 101 4.47 11.45 -5.40
N GLY A 102 3.71 11.46 -6.50
CA GLY A 102 3.17 10.29 -7.22
C GLY A 102 4.24 9.48 -7.98
N ILE A 103 5.34 9.09 -7.33
CA ILE A 103 6.42 8.28 -7.89
C ILE A 103 5.94 6.97 -8.53
N GLN A 104 4.88 6.39 -8.00
CA GLN A 104 4.21 5.21 -8.55
C GLN A 104 3.95 5.33 -10.07
N LYS A 105 3.60 6.52 -10.58
CA LYS A 105 3.50 6.80 -12.03
C LYS A 105 4.85 6.64 -12.73
N ALA A 106 5.87 7.40 -12.33
CA ALA A 106 7.19 7.42 -12.98
C ALA A 106 7.93 6.07 -12.86
N GLN A 107 7.76 5.38 -11.72
CA GLN A 107 8.13 3.98 -11.47
C GLN A 107 7.51 3.07 -12.53
N LYS A 108 6.18 3.12 -12.72
CA LYS A 108 5.51 2.38 -13.80
C LYS A 108 6.15 2.68 -15.16
N ILE A 109 6.32 3.95 -15.54
CA ILE A 109 6.93 4.35 -16.81
C ILE A 109 8.30 3.68 -17.02
N GLN A 110 9.20 3.75 -16.04
CA GLN A 110 10.53 3.10 -16.12
C GLN A 110 10.43 1.57 -16.16
N ALA A 111 9.56 0.98 -15.34
CA ALA A 111 9.33 -0.48 -15.26
C ALA A 111 8.75 -1.06 -16.56
N ILE A 112 7.87 -0.33 -17.28
CA ILE A 112 7.41 -0.71 -18.63
C ILE A 112 8.46 -0.38 -19.70
N TYR A 113 9.11 0.79 -19.65
CA TYR A 113 10.13 1.22 -20.62
C TYR A 113 11.30 0.22 -20.74
N LYS A 114 11.80 -0.34 -19.63
CA LYS A 114 12.89 -1.32 -19.66
C LYS A 114 12.51 -2.63 -20.37
N THR A 115 11.22 -2.93 -20.50
CA THR A 115 10.66 -4.15 -21.10
C THR A 115 9.98 -3.90 -22.45
N LEU A 116 10.32 -2.80 -23.13
CA LEU A 116 9.80 -2.41 -24.45
C LEU A 116 10.88 -2.47 -25.57
N PRO A 117 10.48 -2.62 -26.84
CA PRO A 117 11.41 -2.71 -27.99
C PRO A 117 12.10 -1.38 -28.31
N GLN A 118 13.22 -1.43 -29.04
CA GLN A 118 13.93 -0.21 -29.51
C GLN A 118 13.09 0.65 -30.47
N SER A 119 12.07 0.11 -31.13
CA SER A 119 11.18 0.88 -32.01
C SER A 119 10.35 1.92 -31.24
N VAL A 120 9.66 1.52 -30.16
CA VAL A 120 8.90 2.45 -29.31
C VAL A 120 9.84 3.31 -28.46
N LYS A 121 10.95 2.75 -27.93
CA LYS A 121 11.95 3.55 -27.21
C LYS A 121 12.52 4.66 -28.10
N ASP A 122 12.97 4.38 -29.32
CA ASP A 122 13.48 5.40 -30.25
C ASP A 122 12.41 6.40 -30.71
N GLU A 123 11.18 5.96 -31.02
CA GLU A 123 10.10 6.89 -31.42
C GLU A 123 9.66 7.83 -30.28
N LEU A 124 9.64 7.36 -29.02
CA LEU A 124 9.28 8.16 -27.84
C LEU A 124 10.45 8.95 -27.24
N GLU A 125 11.71 8.54 -27.47
CA GLU A 125 12.95 9.21 -27.04
C GLU A 125 13.05 10.67 -27.47
N LYS A 126 12.30 11.08 -28.50
CA LYS A 126 12.11 12.47 -28.93
C LYS A 126 11.48 13.37 -27.85
N GLY A 127 10.82 12.78 -26.85
CA GLY A 127 10.24 13.42 -25.66
C GLY A 127 11.09 13.16 -24.41
N ILE A 128 11.73 14.22 -23.89
CA ILE A 128 12.69 14.18 -22.77
C ILE A 128 12.17 15.01 -21.57
N GLY A 129 11.04 14.57 -21.01
CA GLY A 129 10.29 15.27 -19.95
C GLY A 129 9.98 16.73 -20.31
N PRO A 130 9.00 17.00 -21.21
CA PRO A 130 8.69 18.35 -21.65
C PRO A 130 8.07 19.19 -20.52
N ALA A 131 8.61 20.40 -20.31
CA ALA A 131 8.28 21.37 -19.25
C ALA A 131 8.45 20.83 -17.82
N VAL A 132 9.57 21.18 -17.15
CA VAL A 132 9.90 20.76 -15.77
C VAL A 132 10.06 21.99 -14.84
N PRO A 133 8.94 22.63 -14.44
CA PRO A 133 8.93 23.78 -13.52
C PRO A 133 9.16 23.43 -12.03
N GLN A 134 9.23 22.13 -11.71
CA GLN A 134 9.45 21.52 -10.37
C GLN A 134 8.45 22.03 -9.30
N ASP A 1 1.83 -13.71 12.94
CA ASP A 1 1.92 -14.18 11.55
C ASP A 1 0.68 -15.00 11.11
N ASP A 2 -0.50 -14.63 11.62
CA ASP A 2 -1.78 -15.31 11.42
C ASP A 2 -2.79 -14.44 10.64
N THR A 3 -4.05 -14.87 10.53
CA THR A 3 -5.17 -14.08 9.97
C THR A 3 -5.32 -12.70 10.65
N PRO A 4 -5.91 -11.71 9.95
CA PRO A 4 -6.10 -10.37 10.49
C PRO A 4 -7.10 -10.35 11.66
N PRO A 5 -7.18 -9.27 12.46
CA PRO A 5 -8.14 -9.16 13.54
C PRO A 5 -9.59 -9.13 13.01
N PRO A 6 -10.45 -10.12 13.37
CA PRO A 6 -11.89 -10.01 13.16
C PRO A 6 -12.66 -9.00 14.07
N PRO A 7 -12.20 -8.55 15.26
CA PRO A 7 -12.95 -7.56 16.06
C PRO A 7 -12.95 -6.16 15.41
N PRO A 8 -13.76 -5.22 15.93
CA PRO A 8 -13.73 -3.82 15.49
C PRO A 8 -12.37 -3.19 15.79
N PHE A 9 -11.69 -2.65 14.77
CA PHE A 9 -10.48 -1.81 14.98
C PHE A 9 -10.76 -0.66 15.97
N LEU A 10 -11.96 -0.09 15.88
CA LEU A 10 -12.54 0.96 16.72
C LEU A 10 -13.22 0.44 18.01
N ALA A 11 -12.85 -0.75 18.51
CA ALA A 11 -13.33 -1.33 19.78
C ALA A 11 -13.42 -0.30 20.93
N GLY A 12 -14.64 -0.02 21.38
CA GLY A 12 -14.96 1.00 22.39
C GLY A 12 -16.27 1.77 22.15
N ALA A 13 -17.22 1.19 21.39
CA ALA A 13 -18.46 1.82 20.93
C ALA A 13 -19.71 1.00 21.34
N PRO A 14 -20.92 1.60 21.38
CA PRO A 14 -22.15 0.91 21.76
C PRO A 14 -22.69 0.00 20.64
N GLN A 15 -23.71 -0.82 20.95
CA GLN A 15 -24.32 -1.80 20.03
C GLN A 15 -24.75 -1.17 18.69
N ASP A 16 -25.29 0.05 18.74
CA ASP A 16 -25.70 0.85 17.59
C ASP A 16 -24.55 1.07 16.57
N VAL A 17 -23.34 1.30 17.09
CA VAL A 17 -22.09 1.41 16.30
C VAL A 17 -21.54 0.03 15.91
N VAL A 18 -21.60 -0.96 16.82
CA VAL A 18 -21.15 -2.34 16.55
C VAL A 18 -21.87 -2.92 15.33
N LYS A 19 -23.16 -2.66 15.14
CA LYS A 19 -23.89 -3.09 13.93
C LYS A 19 -23.28 -2.51 12.65
N ALA A 20 -23.08 -1.20 12.64
CA ALA A 20 -22.46 -0.46 11.53
C ALA A 20 -21.06 -1.02 11.20
N PHE A 21 -20.22 -1.21 12.23
CA PHE A 21 -18.96 -1.94 12.14
C PHE A 21 -19.15 -3.32 11.46
N PHE A 22 -20.08 -4.16 11.90
CA PHE A 22 -20.26 -5.51 11.36
C PHE A 22 -20.63 -5.52 9.86
N GLU A 23 -21.59 -4.68 9.45
CA GLU A 23 -22.01 -4.58 8.04
C GLU A 23 -20.88 -4.03 7.16
N LEU A 24 -20.07 -3.12 7.72
CA LEU A 24 -18.87 -2.61 7.05
C LEU A 24 -17.78 -3.68 6.93
N LEU A 25 -17.37 -4.30 8.04
CA LEU A 25 -16.31 -5.32 8.05
C LEU A 25 -16.62 -6.50 7.13
N LYS A 26 -17.89 -6.88 6.99
CA LYS A 26 -18.35 -7.87 6.01
C LYS A 26 -17.89 -7.60 4.56
N LYS A 27 -17.71 -6.32 4.17
CA LYS A 27 -17.15 -5.92 2.86
C LYS A 27 -15.63 -6.13 2.77
N ASP A 28 -14.93 -5.91 3.87
CA ASP A 28 -13.46 -6.00 3.97
C ASP A 28 -12.99 -7.30 4.65
N GLU A 29 -13.87 -8.30 4.79
CA GLU A 29 -13.62 -9.54 5.56
C GLU A 29 -12.46 -10.39 4.98
N THR A 30 -12.12 -10.17 3.71
CA THR A 30 -11.08 -10.88 2.93
C THR A 30 -9.75 -10.10 2.82
N LYS A 31 -9.65 -8.90 3.42
CA LYS A 31 -8.45 -8.05 3.45
C LYS A 31 -7.43 -8.53 4.50
N THR A 32 -6.29 -7.85 4.58
CA THR A 32 -5.18 -8.09 5.54
C THR A 32 -5.29 -7.18 6.77
N ASP A 33 -4.46 -7.39 7.80
CA ASP A 33 -4.37 -6.53 9.01
C ASP A 33 -4.26 -5.03 8.67
N PRO A 34 -3.23 -4.56 7.94
CA PRO A 34 -3.09 -3.15 7.61
C PRO A 34 -4.18 -2.65 6.64
N GLU A 35 -4.59 -3.48 5.67
CA GLU A 35 -5.66 -3.15 4.72
C GLU A 35 -7.01 -2.89 5.43
N ILE A 36 -7.43 -3.79 6.33
CA ILE A 36 -8.61 -3.58 7.18
C ILE A 36 -8.39 -2.36 8.07
N GLU A 37 -7.30 -2.28 8.84
CA GLU A 37 -7.10 -1.16 9.76
C GLU A 37 -7.27 0.20 9.06
N LYS A 38 -6.69 0.37 7.87
CA LYS A 38 -6.75 1.59 7.07
C LYS A 38 -8.17 1.93 6.62
N ASP A 39 -8.90 0.98 6.03
CA ASP A 39 -10.29 1.17 5.61
C ASP A 39 -11.23 1.45 6.80
N LEU A 40 -11.01 0.77 7.94
CA LEU A 40 -11.71 1.02 9.21
C LEU A 40 -11.42 2.43 9.68
N ASP A 41 -10.15 2.82 9.73
CA ASP A 41 -9.73 4.14 10.13
C ASP A 41 -10.24 5.28 9.22
N ALA A 42 -10.47 5.00 7.94
CA ALA A 42 -11.04 5.96 7.01
C ALA A 42 -12.46 6.41 7.43
N TRP A 43 -13.40 5.47 7.63
CA TRP A 43 -14.74 5.79 8.12
C TRP A 43 -14.79 6.16 9.62
N VAL A 44 -13.89 5.61 10.46
CA VAL A 44 -13.80 5.97 11.89
C VAL A 44 -13.32 7.41 12.10
N ASP A 45 -12.50 7.96 11.19
CA ASP A 45 -12.03 9.35 11.27
C ASP A 45 -13.19 10.38 11.26
N THR A 46 -14.40 9.96 10.87
CA THR A 46 -15.62 10.78 10.84
C THR A 46 -16.70 10.32 11.84
N LEU A 47 -16.48 9.22 12.56
CA LEU A 47 -17.42 8.76 13.59
C LEU A 47 -17.60 9.76 14.74
N GLY A 48 -16.51 10.18 15.38
CA GLY A 48 -16.53 10.88 16.66
C GLY A 48 -15.20 11.54 16.98
N GLY A 49 -14.89 11.57 18.28
CA GLY A 49 -13.68 12.14 18.83
C GLY A 49 -12.61 11.10 19.12
N ASP A 50 -12.85 10.19 20.07
CA ASP A 50 -11.84 9.27 20.62
C ASP A 50 -11.21 8.36 19.55
N TYR A 51 -12.01 8.03 18.55
CA TYR A 51 -11.64 7.27 17.35
C TYR A 51 -10.46 7.87 16.59
N LYS A 52 -10.21 9.17 16.73
CA LYS A 52 -8.99 9.82 16.20
C LYS A 52 -7.67 9.14 16.62
N ALA A 53 -7.63 8.59 17.83
CA ALA A 53 -6.47 7.90 18.39
C ALA A 53 -6.18 6.59 17.64
N LYS A 54 -7.23 5.89 17.21
CA LYS A 54 -7.12 4.77 16.28
C LYS A 54 -6.47 5.22 14.96
N PHE A 55 -6.84 6.37 14.39
CA PHE A 55 -6.22 6.87 13.15
C PHE A 55 -4.73 7.20 13.34
N GLU A 56 -4.38 7.95 14.40
CA GLU A 56 -2.98 8.31 14.69
C GLU A 56 -2.09 7.07 14.86
N THR A 57 -2.61 6.04 15.54
CA THR A 57 -1.88 4.79 15.77
C THR A 57 -1.85 3.89 14.52
N PHE A 58 -2.91 3.88 13.69
CA PHE A 58 -2.94 3.23 12.38
C PHE A 58 -1.80 3.73 11.50
N LYS A 59 -1.64 5.05 11.37
CA LYS A 59 -0.64 5.64 10.48
C LYS A 59 0.75 5.08 10.78
N LYS A 60 1.11 5.02 12.06
CA LYS A 60 2.33 4.40 12.59
C LYS A 60 2.42 2.90 12.30
N GLU A 61 1.42 2.10 12.69
CA GLU A 61 1.39 0.65 12.47
C GLU A 61 1.51 0.27 10.99
N MET A 62 0.72 0.89 10.11
CA MET A 62 0.76 0.66 8.67
C MET A 62 2.09 1.07 8.06
N LYS A 63 2.55 2.30 8.33
CA LYS A 63 3.88 2.77 7.93
C LYS A 63 4.99 1.82 8.39
N ALA A 64 4.88 1.27 9.61
CA ALA A 64 5.88 0.38 10.18
C ALA A 64 5.93 -0.96 9.43
N LYS A 65 4.76 -1.58 9.21
CA LYS A 65 4.62 -2.83 8.47
C LYS A 65 5.13 -2.65 7.04
N GLU A 66 4.62 -1.65 6.32
CA GLU A 66 4.99 -1.33 4.94
C GLU A 66 6.49 -1.02 4.80
N ALA A 67 7.06 -0.12 5.61
CA ALA A 67 8.48 0.21 5.59
C ALA A 67 9.36 -1.02 5.86
N GLU A 68 9.06 -1.82 6.90
CA GLU A 68 9.86 -3.00 7.25
C GLU A 68 9.80 -4.11 6.18
N LEU A 69 8.59 -4.40 5.65
CA LEU A 69 8.42 -5.29 4.49
C LEU A 69 9.23 -4.78 3.30
N ALA A 70 9.15 -3.49 2.99
CA ALA A 70 9.93 -2.86 1.94
C ALA A 70 11.45 -3.03 2.19
N LYS A 71 12.00 -2.77 3.38
CA LYS A 71 13.42 -3.01 3.70
C LYS A 71 13.87 -4.46 3.44
N ALA A 72 13.13 -5.44 3.97
CA ALA A 72 13.44 -6.86 3.77
C ALA A 72 13.35 -7.28 2.29
N HIS A 73 12.24 -6.93 1.64
CA HIS A 73 12.05 -7.12 0.19
C HIS A 73 13.17 -6.43 -0.60
N GLU A 74 13.60 -5.22 -0.25
CA GLU A 74 14.68 -4.46 -0.89
C GLU A 74 16.00 -5.19 -0.90
N GLU A 75 16.41 -5.67 0.27
CA GLU A 75 17.63 -6.47 0.42
C GLU A 75 17.58 -7.75 -0.43
N ALA A 76 16.48 -8.51 -0.40
CA ALA A 76 16.32 -9.70 -1.23
C ALA A 76 16.27 -9.38 -2.74
N VAL A 77 15.41 -8.44 -3.13
CA VAL A 77 15.19 -7.97 -4.52
C VAL A 77 16.45 -7.42 -5.17
N ALA A 78 17.39 -6.86 -4.40
CA ALA A 78 18.70 -6.43 -4.89
C ALA A 78 19.48 -7.50 -5.67
N LYS A 79 19.27 -8.78 -5.36
CA LYS A 79 19.88 -9.94 -6.06
C LYS A 79 18.93 -10.65 -7.05
N MET A 80 17.69 -10.18 -7.19
CA MET A 80 16.68 -10.76 -8.10
C MET A 80 16.77 -10.13 -9.50
N THR A 81 16.11 -8.99 -9.71
CA THR A 81 15.99 -8.25 -10.98
C THR A 81 16.33 -6.76 -10.84
N PRO A 82 16.76 -6.09 -11.94
CA PRO A 82 17.18 -4.67 -11.93
C PRO A 82 16.00 -3.71 -11.71
N GLU A 83 14.94 -3.83 -12.50
CA GLU A 83 13.70 -3.04 -12.42
C GLU A 83 12.95 -3.25 -11.09
N ALA A 84 13.01 -4.46 -10.55
CA ALA A 84 12.35 -4.80 -9.29
C ALA A 84 12.95 -3.97 -8.15
N LYS A 85 14.30 -3.82 -8.11
CA LYS A 85 14.99 -2.91 -7.18
C LYS A 85 14.47 -1.49 -7.32
N LYS A 86 14.29 -0.94 -8.52
CA LYS A 86 13.74 0.41 -8.73
C LYS A 86 12.35 0.56 -8.10
N ALA A 87 11.42 -0.31 -8.48
CA ALA A 87 10.05 -0.31 -7.94
C ALA A 87 10.02 -0.45 -6.41
N ASP A 88 10.64 -1.50 -5.88
CA ASP A 88 10.79 -1.73 -4.45
C ASP A 88 11.44 -0.54 -3.70
N ALA A 89 12.55 0.01 -4.21
CA ALA A 89 13.27 1.13 -3.58
C ALA A 89 12.38 2.38 -3.49
N GLU A 90 11.65 2.69 -4.56
CA GLU A 90 10.62 3.73 -4.56
C GLU A 90 9.54 3.48 -3.49
N LEU A 91 9.01 2.25 -3.39
CA LEU A 91 8.09 1.86 -2.31
C LEU A 91 8.73 1.93 -0.91
N SER A 92 10.02 1.67 -0.76
CA SER A 92 10.75 1.71 0.52
C SER A 92 10.98 3.14 1.02
N LYS A 93 11.35 4.07 0.13
CA LYS A 93 11.51 5.49 0.48
C LYS A 93 10.17 6.16 0.75
N ILE A 94 9.15 5.91 -0.09
CA ILE A 94 7.82 6.49 0.13
C ILE A 94 7.10 5.90 1.35
N ALA A 95 7.35 4.64 1.71
CA ALA A 95 6.77 4.03 2.91
C ALA A 95 7.03 4.86 4.17
N GLU A 96 8.26 5.38 4.31
CA GLU A 96 8.68 6.25 5.42
C GLU A 96 8.16 7.70 5.30
N ASP A 97 7.91 8.20 4.07
CA ASP A 97 7.39 9.56 3.82
C ASP A 97 6.20 9.53 2.83
N ASP A 98 5.01 9.15 3.30
CA ASP A 98 3.80 9.04 2.45
C ASP A 98 3.29 10.41 1.96
N SER A 99 3.64 11.49 2.68
CA SER A 99 3.43 12.89 2.28
C SER A 99 4.19 13.30 1.02
N LEU A 100 5.17 12.52 0.58
CA LEU A 100 5.93 12.74 -0.66
C LEU A 100 5.55 11.66 -1.69
N ASN A 101 4.46 11.92 -2.40
CA ASN A 101 3.98 11.14 -3.55
C ASN A 101 4.47 11.72 -4.89
N GLY A 102 4.00 11.14 -6.00
CA GLY A 102 4.30 11.59 -7.38
C GLY A 102 5.23 10.63 -8.13
N ILE A 103 6.22 10.03 -7.44
CA ILE A 103 7.10 9.00 -8.04
C ILE A 103 6.31 7.77 -8.50
N GLN A 104 5.15 7.48 -7.88
CA GLN A 104 4.29 6.34 -8.22
C GLN A 104 3.98 6.25 -9.72
N LYS A 105 3.78 7.40 -10.39
CA LYS A 105 3.60 7.46 -11.84
C LYS A 105 4.83 6.92 -12.58
N ALA A 106 6.01 7.50 -12.37
CA ALA A 106 7.25 7.08 -13.02
C ALA A 106 7.66 5.63 -12.66
N GLN A 107 7.42 5.21 -11.42
CA GLN A 107 7.57 3.82 -10.98
C GLN A 107 6.74 2.87 -11.87
N LYS A 108 5.44 3.15 -12.03
CA LYS A 108 4.54 2.40 -12.92
C LYS A 108 5.08 2.35 -14.35
N ILE A 109 5.44 3.51 -14.93
CA ILE A 109 6.04 3.63 -16.28
C ILE A 109 7.24 2.69 -16.43
N GLN A 110 8.20 2.66 -15.49
CA GLN A 110 9.34 1.75 -15.57
C GLN A 110 8.94 0.26 -15.47
N ALA A 111 8.01 -0.08 -14.56
CA ALA A 111 7.53 -1.45 -14.36
C ALA A 111 6.80 -2.02 -15.59
N ILE A 112 5.98 -1.20 -16.27
CA ILE A 112 5.36 -1.58 -17.56
C ILE A 112 6.37 -1.50 -18.72
N TYR A 113 7.30 -0.53 -18.71
CA TYR A 113 8.32 -0.35 -19.74
C TYR A 113 9.23 -1.58 -19.91
N LYS A 114 9.68 -2.21 -18.82
CA LYS A 114 10.50 -3.42 -18.88
C LYS A 114 9.74 -4.62 -19.48
N THR A 115 8.41 -4.58 -19.41
CA THR A 115 7.47 -5.63 -19.85
C THR A 115 6.87 -5.33 -21.25
N LEU A 116 7.39 -4.33 -21.96
CA LEU A 116 6.95 -4.00 -23.32
C LEU A 116 7.24 -5.11 -24.35
N PRO A 117 6.50 -5.16 -25.48
CA PRO A 117 6.73 -6.13 -26.55
C PRO A 117 8.05 -5.89 -27.30
N GLN A 118 8.47 -6.88 -28.09
CA GLN A 118 9.65 -6.78 -28.96
C GLN A 118 9.58 -5.61 -29.95
N SER A 119 8.39 -5.13 -30.34
CA SER A 119 8.21 -4.01 -31.26
C SER A 119 8.86 -2.72 -30.72
N VAL A 120 8.55 -2.34 -29.48
CA VAL A 120 9.19 -1.20 -28.79
C VAL A 120 10.63 -1.54 -28.50
N LYS A 121 10.86 -2.72 -27.90
CA LYS A 121 12.20 -3.05 -27.42
C LYS A 121 13.22 -2.98 -28.59
N ASP A 122 12.81 -3.43 -29.78
CA ASP A 122 13.56 -3.27 -31.04
C ASP A 122 13.66 -1.82 -31.54
N GLU A 123 12.57 -1.03 -31.54
CA GLU A 123 12.61 0.38 -31.95
C GLU A 123 13.58 1.23 -31.10
N LEU A 124 13.70 0.92 -29.80
CA LEU A 124 14.58 1.61 -28.85
C LEU A 124 15.98 0.96 -28.73
N GLU A 125 16.15 -0.32 -29.11
CA GLU A 125 17.47 -0.97 -29.20
C GLU A 125 18.43 -0.21 -30.14
N LYS A 126 17.91 0.31 -31.26
CA LYS A 126 18.66 1.15 -32.23
C LYS A 126 18.64 2.66 -31.89
N GLY A 127 17.73 3.11 -31.02
CA GLY A 127 17.49 4.52 -30.66
C GLY A 127 18.25 4.97 -29.40
N ILE A 128 19.31 5.77 -29.58
CA ILE A 128 20.30 6.15 -28.55
C ILE A 128 20.73 7.63 -28.66
N GLY A 129 19.75 8.55 -28.59
CA GLY A 129 19.92 10.00 -28.79
C GLY A 129 20.72 10.33 -30.07
N PRO A 130 20.09 10.20 -31.26
CA PRO A 130 20.74 10.46 -32.55
C PRO A 130 21.03 11.96 -32.76
N ALA A 131 21.77 12.27 -33.84
CA ALA A 131 22.34 13.59 -34.14
C ALA A 131 23.28 14.09 -33.03
N VAL A 132 24.59 13.89 -33.21
CA VAL A 132 25.67 14.37 -32.34
C VAL A 132 26.45 15.54 -32.99
N PRO A 133 25.92 16.79 -32.93
CA PRO A 133 26.59 17.99 -33.47
C PRO A 133 27.77 18.49 -32.61
N GLN A 134 28.05 17.84 -31.46
CA GLN A 134 29.08 18.22 -30.47
C GLN A 134 28.97 19.69 -30.02
N ASP A 1 1.16 -11.86 15.27
CA ASP A 1 1.83 -11.40 14.04
C ASP A 1 1.52 -12.30 12.82
N ASP A 2 0.25 -12.43 12.44
CA ASP A 2 -0.19 -13.20 11.26
C ASP A 2 -1.46 -12.62 10.62
N THR A 3 -2.62 -12.85 11.24
CA THR A 3 -3.95 -12.38 10.81
C THR A 3 -4.24 -10.92 11.18
N PRO A 4 -5.25 -10.27 10.55
CA PRO A 4 -5.68 -8.91 10.89
C PRO A 4 -6.38 -8.84 12.27
N PRO A 5 -6.58 -7.64 12.84
CA PRO A 5 -7.29 -7.46 14.11
C PRO A 5 -8.78 -7.88 14.00
N PRO A 6 -9.23 -8.90 14.75
CA PRO A 6 -10.66 -9.17 14.91
C PRO A 6 -11.46 -8.17 15.79
N PRO A 7 -10.90 -7.37 16.73
CA PRO A 7 -11.72 -6.41 17.49
C PRO A 7 -12.22 -5.24 16.61
N PRO A 8 -13.19 -4.45 17.09
CA PRO A 8 -13.60 -3.21 16.43
C PRO A 8 -12.43 -2.24 16.32
N PHE A 9 -12.18 -1.72 15.10
CA PHE A 9 -11.19 -0.66 14.89
C PHE A 9 -11.35 0.48 15.90
N LEU A 10 -12.58 0.96 16.08
CA LEU A 10 -12.98 2.02 17.00
C LEU A 10 -13.24 1.54 18.45
N ALA A 11 -12.58 0.46 18.92
CA ALA A 11 -12.72 -0.13 20.25
C ALA A 11 -12.93 0.89 21.41
N GLY A 12 -14.17 0.99 21.89
CA GLY A 12 -14.63 1.99 22.88
C GLY A 12 -16.09 2.46 22.73
N ALA A 13 -16.90 1.80 21.88
CA ALA A 13 -18.26 2.20 21.51
C ALA A 13 -19.35 1.28 22.10
N PRO A 14 -20.62 1.72 22.22
CA PRO A 14 -21.71 0.90 22.75
C PRO A 14 -22.19 -0.20 21.78
N GLN A 15 -23.03 -1.13 22.26
CA GLN A 15 -23.53 -2.27 21.49
C GLN A 15 -24.21 -1.86 20.17
N ASP A 16 -24.96 -0.75 20.20
CA ASP A 16 -25.59 -0.11 19.04
C ASP A 16 -24.60 0.15 17.89
N VAL A 17 -23.39 0.60 18.24
CA VAL A 17 -22.28 0.84 17.31
C VAL A 17 -21.53 -0.45 16.96
N VAL A 18 -21.32 -1.36 17.93
CA VAL A 18 -20.66 -2.66 17.70
C VAL A 18 -21.40 -3.48 16.62
N LYS A 19 -22.74 -3.44 16.60
CA LYS A 19 -23.55 -4.07 15.54
C LYS A 19 -23.30 -3.48 14.16
N ALA A 20 -23.35 -2.15 14.06
CA ALA A 20 -23.06 -1.42 12.83
C ALA A 20 -21.65 -1.75 12.29
N PHE A 21 -20.63 -1.75 13.15
CA PHE A 21 -19.30 -2.27 12.86
C PHE A 21 -19.35 -3.71 12.30
N PHE A 22 -20.02 -4.64 12.98
CA PHE A 22 -20.10 -6.05 12.57
C PHE A 22 -20.72 -6.23 11.17
N GLU A 23 -21.86 -5.58 10.90
CA GLU A 23 -22.55 -5.66 9.61
C GLU A 23 -21.70 -5.04 8.48
N LEU A 24 -21.00 -3.95 8.76
CA LEU A 24 -19.98 -3.38 7.86
C LEU A 24 -18.86 -4.41 7.59
N LEU A 25 -18.27 -4.99 8.64
CA LEU A 25 -17.18 -5.98 8.58
C LEU A 25 -17.54 -7.29 7.88
N LYS A 26 -18.79 -7.76 7.90
CA LYS A 26 -19.21 -8.93 7.11
C LYS A 26 -18.88 -8.81 5.62
N LYS A 27 -18.96 -7.61 5.04
CA LYS A 27 -18.57 -7.32 3.64
C LYS A 27 -17.05 -7.26 3.44
N ASP A 28 -16.32 -6.81 4.46
CA ASP A 28 -14.86 -6.67 4.48
C ASP A 28 -14.15 -7.85 5.20
N GLU A 29 -14.81 -8.98 5.40
CA GLU A 29 -14.31 -10.09 6.23
C GLU A 29 -13.05 -10.78 5.67
N THR A 30 -12.76 -10.56 4.38
CA THR A 30 -11.64 -11.09 3.59
C THR A 30 -10.49 -10.07 3.40
N LYS A 31 -10.60 -8.87 3.97
CA LYS A 31 -9.60 -7.78 3.91
C LYS A 31 -8.45 -7.98 4.91
N THR A 32 -7.37 -7.23 4.72
CA THR A 32 -6.16 -7.21 5.58
C THR A 32 -6.28 -6.15 6.70
N ASP A 33 -5.34 -6.15 7.65
CA ASP A 33 -5.21 -5.17 8.74
C ASP A 33 -5.29 -3.71 8.25
N PRO A 34 -4.40 -3.25 7.34
CA PRO A 34 -4.45 -1.88 6.84
C PRO A 34 -5.71 -1.58 6.01
N GLU A 35 -6.26 -2.59 5.33
CA GLU A 35 -7.44 -2.47 4.48
C GLU A 35 -8.73 -2.27 5.30
N ILE A 36 -8.91 -3.03 6.37
CA ILE A 36 -10.02 -2.84 7.33
C ILE A 36 -9.83 -1.52 8.08
N GLU A 37 -8.66 -1.28 8.69
CA GLU A 37 -8.43 -0.09 9.53
C GLU A 37 -8.66 1.21 8.74
N LYS A 38 -8.30 1.25 7.45
CA LYS A 38 -8.54 2.37 6.53
C LYS A 38 -10.02 2.69 6.32
N ASP A 39 -10.79 1.72 5.81
CA ASP A 39 -12.23 1.90 5.56
C ASP A 39 -13.00 2.23 6.85
N LEU A 40 -12.60 1.65 7.97
CA LEU A 40 -13.11 1.96 9.30
C LEU A 40 -12.80 3.40 9.72
N ASP A 41 -11.55 3.84 9.62
CA ASP A 41 -11.19 5.24 9.92
C ASP A 41 -11.96 6.25 9.05
N ALA A 42 -12.22 5.93 7.79
CA ALA A 42 -12.91 6.83 6.88
C ALA A 42 -14.27 7.30 7.41
N TRP A 43 -15.14 6.37 7.84
CA TRP A 43 -16.38 6.69 8.56
C TRP A 43 -16.19 7.14 10.02
N VAL A 44 -15.17 6.64 10.76
CA VAL A 44 -14.80 7.09 12.12
C VAL A 44 -14.46 8.58 12.17
N ASP A 45 -13.91 9.16 11.09
CA ASP A 45 -13.60 10.58 11.01
C ASP A 45 -14.84 11.48 11.28
N THR A 46 -16.05 10.94 11.06
CA THR A 46 -17.33 11.61 11.32
C THR A 46 -17.88 11.34 12.72
N LEU A 47 -17.39 10.29 13.42
CA LEU A 47 -17.77 10.00 14.81
C LEU A 47 -17.24 11.07 15.80
N GLY A 48 -15.92 11.17 15.97
CA GLY A 48 -15.28 12.12 16.89
C GLY A 48 -15.34 11.66 18.35
N GLY A 49 -14.26 11.00 18.80
CA GLY A 49 -14.13 10.45 20.16
C GLY A 49 -12.74 9.87 20.41
N ASP A 50 -12.57 9.10 21.49
CA ASP A 50 -11.32 8.41 21.86
C ASP A 50 -10.80 7.43 20.78
N TYR A 51 -11.63 7.11 19.78
CA TYR A 51 -11.30 6.34 18.57
C TYR A 51 -10.08 6.88 17.80
N LYS A 52 -9.75 8.16 17.96
CA LYS A 52 -8.51 8.79 17.47
C LYS A 52 -7.23 8.06 17.90
N ALA A 53 -7.20 7.54 19.14
CA ALA A 53 -6.09 6.77 19.68
C ALA A 53 -5.94 5.42 18.95
N LYS A 54 -7.06 4.79 18.62
CA LYS A 54 -7.08 3.59 17.80
C LYS A 54 -6.62 3.88 16.37
N PHE A 55 -7.05 4.96 15.73
CA PHE A 55 -6.52 5.36 14.43
C PHE A 55 -5.00 5.57 14.46
N GLU A 56 -4.49 6.40 15.38
CA GLU A 56 -3.05 6.68 15.46
C GLU A 56 -2.23 5.40 15.69
N THR A 57 -2.66 4.54 16.62
CA THR A 57 -1.99 3.26 16.92
C THR A 57 -2.05 2.27 15.75
N PHE A 58 -3.20 2.15 15.06
CA PHE A 58 -3.35 1.27 13.91
C PHE A 58 -2.53 1.72 12.73
N LYS A 59 -2.68 2.99 12.32
CA LYS A 59 -1.91 3.58 11.21
C LYS A 59 -0.40 3.42 11.42
N LYS A 60 0.09 3.61 12.65
CA LYS A 60 1.48 3.29 13.06
C LYS A 60 1.84 1.82 12.89
N GLU A 61 1.08 0.89 13.48
CA GLU A 61 1.33 -0.56 13.40
C GLU A 61 1.37 -1.06 11.95
N MET A 62 0.36 -0.73 11.14
CA MET A 62 0.31 -1.11 9.72
C MET A 62 1.47 -0.52 8.92
N LYS A 63 1.68 0.78 9.03
CA LYS A 63 2.82 1.47 8.40
C LYS A 63 4.17 0.88 8.82
N ALA A 64 4.31 0.43 10.07
CA ALA A 64 5.53 -0.19 10.56
C ALA A 64 5.77 -1.56 9.90
N LYS A 65 4.76 -2.44 9.92
CA LYS A 65 4.84 -3.77 9.32
C LYS A 65 5.12 -3.67 7.81
N GLU A 66 4.34 -2.86 7.10
CA GLU A 66 4.47 -2.60 5.66
C GLU A 66 5.84 -2.00 5.29
N ALA A 67 6.28 -0.92 5.94
CA ALA A 67 7.59 -0.31 5.68
C ALA A 67 8.75 -1.30 5.92
N GLU A 68 8.72 -2.06 7.02
CA GLU A 68 9.73 -3.08 7.34
C GLU A 68 9.79 -4.19 6.27
N LEU A 69 8.64 -4.78 5.94
CA LEU A 69 8.50 -5.77 4.86
C LEU A 69 9.04 -5.22 3.54
N ALA A 70 8.60 -4.03 3.14
CA ALA A 70 9.04 -3.35 1.92
C ALA A 70 10.56 -3.13 1.90
N LYS A 71 11.18 -2.66 3.00
CA LYS A 71 12.64 -2.48 3.14
C LYS A 71 13.40 -3.78 2.91
N ALA A 72 13.00 -4.87 3.58
CA ALA A 72 13.62 -6.19 3.43
C ALA A 72 13.46 -6.75 2.00
N HIS A 73 12.24 -6.66 1.45
CA HIS A 73 11.94 -7.07 0.08
C HIS A 73 12.79 -6.27 -0.94
N GLU A 74 12.81 -4.94 -0.86
CA GLU A 74 13.65 -4.06 -1.70
C GLU A 74 15.14 -4.42 -1.62
N GLU A 75 15.69 -4.63 -0.41
CA GLU A 75 17.08 -5.08 -0.22
C GLU A 75 17.38 -6.38 -0.97
N ALA A 76 16.54 -7.43 -0.82
CA ALA A 76 16.72 -8.67 -1.57
C ALA A 76 16.47 -8.52 -3.08
N VAL A 77 15.58 -7.62 -3.49
CA VAL A 77 15.25 -7.27 -4.88
C VAL A 77 16.34 -6.47 -5.58
N ALA A 78 17.19 -5.73 -4.86
CA ALA A 78 18.30 -4.97 -5.43
C ALA A 78 19.31 -5.81 -6.25
N LYS A 79 19.49 -7.09 -5.90
CA LYS A 79 20.29 -8.07 -6.66
C LYS A 79 19.52 -8.80 -7.77
N MET A 80 18.24 -8.47 -7.97
CA MET A 80 17.30 -9.15 -8.88
C MET A 80 17.06 -8.31 -10.17
N THR A 81 15.95 -8.54 -10.88
CA THR A 81 15.56 -7.80 -12.10
C THR A 81 15.40 -6.28 -11.89
N PRO A 82 15.53 -5.46 -12.97
CA PRO A 82 15.48 -4.00 -12.89
C PRO A 82 14.08 -3.45 -12.54
N GLU A 83 13.04 -3.96 -13.20
CA GLU A 83 11.63 -3.61 -12.94
C GLU A 83 11.18 -3.98 -11.52
N ALA A 84 11.75 -5.06 -10.97
CA ALA A 84 11.47 -5.49 -9.61
C ALA A 84 11.91 -4.41 -8.61
N LYS A 85 13.12 -3.86 -8.75
CA LYS A 85 13.60 -2.74 -7.93
C LYS A 85 12.64 -1.56 -8.00
N LYS A 86 12.12 -1.19 -9.17
CA LYS A 86 11.15 -0.09 -9.31
C LYS A 86 9.90 -0.33 -8.47
N ALA A 87 9.25 -1.48 -8.64
CA ALA A 87 8.03 -1.83 -7.90
C ALA A 87 8.27 -1.87 -6.37
N ASP A 88 9.37 -2.48 -5.92
CA ASP A 88 9.72 -2.60 -4.50
C ASP A 88 10.21 -1.29 -3.87
N ALA A 89 11.01 -0.49 -4.58
CA ALA A 89 11.41 0.84 -4.17
C ALA A 89 10.20 1.75 -4.03
N GLU A 90 9.29 1.77 -5.02
CA GLU A 90 7.99 2.43 -4.93
C GLU A 90 7.23 1.99 -3.66
N LEU A 91 7.09 0.69 -3.42
CA LEU A 91 6.38 0.20 -2.24
C LEU A 91 7.07 0.63 -0.93
N SER A 92 8.40 0.65 -0.87
CA SER A 92 9.16 1.04 0.32
C SER A 92 9.11 2.55 0.61
N LYS A 93 9.26 3.39 -0.42
CA LYS A 93 9.13 4.85 -0.29
C LYS A 93 7.70 5.23 0.02
N ILE A 94 6.70 4.68 -0.68
CA ILE A 94 5.30 5.02 -0.42
C ILE A 94 4.84 4.54 0.96
N ALA A 95 5.35 3.41 1.45
CA ALA A 95 5.02 2.91 2.78
C ALA A 95 5.46 3.85 3.90
N GLU A 96 6.56 4.60 3.74
CA GLU A 96 7.02 5.59 4.72
C GLU A 96 6.51 7.01 4.43
N ASP A 97 6.24 7.35 3.17
CA ASP A 97 6.03 8.71 2.67
C ASP A 97 4.88 8.78 1.64
N ASP A 98 3.64 8.90 2.11
CA ASP A 98 2.43 8.94 1.27
C ASP A 98 2.33 10.18 0.35
N SER A 99 3.20 11.17 0.55
CA SER A 99 3.26 12.46 -0.18
C SER A 99 4.41 12.55 -1.21
N LEU A 100 5.30 11.55 -1.28
CA LEU A 100 6.45 11.51 -2.19
C LEU A 100 6.10 10.70 -3.47
N ASN A 101 5.48 11.36 -4.44
CA ASN A 101 5.16 10.80 -5.76
C ASN A 101 6.29 11.07 -6.79
N GLY A 102 6.05 10.80 -8.08
CA GLY A 102 7.01 11.01 -9.18
C GLY A 102 7.78 9.76 -9.62
N ILE A 103 7.47 8.58 -9.07
CA ILE A 103 8.14 7.31 -9.41
C ILE A 103 7.97 6.92 -10.89
N GLN A 104 6.89 7.37 -11.54
CA GLN A 104 6.61 7.04 -12.94
C GLN A 104 7.78 7.37 -13.87
N LYS A 105 8.52 8.46 -13.58
CA LYS A 105 9.78 8.78 -14.28
C LYS A 105 10.78 7.63 -14.16
N ALA A 106 11.17 7.25 -12.94
CA ALA A 106 12.19 6.24 -12.71
C ALA A 106 11.76 4.85 -13.21
N GLN A 107 10.47 4.50 -13.04
CA GLN A 107 9.85 3.31 -13.62
C GLN A 107 10.09 3.26 -15.13
N LYS A 108 9.79 4.35 -15.84
CA LYS A 108 10.06 4.48 -17.28
C LYS A 108 11.55 4.28 -17.60
N ILE A 109 12.46 4.95 -16.89
CA ILE A 109 13.93 4.82 -17.06
C ILE A 109 14.38 3.36 -16.99
N GLN A 110 14.01 2.59 -15.95
CA GLN A 110 14.39 1.17 -15.89
C GLN A 110 13.71 0.33 -16.99
N ALA A 111 12.44 0.61 -17.29
CA ALA A 111 11.68 -0.08 -18.34
C ALA A 111 12.31 0.08 -19.74
N ILE A 112 12.87 1.25 -20.06
CA ILE A 112 13.63 1.50 -21.29
C ILE A 112 15.12 1.09 -21.18
N TYR A 113 15.72 1.15 -19.99
CA TYR A 113 17.11 0.74 -19.75
C TYR A 113 17.34 -0.76 -19.97
N LYS A 114 16.39 -1.62 -19.55
CA LYS A 114 16.46 -3.08 -19.76
C LYS A 114 16.39 -3.44 -21.25
N THR A 115 15.81 -2.55 -22.06
CA THR A 115 15.72 -2.63 -23.54
C THR A 115 16.75 -1.74 -24.25
N LEU A 116 17.88 -1.44 -23.60
CA LEU A 116 19.03 -0.71 -24.15
C LEU A 116 20.25 -1.66 -24.31
N PRO A 117 20.24 -2.60 -25.27
CA PRO A 117 21.38 -3.49 -25.55
C PRO A 117 22.57 -2.73 -26.16
N GLN A 118 23.75 -3.35 -26.14
CA GLN A 118 24.94 -2.80 -26.80
C GLN A 118 24.76 -2.59 -28.31
N SER A 119 23.87 -3.33 -28.98
CA SER A 119 23.59 -3.16 -30.41
C SER A 119 23.03 -1.78 -30.73
N VAL A 120 21.98 -1.34 -30.03
CA VAL A 120 21.42 0.01 -30.20
C VAL A 120 22.36 1.07 -29.64
N LYS A 121 23.01 0.82 -28.50
CA LYS A 121 23.96 1.75 -27.88
C LYS A 121 25.13 2.04 -28.82
N ASP A 122 25.73 1.02 -29.43
CA ASP A 122 26.82 1.16 -30.41
C ASP A 122 26.35 1.79 -31.74
N GLU A 123 25.20 1.37 -32.30
CA GLU A 123 24.68 1.95 -33.55
C GLU A 123 24.31 3.45 -33.40
N LEU A 124 23.82 3.88 -32.23
CA LEU A 124 23.47 5.28 -31.95
C LEU A 124 24.66 6.11 -31.42
N GLU A 125 25.67 5.48 -30.81
CA GLU A 125 26.88 6.11 -30.24
C GLU A 125 27.60 7.04 -31.24
N LYS A 126 27.48 6.75 -32.54
CA LYS A 126 27.94 7.59 -33.65
C LYS A 126 27.42 9.03 -33.60
N GLY A 127 26.16 9.24 -33.19
CA GLY A 127 25.50 10.54 -32.99
C GLY A 127 25.74 11.59 -34.09
N ILE A 128 25.12 11.41 -35.27
CA ILE A 128 25.39 12.18 -36.50
C ILE A 128 24.18 13.03 -36.93
N GLY A 129 23.79 13.99 -36.08
CA GLY A 129 22.63 14.87 -36.27
C GLY A 129 21.32 14.11 -36.56
N PRO A 130 20.70 13.47 -35.56
CA PRO A 130 19.55 12.57 -35.73
C PRO A 130 18.26 13.32 -36.09
N ALA A 131 18.03 13.50 -37.39
CA ALA A 131 16.90 14.16 -38.02
C ALA A 131 16.88 13.80 -39.52
N VAL A 132 15.71 13.36 -40.01
CA VAL A 132 15.42 13.12 -41.44
C VAL A 132 14.25 14.03 -41.90
N PRO A 133 14.51 15.34 -42.12
CA PRO A 133 13.52 16.29 -42.63
C PRO A 133 13.24 16.09 -44.12
N GLN A 134 12.30 16.89 -44.67
CA GLN A 134 11.96 16.97 -46.10
C GLN A 134 12.92 17.91 -46.85
N ASP A 1 -0.19 -16.20 12.84
CA ASP A 1 -1.38 -15.90 12.02
C ASP A 1 -1.07 -14.90 10.90
N ASP A 2 -1.86 -14.97 9.81
CA ASP A 2 -1.72 -14.15 8.60
C ASP A 2 -3.02 -13.39 8.22
N THR A 3 -4.03 -13.44 9.09
CA THR A 3 -5.35 -12.78 8.92
C THR A 3 -5.48 -11.48 9.73
N PRO A 4 -6.44 -10.60 9.37
CA PRO A 4 -6.73 -9.37 10.10
C PRO A 4 -7.32 -9.61 11.51
N PRO A 5 -7.36 -8.60 12.38
CA PRO A 5 -7.99 -8.70 13.69
C PRO A 5 -9.52 -8.88 13.57
N PRO A 6 -10.12 -9.93 14.19
CA PRO A 6 -11.56 -10.03 14.33
C PRO A 6 -12.26 -9.01 15.27
N PRO A 7 -11.62 -8.36 16.28
CA PRO A 7 -12.32 -7.33 17.09
C PRO A 7 -12.63 -6.05 16.29
N PRO A 8 -13.49 -5.16 16.83
CA PRO A 8 -13.73 -3.84 16.25
C PRO A 8 -12.47 -2.99 16.21
N PHE A 9 -12.05 -2.56 15.01
CA PHE A 9 -10.97 -1.60 14.81
C PHE A 9 -11.18 -0.33 15.66
N LEU A 10 -12.43 0.06 15.87
CA LEU A 10 -12.87 1.21 16.67
C LEU A 10 -13.40 0.82 18.07
N ALA A 11 -12.82 -0.22 18.71
CA ALA A 11 -13.20 -0.69 20.04
C ALA A 11 -13.39 0.45 21.08
N GLY A 12 -14.65 0.67 21.48
CA GLY A 12 -15.08 1.78 22.34
C GLY A 12 -16.48 2.33 22.04
N ALA A 13 -17.28 1.64 21.21
CA ALA A 13 -18.56 2.08 20.69
C ALA A 13 -19.75 1.22 21.19
N PRO A 14 -20.99 1.73 21.18
CA PRO A 14 -22.18 0.97 21.61
C PRO A 14 -22.60 -0.11 20.60
N GLN A 15 -23.54 -0.98 20.98
CA GLN A 15 -24.05 -2.09 20.15
C GLN A 15 -24.58 -1.64 18.78
N ASP A 16 -25.24 -0.48 18.74
CA ASP A 16 -25.71 0.19 17.51
C ASP A 16 -24.57 0.40 16.49
N VAL A 17 -23.38 0.77 16.97
CA VAL A 17 -22.17 0.91 16.16
C VAL A 17 -21.49 -0.42 15.88
N VAL A 18 -21.41 -1.33 16.87
CA VAL A 18 -20.79 -2.66 16.69
C VAL A 18 -21.47 -3.44 15.55
N LYS A 19 -22.79 -3.34 15.40
CA LYS A 19 -23.51 -3.94 14.25
C LYS A 19 -23.03 -3.38 12.91
N ALA A 20 -23.00 -2.06 12.80
CA ALA A 20 -22.52 -1.33 11.63
C ALA A 20 -21.09 -1.76 11.25
N PHE A 21 -20.18 -1.81 12.23
CA PHE A 21 -18.84 -2.41 12.09
C PHE A 21 -18.89 -3.82 11.51
N PHE A 22 -19.66 -4.76 12.09
CA PHE A 22 -19.76 -6.14 11.63
C PHE A 22 -20.24 -6.26 10.17
N GLU A 23 -21.32 -5.56 9.81
CA GLU A 23 -21.87 -5.56 8.46
C GLU A 23 -20.93 -4.90 7.43
N LEU A 24 -20.14 -3.91 7.87
CA LEU A 24 -19.04 -3.37 7.08
C LEU A 24 -17.88 -4.38 6.92
N LEU A 25 -17.48 -5.06 8.00
CA LEU A 25 -16.39 -6.04 8.03
C LEU A 25 -16.60 -7.24 7.13
N LYS A 26 -17.80 -7.85 7.13
CA LYS A 26 -18.10 -8.99 6.23
C LYS A 26 -17.91 -8.66 4.74
N LYS A 27 -18.00 -7.38 4.36
CA LYS A 27 -17.83 -6.87 3.00
C LYS A 27 -16.37 -6.82 2.54
N ASP A 28 -15.48 -6.50 3.48
CA ASP A 28 -14.01 -6.43 3.31
C ASP A 28 -13.27 -7.57 4.05
N GLU A 29 -13.93 -8.68 4.38
CA GLU A 29 -13.33 -9.76 5.18
C GLU A 29 -12.10 -10.41 4.50
N THR A 30 -12.03 -10.30 3.17
CA THR A 30 -10.95 -10.80 2.30
C THR A 30 -9.69 -9.90 2.30
N LYS A 31 -9.69 -8.79 3.04
CA LYS A 31 -8.55 -7.83 3.16
C LYS A 31 -7.62 -8.21 4.33
N THR A 32 -6.49 -7.50 4.41
CA THR A 32 -5.48 -7.61 5.49
C THR A 32 -5.81 -6.69 6.67
N ASP A 33 -5.07 -6.85 7.79
CA ASP A 33 -5.13 -5.97 8.97
C ASP A 33 -5.11 -4.47 8.60
N PRO A 34 -4.06 -3.92 7.96
CA PRO A 34 -4.01 -2.50 7.62
C PRO A 34 -5.03 -2.09 6.55
N GLU A 35 -5.33 -2.95 5.58
CA GLU A 35 -6.33 -2.65 4.54
C GLU A 35 -7.72 -2.41 5.13
N ILE A 36 -8.16 -3.26 6.07
CA ILE A 36 -9.43 -3.07 6.78
C ILE A 36 -9.36 -1.89 7.74
N GLU A 37 -8.31 -1.79 8.57
CA GLU A 37 -8.18 -0.69 9.55
C GLU A 37 -8.34 0.67 8.87
N LYS A 38 -7.81 0.84 7.64
CA LYS A 38 -7.89 2.07 6.83
C LYS A 38 -9.34 2.45 6.50
N ASP A 39 -10.11 1.50 5.97
CA ASP A 39 -11.52 1.72 5.63
C ASP A 39 -12.38 1.99 6.86
N LEU A 40 -12.11 1.29 7.97
CA LEU A 40 -12.74 1.52 9.27
C LEU A 40 -12.42 2.91 9.81
N ASP A 41 -11.14 3.29 9.84
CA ASP A 41 -10.68 4.61 10.25
C ASP A 41 -11.24 5.76 9.40
N ALA A 42 -11.46 5.54 8.10
CA ALA A 42 -12.01 6.56 7.22
C ALA A 42 -13.39 7.05 7.68
N TRP A 43 -14.35 6.15 7.93
CA TRP A 43 -15.65 6.51 8.52
C TRP A 43 -15.57 6.85 10.04
N VAL A 44 -14.64 6.26 10.80
CA VAL A 44 -14.38 6.59 12.22
C VAL A 44 -13.97 8.04 12.42
N ASP A 45 -13.27 8.64 11.45
CA ASP A 45 -12.90 10.06 11.49
C ASP A 45 -14.12 11.00 11.60
N THR A 46 -15.33 10.50 11.28
CA THR A 46 -16.59 11.25 11.39
C THR A 46 -17.41 10.88 12.64
N LEU A 47 -17.06 9.81 13.35
CA LEU A 47 -17.73 9.43 14.61
C LEU A 47 -17.49 10.43 15.76
N GLY A 48 -16.23 10.65 16.16
CA GLY A 48 -15.85 11.53 17.27
C GLY A 48 -16.24 10.98 18.66
N GLY A 49 -15.54 9.92 19.10
CA GLY A 49 -15.78 9.23 20.38
C GLY A 49 -14.59 8.42 20.88
N ASP A 50 -13.43 9.09 21.01
CA ASP A 50 -12.11 8.57 21.41
C ASP A 50 -11.40 7.73 20.33
N TYR A 51 -12.07 7.46 19.21
CA TYR A 51 -11.57 6.67 18.08
C TYR A 51 -10.36 7.28 17.35
N LYS A 52 -10.15 8.60 17.50
CA LYS A 52 -8.98 9.36 17.02
C LYS A 52 -7.64 8.79 17.50
N ALA A 53 -7.60 8.27 18.73
CA ALA A 53 -6.42 7.58 19.29
C ALA A 53 -6.12 6.28 18.53
N LYS A 54 -7.16 5.54 18.15
CA LYS A 54 -7.03 4.38 17.25
C LYS A 54 -6.51 4.79 15.86
N PHE A 55 -6.99 5.89 15.28
CA PHE A 55 -6.43 6.40 14.02
C PHE A 55 -4.92 6.63 14.09
N GLU A 56 -4.45 7.40 15.09
CA GLU A 56 -3.03 7.71 15.24
C GLU A 56 -2.18 6.44 15.47
N THR A 57 -2.62 5.53 16.34
CA THR A 57 -1.88 4.29 16.64
C THR A 57 -1.85 3.32 15.44
N PHE A 58 -2.96 3.21 14.70
CA PHE A 58 -3.03 2.37 13.51
C PHE A 58 -2.11 2.87 12.41
N LYS A 59 -2.26 4.14 12.04
CA LYS A 59 -1.43 4.74 10.98
C LYS A 59 0.06 4.55 11.25
N LYS A 60 0.50 4.71 12.51
CA LYS A 60 1.86 4.36 12.97
C LYS A 60 2.21 2.88 12.79
N GLU A 61 1.42 1.95 13.33
CA GLU A 61 1.65 0.50 13.22
C GLU A 61 1.80 0.05 11.75
N MET A 62 0.88 0.50 10.89
CA MET A 62 0.93 0.22 9.46
C MET A 62 2.17 0.78 8.79
N LYS A 63 2.45 2.07 8.97
CA LYS A 63 3.65 2.72 8.44
C LYS A 63 4.94 2.00 8.90
N ALA A 64 4.96 1.49 10.13
CA ALA A 64 6.10 0.77 10.69
C ALA A 64 6.30 -0.59 9.99
N LYS A 65 5.24 -1.40 9.90
CA LYS A 65 5.25 -2.69 9.19
C LYS A 65 5.60 -2.52 7.73
N GLU A 66 4.96 -1.59 7.03
CA GLU A 66 5.20 -1.26 5.62
C GLU A 66 6.65 -0.81 5.38
N ALA A 67 7.15 0.20 6.10
CA ALA A 67 8.52 0.69 5.94
C ALA A 67 9.59 -0.38 6.23
N GLU A 68 9.43 -1.15 7.32
CA GLU A 68 10.38 -2.20 7.71
C GLU A 68 10.38 -3.38 6.73
N LEU A 69 9.19 -3.85 6.33
CA LEU A 69 9.02 -4.84 5.26
C LEU A 69 9.69 -4.35 3.97
N ALA A 70 9.39 -3.13 3.53
CA ALA A 70 9.96 -2.55 2.32
C ALA A 70 11.50 -2.49 2.37
N LYS A 71 12.10 -2.06 3.48
CA LYS A 71 13.57 -2.07 3.69
C LYS A 71 14.17 -3.48 3.51
N ALA A 72 13.60 -4.47 4.19
CA ALA A 72 14.07 -5.86 4.10
C ALA A 72 13.92 -6.45 2.68
N HIS A 73 12.73 -6.25 2.09
CA HIS A 73 12.42 -6.63 0.70
C HIS A 73 13.40 -5.97 -0.27
N GLU A 74 13.63 -4.65 -0.18
CA GLU A 74 14.58 -3.88 -0.99
C GLU A 74 15.99 -4.51 -0.96
N GLU A 75 16.49 -4.83 0.24
CA GLU A 75 17.77 -5.50 0.45
C GLU A 75 17.87 -6.85 -0.28
N ALA A 76 16.86 -7.72 -0.13
CA ALA A 76 16.77 -8.98 -0.90
C ALA A 76 16.57 -8.77 -2.42
N VAL A 77 15.90 -7.70 -2.84
CA VAL A 77 15.69 -7.32 -4.24
C VAL A 77 16.97 -6.79 -4.91
N ALA A 78 17.92 -6.25 -4.15
CA ALA A 78 19.22 -5.78 -4.69
C ALA A 78 20.02 -6.84 -5.45
N LYS A 79 19.88 -8.13 -5.11
CA LYS A 79 20.46 -9.29 -5.82
C LYS A 79 19.58 -9.87 -6.94
N MET A 80 18.40 -9.29 -7.19
CA MET A 80 17.35 -9.77 -8.10
C MET A 80 17.31 -8.93 -9.41
N THR A 81 16.20 -8.98 -10.16
CA THR A 81 16.00 -8.20 -11.40
C THR A 81 16.11 -6.68 -11.19
N PRO A 82 16.44 -5.90 -12.25
CA PRO A 82 16.61 -4.44 -12.15
C PRO A 82 15.27 -3.72 -11.92
N GLU A 83 14.21 -4.13 -12.63
CA GLU A 83 12.89 -3.52 -12.52
C GLU A 83 12.27 -3.68 -11.12
N ALA A 84 12.56 -4.81 -10.48
CA ALA A 84 12.16 -5.11 -9.13
C ALA A 84 12.74 -4.08 -8.16
N LYS A 85 14.02 -3.68 -8.34
CA LYS A 85 14.66 -2.62 -7.55
C LYS A 85 13.86 -1.32 -7.60
N LYS A 86 13.45 -0.87 -8.78
CA LYS A 86 12.66 0.36 -8.98
C LYS A 86 11.34 0.31 -8.23
N ALA A 87 10.55 -0.76 -8.43
CA ALA A 87 9.28 -0.95 -7.74
C ALA A 87 9.44 -1.02 -6.21
N ASP A 88 10.37 -1.83 -5.72
CA ASP A 88 10.58 -2.03 -4.29
C ASP A 88 11.17 -0.80 -3.59
N ALA A 89 12.17 -0.13 -4.20
CA ALA A 89 12.73 1.14 -3.73
C ALA A 89 11.68 2.26 -3.70
N GLU A 90 10.84 2.39 -4.73
CA GLU A 90 9.67 3.28 -4.76
C GLU A 90 8.73 3.01 -3.57
N LEU A 91 8.36 1.75 -3.34
CA LEU A 91 7.58 1.38 -2.15
C LEU A 91 8.31 1.71 -0.83
N SER A 92 9.63 1.56 -0.76
CA SER A 92 10.40 1.80 0.47
C SER A 92 10.54 3.29 0.80
N LYS A 93 10.77 4.15 -0.21
CA LYS A 93 10.82 5.60 -0.02
C LYS A 93 9.44 6.15 0.31
N ILE A 94 8.38 5.71 -0.37
CA ILE A 94 7.03 6.22 -0.09
C ILE A 94 6.50 5.74 1.27
N ALA A 95 6.86 4.51 1.70
CA ALA A 95 6.43 3.94 2.97
C ALA A 95 6.87 4.76 4.20
N GLU A 96 7.99 5.45 4.10
CA GLU A 96 8.56 6.30 5.15
C GLU A 96 8.53 7.80 4.80
N ASP A 97 8.02 8.16 3.62
CA ASP A 97 7.99 9.52 3.07
C ASP A 97 7.01 9.64 1.88
N ASP A 98 5.71 9.74 2.17
CA ASP A 98 4.66 9.86 1.12
C ASP A 98 4.79 11.15 0.30
N SER A 99 5.42 12.19 0.88
CA SER A 99 5.69 13.49 0.25
C SER A 99 6.84 13.47 -0.79
N LEU A 100 7.58 12.36 -0.92
CA LEU A 100 8.73 12.20 -1.83
C LEU A 100 8.30 11.44 -3.09
N ASN A 101 7.76 12.16 -4.06
CA ASN A 101 7.46 11.67 -5.41
C ASN A 101 8.65 11.89 -6.40
N GLY A 102 8.55 11.31 -7.60
CA GLY A 102 9.52 11.47 -8.70
C GLY A 102 9.79 10.16 -9.44
N ILE A 103 10.57 9.25 -8.84
CA ILE A 103 10.84 7.92 -9.44
C ILE A 103 9.54 7.14 -9.70
N GLN A 104 8.49 7.42 -8.94
CA GLN A 104 7.18 6.76 -9.06
C GLN A 104 6.65 6.78 -10.50
N LYS A 105 6.90 7.87 -11.25
CA LYS A 105 6.60 7.92 -12.69
C LYS A 105 7.35 6.84 -13.46
N ALA A 106 8.68 6.81 -13.42
CA ALA A 106 9.50 5.86 -14.19
C ALA A 106 9.27 4.39 -13.79
N GLN A 107 9.04 4.15 -12.48
CA GLN A 107 8.55 2.90 -11.93
C GLN A 107 7.27 2.44 -12.65
N LYS A 108 6.25 3.31 -12.70
CA LYS A 108 4.99 3.04 -13.42
C LYS A 108 5.21 2.74 -14.90
N ILE A 109 5.96 3.57 -15.63
CA ILE A 109 6.29 3.38 -17.06
C ILE A 109 6.89 1.99 -17.32
N GLN A 110 7.87 1.57 -16.52
CA GLN A 110 8.46 0.23 -16.66
C GLN A 110 7.48 -0.90 -16.28
N ALA A 111 6.75 -0.74 -15.18
CA ALA A 111 5.76 -1.71 -14.71
C ALA A 111 4.63 -1.97 -15.71
N ILE A 112 4.15 -0.92 -16.41
CA ILE A 112 3.21 -1.06 -17.55
C ILE A 112 3.91 -1.49 -18.85
N TYR A 113 5.15 -1.06 -19.11
CA TYR A 113 5.93 -1.45 -20.31
C TYR A 113 6.18 -2.97 -20.39
N LYS A 114 6.44 -3.64 -19.27
CA LYS A 114 6.62 -5.11 -19.24
C LYS A 114 5.30 -5.86 -19.52
N THR A 115 4.16 -5.17 -19.44
CA THR A 115 2.81 -5.70 -19.58
C THR A 115 1.95 -4.85 -20.55
N LEU A 116 2.57 -4.38 -21.64
CA LEU A 116 1.92 -3.54 -22.66
C LEU A 116 0.60 -4.14 -23.17
N PRO A 117 -0.40 -3.30 -23.55
CA PRO A 117 -1.73 -3.77 -23.91
C PRO A 117 -1.73 -4.63 -25.18
N GLN A 118 -2.76 -5.48 -25.31
CA GLN A 118 -2.95 -6.31 -26.50
C GLN A 118 -3.09 -5.50 -27.79
N SER A 119 -3.53 -4.23 -27.72
CA SER A 119 -3.61 -3.33 -28.87
C SER A 119 -2.23 -3.06 -29.50
N VAL A 120 -1.25 -2.64 -28.68
CA VAL A 120 0.11 -2.38 -29.18
C VAL A 120 0.84 -3.68 -29.50
N LYS A 121 0.68 -4.74 -28.68
CA LYS A 121 1.23 -6.07 -29.01
C LYS A 121 0.72 -6.57 -30.35
N ASP A 122 -0.59 -6.57 -30.61
CA ASP A 122 -1.16 -7.05 -31.88
C ASP A 122 -0.74 -6.15 -33.07
N GLU A 123 -0.78 -4.83 -32.94
CA GLU A 123 -0.34 -3.92 -34.02
C GLU A 123 1.16 -4.07 -34.37
N LEU A 124 2.03 -4.37 -33.40
CA LEU A 124 3.46 -4.57 -33.61
C LEU A 124 3.83 -6.05 -33.93
N GLU A 125 3.00 -7.03 -33.56
CA GLU A 125 3.15 -8.48 -33.82
C GLU A 125 3.29 -8.84 -35.31
N LYS A 126 2.95 -7.90 -36.20
CA LYS A 126 3.25 -7.93 -37.64
C LYS A 126 4.76 -8.02 -37.95
N GLY A 127 5.66 -7.60 -37.04
CA GLY A 127 7.11 -7.58 -37.25
C GLY A 127 7.93 -7.37 -35.97
N ILE A 128 8.57 -8.44 -35.48
CA ILE A 128 9.32 -8.51 -34.20
C ILE A 128 10.71 -9.16 -34.38
N GLY A 129 11.58 -8.50 -35.16
CA GLY A 129 12.92 -8.97 -35.53
C GLY A 129 12.96 -10.44 -36.02
N PRO A 130 12.49 -10.71 -37.26
CA PRO A 130 12.31 -12.06 -37.78
C PRO A 130 13.65 -12.77 -38.05
N ALA A 131 13.84 -13.95 -37.45
CA ALA A 131 15.03 -14.80 -37.58
C ALA A 131 14.74 -16.26 -37.19
N VAL A 132 13.98 -16.98 -38.03
CA VAL A 132 13.66 -18.42 -37.87
C VAL A 132 13.94 -19.19 -39.18
N PRO A 133 15.22 -19.51 -39.48
CA PRO A 133 15.60 -20.29 -40.66
C PRO A 133 15.34 -21.81 -40.54
N GLN A 134 14.90 -22.28 -39.37
CA GLN A 134 14.50 -23.67 -39.05
C GLN A 134 13.44 -24.23 -40.02
N ASP A 1 2.40 -17.44 11.97
CA ASP A 1 1.20 -17.72 12.78
C ASP A 1 0.67 -16.50 13.57
N ASP A 2 0.04 -15.56 12.86
CA ASP A 2 -0.53 -14.31 13.41
C ASP A 2 -1.72 -13.83 12.57
N THR A 3 -2.95 -14.16 12.98
CA THR A 3 -4.18 -13.62 12.36
C THR A 3 -4.40 -12.13 12.68
N PRO A 4 -5.19 -11.41 11.85
CA PRO A 4 -5.53 -10.01 12.09
C PRO A 4 -6.44 -9.82 13.31
N PRO A 5 -6.62 -8.58 13.82
CA PRO A 5 -7.53 -8.30 14.93
C PRO A 5 -9.00 -8.57 14.54
N PRO A 6 -9.69 -9.55 15.19
CA PRO A 6 -11.14 -9.66 15.09
C PRO A 6 -11.97 -8.56 15.79
N PRO A 7 -11.51 -7.79 16.81
CA PRO A 7 -12.35 -6.75 17.42
C PRO A 7 -12.58 -5.54 16.49
N PRO A 8 -13.53 -4.64 16.82
CA PRO A 8 -13.73 -3.39 16.10
C PRO A 8 -12.47 -2.52 16.18
N PHE A 9 -11.94 -2.07 15.04
CA PHE A 9 -10.82 -1.13 15.04
C PHE A 9 -11.18 0.13 15.84
N LEU A 10 -12.40 0.66 15.64
CA LEU A 10 -13.01 1.78 16.37
C LEU A 10 -13.46 1.51 17.82
N ALA A 11 -13.01 0.43 18.47
CA ALA A 11 -13.42 -0.04 19.81
C ALA A 11 -13.72 1.10 20.82
N GLY A 12 -15.02 1.30 21.11
CA GLY A 12 -15.53 2.41 21.93
C GLY A 12 -16.86 3.02 21.43
N ALA A 13 -17.72 2.22 20.79
CA ALA A 13 -18.98 2.66 20.19
C ALA A 13 -20.19 1.85 20.72
N PRO A 14 -21.44 2.38 20.65
CA PRO A 14 -22.64 1.68 21.15
C PRO A 14 -23.07 0.50 20.26
N GLN A 15 -23.99 -0.34 20.75
CA GLN A 15 -24.48 -1.54 20.04
C GLN A 15 -24.98 -1.24 18.62
N ASP A 16 -25.63 -0.09 18.43
CA ASP A 16 -26.11 0.40 17.13
C ASP A 16 -24.98 0.56 16.09
N VAL A 17 -23.81 0.99 16.53
CA VAL A 17 -22.56 1.07 15.74
C VAL A 17 -21.88 -0.30 15.64
N VAL A 18 -21.84 -1.08 16.72
CA VAL A 18 -21.24 -2.43 16.74
C VAL A 18 -21.90 -3.33 15.69
N LYS A 19 -23.22 -3.23 15.46
CA LYS A 19 -23.90 -3.98 14.38
C LYS A 19 -23.33 -3.66 13.00
N ALA A 20 -23.22 -2.37 12.70
CA ALA A 20 -22.67 -1.88 11.44
C ALA A 20 -21.22 -2.37 11.24
N PHE A 21 -20.37 -2.24 12.28
CA PHE A 21 -19.02 -2.83 12.31
C PHE A 21 -19.04 -4.34 12.01
N PHE A 22 -19.86 -5.14 12.70
CA PHE A 22 -19.92 -6.59 12.51
C PHE A 22 -20.30 -6.99 11.07
N GLU A 23 -21.34 -6.37 10.51
CA GLU A 23 -21.77 -6.61 9.12
C GLU A 23 -20.70 -6.18 8.10
N LEU A 24 -20.00 -5.08 8.38
CA LEU A 24 -18.86 -4.62 7.58
C LEU A 24 -17.66 -5.60 7.65
N LEU A 25 -17.32 -6.09 8.85
CA LEU A 25 -16.22 -7.03 9.10
C LEU A 25 -16.42 -8.38 8.45
N LYS A 26 -17.58 -9.02 8.63
CA LYS A 26 -17.86 -10.34 8.02
C LYS A 26 -17.69 -10.34 6.49
N LYS A 27 -17.95 -9.20 5.83
CA LYS A 27 -17.76 -8.94 4.40
C LYS A 27 -16.28 -8.96 3.99
N ASP A 28 -15.42 -8.38 4.83
CA ASP A 28 -13.97 -8.28 4.67
C ASP A 28 -13.18 -9.17 5.65
N GLU A 29 -13.75 -10.29 6.10
CA GLU A 29 -13.12 -11.16 7.11
C GLU A 29 -11.84 -11.84 6.58
N THR A 30 -11.74 -11.99 5.26
CA THR A 30 -10.61 -12.56 4.50
C THR A 30 -9.46 -11.57 4.27
N LYS A 31 -9.51 -10.35 4.83
CA LYS A 31 -8.47 -9.32 4.75
C LYS A 31 -7.41 -9.47 5.86
N THR A 32 -6.34 -8.69 5.76
CA THR A 32 -5.19 -8.64 6.69
C THR A 32 -5.37 -7.55 7.75
N ASP A 33 -4.48 -7.50 8.75
CA ASP A 33 -4.46 -6.48 9.80
C ASP A 33 -4.50 -5.04 9.25
N PRO A 34 -3.54 -4.62 8.39
CA PRO A 34 -3.56 -3.28 7.82
C PRO A 34 -4.70 -3.07 6.83
N GLU A 35 -5.12 -4.10 6.09
CA GLU A 35 -6.24 -4.02 5.12
C GLU A 35 -7.59 -3.76 5.81
N ILE A 36 -7.92 -4.50 6.89
CA ILE A 36 -9.13 -4.26 7.68
C ILE A 36 -9.04 -2.90 8.37
N GLU A 37 -7.95 -2.64 9.11
CA GLU A 37 -7.85 -1.42 9.91
C GLU A 37 -7.95 -0.14 9.04
N LYS A 38 -7.38 -0.16 7.83
CA LYS A 38 -7.51 0.88 6.81
C LYS A 38 -8.96 1.16 6.42
N ASP A 39 -9.68 0.13 5.98
CA ASP A 39 -11.07 0.27 5.54
C ASP A 39 -11.99 0.78 6.67
N LEU A 40 -11.77 0.28 7.88
CA LEU A 40 -12.43 0.77 9.10
C LEU A 40 -12.12 2.25 9.32
N ASP A 41 -10.85 2.62 9.29
CA ASP A 41 -10.44 4.01 9.50
C ASP A 41 -10.99 4.98 8.44
N ALA A 42 -11.15 4.51 7.20
CA ALA A 42 -11.69 5.30 6.10
C ALA A 42 -13.09 5.87 6.42
N TRP A 43 -14.03 5.02 6.83
CA TRP A 43 -15.34 5.48 7.32
C TRP A 43 -15.30 6.14 8.73
N VAL A 44 -14.38 5.73 9.61
CA VAL A 44 -14.14 6.35 10.93
C VAL A 44 -13.75 7.83 10.83
N ASP A 45 -13.06 8.23 9.76
CA ASP A 45 -12.75 9.64 9.51
C ASP A 45 -14.01 10.53 9.43
N THR A 46 -15.18 9.94 9.15
CA THR A 46 -16.47 10.66 9.08
C THR A 46 -17.24 10.62 10.40
N LEU A 47 -16.91 9.71 11.33
CA LEU A 47 -17.55 9.61 12.65
C LEU A 47 -17.36 10.88 13.50
N GLY A 48 -16.12 11.22 13.86
CA GLY A 48 -15.79 12.39 14.68
C GLY A 48 -15.87 12.08 16.18
N GLY A 49 -14.71 11.87 16.81
CA GLY A 49 -14.58 11.51 18.23
C GLY A 49 -13.21 10.89 18.54
N ASP A 50 -13.13 10.08 19.60
CA ASP A 50 -11.91 9.35 20.02
C ASP A 50 -11.29 8.49 18.89
N TYR A 51 -12.10 8.15 17.88
CA TYR A 51 -11.71 7.48 16.64
C TYR A 51 -10.56 8.15 15.89
N LYS A 52 -10.35 9.46 16.11
CA LYS A 52 -9.21 10.21 15.57
C LYS A 52 -7.84 9.62 15.95
N ALA A 53 -7.75 9.06 17.17
CA ALA A 53 -6.56 8.38 17.67
C ALA A 53 -6.28 7.10 16.87
N LYS A 54 -7.34 6.39 16.45
CA LYS A 54 -7.22 5.27 15.53
C LYS A 54 -6.67 5.69 14.15
N PHE A 55 -7.00 6.88 13.64
CA PHE A 55 -6.42 7.38 12.40
C PHE A 55 -4.94 7.67 12.52
N GLU A 56 -4.55 8.49 13.51
CA GLU A 56 -3.14 8.86 13.70
C GLU A 56 -2.25 7.63 13.96
N THR A 57 -2.73 6.68 14.79
CA THR A 57 -2.04 5.42 15.10
C THR A 57 -2.02 4.45 13.90
N PHE A 58 -3.12 4.36 13.12
CA PHE A 58 -3.21 3.57 11.88
C PHE A 58 -2.12 3.98 10.91
N LYS A 59 -2.03 5.29 10.61
CA LYS A 59 -1.05 5.83 9.67
C LYS A 59 0.35 5.34 9.99
N LYS A 60 0.77 5.46 11.26
CA LYS A 60 2.05 4.95 11.80
C LYS A 60 2.19 3.43 11.71
N GLU A 61 1.25 2.65 12.25
CA GLU A 61 1.26 1.18 12.22
C GLU A 61 1.39 0.64 10.78
N MET A 62 0.56 1.12 9.87
CA MET A 62 0.58 0.73 8.45
C MET A 62 1.88 1.12 7.76
N LYS A 63 2.28 2.40 7.86
CA LYS A 63 3.59 2.84 7.33
C LYS A 63 4.76 2.02 7.88
N ALA A 64 4.70 1.57 9.14
CA ALA A 64 5.74 0.75 9.75
C ALA A 64 5.78 -0.67 9.15
N LYS A 65 4.62 -1.35 9.10
CA LYS A 65 4.48 -2.69 8.49
C LYS A 65 4.88 -2.66 7.02
N GLU A 66 4.34 -1.70 6.25
CA GLU A 66 4.64 -1.50 4.84
C GLU A 66 6.12 -1.18 4.60
N ALA A 67 6.72 -0.21 5.29
CA ALA A 67 8.15 0.11 5.16
C ALA A 67 9.05 -1.11 5.44
N GLU A 68 8.85 -1.81 6.56
CA GLU A 68 9.63 -3.00 6.93
C GLU A 68 9.48 -4.15 5.92
N LEU A 69 8.23 -4.49 5.58
CA LEU A 69 7.88 -5.50 4.56
C LEU A 69 8.54 -5.16 3.21
N ALA A 70 8.39 -3.92 2.75
CA ALA A 70 8.96 -3.42 1.51
C ALA A 70 10.49 -3.50 1.52
N LYS A 71 11.18 -3.12 2.62
CA LYS A 71 12.63 -3.24 2.77
C LYS A 71 13.11 -4.69 2.60
N ALA A 72 12.48 -5.64 3.30
CA ALA A 72 12.78 -7.07 3.19
C ALA A 72 12.51 -7.63 1.78
N HIS A 73 11.32 -7.35 1.23
CA HIS A 73 10.96 -7.69 -0.16
C HIS A 73 11.97 -7.13 -1.15
N GLU A 74 12.30 -5.85 -1.08
CA GLU A 74 13.30 -5.17 -1.92
C GLU A 74 14.68 -5.86 -1.89
N GLU A 75 15.18 -6.19 -0.71
CA GLU A 75 16.41 -6.96 -0.52
C GLU A 75 16.37 -8.31 -1.28
N ALA A 76 15.28 -9.08 -1.13
CA ALA A 76 15.10 -10.31 -1.91
C ALA A 76 14.87 -10.06 -3.41
N VAL A 77 14.19 -8.98 -3.79
CA VAL A 77 13.87 -8.59 -5.17
C VAL A 77 15.11 -8.14 -5.95
N ALA A 78 16.15 -7.65 -5.28
CA ALA A 78 17.44 -7.31 -5.87
C ALA A 78 18.08 -8.45 -6.69
N LYS A 79 17.83 -9.71 -6.27
CA LYS A 79 18.29 -10.92 -6.97
C LYS A 79 17.28 -11.51 -7.97
N MET A 80 16.11 -10.91 -8.10
CA MET A 80 15.05 -11.35 -9.02
C MET A 80 15.19 -10.65 -10.39
N THR A 81 14.70 -9.40 -10.50
CA THR A 81 14.61 -8.60 -11.74
C THR A 81 15.19 -7.17 -11.59
N PRO A 82 15.66 -6.53 -12.69
CA PRO A 82 16.27 -5.19 -12.64
C PRO A 82 15.25 -4.07 -12.38
N GLU A 83 14.13 -4.06 -13.10
CA GLU A 83 13.04 -3.09 -12.92
C GLU A 83 12.32 -3.25 -11.58
N ALA A 84 12.21 -4.50 -11.10
CA ALA A 84 11.58 -4.82 -9.82
C ALA A 84 12.37 -4.25 -8.63
N LYS A 85 13.72 -4.19 -8.71
CA LYS A 85 14.55 -3.48 -7.73
C LYS A 85 14.07 -2.04 -7.60
N LYS A 86 13.96 -1.30 -8.71
CA LYS A 86 13.51 0.09 -8.71
C LYS A 86 12.10 0.23 -8.11
N ALA A 87 11.16 -0.61 -8.53
CA ALA A 87 9.78 -0.63 -8.04
C ALA A 87 9.68 -0.89 -6.52
N ASP A 88 10.27 -1.98 -6.03
CA ASP A 88 10.26 -2.33 -4.60
C ASP A 88 11.07 -1.34 -3.74
N ALA A 89 12.19 -0.81 -4.26
CA ALA A 89 13.00 0.18 -3.55
C ALA A 89 12.26 1.50 -3.43
N GLU A 90 11.67 1.97 -4.53
CA GLU A 90 10.72 3.08 -4.54
C GLU A 90 9.60 2.86 -3.51
N LEU A 91 8.92 1.71 -3.52
CA LEU A 91 7.86 1.42 -2.54
C LEU A 91 8.39 1.48 -1.08
N SER A 92 9.61 1.01 -0.85
CA SER A 92 10.25 1.01 0.48
C SER A 92 10.61 2.42 0.96
N LYS A 93 11.26 3.23 0.12
CA LYS A 93 11.65 4.61 0.44
C LYS A 93 10.42 5.53 0.53
N ILE A 94 9.40 5.32 -0.31
CA ILE A 94 8.16 6.09 -0.25
C ILE A 94 7.32 5.71 0.97
N ALA A 95 7.35 4.45 1.42
CA ALA A 95 6.53 4.01 2.55
C ALA A 95 6.83 4.72 3.87
N GLU A 96 8.03 5.30 3.98
CA GLU A 96 8.49 6.08 5.14
C GLU A 96 8.71 7.58 4.81
N ASP A 97 8.19 8.06 3.67
CA ASP A 97 8.31 9.46 3.21
C ASP A 97 7.76 10.49 4.22
N ASP A 98 8.63 11.40 4.68
CA ASP A 98 8.24 12.49 5.59
C ASP A 98 8.11 13.84 4.86
N SER A 99 9.09 14.20 4.03
CA SER A 99 9.13 15.43 3.20
C SER A 99 9.29 15.16 1.69
N LEU A 100 9.41 13.90 1.29
CA LEU A 100 9.53 13.47 -0.11
C LEU A 100 8.23 13.71 -0.90
N ASN A 101 8.34 13.73 -2.23
CA ASN A 101 7.21 13.86 -3.15
C ASN A 101 6.75 12.48 -3.66
N GLY A 102 5.70 12.44 -4.50
CA GLY A 102 5.10 11.22 -5.06
C GLY A 102 5.96 10.57 -6.14
N ILE A 103 7.21 10.22 -5.83
CA ILE A 103 8.18 9.57 -6.74
C ILE A 103 7.62 8.30 -7.41
N GLN A 104 6.64 7.68 -6.78
CA GLN A 104 5.91 6.53 -7.30
C GLN A 104 5.46 6.74 -8.75
N LYS A 105 5.10 7.98 -9.10
CA LYS A 105 4.80 8.42 -10.46
C LYS A 105 5.97 8.19 -11.43
N ALA A 106 7.19 8.66 -11.14
CA ALA A 106 8.32 8.47 -12.04
C ALA A 106 8.77 7.01 -12.11
N GLN A 107 8.65 6.26 -11.01
CA GLN A 107 8.91 4.83 -10.99
C GLN A 107 8.02 4.07 -11.98
N LYS A 108 6.70 4.23 -11.86
CA LYS A 108 5.77 3.57 -12.80
C LYS A 108 6.04 4.02 -14.23
N ILE A 109 6.29 5.31 -14.46
CA ILE A 109 6.67 5.86 -15.77
C ILE A 109 7.92 5.18 -16.32
N GLN A 110 9.00 5.01 -15.55
CA GLN A 110 10.21 4.31 -15.98
C GLN A 110 9.95 2.82 -16.30
N ALA A 111 9.20 2.12 -15.44
CA ALA A 111 8.89 0.70 -15.61
C ALA A 111 8.02 0.44 -16.86
N ILE A 112 7.10 1.34 -17.19
CA ILE A 112 6.36 1.28 -18.47
C ILE A 112 7.18 1.82 -19.64
N TYR A 113 8.00 2.86 -19.46
CA TYR A 113 8.86 3.46 -20.50
C TYR A 113 9.85 2.45 -21.09
N LYS A 114 10.45 1.60 -20.25
CA LYS A 114 11.36 0.53 -20.69
C LYS A 114 10.66 -0.58 -21.48
N THR A 115 9.33 -0.65 -21.42
CA THR A 115 8.48 -1.69 -22.03
C THR A 115 7.28 -1.14 -22.82
N LEU A 116 7.39 0.10 -23.35
CA LEU A 116 6.35 0.80 -24.12
C LEU A 116 5.72 -0.09 -25.21
N PRO A 117 4.41 0.07 -25.50
CA PRO A 117 3.71 -0.76 -26.48
C PRO A 117 4.28 -0.56 -27.90
N GLN A 118 4.11 -1.57 -28.76
CA GLN A 118 4.53 -1.46 -30.16
C GLN A 118 3.84 -0.30 -30.90
N SER A 119 2.65 0.15 -30.48
CA SER A 119 1.99 1.30 -31.11
C SER A 119 2.81 2.58 -31.00
N VAL A 120 3.26 2.95 -29.79
CA VAL A 120 4.08 4.15 -29.58
C VAL A 120 5.53 3.93 -30.06
N LYS A 121 6.11 2.75 -29.83
CA LYS A 121 7.44 2.39 -30.38
C LYS A 121 7.47 2.50 -31.90
N ASP A 122 6.50 1.94 -32.62
CA ASP A 122 6.44 2.00 -34.09
C ASP A 122 6.10 3.42 -34.61
N GLU A 123 5.18 4.15 -33.97
CA GLU A 123 4.86 5.53 -34.39
C GLU A 123 6.06 6.50 -34.18
N LEU A 124 6.85 6.31 -33.12
CA LEU A 124 8.04 7.14 -32.82
C LEU A 124 9.32 6.63 -33.50
N GLU A 125 9.39 5.37 -33.91
CA GLU A 125 10.55 4.75 -34.59
C GLU A 125 10.97 5.49 -35.88
N LYS A 126 10.06 6.27 -36.47
CA LYS A 126 10.30 7.21 -37.57
C LYS A 126 11.38 8.26 -37.24
N GLY A 127 11.48 8.71 -35.98
CA GLY A 127 12.44 9.72 -35.55
C GLY A 127 12.46 9.97 -34.02
N ILE A 128 13.67 10.03 -33.46
CA ILE A 128 13.97 10.04 -32.01
C ILE A 128 14.60 11.37 -31.58
N GLY A 129 13.81 12.45 -31.64
CA GLY A 129 14.22 13.85 -31.41
C GLY A 129 15.50 14.23 -32.16
N PRO A 130 15.44 14.46 -33.49
CA PRO A 130 16.62 14.73 -34.32
C PRO A 130 17.24 16.09 -33.98
N ALA A 131 18.57 16.12 -33.89
CA ALA A 131 19.36 17.32 -33.58
C ALA A 131 20.69 17.28 -34.35
N VAL A 132 20.77 18.03 -35.46
CA VAL A 132 21.97 18.17 -36.30
C VAL A 132 22.34 19.66 -36.42
N PRO A 133 22.94 20.26 -35.37
CA PRO A 133 23.38 21.68 -35.38
C PRO A 133 24.65 21.93 -36.21
N GLN A 134 25.30 20.88 -36.71
CA GLN A 134 26.54 20.90 -37.51
C GLN A 134 26.25 20.68 -39.01
N ASP A 1 2.91 -15.36 13.08
CA ASP A 1 1.98 -15.85 12.05
C ASP A 1 0.58 -16.12 12.61
N ASP A 2 -0.35 -15.20 12.36
CA ASP A 2 -1.79 -15.34 12.61
C ASP A 2 -2.60 -14.51 11.59
N THR A 3 -3.91 -14.78 11.49
CA THR A 3 -4.85 -13.94 10.71
C THR A 3 -4.98 -12.51 11.28
N PRO A 4 -5.43 -11.54 10.46
CA PRO A 4 -5.63 -10.16 10.92
C PRO A 4 -6.79 -10.05 11.92
N PRO A 5 -6.91 -8.93 12.67
CA PRO A 5 -7.98 -8.74 13.65
C PRO A 5 -9.37 -8.69 12.97
N PRO A 6 -10.30 -9.63 13.27
CA PRO A 6 -11.69 -9.50 12.88
C PRO A 6 -12.53 -8.44 13.64
N PRO A 7 -12.21 -7.95 14.87
CA PRO A 7 -13.04 -6.93 15.53
C PRO A 7 -12.92 -5.54 14.84
N PRO A 8 -13.83 -4.60 15.16
CA PRO A 8 -13.73 -3.22 14.69
C PRO A 8 -12.45 -2.57 15.21
N PHE A 9 -11.63 -1.99 14.32
CA PHE A 9 -10.45 -1.25 14.78
C PHE A 9 -10.84 -0.07 15.68
N LEU A 10 -11.99 0.55 15.40
CA LEU A 10 -12.65 1.60 16.19
C LEU A 10 -13.44 1.12 17.44
N ALA A 11 -13.21 -0.11 17.94
CA ALA A 11 -13.96 -0.74 19.04
C ALA A 11 -14.38 0.21 20.19
N GLY A 12 -15.68 0.56 20.24
CA GLY A 12 -16.24 1.58 21.13
C GLY A 12 -17.43 2.37 20.56
N ALA A 13 -18.18 1.81 19.59
CA ALA A 13 -19.26 2.48 18.87
C ALA A 13 -20.63 1.78 19.06
N PRO A 14 -21.78 2.47 18.84
CA PRO A 14 -23.11 1.88 18.98
C PRO A 14 -23.46 0.91 17.84
N GLN A 15 -24.53 0.13 18.01
CA GLN A 15 -25.01 -0.88 17.05
C GLN A 15 -25.16 -0.34 15.62
N ASP A 16 -25.68 0.88 15.48
CA ASP A 16 -25.83 1.61 14.22
C ASP A 16 -24.50 1.79 13.46
N VAL A 17 -23.41 2.02 14.19
CA VAL A 17 -22.04 2.10 13.66
C VAL A 17 -21.43 0.71 13.46
N VAL A 18 -21.64 -0.23 14.40
CA VAL A 18 -21.14 -1.62 14.31
C VAL A 18 -21.64 -2.32 13.04
N LYS A 19 -22.89 -2.06 12.61
CA LYS A 19 -23.37 -2.56 11.31
C LYS A 19 -22.62 -2.00 10.09
N ALA A 20 -22.35 -0.69 10.06
CA ALA A 20 -21.57 -0.05 9.00
C ALA A 20 -20.14 -0.65 8.94
N PHE A 21 -19.49 -0.81 10.11
CA PHE A 21 -18.22 -1.54 10.21
C PHE A 21 -18.30 -2.99 9.69
N PHE A 22 -19.30 -3.78 10.07
CA PHE A 22 -19.45 -5.18 9.62
C PHE A 22 -19.64 -5.30 8.11
N GLU A 23 -20.54 -4.49 7.52
CA GLU A 23 -20.79 -4.44 6.09
C GLU A 23 -19.55 -4.01 5.30
N LEU A 24 -18.79 -3.05 5.84
CA LEU A 24 -17.48 -2.68 5.30
C LEU A 24 -16.46 -3.85 5.40
N LEU A 25 -16.37 -4.53 6.56
CA LEU A 25 -15.44 -5.63 6.80
C LEU A 25 -15.64 -6.85 5.89
N LYS A 26 -16.88 -7.30 5.66
CA LYS A 26 -17.12 -8.41 4.71
C LYS A 26 -16.63 -8.11 3.28
N LYS A 27 -16.59 -6.83 2.88
CA LYS A 27 -16.09 -6.35 1.57
C LYS A 27 -14.56 -6.33 1.48
N ASP A 28 -13.87 -6.07 2.60
CA ASP A 28 -12.42 -6.08 2.72
C ASP A 28 -11.85 -7.27 3.52
N GLU A 29 -12.60 -8.36 3.68
CA GLU A 29 -12.20 -9.54 4.48
C GLU A 29 -10.88 -10.18 4.00
N THR A 30 -10.58 -10.06 2.70
CA THR A 30 -9.36 -10.57 2.03
C THR A 30 -8.10 -9.72 2.28
N LYS A 31 -8.20 -8.60 3.02
CA LYS A 31 -7.09 -7.68 3.35
C LYS A 31 -6.27 -8.17 4.58
N THR A 32 -5.11 -7.56 4.79
CA THR A 32 -4.17 -7.80 5.90
C THR A 32 -4.49 -6.93 7.13
N ASP A 33 -3.81 -7.17 8.24
CA ASP A 33 -3.90 -6.42 9.51
C ASP A 33 -3.75 -4.89 9.29
N PRO A 34 -2.62 -4.38 8.75
CA PRO A 34 -2.46 -2.95 8.51
C PRO A 34 -3.40 -2.43 7.41
N GLU A 35 -3.72 -3.22 6.39
CA GLU A 35 -4.66 -2.83 5.31
C GLU A 35 -6.09 -2.59 5.84
N ILE A 36 -6.65 -3.52 6.62
CA ILE A 36 -7.96 -3.33 7.28
C ILE A 36 -7.90 -2.15 8.25
N GLU A 37 -6.95 -2.14 9.18
CA GLU A 37 -6.90 -1.11 10.22
C GLU A 37 -6.79 0.32 9.64
N LYS A 38 -6.00 0.50 8.57
CA LYS A 38 -5.88 1.73 7.78
C LYS A 38 -7.22 2.17 7.19
N ASP A 39 -7.91 1.30 6.46
CA ASP A 39 -9.19 1.63 5.83
C ASP A 39 -10.27 2.01 6.84
N LEU A 40 -10.32 1.27 7.97
CA LEU A 40 -11.16 1.59 9.12
C LEU A 40 -10.86 2.96 9.72
N ASP A 41 -9.60 3.25 10.03
CA ASP A 41 -9.19 4.56 10.53
C ASP A 41 -9.46 5.70 9.55
N ALA A 42 -9.32 5.48 8.24
CA ALA A 42 -9.53 6.53 7.23
C ALA A 42 -10.93 7.15 7.31
N TRP A 43 -11.98 6.32 7.33
CA TRP A 43 -13.36 6.78 7.60
C TRP A 43 -13.59 7.25 9.05
N VAL A 44 -12.98 6.59 10.05
CA VAL A 44 -13.06 6.95 11.49
C VAL A 44 -12.57 8.37 11.79
N ASP A 45 -11.60 8.89 11.02
CA ASP A 45 -11.13 10.28 11.15
C ASP A 45 -12.28 11.31 10.98
N THR A 46 -13.40 10.90 10.39
CA THR A 46 -14.61 11.72 10.22
C THR A 46 -15.68 11.48 11.29
N LEU A 47 -15.59 10.38 12.06
CA LEU A 47 -16.50 10.11 13.19
C LEU A 47 -16.35 11.12 14.34
N GLY A 48 -15.17 11.19 14.96
CA GLY A 48 -14.90 12.06 16.11
C GLY A 48 -15.20 11.36 17.45
N GLY A 49 -14.14 10.93 18.14
CA GLY A 49 -14.20 10.20 19.41
C GLY A 49 -12.85 9.58 19.77
N ASP A 50 -12.80 8.66 20.75
CA ASP A 50 -11.59 7.97 21.19
C ASP A 50 -10.85 7.22 20.06
N TYR A 51 -11.53 6.97 18.94
CA TYR A 51 -11.02 6.38 17.71
C TYR A 51 -9.78 7.11 17.15
N LYS A 52 -9.64 8.42 17.43
CA LYS A 52 -8.47 9.24 17.08
C LYS A 52 -7.14 8.66 17.62
N ALA A 53 -7.19 8.08 18.82
CA ALA A 53 -6.07 7.37 19.44
C ALA A 53 -5.64 6.19 18.58
N LYS A 54 -6.58 5.30 18.22
CA LYS A 54 -6.33 4.20 17.27
C LYS A 54 -5.65 4.70 15.99
N PHE A 55 -6.07 5.83 15.40
CA PHE A 55 -5.39 6.45 14.27
C PHE A 55 -3.91 6.72 14.54
N GLU A 56 -3.58 7.41 15.64
CA GLU A 56 -2.20 7.74 15.99
C GLU A 56 -1.32 6.49 16.16
N THR A 57 -1.84 5.42 16.80
CA THR A 57 -1.16 4.14 16.95
C THR A 57 -1.02 3.36 15.64
N PHE A 58 -2.09 3.31 14.81
CA PHE A 58 -2.07 2.71 13.47
C PHE A 58 -0.96 3.33 12.62
N LYS A 59 -0.83 4.66 12.60
CA LYS A 59 0.19 5.36 11.80
C LYS A 59 1.59 4.81 12.07
N LYS A 60 2.00 4.73 13.35
CA LYS A 60 3.25 4.09 13.78
C LYS A 60 3.33 2.60 13.46
N GLU A 61 2.36 1.79 13.86
CA GLU A 61 2.34 0.33 13.64
C GLU A 61 2.45 -0.02 12.14
N MET A 62 1.63 0.60 11.30
CA MET A 62 1.63 0.43 9.85
C MET A 62 2.93 0.93 9.22
N LYS A 63 3.36 2.16 9.50
CA LYS A 63 4.68 2.63 9.03
C LYS A 63 5.82 1.70 9.48
N ALA A 64 5.74 1.08 10.66
CA ALA A 64 6.78 0.16 11.12
C ALA A 64 6.77 -1.16 10.33
N LYS A 65 5.60 -1.77 10.17
CA LYS A 65 5.42 -3.01 9.39
C LYS A 65 5.80 -2.78 7.92
N GLU A 66 5.23 -1.75 7.30
CA GLU A 66 5.50 -1.36 5.92
C GLU A 66 6.99 -1.05 5.68
N ALA A 67 7.61 -0.20 6.51
CA ALA A 67 9.03 0.14 6.37
C ALA A 67 9.93 -1.10 6.51
N GLU A 68 9.69 -1.95 7.51
CA GLU A 68 10.48 -3.17 7.73
C GLU A 68 10.36 -4.16 6.57
N LEU A 69 9.12 -4.46 6.14
CA LEU A 69 8.80 -5.27 4.98
C LEU A 69 9.46 -4.72 3.71
N ALA A 70 9.30 -3.42 3.43
CA ALA A 70 9.89 -2.78 2.28
C ALA A 70 11.43 -2.78 2.32
N LYS A 71 12.07 -2.53 3.47
CA LYS A 71 13.52 -2.59 3.66
C LYS A 71 14.08 -3.98 3.32
N ALA A 72 13.49 -5.03 3.89
CA ALA A 72 13.86 -6.42 3.61
C ALA A 72 13.62 -6.83 2.14
N HIS A 73 12.43 -6.54 1.59
CA HIS A 73 12.12 -6.77 0.17
C HIS A 73 13.10 -6.02 -0.74
N GLU A 74 13.30 -4.72 -0.56
CA GLU A 74 14.24 -3.88 -1.32
C GLU A 74 15.69 -4.42 -1.28
N GLU A 75 16.18 -4.85 -0.11
CA GLU A 75 17.47 -5.55 0.05
C GLU A 75 17.59 -6.80 -0.84
N ALA A 76 16.61 -7.72 -0.77
CA ALA A 76 16.60 -8.91 -1.63
C ALA A 76 16.39 -8.58 -3.11
N VAL A 77 15.63 -7.53 -3.42
CA VAL A 77 15.31 -7.06 -4.78
C VAL A 77 16.51 -6.36 -5.43
N ALA A 78 17.43 -5.79 -4.66
CA ALA A 78 18.68 -5.18 -5.17
C ALA A 78 19.54 -6.10 -6.08
N LYS A 79 19.53 -7.42 -5.82
CA LYS A 79 20.19 -8.46 -6.64
C LYS A 79 19.29 -9.06 -7.74
N MET A 80 18.02 -8.62 -7.83
CA MET A 80 16.99 -9.10 -8.76
C MET A 80 16.91 -8.25 -10.05
N THR A 81 15.78 -8.28 -10.76
CA THR A 81 15.49 -7.48 -11.98
C THR A 81 15.57 -5.96 -11.77
N PRO A 82 15.78 -5.17 -12.85
CA PRO A 82 15.98 -3.72 -12.77
C PRO A 82 14.69 -2.95 -12.45
N GLU A 83 13.56 -3.31 -13.07
CA GLU A 83 12.22 -2.75 -12.80
C GLU A 83 11.81 -2.97 -11.33
N ALA A 84 12.19 -4.11 -10.77
CA ALA A 84 11.91 -4.47 -9.39
C ALA A 84 12.64 -3.53 -8.43
N LYS A 85 13.92 -3.21 -8.71
CA LYS A 85 14.71 -2.22 -7.96
C LYS A 85 14.01 -0.88 -7.88
N LYS A 86 13.47 -0.38 -8.99
CA LYS A 86 12.74 0.90 -9.06
C LYS A 86 11.46 0.87 -8.22
N ALA A 87 10.62 -0.14 -8.41
CA ALA A 87 9.41 -0.35 -7.63
C ALA A 87 9.70 -0.42 -6.12
N ASP A 88 10.58 -1.33 -5.69
CA ASP A 88 10.94 -1.50 -4.29
C ASP A 88 11.69 -0.30 -3.67
N ALA A 89 12.49 0.43 -4.46
CA ALA A 89 13.08 1.68 -3.99
C ALA A 89 12.00 2.72 -3.65
N GLU A 90 11.04 2.94 -4.56
CA GLU A 90 9.89 3.81 -4.31
C GLU A 90 9.05 3.34 -3.11
N LEU A 91 8.78 2.03 -2.98
CA LEU A 91 8.08 1.47 -1.81
C LEU A 91 8.87 1.64 -0.51
N SER A 92 10.19 1.48 -0.52
CA SER A 92 11.02 1.57 0.69
C SER A 92 11.15 3.01 1.19
N LYS A 93 11.28 3.99 0.27
CA LYS A 93 11.33 5.42 0.61
C LYS A 93 9.96 5.96 1.01
N ILE A 94 8.87 5.52 0.37
CA ILE A 94 7.52 5.97 0.74
C ILE A 94 7.02 5.35 2.05
N ALA A 95 7.42 4.12 2.37
CA ALA A 95 7.02 3.45 3.61
C ALA A 95 7.45 4.19 4.91
N GLU A 96 8.48 5.03 4.82
CA GLU A 96 8.94 5.92 5.91
C GLU A 96 8.35 7.35 5.84
N ASP A 97 7.65 7.72 4.75
CA ASP A 97 7.12 9.06 4.47
C ASP A 97 5.76 9.04 3.73
N ASP A 98 4.66 9.07 4.47
CA ASP A 98 3.28 9.18 3.93
C ASP A 98 2.94 10.56 3.33
N SER A 99 3.83 11.57 3.50
CA SER A 99 3.67 12.94 2.98
C SER A 99 3.87 13.06 1.45
N LEU A 100 4.39 12.02 0.81
CA LEU A 100 4.62 11.92 -0.64
C LEU A 100 3.31 11.77 -1.45
N ASN A 101 3.40 11.97 -2.77
CA ASN A 101 2.31 11.75 -3.73
C ASN A 101 2.03 10.26 -3.99
N GLY A 102 1.00 9.95 -4.80
CA GLY A 102 0.66 8.61 -5.29
C GLY A 102 1.64 8.01 -6.31
N ILE A 103 2.96 8.12 -6.06
CA ILE A 103 4.00 7.63 -6.97
C ILE A 103 3.86 6.11 -7.17
N GLN A 104 3.44 5.39 -6.12
CA GLN A 104 3.36 3.93 -6.09
C GLN A 104 2.50 3.36 -7.23
N LYS A 105 1.40 4.07 -7.56
CA LYS A 105 0.57 3.81 -8.73
C LYS A 105 1.34 3.97 -10.04
N ALA A 106 1.92 5.15 -10.31
CA ALA A 106 2.70 5.44 -11.52
C ALA A 106 3.92 4.51 -11.70
N GLN A 107 4.61 4.16 -10.61
CA GLN A 107 5.64 3.12 -10.56
C GLN A 107 5.10 1.78 -11.05
N LYS A 108 3.97 1.31 -10.50
CA LYS A 108 3.31 0.09 -11.01
C LYS A 108 3.07 0.18 -12.52
N ILE A 109 2.52 1.29 -13.03
CA ILE A 109 2.25 1.45 -14.47
C ILE A 109 3.51 1.29 -15.31
N GLN A 110 4.58 2.02 -14.99
CA GLN A 110 5.84 1.90 -15.74
C GLN A 110 6.47 0.50 -15.61
N ALA A 111 6.37 -0.12 -14.44
CA ALA A 111 6.93 -1.44 -14.24
C ALA A 111 6.20 -2.53 -15.05
N ILE A 112 4.85 -2.49 -15.12
CA ILE A 112 4.06 -3.44 -15.91
C ILE A 112 4.15 -3.12 -17.41
N TYR A 113 4.26 -1.83 -17.77
CA TYR A 113 4.42 -1.39 -19.16
C TYR A 113 5.75 -1.89 -19.76
N LYS A 114 6.87 -1.71 -19.05
CA LYS A 114 8.19 -2.26 -19.44
C LYS A 114 8.19 -3.79 -19.51
N THR A 115 7.31 -4.47 -18.78
CA THR A 115 7.17 -5.95 -18.83
C THR A 115 6.58 -6.42 -20.15
N LEU A 116 5.52 -5.76 -20.64
CA LEU A 116 4.81 -6.12 -21.87
C LEU A 116 5.73 -6.07 -23.12
N PRO A 117 5.45 -6.88 -24.16
CA PRO A 117 6.30 -6.98 -25.34
C PRO A 117 6.30 -5.68 -26.17
N GLN A 118 7.36 -5.50 -26.97
CA GLN A 118 7.51 -4.31 -27.83
C GLN A 118 6.42 -4.22 -28.91
N SER A 119 5.79 -5.35 -29.27
CA SER A 119 4.65 -5.40 -30.20
C SER A 119 3.39 -4.71 -29.68
N VAL A 120 2.96 -4.97 -28.43
CA VAL A 120 1.80 -4.29 -27.84
C VAL A 120 2.14 -2.86 -27.45
N LYS A 121 3.36 -2.60 -26.95
CA LYS A 121 3.85 -1.23 -26.72
C LYS A 121 3.82 -0.39 -28.00
N ASP A 122 4.39 -0.88 -29.12
CA ASP A 122 4.38 -0.17 -30.39
C ASP A 122 2.96 0.05 -30.96
N GLU A 123 2.09 -0.97 -30.92
CA GLU A 123 0.72 -0.84 -31.43
C GLU A 123 -0.14 0.14 -30.60
N LEU A 124 0.10 0.22 -29.27
CA LEU A 124 -0.63 1.12 -28.37
C LEU A 124 0.02 2.52 -28.22
N GLU A 125 1.33 2.65 -28.51
CA GLU A 125 2.08 3.92 -28.49
C GLU A 125 1.40 5.00 -29.36
N LYS A 126 0.90 4.61 -30.54
CA LYS A 126 0.11 5.45 -31.45
C LYS A 126 -1.42 5.27 -31.34
N GLY A 127 -1.89 4.50 -30.37
CA GLY A 127 -3.30 4.16 -30.12
C GLY A 127 -3.92 5.00 -28.99
N ILE A 128 -4.35 6.22 -29.30
CA ILE A 128 -4.91 7.21 -28.36
C ILE A 128 -6.27 7.74 -28.87
N GLY A 129 -7.29 6.90 -28.88
CA GLY A 129 -8.69 7.24 -29.26
C GLY A 129 -8.74 7.90 -30.66
N PRO A 130 -8.56 7.09 -31.74
CA PRO A 130 -8.50 7.60 -33.12
C PRO A 130 -9.88 8.02 -33.65
N ALA A 131 -9.90 8.79 -34.74
CA ALA A 131 -11.07 9.33 -35.42
C ALA A 131 -10.78 9.62 -36.90
N VAL A 132 -11.38 8.81 -37.81
CA VAL A 132 -11.27 8.93 -39.28
C VAL A 132 -12.64 8.71 -39.93
N PRO A 133 -13.09 9.57 -40.87
CA PRO A 133 -14.36 9.40 -41.61
C PRO A 133 -14.30 8.27 -42.66
N GLN A 134 -15.44 7.98 -43.31
CA GLN A 134 -15.54 7.01 -44.41
C GLN A 134 -15.01 7.55 -45.76
N ASP A 1 1.61 -15.12 10.05
CA ASP A 1 0.81 -14.27 10.93
C ASP A 1 -0.59 -14.87 11.10
N ASP A 2 -1.17 -14.76 12.30
CA ASP A 2 -2.57 -15.09 12.56
C ASP A 2 -3.54 -14.16 11.79
N THR A 3 -4.82 -14.53 11.73
CA THR A 3 -5.90 -13.69 11.16
C THR A 3 -6.02 -12.34 11.87
N PRO A 4 -6.56 -11.30 11.18
CA PRO A 4 -6.76 -9.97 11.75
C PRO A 4 -7.83 -9.96 12.85
N PRO A 5 -7.98 -8.87 13.63
CA PRO A 5 -9.02 -8.75 14.63
C PRO A 5 -10.43 -8.72 14.00
N PRO A 6 -11.30 -9.71 14.27
CA PRO A 6 -12.73 -9.58 13.98
C PRO A 6 -13.51 -8.59 14.88
N PRO A 7 -13.13 -8.22 16.13
CA PRO A 7 -13.93 -7.27 16.92
C PRO A 7 -13.84 -5.82 16.40
N PRO A 8 -14.71 -4.91 16.88
CA PRO A 8 -14.68 -3.50 16.50
C PRO A 8 -13.38 -2.81 16.94
N PHE A 9 -12.69 -2.14 16.01
CA PHE A 9 -11.51 -1.31 16.31
C PHE A 9 -11.84 -0.11 17.24
N LEU A 10 -13.14 0.20 17.39
CA LEU A 10 -13.74 1.24 18.23
C LEU A 10 -14.71 0.65 19.29
N ALA A 11 -14.37 -0.53 19.83
CA ALA A 11 -15.08 -1.21 20.91
C ALA A 11 -15.47 -0.26 22.08
N GLY A 12 -16.78 0.01 22.22
CA GLY A 12 -17.36 0.94 23.19
C GLY A 12 -18.63 1.64 22.70
N ALA A 13 -18.85 1.68 21.38
CA ALA A 13 -20.02 2.27 20.72
C ALA A 13 -21.33 1.45 20.92
N PRO A 14 -22.53 2.05 20.72
CA PRO A 14 -23.82 1.37 20.88
C PRO A 14 -24.17 0.42 19.73
N GLN A 15 -25.25 -0.37 19.88
CA GLN A 15 -25.71 -1.36 18.88
C GLN A 15 -25.90 -0.79 17.47
N ASP A 16 -26.36 0.47 17.37
CA ASP A 16 -26.51 1.23 16.13
C ASP A 16 -25.20 1.29 15.32
N VAL A 17 -24.08 1.49 16.02
CA VAL A 17 -22.72 1.44 15.47
C VAL A 17 -22.23 0.01 15.27
N VAL A 18 -22.47 -0.90 16.23
CA VAL A 18 -22.05 -2.30 16.15
C VAL A 18 -22.58 -2.97 14.87
N LYS A 19 -23.80 -2.65 14.42
CA LYS A 19 -24.31 -3.11 13.11
C LYS A 19 -23.47 -2.57 11.94
N ALA A 20 -23.23 -1.26 11.88
CA ALA A 20 -22.40 -0.65 10.85
C ALA A 20 -20.99 -1.30 10.77
N PHE A 21 -20.33 -1.47 11.92
CA PHE A 21 -19.09 -2.22 12.06
C PHE A 21 -19.21 -3.65 11.50
N PHE A 22 -20.21 -4.45 11.92
CA PHE A 22 -20.40 -5.83 11.45
C PHE A 22 -20.60 -5.93 9.93
N GLU A 23 -21.47 -5.09 9.36
CA GLU A 23 -21.74 -5.06 7.91
C GLU A 23 -20.50 -4.65 7.11
N LEU A 24 -19.69 -3.73 7.66
CA LEU A 24 -18.40 -3.36 7.10
C LEU A 24 -17.37 -4.52 7.17
N LEU A 25 -17.27 -5.20 8.32
CA LEU A 25 -16.36 -6.33 8.54
C LEU A 25 -16.63 -7.55 7.66
N LYS A 26 -17.88 -8.00 7.51
CA LYS A 26 -18.22 -9.13 6.62
C LYS A 26 -17.82 -8.91 5.15
N LYS A 27 -17.90 -7.66 4.68
CA LYS A 27 -17.44 -7.20 3.35
C LYS A 27 -15.91 -7.22 3.21
N ASP A 28 -15.19 -6.95 4.30
CA ASP A 28 -13.73 -6.88 4.40
C ASP A 28 -13.11 -8.10 5.13
N GLU A 29 -13.83 -9.22 5.24
CA GLU A 29 -13.38 -10.39 6.01
C GLU A 29 -12.09 -11.03 5.45
N THR A 30 -11.84 -10.85 4.14
CA THR A 30 -10.68 -11.32 3.38
C THR A 30 -9.44 -10.39 3.49
N LYS A 31 -9.57 -9.24 4.16
CA LYS A 31 -8.49 -8.25 4.39
C LYS A 31 -7.49 -8.70 5.49
N THR A 32 -6.52 -7.84 5.77
CA THR A 32 -5.41 -8.00 6.72
C THR A 32 -5.57 -7.07 7.94
N ASP A 33 -4.70 -7.23 8.95
CA ASP A 33 -4.66 -6.39 10.17
C ASP A 33 -4.64 -4.87 9.83
N PRO A 34 -3.64 -4.36 9.09
CA PRO A 34 -3.58 -2.92 8.78
C PRO A 34 -4.67 -2.47 7.81
N GLU A 35 -5.10 -3.32 6.86
CA GLU A 35 -6.19 -2.98 5.93
C GLU A 35 -7.52 -2.73 6.66
N ILE A 36 -7.90 -3.63 7.58
CA ILE A 36 -9.13 -3.48 8.39
C ILE A 36 -8.99 -2.29 9.33
N GLU A 37 -7.91 -2.21 10.12
CA GLU A 37 -7.77 -1.12 11.09
C GLU A 37 -7.83 0.27 10.40
N LYS A 38 -7.20 0.44 9.22
CA LYS A 38 -7.28 1.64 8.39
C LYS A 38 -8.70 1.99 7.98
N ASP A 39 -9.44 1.04 7.40
CA ASP A 39 -10.82 1.28 6.95
C ASP A 39 -11.75 1.64 8.13
N LEU A 40 -11.61 0.93 9.27
CA LEU A 40 -12.32 1.23 10.52
C LEU A 40 -11.99 2.64 11.01
N ASP A 41 -10.71 2.99 11.09
CA ASP A 41 -10.27 4.32 11.49
C ASP A 41 -10.75 5.45 10.56
N ALA A 42 -10.85 5.21 9.25
CA ALA A 42 -11.30 6.21 8.30
C ALA A 42 -12.69 6.75 8.63
N TRP A 43 -13.68 5.88 8.88
CA TRP A 43 -14.99 6.28 9.37
C TRP A 43 -15.00 6.72 10.86
N VAL A 44 -14.15 6.14 11.73
CA VAL A 44 -13.97 6.54 13.14
C VAL A 44 -13.52 8.00 13.29
N ASP A 45 -12.78 8.55 12.34
CA ASP A 45 -12.40 9.97 12.33
C ASP A 45 -13.62 10.92 12.38
N THR A 46 -14.82 10.42 12.02
CA THR A 46 -16.09 11.16 12.12
C THR A 46 -16.84 10.94 13.43
N LEU A 47 -16.53 9.87 14.18
CA LEU A 47 -17.18 9.57 15.47
C LEU A 47 -16.85 10.62 16.54
N GLY A 48 -15.58 10.78 16.91
CA GLY A 48 -15.13 11.71 17.96
C GLY A 48 -15.20 11.08 19.36
N GLY A 49 -14.07 10.59 19.86
CA GLY A 49 -13.94 9.91 21.15
C GLY A 49 -12.53 9.34 21.35
N ASP A 50 -12.35 8.45 22.33
CA ASP A 50 -11.07 7.78 22.64
C ASP A 50 -10.47 7.01 21.44
N TYR A 51 -11.31 6.71 20.43
CA TYR A 51 -10.95 6.12 19.15
C TYR A 51 -9.86 6.88 18.38
N LYS A 52 -9.69 8.19 18.66
CA LYS A 52 -8.58 9.03 18.17
C LYS A 52 -7.20 8.45 18.49
N ALA A 53 -7.04 7.85 19.67
CA ALA A 53 -5.83 7.15 20.08
C ALA A 53 -5.56 5.97 19.14
N LYS A 54 -6.54 5.07 18.95
CA LYS A 54 -6.49 3.98 17.97
C LYS A 54 -6.02 4.47 16.59
N PHE A 55 -6.54 5.60 16.09
CA PHE A 55 -6.09 6.22 14.84
C PHE A 55 -4.59 6.53 14.85
N GLU A 56 -4.09 7.23 15.88
CA GLU A 56 -2.67 7.59 15.97
C GLU A 56 -1.76 6.34 15.98
N THR A 57 -2.12 5.30 16.74
CA THR A 57 -1.41 4.02 16.76
C THR A 57 -1.49 3.26 15.43
N PHE A 58 -2.63 3.26 14.75
CA PHE A 58 -2.80 2.71 13.40
C PHE A 58 -1.82 3.37 12.42
N LYS A 59 -1.81 4.71 12.35
CA LYS A 59 -1.01 5.46 11.37
C LYS A 59 0.45 5.02 11.41
N LYS A 60 1.06 5.04 12.61
CA LYS A 60 2.43 4.59 12.86
C LYS A 60 2.63 3.09 12.64
N GLU A 61 1.73 2.23 13.11
CA GLU A 61 1.80 0.76 12.92
C GLU A 61 1.78 0.36 11.45
N MET A 62 0.82 0.89 10.68
CA MET A 62 0.69 0.65 9.24
C MET A 62 1.89 1.18 8.47
N LYS A 63 2.27 2.44 8.68
CA LYS A 63 3.50 2.98 8.08
C LYS A 63 4.76 2.19 8.48
N ALA A 64 4.82 1.64 9.69
CA ALA A 64 5.96 0.86 10.16
C ALA A 64 6.02 -0.50 9.46
N LYS A 65 4.91 -1.26 9.43
CA LYS A 65 4.83 -2.56 8.74
C LYS A 65 5.21 -2.40 7.26
N GLU A 66 4.60 -1.43 6.58
CA GLU A 66 4.84 -1.13 5.17
C GLU A 66 6.29 -0.71 4.91
N ALA A 67 6.84 0.27 5.63
CA ALA A 67 8.23 0.72 5.46
C ALA A 67 9.24 -0.40 5.75
N GLU A 68 9.08 -1.13 6.86
CA GLU A 68 9.96 -2.24 7.26
C GLU A 68 9.95 -3.37 6.21
N LEU A 69 8.74 -3.81 5.81
CA LEU A 69 8.54 -4.80 4.74
C LEU A 69 9.18 -4.32 3.44
N ALA A 70 8.89 -3.10 3.00
CA ALA A 70 9.42 -2.56 1.76
C ALA A 70 10.94 -2.45 1.77
N LYS A 71 11.57 -2.03 2.89
CA LYS A 71 13.03 -2.02 3.05
C LYS A 71 13.61 -3.43 2.90
N ALA A 72 13.06 -4.42 3.61
CA ALA A 72 13.58 -5.80 3.59
C ALA A 72 13.41 -6.45 2.21
N HIS A 73 12.24 -6.27 1.61
CA HIS A 73 11.92 -6.72 0.26
C HIS A 73 12.85 -6.07 -0.78
N GLU A 74 13.03 -4.74 -0.76
CA GLU A 74 13.97 -4.02 -1.63
C GLU A 74 15.43 -4.51 -1.48
N GLU A 75 15.90 -4.74 -0.26
CA GLU A 75 17.21 -5.36 0.03
C GLU A 75 17.38 -6.72 -0.66
N ALA A 76 16.44 -7.65 -0.48
CA ALA A 76 16.47 -8.94 -1.16
C ALA A 76 16.29 -8.83 -2.69
N VAL A 77 15.53 -7.83 -3.16
CA VAL A 77 15.30 -7.53 -4.58
C VAL A 77 16.51 -6.90 -5.27
N ALA A 78 17.43 -6.25 -4.55
CA ALA A 78 18.66 -5.68 -5.11
C ALA A 78 19.58 -6.69 -5.83
N LYS A 79 19.58 -7.96 -5.41
CA LYS A 79 20.28 -9.08 -6.07
C LYS A 79 19.45 -9.76 -7.18
N MET A 80 18.21 -9.34 -7.39
CA MET A 80 17.23 -9.92 -8.31
C MET A 80 17.21 -9.19 -9.67
N THR A 81 16.13 -9.34 -10.45
CA THR A 81 15.85 -8.65 -11.72
C THR A 81 15.84 -7.11 -11.62
N PRO A 82 16.08 -6.38 -12.73
CA PRO A 82 16.17 -4.91 -12.73
C PRO A 82 14.82 -4.22 -12.49
N GLU A 83 13.77 -4.64 -13.22
CA GLU A 83 12.40 -4.13 -13.07
C GLU A 83 11.85 -4.30 -11.64
N ALA A 84 12.29 -5.38 -10.97
CA ALA A 84 11.92 -5.66 -9.60
C ALA A 84 12.46 -4.57 -8.65
N LYS A 85 13.75 -4.20 -8.76
CA LYS A 85 14.35 -3.07 -8.02
C LYS A 85 13.56 -1.79 -8.26
N LYS A 86 13.20 -1.47 -9.51
CA LYS A 86 12.43 -0.27 -9.86
C LYS A 86 11.11 -0.19 -9.06
N ALA A 87 10.31 -1.25 -9.14
CA ALA A 87 9.05 -1.37 -8.40
C ALA A 87 9.24 -1.32 -6.86
N ASP A 88 10.14 -2.13 -6.31
CA ASP A 88 10.41 -2.21 -4.87
C ASP A 88 11.00 -0.92 -4.29
N ALA A 89 11.92 -0.25 -4.98
CA ALA A 89 12.46 1.04 -4.59
C ALA A 89 11.36 2.11 -4.54
N GLU A 90 10.48 2.16 -5.55
CA GLU A 90 9.30 3.05 -5.51
C GLU A 90 8.39 2.74 -4.31
N LEU A 91 8.11 1.46 -4.03
CA LEU A 91 7.34 1.05 -2.84
C LEU A 91 8.05 1.43 -1.52
N SER A 92 9.38 1.34 -1.46
CA SER A 92 10.17 1.65 -0.27
C SER A 92 10.21 3.14 0.06
N LYS A 93 10.36 4.01 -0.94
CA LYS A 93 10.32 5.48 -0.76
C LYS A 93 8.90 5.95 -0.44
N ILE A 94 7.88 5.44 -1.16
CA ILE A 94 6.49 5.85 -0.91
C ILE A 94 5.97 5.36 0.46
N ALA A 95 6.46 4.22 0.94
CA ALA A 95 6.09 3.69 2.25
C ALA A 95 6.38 4.64 3.43
N GLU A 96 7.47 5.42 3.32
CA GLU A 96 7.81 6.48 4.29
C GLU A 96 7.25 7.87 3.90
N ASP A 97 7.06 8.15 2.61
CA ASP A 97 6.63 9.46 2.09
C ASP A 97 5.59 9.34 0.97
N ASP A 98 4.32 9.09 1.33
CA ASP A 98 3.21 8.98 0.36
C ASP A 98 2.80 10.32 -0.29
N SER A 99 3.29 11.44 0.23
CA SER A 99 3.10 12.80 -0.30
C SER A 99 4.06 13.18 -1.43
N LEU A 100 5.02 12.31 -1.81
CA LEU A 100 6.03 12.55 -2.86
C LEU A 100 5.81 11.65 -4.09
N ASN A 101 4.93 12.09 -5.00
CA ASN A 101 4.70 11.46 -6.31
C ASN A 101 5.52 12.12 -7.45
N GLY A 102 5.53 11.48 -8.62
CA GLY A 102 6.20 11.90 -9.87
C GLY A 102 7.17 10.84 -10.40
N ILE A 103 8.03 10.29 -9.53
CA ILE A 103 9.01 9.25 -9.92
C ILE A 103 8.34 7.98 -10.47
N GLN A 104 7.09 7.71 -10.09
CA GLN A 104 6.26 6.63 -10.65
C GLN A 104 6.31 6.57 -12.18
N LYS A 105 6.36 7.73 -12.86
CA LYS A 105 6.52 7.81 -14.31
C LYS A 105 7.88 7.26 -14.74
N ALA A 106 8.99 7.83 -14.26
CA ALA A 106 10.35 7.41 -14.64
C ALA A 106 10.66 5.95 -14.24
N GLN A 107 10.11 5.50 -13.10
CA GLN A 107 10.09 4.10 -12.67
C GLN A 107 9.45 3.20 -13.73
N LYS A 108 8.24 3.53 -14.19
CA LYS A 108 7.55 2.83 -15.29
C LYS A 108 8.35 2.83 -16.59
N ILE A 109 8.88 3.99 -17.02
CA ILE A 109 9.71 4.11 -18.23
C ILE A 109 10.89 3.13 -18.17
N GLN A 110 11.67 3.14 -17.07
CA GLN A 110 12.81 2.25 -16.91
C GLN A 110 12.39 0.78 -16.79
N ALA A 111 11.32 0.45 -16.07
CA ALA A 111 10.86 -0.93 -15.89
C ALA A 111 10.47 -1.55 -17.24
N ILE A 112 9.81 -0.79 -18.11
CA ILE A 112 9.43 -1.21 -19.46
C ILE A 112 10.64 -1.21 -20.40
N TYR A 113 11.39 -0.11 -20.47
CA TYR A 113 12.59 0.02 -21.33
C TYR A 113 13.61 -1.10 -21.07
N LYS A 114 13.94 -1.40 -19.80
CA LYS A 114 14.86 -2.48 -19.40
C LYS A 114 14.30 -3.87 -19.74
N THR A 115 12.97 -4.01 -19.89
CA THR A 115 12.28 -5.25 -20.27
C THR A 115 12.20 -5.45 -21.79
N LEU A 116 11.98 -4.37 -22.57
CA LEU A 116 11.94 -4.39 -24.03
C LEU A 116 13.23 -4.99 -24.67
N PRO A 117 13.14 -5.56 -25.90
CA PRO A 117 14.28 -6.22 -26.55
C PRO A 117 15.37 -5.23 -26.98
N GLN A 118 16.60 -5.75 -27.18
CA GLN A 118 17.74 -4.94 -27.62
C GLN A 118 17.54 -4.36 -29.03
N SER A 119 16.72 -4.98 -29.88
CA SER A 119 16.36 -4.44 -31.20
C SER A 119 15.66 -3.07 -31.11
N VAL A 120 14.61 -2.96 -30.29
CA VAL A 120 13.89 -1.67 -30.14
C VAL A 120 14.70 -0.67 -29.33
N LYS A 121 15.42 -1.12 -28.29
CA LYS A 121 16.36 -0.27 -27.55
C LYS A 121 17.44 0.33 -28.46
N ASP A 122 18.10 -0.48 -29.29
CA ASP A 122 19.13 -0.01 -30.23
C ASP A 122 18.54 0.92 -31.32
N GLU A 123 17.41 0.56 -31.93
CA GLU A 123 16.79 1.39 -32.98
C GLU A 123 16.31 2.76 -32.46
N LEU A 124 15.86 2.84 -31.19
CA LEU A 124 15.40 4.10 -30.58
C LEU A 124 16.52 4.86 -29.84
N GLU A 125 17.61 4.22 -29.44
CA GLU A 125 18.76 4.85 -28.75
C GLU A 125 19.32 6.06 -29.51
N LYS A 126 19.36 5.95 -30.85
CA LYS A 126 19.82 7.01 -31.77
C LYS A 126 18.83 8.18 -31.88
N GLY A 127 17.55 7.97 -31.56
CA GLY A 127 16.47 8.94 -31.72
C GLY A 127 16.23 9.40 -33.16
N ILE A 128 15.46 10.48 -33.31
CA ILE A 128 14.96 11.04 -34.59
C ILE A 128 15.21 12.56 -34.65
N GLY A 129 16.48 12.94 -34.63
CA GLY A 129 16.99 14.33 -34.59
C GLY A 129 16.35 15.18 -33.48
N PRO A 130 16.73 14.98 -32.20
CA PRO A 130 16.11 15.65 -31.05
C PRO A 130 16.42 17.15 -31.05
N ALA A 131 15.37 17.98 -30.93
CA ALA A 131 15.38 19.45 -30.97
C ALA A 131 16.18 20.05 -32.16
N VAL A 132 15.56 20.08 -33.33
CA VAL A 132 16.12 20.63 -34.58
C VAL A 132 16.42 22.14 -34.43
N PRO A 133 17.61 22.63 -34.84
CA PRO A 133 17.94 24.06 -34.79
C PRO A 133 17.23 24.87 -35.90
N GLN A 134 17.39 26.20 -35.86
CA GLN A 134 16.96 27.16 -36.89
C GLN A 134 17.60 26.88 -38.28
N ASP A 1 0.18 -19.47 11.66
CA ASP A 1 -0.92 -18.65 11.15
C ASP A 1 -1.06 -17.36 11.98
N ASP A 2 -1.35 -16.23 11.32
CA ASP A 2 -1.58 -14.94 11.96
C ASP A 2 -2.55 -14.09 11.13
N THR A 3 -3.84 -14.28 11.38
CA THR A 3 -4.91 -13.51 10.75
C THR A 3 -5.06 -12.10 11.36
N PRO A 4 -5.66 -11.15 10.62
CA PRO A 4 -5.90 -9.79 11.11
C PRO A 4 -6.93 -9.73 12.24
N PRO A 5 -7.12 -8.59 12.92
CA PRO A 5 -8.18 -8.42 13.90
C PRO A 5 -9.59 -8.51 13.27
N PRO A 6 -10.42 -9.52 13.61
CA PRO A 6 -11.84 -9.48 13.32
C PRO A 6 -12.70 -8.47 14.15
N PRO A 7 -12.31 -7.95 15.34
CA PRO A 7 -13.14 -6.97 16.04
C PRO A 7 -13.14 -5.60 15.35
N PRO A 8 -14.03 -4.68 15.78
CA PRO A 8 -14.03 -3.30 15.33
C PRO A 8 -12.70 -2.61 15.68
N PHE A 9 -12.01 -2.11 14.67
CA PHE A 9 -10.82 -1.28 14.86
C PHE A 9 -11.08 -0.09 15.81
N LEU A 10 -12.31 0.44 15.79
CA LEU A 10 -12.84 1.52 16.62
C LEU A 10 -13.77 1.01 17.75
N ALA A 11 -13.42 -0.11 18.38
CA ALA A 11 -14.15 -0.70 19.51
C ALA A 11 -14.54 0.34 20.58
N GLY A 12 -15.86 0.57 20.72
CA GLY A 12 -16.45 1.58 21.62
C GLY A 12 -17.72 2.27 21.10
N ALA A 13 -18.31 1.78 20.00
CA ALA A 13 -19.41 2.42 19.26
C ALA A 13 -20.74 1.64 19.39
N PRO A 14 -21.91 2.28 19.12
CA PRO A 14 -23.22 1.62 19.19
C PRO A 14 -23.47 0.68 18.01
N GLN A 15 -24.55 -0.12 18.08
CA GLN A 15 -24.94 -1.09 17.04
C GLN A 15 -25.06 -0.47 15.64
N ASP A 16 -25.51 0.78 15.55
CA ASP A 16 -25.58 1.58 14.33
C ASP A 16 -24.22 1.71 13.60
N VAL A 17 -23.14 1.87 14.38
CA VAL A 17 -21.76 1.83 13.90
C VAL A 17 -21.28 0.40 13.67
N VAL A 18 -21.56 -0.53 14.59
CA VAL A 18 -21.12 -1.94 14.50
C VAL A 18 -21.57 -2.57 13.17
N LYS A 19 -22.76 -2.24 12.68
CA LYS A 19 -23.23 -2.70 11.36
C LYS A 19 -22.34 -2.24 10.23
N ALA A 20 -22.03 -0.94 10.19
CA ALA A 20 -21.15 -0.33 9.19
C ALA A 20 -19.74 -0.96 9.23
N PHE A 21 -19.15 -1.11 10.43
CA PHE A 21 -17.88 -1.83 10.63
C PHE A 21 -17.96 -3.25 10.05
N PHE A 22 -18.95 -4.06 10.43
CA PHE A 22 -19.08 -5.44 9.95
C PHE A 22 -19.31 -5.54 8.44
N GLU A 23 -20.20 -4.72 7.87
CA GLU A 23 -20.47 -4.67 6.43
C GLU A 23 -19.20 -4.31 5.63
N LEU A 24 -18.39 -3.39 6.16
CA LEU A 24 -17.09 -3.05 5.60
C LEU A 24 -16.08 -4.23 5.78
N LEU A 25 -16.01 -4.84 6.96
CA LEU A 25 -15.11 -5.97 7.25
C LEU A 25 -15.40 -7.24 6.44
N LYS A 26 -16.65 -7.67 6.32
CA LYS A 26 -17.03 -8.86 5.52
C LYS A 26 -16.57 -8.75 4.06
N LYS A 27 -16.53 -7.53 3.52
CA LYS A 27 -16.04 -7.22 2.17
C LYS A 27 -14.51 -7.31 2.09
N ASP A 28 -13.83 -7.04 3.21
CA ASP A 28 -12.38 -7.04 3.34
C ASP A 28 -11.87 -8.23 4.20
N GLU A 29 -12.62 -9.32 4.31
CA GLU A 29 -12.27 -10.47 5.18
C GLU A 29 -10.96 -11.18 4.77
N THR A 30 -10.55 -11.01 3.52
CA THR A 30 -9.36 -11.55 2.85
C THR A 30 -8.14 -10.62 2.89
N LYS A 31 -8.24 -9.47 3.57
CA LYS A 31 -7.15 -8.49 3.74
C LYS A 31 -6.25 -8.83 4.94
N THR A 32 -5.24 -7.99 5.16
CA THR A 32 -4.23 -8.07 6.24
C THR A 32 -4.55 -7.11 7.38
N ASP A 33 -3.83 -7.21 8.49
CA ASP A 33 -3.95 -6.32 9.66
C ASP A 33 -3.86 -4.83 9.26
N PRO A 34 -2.77 -4.35 8.61
CA PRO A 34 -2.68 -2.95 8.21
C PRO A 34 -3.67 -2.58 7.10
N GLU A 35 -3.99 -3.49 6.18
CA GLU A 35 -4.95 -3.26 5.09
C GLU A 35 -6.37 -2.99 5.60
N ILE A 36 -6.87 -3.81 6.53
CA ILE A 36 -8.20 -3.60 7.15
C ILE A 36 -8.16 -2.37 8.04
N GLU A 37 -7.20 -2.29 8.96
CA GLU A 37 -7.14 -1.19 9.92
C GLU A 37 -7.09 0.19 9.23
N LYS A 38 -6.39 0.30 8.09
CA LYS A 38 -6.35 1.47 7.20
C LYS A 38 -7.73 1.90 6.71
N ASP A 39 -8.45 1.02 6.04
CA ASP A 39 -9.79 1.30 5.50
C ASP A 39 -10.76 1.71 6.63
N LEU A 40 -10.67 1.03 7.77
CA LEU A 40 -11.41 1.36 8.99
C LEU A 40 -11.06 2.77 9.49
N ASP A 41 -9.77 3.10 9.61
CA ASP A 41 -9.34 4.45 10.00
C ASP A 41 -9.79 5.56 9.04
N ALA A 42 -9.89 5.26 7.75
CA ALA A 42 -10.30 6.24 6.74
C ALA A 42 -11.69 6.82 7.04
N TRP A 43 -12.70 5.97 7.25
CA TRP A 43 -14.02 6.41 7.70
C TRP A 43 -14.08 6.85 9.19
N VAL A 44 -13.26 6.27 10.07
CA VAL A 44 -13.12 6.68 11.49
C VAL A 44 -12.67 8.13 11.64
N ASP A 45 -11.86 8.64 10.72
CA ASP A 45 -11.43 10.05 10.73
C ASP A 45 -12.63 11.02 10.68
N THR A 46 -13.81 10.55 10.24
CA THR A 46 -15.06 11.33 10.18
C THR A 46 -15.97 11.10 11.40
N LEU A 47 -15.73 10.04 12.20
CA LEU A 47 -16.48 9.78 13.44
C LEU A 47 -16.31 10.91 14.48
N GLY A 48 -15.10 11.09 15.01
CA GLY A 48 -14.79 12.08 16.05
C GLY A 48 -15.08 11.54 17.45
N GLY A 49 -14.02 11.19 18.18
CA GLY A 49 -14.07 10.60 19.51
C GLY A 49 -12.74 9.94 19.89
N ASP A 50 -12.74 9.09 20.91
CA ASP A 50 -11.55 8.40 21.44
C ASP A 50 -10.79 7.57 20.37
N TYR A 51 -11.48 7.25 19.26
CA TYR A 51 -10.94 6.63 18.05
C TYR A 51 -9.76 7.38 17.42
N LYS A 52 -9.61 8.68 17.72
CA LYS A 52 -8.46 9.52 17.35
C LYS A 52 -7.11 8.95 17.83
N ALA A 53 -7.09 8.31 19.01
CA ALA A 53 -5.91 7.63 19.53
C ALA A 53 -5.54 6.42 18.66
N LYS A 54 -6.53 5.66 18.19
CA LYS A 54 -6.35 4.61 17.20
C LYS A 54 -5.77 5.16 15.88
N PHE A 55 -6.23 6.31 15.37
CA PHE A 55 -5.64 6.95 14.18
C PHE A 55 -4.15 7.28 14.36
N GLU A 56 -3.80 7.99 15.44
CA GLU A 56 -2.41 8.40 15.68
C GLU A 56 -1.47 7.17 15.82
N THR A 57 -1.94 6.13 16.54
CA THR A 57 -1.17 4.89 16.77
C THR A 57 -1.10 4.01 15.51
N PHE A 58 -2.16 3.96 14.71
CA PHE A 58 -2.22 3.30 13.40
C PHE A 58 -1.13 3.84 12.47
N LYS A 59 -1.07 5.17 12.29
CA LYS A 59 -0.11 5.77 11.36
C LYS A 59 1.31 5.28 11.64
N LYS A 60 1.69 5.24 12.92
CA LYS A 60 2.93 4.64 13.44
C LYS A 60 3.07 3.14 13.19
N GLU A 61 2.12 2.31 13.64
CA GLU A 61 2.13 0.85 13.44
C GLU A 61 2.24 0.45 11.97
N MET A 62 1.39 1.02 11.11
CA MET A 62 1.39 0.79 9.67
C MET A 62 2.68 1.25 9.01
N LYS A 63 3.09 2.51 9.24
CA LYS A 63 4.38 3.02 8.76
C LYS A 63 5.53 2.11 9.20
N ALA A 64 5.51 1.56 10.41
CA ALA A 64 6.55 0.69 10.93
C ALA A 64 6.60 -0.65 10.17
N LYS A 65 5.46 -1.33 10.05
CA LYS A 65 5.32 -2.58 9.28
C LYS A 65 5.71 -2.38 7.81
N GLU A 66 5.14 -1.36 7.15
CA GLU A 66 5.45 -1.00 5.78
C GLU A 66 6.94 -0.68 5.59
N ALA A 67 7.53 0.22 6.38
CA ALA A 67 8.95 0.59 6.30
C ALA A 67 9.88 -0.61 6.47
N GLU A 68 9.72 -1.40 7.53
CA GLU A 68 10.54 -2.59 7.80
C GLU A 68 10.39 -3.66 6.70
N LEU A 69 9.16 -4.00 6.33
CA LEU A 69 8.82 -4.92 5.24
C LEU A 69 9.47 -4.47 3.93
N ALA A 70 9.30 -3.20 3.57
CA ALA A 70 9.88 -2.59 2.37
C ALA A 70 11.41 -2.66 2.38
N LYS A 71 12.08 -2.35 3.51
CA LYS A 71 13.54 -2.45 3.65
C LYS A 71 14.05 -3.86 3.36
N ALA A 72 13.45 -4.87 4.02
CA ALA A 72 13.77 -6.28 3.83
C ALA A 72 13.48 -6.77 2.40
N HIS A 73 12.30 -6.47 1.88
CA HIS A 73 11.91 -6.77 0.49
C HIS A 73 12.88 -6.14 -0.50
N GLU A 74 13.13 -4.83 -0.43
CA GLU A 74 14.07 -4.11 -1.28
C GLU A 74 15.49 -4.69 -1.24
N GLU A 75 15.99 -5.09 -0.06
CA GLU A 75 17.26 -5.80 0.09
C GLU A 75 17.29 -7.12 -0.71
N ALA A 76 16.29 -7.99 -0.54
CA ALA A 76 16.20 -9.24 -1.30
C ALA A 76 15.92 -9.01 -2.80
N VAL A 77 15.20 -7.95 -3.15
CA VAL A 77 14.89 -7.52 -4.52
C VAL A 77 16.10 -6.91 -5.24
N ALA A 78 17.10 -6.39 -4.53
CA ALA A 78 18.33 -5.86 -5.12
C ALA A 78 19.09 -6.86 -6.01
N LYS A 79 19.03 -8.16 -5.67
CA LYS A 79 19.60 -9.28 -6.45
C LYS A 79 18.65 -9.85 -7.52
N MET A 80 17.44 -9.31 -7.66
CA MET A 80 16.40 -9.75 -8.60
C MET A 80 16.45 -8.93 -9.91
N THR A 81 15.35 -8.91 -10.68
CA THR A 81 15.13 -8.10 -11.90
C THR A 81 15.32 -6.58 -11.68
N PRO A 82 15.62 -5.81 -12.76
CA PRO A 82 15.91 -4.37 -12.67
C PRO A 82 14.67 -3.54 -12.31
N GLU A 83 13.53 -3.80 -12.94
CA GLU A 83 12.24 -3.14 -12.63
C GLU A 83 11.81 -3.36 -11.18
N ALA A 84 12.17 -4.52 -10.62
CA ALA A 84 11.82 -4.89 -9.25
C ALA A 84 12.52 -3.96 -8.25
N LYS A 85 13.84 -3.74 -8.39
CA LYS A 85 14.60 -2.75 -7.61
C LYS A 85 13.92 -1.39 -7.65
N LYS A 86 13.51 -0.91 -8.84
CA LYS A 86 12.85 0.39 -9.02
C LYS A 86 11.56 0.48 -8.18
N ALA A 87 10.64 -0.47 -8.38
CA ALA A 87 9.36 -0.52 -7.65
C ALA A 87 9.55 -0.64 -6.13
N ASP A 88 10.40 -1.56 -5.67
CA ASP A 88 10.69 -1.79 -4.26
C ASP A 88 11.45 -0.63 -3.59
N ALA A 89 12.42 -0.01 -4.27
CA ALA A 89 13.11 1.18 -3.77
C ALA A 89 12.14 2.34 -3.59
N GLU A 90 11.28 2.57 -4.59
CA GLU A 90 10.20 3.56 -4.51
C GLU A 90 9.23 3.29 -3.35
N LEU A 91 8.82 2.02 -3.14
CA LEU A 91 8.04 1.61 -1.97
C LEU A 91 8.82 1.80 -0.64
N SER A 92 10.13 1.56 -0.62
CA SER A 92 10.97 1.68 0.59
C SER A 92 11.21 3.14 1.01
N LYS A 93 11.40 4.05 0.05
CA LYS A 93 11.55 5.49 0.32
C LYS A 93 10.22 6.11 0.74
N ILE A 94 9.11 5.76 0.05
CA ILE A 94 7.78 6.29 0.41
C ILE A 94 7.26 5.71 1.74
N ALA A 95 7.60 4.47 2.08
CA ALA A 95 7.18 3.83 3.33
C ALA A 95 7.58 4.61 4.60
N GLU A 96 8.70 5.34 4.55
CA GLU A 96 9.21 6.19 5.63
C GLU A 96 8.75 7.66 5.56
N ASP A 97 7.93 8.06 4.58
CA ASP A 97 7.53 9.45 4.31
C ASP A 97 6.03 9.60 3.95
N ASP A 98 5.22 10.14 4.87
CA ASP A 98 3.77 10.38 4.68
C ASP A 98 3.44 11.67 3.90
N SER A 99 4.35 12.65 3.89
CA SER A 99 4.23 13.92 3.15
C SER A 99 4.68 13.83 1.67
N LEU A 100 5.16 12.68 1.20
CA LEU A 100 5.48 12.43 -0.21
C LEU A 100 4.23 12.15 -1.07
N ASN A 101 4.43 12.20 -2.40
CA ASN A 101 3.47 11.80 -3.43
C ASN A 101 3.42 10.27 -3.62
N GLY A 102 2.37 9.78 -4.30
CA GLY A 102 2.15 8.37 -4.62
C GLY A 102 2.91 7.91 -5.85
N ILE A 103 4.25 7.98 -5.81
CA ILE A 103 5.13 7.55 -6.92
C ILE A 103 4.84 6.12 -7.37
N GLN A 104 4.38 5.25 -6.46
CA GLN A 104 3.99 3.87 -6.72
C GLN A 104 3.10 3.70 -7.97
N LYS A 105 2.17 4.65 -8.20
CA LYS A 105 1.36 4.68 -9.43
C LYS A 105 2.23 4.81 -10.67
N ALA A 106 3.04 5.87 -10.79
CA ALA A 106 3.85 6.13 -11.97
C ALA A 106 4.91 5.05 -12.19
N GLN A 107 5.44 4.49 -11.09
CA GLN A 107 6.35 3.34 -11.10
C GLN A 107 5.71 2.11 -11.75
N LYS A 108 4.46 1.78 -11.36
CA LYS A 108 3.69 0.70 -11.98
C LYS A 108 3.44 0.97 -13.47
N ILE A 109 3.01 2.18 -13.83
CA ILE A 109 2.83 2.65 -15.22
C ILE A 109 4.11 2.43 -16.04
N GLN A 110 5.28 2.85 -15.57
CA GLN A 110 6.56 2.63 -16.29
C GLN A 110 6.89 1.14 -16.44
N ALA A 111 6.72 0.35 -15.36
CA ALA A 111 7.03 -1.07 -15.36
C ALA A 111 6.18 -1.82 -16.42
N ILE A 112 4.86 -1.59 -16.43
CA ILE A 112 3.96 -2.14 -17.45
C ILE A 112 4.14 -1.48 -18.82
N TYR A 113 4.51 -0.20 -18.91
CA TYR A 113 4.75 0.51 -20.17
C TYR A 113 5.89 -0.13 -20.99
N LYS A 114 6.98 -0.52 -20.32
CA LYS A 114 8.08 -1.26 -20.97
C LYS A 114 7.76 -2.73 -21.23
N THR A 115 6.67 -3.26 -20.65
CA THR A 115 6.20 -4.64 -20.82
C THR A 115 4.71 -4.73 -21.18
N LEU A 116 4.25 -3.94 -22.17
CA LEU A 116 2.84 -3.92 -22.63
C LEU A 116 2.35 -5.34 -22.99
N PRO A 117 1.04 -5.64 -22.83
CA PRO A 117 0.51 -6.97 -23.10
C PRO A 117 0.58 -7.33 -24.59
N GLN A 118 0.72 -8.62 -24.91
CA GLN A 118 0.73 -9.07 -26.31
C GLN A 118 -0.57 -8.80 -27.06
N SER A 119 -1.71 -8.62 -26.37
CA SER A 119 -2.98 -8.23 -27.02
C SER A 119 -2.90 -6.86 -27.68
N VAL A 120 -2.44 -5.83 -26.96
CA VAL A 120 -2.30 -4.47 -27.54
C VAL A 120 -1.11 -4.41 -28.51
N LYS A 121 0.01 -5.06 -28.18
CA LYS A 121 1.17 -5.16 -29.08
C LYS A 121 0.79 -5.81 -30.41
N ASP A 122 0.11 -6.95 -30.42
CA ASP A 122 -0.34 -7.63 -31.65
C ASP A 122 -1.41 -6.83 -32.42
N GLU A 123 -2.41 -6.25 -31.73
CA GLU A 123 -3.45 -5.46 -32.41
C GLU A 123 -2.88 -4.18 -33.06
N LEU A 124 -1.90 -3.52 -32.41
CA LEU A 124 -1.26 -2.29 -32.92
C LEU A 124 -0.09 -2.58 -33.88
N GLU A 125 0.53 -3.77 -33.82
CA GLU A 125 1.66 -4.21 -34.66
C GLU A 125 1.36 -4.03 -36.17
N LYS A 126 0.09 -4.22 -36.55
CA LYS A 126 -0.42 -4.01 -37.91
C LYS A 126 -0.72 -2.54 -38.22
N GLY A 127 -1.26 -1.78 -37.26
CA GLY A 127 -1.62 -0.35 -37.38
C GLY A 127 -2.88 0.03 -36.60
N ILE A 128 -3.25 1.31 -36.66
CA ILE A 128 -4.34 1.95 -35.90
C ILE A 128 -5.15 2.94 -36.75
N GLY A 129 -5.87 2.40 -37.74
CA GLY A 129 -6.66 3.15 -38.75
C GLY A 129 -5.88 4.31 -39.40
N PRO A 130 -4.93 4.02 -40.32
CA PRO A 130 -4.06 5.03 -40.92
C PRO A 130 -4.83 5.98 -41.86
N ALA A 131 -4.66 7.29 -41.64
CA ALA A 131 -5.28 8.37 -42.40
C ALA A 131 -4.48 9.67 -42.24
N VAL A 132 -3.81 10.12 -43.30
CA VAL A 132 -3.08 11.39 -43.36
C VAL A 132 -3.97 12.49 -43.98
N PRO A 133 -3.99 13.72 -43.44
CA PRO A 133 -4.75 14.83 -44.02
C PRO A 133 -4.13 15.42 -45.30
N GLN A 134 -2.89 15.05 -45.66
CA GLN A 134 -2.14 15.57 -46.81
C GLN A 134 -1.11 14.57 -47.38
N ASP A 1 -4.32 -16.46 15.01
CA ASP A 1 -4.34 -16.90 13.61
C ASP A 1 -3.39 -16.11 12.67
N ASP A 2 -3.32 -16.49 11.40
CA ASP A 2 -2.52 -15.83 10.35
C ASP A 2 -3.29 -14.73 9.57
N THR A 3 -4.56 -14.50 9.93
CA THR A 3 -5.49 -13.52 9.34
C THR A 3 -5.64 -12.25 10.21
N PRO A 4 -6.15 -11.14 9.64
CA PRO A 4 -6.41 -9.90 10.38
C PRO A 4 -7.59 -10.04 11.36
N PRO A 5 -7.84 -9.07 12.26
CA PRO A 5 -9.02 -9.04 13.13
C PRO A 5 -10.32 -8.85 12.32
N PRO A 6 -11.26 -9.82 12.30
CA PRO A 6 -12.62 -9.59 11.80
C PRO A 6 -13.55 -8.70 12.66
N PRO A 7 -13.40 -8.50 14.00
CA PRO A 7 -14.33 -7.65 14.77
C PRO A 7 -14.15 -6.15 14.47
N PRO A 8 -15.08 -5.30 14.94
CA PRO A 8 -14.96 -3.84 14.82
C PRO A 8 -13.73 -3.34 15.59
N PHE A 9 -12.90 -2.52 14.93
CA PHE A 9 -11.76 -1.88 15.58
C PHE A 9 -12.19 -1.07 16.83
N LEU A 10 -13.31 -0.35 16.68
CA LEU A 10 -13.98 0.47 17.69
C LEU A 10 -14.85 -0.32 18.70
N ALA A 11 -14.68 -1.64 18.84
CA ALA A 11 -15.49 -2.57 19.65
C ALA A 11 -16.08 -1.98 20.95
N GLY A 12 -17.39 -1.67 20.92
CA GLY A 12 -18.11 -0.96 21.99
C GLY A 12 -19.18 0.03 21.49
N ALA A 13 -19.84 -0.26 20.36
CA ALA A 13 -20.81 0.61 19.70
C ALA A 13 -22.16 -0.11 19.46
N PRO A 14 -23.29 0.61 19.29
CA PRO A 14 -24.62 0.01 19.11
C PRO A 14 -24.80 -0.60 17.70
N GLN A 15 -25.89 -1.36 17.50
CA GLN A 15 -26.20 -2.07 16.25
C GLN A 15 -26.20 -1.15 15.01
N ASP A 16 -26.69 0.08 15.18
CA ASP A 16 -26.70 1.14 14.15
C ASP A 16 -25.30 1.45 13.61
N VAL A 17 -24.29 1.43 14.49
CA VAL A 17 -22.87 1.60 14.16
C VAL A 17 -22.23 0.28 13.69
N VAL A 18 -22.60 -0.86 14.30
CA VAL A 18 -22.10 -2.19 13.90
C VAL A 18 -22.42 -2.48 12.43
N LYS A 19 -23.60 -2.09 11.92
CA LYS A 19 -23.92 -2.21 10.49
C LYS A 19 -22.96 -1.38 9.62
N ALA A 20 -22.76 -0.10 9.94
CA ALA A 20 -21.80 0.76 9.24
C ALA A 20 -20.38 0.14 9.19
N PHE A 21 -19.89 -0.35 10.34
CA PHE A 21 -18.67 -1.17 10.42
C PHE A 21 -18.69 -2.36 9.44
N PHE A 22 -19.74 -3.19 9.46
CA PHE A 22 -19.86 -4.39 8.62
C PHE A 22 -19.82 -4.08 7.12
N GLU A 23 -20.60 -3.09 6.67
CA GLU A 23 -20.63 -2.66 5.26
C GLU A 23 -19.28 -2.08 4.83
N LEU A 24 -18.61 -1.33 5.71
CA LEU A 24 -17.24 -0.86 5.48
C LEU A 24 -16.24 -2.03 5.39
N LEU A 25 -16.32 -3.03 6.28
CA LEU A 25 -15.48 -4.23 6.28
C LEU A 25 -15.67 -5.11 5.04
N LYS A 26 -16.89 -5.22 4.48
CA LYS A 26 -17.13 -5.96 3.24
C LYS A 26 -16.25 -5.52 2.05
N LYS A 27 -15.90 -4.23 1.97
CA LYS A 27 -14.93 -3.69 0.99
C LYS A 27 -13.49 -4.15 1.25
N ASP A 28 -13.12 -4.23 2.53
CA ASP A 28 -11.75 -4.49 3.00
C ASP A 28 -11.55 -5.93 3.52
N GLU A 29 -12.48 -6.86 3.24
CA GLU A 29 -12.47 -8.24 3.74
C GLU A 29 -11.19 -9.05 3.41
N THR A 30 -10.46 -8.64 2.37
CA THR A 30 -9.21 -9.25 1.87
C THR A 30 -7.93 -8.46 2.24
N LYS A 31 -8.03 -7.35 2.97
CA LYS A 31 -6.90 -6.52 3.44
C LYS A 31 -6.17 -7.16 4.64
N THR A 32 -5.02 -6.60 5.01
CA THR A 32 -4.21 -7.00 6.19
C THR A 32 -4.71 -6.32 7.48
N ASP A 33 -4.17 -6.72 8.63
CA ASP A 33 -4.45 -6.11 9.95
C ASP A 33 -4.26 -4.58 9.92
N PRO A 34 -3.06 -4.04 9.60
CA PRO A 34 -2.84 -2.60 9.56
C PRO A 34 -3.62 -1.88 8.44
N GLU A 35 -3.91 -2.55 7.32
CA GLU A 35 -4.74 -1.97 6.25
C GLU A 35 -6.21 -1.76 6.66
N ILE A 36 -6.86 -2.78 7.24
CA ILE A 36 -8.25 -2.65 7.75
C ILE A 36 -8.30 -1.64 8.88
N GLU A 37 -7.45 -1.81 9.90
CA GLU A 37 -7.45 -0.93 11.07
C GLU A 37 -7.27 0.53 10.66
N LYS A 38 -6.38 0.86 9.70
CA LYS A 38 -6.12 2.23 9.26
C LYS A 38 -7.37 2.91 8.74
N ASP A 39 -8.07 2.25 7.82
CA ASP A 39 -9.32 2.75 7.26
C ASP A 39 -10.42 2.93 8.33
N LEU A 40 -10.54 1.98 9.27
CA LEU A 40 -11.43 2.10 10.43
C LEU A 40 -11.05 3.30 11.32
N ASP A 41 -9.78 3.41 11.70
CA ASP A 41 -9.27 4.49 12.54
C ASP A 41 -9.41 5.88 11.89
N ALA A 42 -9.36 5.97 10.56
CA ALA A 42 -9.50 7.24 9.87
C ALA A 42 -10.87 7.89 10.12
N TRP A 43 -11.97 7.14 9.96
CA TRP A 43 -13.31 7.63 10.32
C TRP A 43 -13.55 7.69 11.84
N VAL A 44 -13.01 6.74 12.64
CA VAL A 44 -13.10 6.72 14.12
C VAL A 44 -12.50 7.98 14.76
N ASP A 45 -11.47 8.58 14.15
CA ASP A 45 -10.89 9.85 14.59
C ASP A 45 -11.93 11.01 14.67
N THR A 46 -13.11 10.82 14.07
CA THR A 46 -14.24 11.77 14.09
C THR A 46 -15.39 11.32 14.99
N LEU A 47 -15.41 10.06 15.47
CA LEU A 47 -16.44 9.58 16.40
C LEU A 47 -16.37 10.22 17.79
N GLY A 48 -15.21 10.16 18.44
CA GLY A 48 -14.99 10.52 19.84
C GLY A 48 -13.55 10.94 20.08
N GLY A 49 -13.07 10.75 21.31
CA GLY A 49 -11.76 11.24 21.76
C GLY A 49 -10.88 10.23 22.50
N ASP A 50 -11.23 8.95 22.43
CA ASP A 50 -10.46 7.83 22.98
C ASP A 50 -9.89 6.93 21.87
N TYR A 51 -10.63 6.77 20.78
CA TYR A 51 -10.23 5.92 19.65
C TYR A 51 -9.14 6.58 18.79
N LYS A 52 -9.10 7.92 18.76
CA LYS A 52 -8.03 8.74 18.14
C LYS A 52 -6.62 8.39 18.61
N ALA A 53 -6.46 8.02 19.87
CA ALA A 53 -5.16 7.61 20.43
C ALA A 53 -4.67 6.33 19.76
N LYS A 54 -5.53 5.30 19.68
CA LYS A 54 -5.29 4.09 18.89
C LYS A 54 -4.86 4.42 17.46
N PHE A 55 -5.51 5.35 16.76
CA PHE A 55 -5.08 5.79 15.44
C PHE A 55 -3.63 6.30 15.43
N GLU A 56 -3.23 7.17 16.36
CA GLU A 56 -1.86 7.67 16.41
C GLU A 56 -0.83 6.53 16.56
N THR A 57 -1.06 5.58 17.49
CA THR A 57 -0.19 4.41 17.72
C THR A 57 -0.15 3.42 16.56
N PHE A 58 -1.30 3.12 15.96
CA PHE A 58 -1.41 2.19 14.84
C PHE A 58 -0.84 2.76 13.53
N LYS A 59 -1.14 4.02 13.22
CA LYS A 59 -0.60 4.73 12.04
C LYS A 59 0.94 4.65 12.02
N LYS A 60 1.59 5.01 13.13
CA LYS A 60 3.05 4.90 13.28
C LYS A 60 3.53 3.44 13.21
N GLU A 61 2.86 2.50 13.86
CA GLU A 61 3.17 1.06 13.75
C GLU A 61 3.11 0.55 12.29
N MET A 62 2.05 0.88 11.55
CA MET A 62 1.86 0.51 10.15
C MET A 62 2.95 1.08 9.26
N LYS A 63 3.17 2.39 9.33
CA LYS A 63 4.25 3.04 8.59
C LYS A 63 5.63 2.51 8.99
N ALA A 64 5.82 2.08 10.24
CA ALA A 64 7.08 1.52 10.71
C ALA A 64 7.33 0.12 10.14
N LYS A 65 6.34 -0.79 10.25
CA LYS A 65 6.44 -2.16 9.72
C LYS A 65 6.66 -2.14 8.22
N GLU A 66 5.87 -1.36 7.49
CA GLU A 66 5.96 -1.18 6.04
C GLU A 66 7.32 -0.59 5.63
N ALA A 67 7.76 0.54 6.20
CA ALA A 67 9.04 1.15 5.86
C ALA A 67 10.25 0.24 6.16
N GLU A 68 10.28 -0.40 7.33
CA GLU A 68 11.39 -1.28 7.74
C GLU A 68 11.46 -2.55 6.87
N LEU A 69 10.31 -3.20 6.61
CA LEU A 69 10.20 -4.30 5.65
C LEU A 69 10.66 -3.87 4.26
N ALA A 70 10.14 -2.75 3.75
CA ALA A 70 10.49 -2.25 2.43
C ALA A 70 11.98 -1.92 2.31
N LYS A 71 12.61 -1.28 3.31
CA LYS A 71 14.06 -1.04 3.37
C LYS A 71 14.86 -2.34 3.26
N ALA A 72 14.53 -3.35 4.07
CA ALA A 72 15.21 -4.64 4.07
C ALA A 72 15.06 -5.39 2.73
N HIS A 73 13.83 -5.46 2.23
CA HIS A 73 13.50 -6.07 0.94
C HIS A 73 14.23 -5.35 -0.21
N GLU A 74 14.16 -4.01 -0.29
CA GLU A 74 14.87 -3.18 -1.28
C GLU A 74 16.40 -3.39 -1.24
N GLU A 75 17.01 -3.46 -0.06
CA GLU A 75 18.42 -3.80 0.13
C GLU A 75 18.78 -5.16 -0.50
N ALA A 76 18.04 -6.23 -0.17
CA ALA A 76 18.26 -7.56 -0.77
C ALA A 76 17.93 -7.61 -2.27
N VAL A 77 16.96 -6.81 -2.73
CA VAL A 77 16.56 -6.67 -4.13
C VAL A 77 17.58 -5.88 -4.98
N ALA A 78 18.40 -5.01 -4.38
CA ALA A 78 19.44 -4.25 -5.09
C ALA A 78 20.49 -5.12 -5.84
N LYS A 79 20.76 -6.34 -5.32
CA LYS A 79 21.60 -7.37 -5.97
C LYS A 79 20.83 -8.31 -6.90
N MET A 80 19.52 -8.11 -7.08
CA MET A 80 18.59 -8.99 -7.80
C MET A 80 18.24 -8.41 -9.20
N THR A 81 17.12 -8.82 -9.80
CA THR A 81 16.62 -8.33 -11.11
C THR A 81 16.37 -6.81 -11.16
N PRO A 82 16.41 -6.18 -12.35
CA PRO A 82 16.25 -4.73 -12.52
C PRO A 82 14.83 -4.23 -12.26
N GLU A 83 13.81 -4.94 -12.79
CA GLU A 83 12.39 -4.66 -12.54
C GLU A 83 12.03 -4.72 -11.05
N ALA A 84 12.69 -5.63 -10.32
CA ALA A 84 12.50 -5.78 -8.89
C ALA A 84 12.99 -4.53 -8.15
N LYS A 85 14.16 -3.98 -8.53
CA LYS A 85 14.69 -2.71 -8.01
C LYS A 85 13.71 -1.57 -8.20
N LYS A 86 13.06 -1.45 -9.37
CA LYS A 86 12.02 -0.45 -9.67
C LYS A 86 10.83 -0.58 -8.70
N ALA A 87 10.25 -1.77 -8.61
CA ALA A 87 9.12 -2.08 -7.72
C ALA A 87 9.44 -1.84 -6.24
N ASP A 88 10.53 -2.39 -5.73
CA ASP A 88 10.95 -2.22 -4.34
C ASP A 88 11.40 -0.78 -4.01
N ALA A 89 12.05 -0.07 -4.94
CA ALA A 89 12.36 1.35 -4.75
C ALA A 89 11.06 2.14 -4.54
N GLU A 90 10.08 1.99 -5.43
CA GLU A 90 8.73 2.58 -5.27
C GLU A 90 8.11 2.24 -3.91
N LEU A 91 8.06 0.95 -3.55
CA LEU A 91 7.47 0.52 -2.29
C LEU A 91 8.21 1.10 -1.07
N SER A 92 9.55 1.22 -1.12
CA SER A 92 10.37 1.75 -0.03
C SER A 92 10.25 3.27 0.12
N LYS A 93 10.12 4.01 -0.98
CA LYS A 93 9.93 5.47 -0.95
C LYS A 93 8.50 5.84 -0.57
N ILE A 94 7.48 5.11 -1.04
CA ILE A 94 6.08 5.35 -0.65
C ILE A 94 5.80 4.95 0.81
N ALA A 95 6.49 3.92 1.33
CA ALA A 95 6.30 3.46 2.69
C ALA A 95 6.53 4.54 3.76
N GLU A 96 7.45 5.47 3.52
CA GLU A 96 7.67 6.67 4.34
C GLU A 96 6.80 7.87 3.92
N ASP A 97 6.42 7.98 2.65
CA ASP A 97 5.72 9.12 2.04
C ASP A 97 4.43 8.71 1.31
N ASP A 98 3.30 8.67 2.03
CA ASP A 98 1.97 8.37 1.48
C ASP A 98 1.44 9.42 0.47
N SER A 99 2.12 10.56 0.32
CA SER A 99 1.74 11.66 -0.58
C SER A 99 1.82 11.31 -2.09
N LEU A 100 2.53 10.23 -2.43
CA LEU A 100 2.75 9.75 -3.80
C LEU A 100 1.55 8.90 -4.29
N ASN A 101 0.51 9.57 -4.80
CA ASN A 101 -0.70 8.93 -5.32
C ASN A 101 -0.55 8.60 -6.83
N GLY A 102 -1.29 7.61 -7.32
CA GLY A 102 -1.27 7.13 -8.72
C GLY A 102 0.03 6.47 -9.18
N ILE A 103 0.98 6.22 -8.26
CA ILE A 103 2.35 5.77 -8.59
C ILE A 103 2.38 4.41 -9.31
N GLN A 104 1.38 3.55 -9.08
CA GLN A 104 1.25 2.23 -9.74
C GLN A 104 1.41 2.30 -11.27
N LYS A 105 0.88 3.35 -11.92
CA LYS A 105 1.06 3.61 -13.35
C LYS A 105 2.54 3.77 -13.72
N ALA A 106 3.23 4.75 -13.12
CA ALA A 106 4.64 5.02 -13.42
C ALA A 106 5.58 3.88 -13.00
N GLN A 107 5.25 3.18 -11.92
CA GLN A 107 5.93 1.96 -11.48
C GLN A 107 5.87 0.89 -12.56
N LYS A 108 4.67 0.59 -13.08
CA LYS A 108 4.48 -0.29 -14.25
C LYS A 108 5.35 0.15 -15.43
N ILE A 109 5.31 1.42 -15.84
CA ILE A 109 6.15 1.96 -16.93
C ILE A 109 7.64 1.67 -16.70
N GLN A 110 8.16 1.95 -15.51
CA GLN A 110 9.56 1.69 -15.17
C GLN A 110 9.92 0.19 -15.15
N ALA A 111 9.07 -0.65 -14.55
CA ALA A 111 9.26 -2.10 -14.50
C ALA A 111 9.31 -2.72 -15.90
N ILE A 112 8.35 -2.40 -16.78
CA ILE A 112 8.35 -2.86 -18.19
C ILE A 112 9.49 -2.22 -18.99
N TYR A 113 9.83 -0.95 -18.76
CA TYR A 113 10.94 -0.26 -19.43
C TYR A 113 12.28 -0.97 -19.19
N LYS A 114 12.56 -1.39 -17.95
CA LYS A 114 13.76 -2.15 -17.56
C LYS A 114 13.79 -3.57 -18.16
N THR A 115 12.67 -4.08 -18.66
CA THR A 115 12.56 -5.42 -19.27
C THR A 115 12.43 -5.40 -20.81
N LEU A 116 12.48 -4.22 -21.44
CA LEU A 116 12.43 -4.05 -22.90
C LEU A 116 13.65 -4.65 -23.64
N PRO A 117 13.53 -4.97 -24.95
CA PRO A 117 14.63 -5.50 -25.76
C PRO A 117 15.69 -4.42 -26.09
N GLN A 118 16.89 -4.88 -26.49
CA GLN A 118 17.98 -3.99 -26.89
C GLN A 118 17.65 -3.16 -28.14
N SER A 119 16.74 -3.63 -29.02
CA SER A 119 16.32 -2.91 -30.22
C SER A 119 15.68 -1.55 -29.88
N VAL A 120 14.68 -1.53 -28.98
CA VAL A 120 14.03 -0.29 -28.55
C VAL A 120 14.92 0.54 -27.61
N LYS A 121 15.68 -0.10 -26.71
CA LYS A 121 16.70 0.60 -25.89
C LYS A 121 17.71 1.33 -26.77
N ASP A 122 18.29 0.68 -27.78
CA ASP A 122 19.27 1.29 -28.69
C ASP A 122 18.66 2.39 -29.58
N GLU A 123 17.47 2.17 -30.16
CA GLU A 123 16.80 3.19 -30.98
C GLU A 123 16.39 4.44 -30.18
N LEU A 124 16.00 4.28 -28.90
CA LEU A 124 15.62 5.40 -28.03
C LEU A 124 16.82 6.02 -27.29
N GLU A 125 17.93 5.29 -27.12
CA GLU A 125 19.17 5.75 -26.44
C GLU A 125 19.73 7.04 -27.04
N LYS A 126 19.54 7.24 -28.35
CA LYS A 126 19.89 8.48 -29.06
C LYS A 126 19.17 9.71 -28.48
N GLY A 127 17.96 9.55 -27.95
CA GLY A 127 17.17 10.61 -27.31
C GLY A 127 16.64 11.69 -28.26
N ILE A 128 16.19 11.29 -29.47
CA ILE A 128 15.60 12.11 -30.54
C ILE A 128 16.24 13.51 -30.69
N GLY A 129 17.58 13.52 -30.83
CA GLY A 129 18.43 14.73 -30.87
C GLY A 129 18.32 15.56 -29.58
N PRO A 130 18.94 15.12 -28.47
CA PRO A 130 18.74 15.71 -27.14
C PRO A 130 19.44 17.07 -26.99
N ALA A 131 20.55 17.27 -27.72
CA ALA A 131 21.30 18.51 -27.86
C ALA A 131 22.16 18.45 -29.14
N VAL A 132 21.85 19.30 -30.13
CA VAL A 132 22.63 19.43 -31.39
C VAL A 132 23.64 20.58 -31.26
N PRO A 133 24.93 20.40 -31.59
CA PRO A 133 25.95 21.46 -31.55
C PRO A 133 25.74 22.53 -32.64
N GLN A 134 26.53 23.60 -32.61
CA GLN A 134 26.49 24.72 -33.58
C GLN A 134 26.79 24.27 -35.03
N ASP A 1 2.13 -9.78 4.06
CA ASP A 1 2.54 -10.18 5.41
C ASP A 1 1.32 -10.44 6.33
N ASP A 2 1.18 -11.68 6.80
CA ASP A 2 0.15 -12.13 7.74
C ASP A 2 -1.30 -11.75 7.29
N THR A 3 -2.23 -11.60 8.23
CA THR A 3 -3.60 -11.08 8.00
C THR A 3 -3.94 -9.94 8.98
N PRO A 4 -4.92 -9.07 8.65
CA PRO A 4 -5.37 -7.98 9.50
C PRO A 4 -6.08 -8.46 10.78
N PRO A 5 -6.30 -7.57 11.78
CA PRO A 5 -7.04 -7.87 12.99
C PRO A 5 -8.52 -8.20 12.69
N PRO A 6 -9.04 -9.36 13.16
CA PRO A 6 -10.48 -9.64 13.15
C PRO A 6 -11.35 -8.77 14.12
N PRO A 7 -10.88 -8.17 15.24
CA PRO A 7 -11.73 -7.29 16.04
C PRO A 7 -12.08 -5.97 15.32
N PRO A 8 -13.07 -5.21 15.82
CA PRO A 8 -13.37 -3.86 15.34
C PRO A 8 -12.16 -2.93 15.49
N PHE A 9 -11.82 -2.21 14.42
CA PHE A 9 -10.83 -1.13 14.47
C PHE A 9 -11.10 -0.16 15.64
N LEU A 10 -12.36 0.25 15.78
CA LEU A 10 -12.86 1.19 16.80
C LEU A 10 -13.19 0.56 18.18
N ALA A 11 -12.68 -0.65 18.49
CA ALA A 11 -13.00 -1.46 19.68
C ALA A 11 -13.32 -0.67 20.97
N GLY A 12 -14.61 -0.61 21.33
CA GLY A 12 -15.14 0.22 22.42
C GLY A 12 -16.50 0.85 22.13
N ALA A 13 -17.32 0.23 21.28
CA ALA A 13 -18.62 0.73 20.81
C ALA A 13 -19.77 -0.27 21.12
N PRO A 14 -21.04 0.18 21.20
CA PRO A 14 -22.18 -0.70 21.52
C PRO A 14 -22.57 -1.63 20.36
N GLN A 15 -23.42 -2.63 20.61
CA GLN A 15 -23.84 -3.63 19.64
C GLN A 15 -24.42 -3.03 18.35
N ASP A 16 -25.19 -1.94 18.47
CA ASP A 16 -25.72 -1.15 17.36
C ASP A 16 -24.64 -0.69 16.38
N VAL A 17 -23.48 -0.28 16.91
CA VAL A 17 -22.30 0.14 16.14
C VAL A 17 -21.49 -1.07 15.66
N VAL A 18 -21.34 -2.12 16.49
CA VAL A 18 -20.64 -3.36 16.12
C VAL A 18 -21.26 -4.00 14.86
N LYS A 19 -22.58 -4.00 14.72
CA LYS A 19 -23.25 -4.47 13.49
C LYS A 19 -22.86 -3.62 12.27
N ALA A 20 -22.96 -2.29 12.38
CA ALA A 20 -22.54 -1.36 11.33
C ALA A 20 -21.08 -1.61 10.88
N PHE A 21 -20.15 -1.75 11.84
CA PHE A 21 -18.78 -2.20 11.62
C PHE A 21 -18.73 -3.52 10.83
N PHE A 22 -19.41 -4.57 11.27
CA PHE A 22 -19.41 -5.89 10.62
C PHE A 22 -19.90 -5.86 9.17
N GLU A 23 -21.02 -5.19 8.91
CA GLU A 23 -21.60 -5.07 7.57
C GLU A 23 -20.74 -4.18 6.65
N LEU A 24 -20.01 -3.21 7.21
CA LEU A 24 -18.94 -2.51 6.48
C LEU A 24 -17.74 -3.45 6.19
N LEU A 25 -17.24 -4.18 7.20
CA LEU A 25 -16.10 -5.09 7.10
C LEU A 25 -16.28 -6.22 6.08
N LYS A 26 -17.49 -6.75 5.89
CA LYS A 26 -17.75 -7.77 4.86
C LYS A 26 -17.31 -7.34 3.45
N LYS A 27 -17.34 -6.05 3.15
CA LYS A 27 -16.90 -5.44 1.88
C LYS A 27 -15.37 -5.45 1.73
N ASP A 28 -14.67 -5.30 2.85
CA ASP A 28 -13.22 -5.19 2.97
C ASP A 28 -12.57 -6.43 3.63
N GLU A 29 -13.26 -7.58 3.71
CA GLU A 29 -12.79 -8.78 4.43
C GLU A 29 -11.46 -9.35 3.90
N THR A 30 -11.08 -9.01 2.66
CA THR A 30 -9.88 -9.46 1.94
C THR A 30 -8.77 -8.38 1.91
N LYS A 31 -8.98 -7.21 2.53
CA LYS A 31 -8.00 -6.11 2.63
C LYS A 31 -6.90 -6.43 3.67
N THR A 32 -5.93 -5.54 3.79
CA THR A 32 -4.82 -5.58 4.77
C THR A 32 -5.13 -4.73 6.02
N ASP A 33 -4.23 -4.79 7.01
CA ASP A 33 -4.23 -3.96 8.22
C ASP A 33 -4.43 -2.46 7.93
N PRO A 34 -3.53 -1.79 7.15
CA PRO A 34 -3.69 -0.36 6.86
C PRO A 34 -4.90 -0.05 5.97
N GLU A 35 -5.25 -0.93 5.04
CA GLU A 35 -6.40 -0.74 4.14
C GLU A 35 -7.74 -0.74 4.92
N ILE A 36 -7.94 -1.69 5.84
CA ILE A 36 -9.13 -1.73 6.69
C ILE A 36 -9.12 -0.56 7.67
N GLU A 37 -8.04 -0.38 8.44
CA GLU A 37 -7.96 0.66 9.47
C GLU A 37 -8.23 2.06 8.90
N LYS A 38 -7.74 2.36 7.68
CA LYS A 38 -8.01 3.59 6.94
C LYS A 38 -9.49 3.82 6.69
N ASP A 39 -10.15 2.86 6.03
CA ASP A 39 -11.56 3.02 5.64
C ASP A 39 -12.48 3.10 6.86
N LEU A 40 -12.15 2.35 7.92
CA LEU A 40 -12.77 2.41 9.23
C LEU A 40 -12.53 3.77 9.90
N ASP A 41 -11.30 4.27 9.96
CA ASP A 41 -10.99 5.61 10.46
C ASP A 41 -11.77 6.72 9.76
N ALA A 42 -11.92 6.64 8.45
CA ALA A 42 -12.56 7.69 7.67
C ALA A 42 -13.96 8.04 8.20
N TRP A 43 -14.82 7.04 8.42
CA TRP A 43 -16.09 7.21 9.15
C TRP A 43 -15.95 7.42 10.68
N VAL A 44 -14.98 6.78 11.36
CA VAL A 44 -14.67 6.96 12.80
C VAL A 44 -14.35 8.42 13.15
N ASP A 45 -13.74 9.17 12.23
CA ASP A 45 -13.42 10.59 12.43
C ASP A 45 -14.67 11.46 12.68
N THR A 46 -15.88 10.94 12.39
CA THR A 46 -17.17 11.58 12.63
C THR A 46 -17.87 11.04 13.89
N LEU A 47 -17.47 9.86 14.39
CA LEU A 47 -18.05 9.26 15.60
C LEU A 47 -17.81 10.09 16.88
N GLY A 48 -16.55 10.45 17.15
CA GLY A 48 -16.12 10.95 18.45
C GLY A 48 -14.66 11.37 18.46
N GLY A 49 -14.13 11.56 19.67
CA GLY A 49 -12.78 12.06 19.94
C GLY A 49 -11.93 11.13 20.81
N ASP A 50 -12.39 9.90 21.01
CA ASP A 50 -11.71 8.79 21.68
C ASP A 50 -11.22 7.72 20.69
N TYR A 51 -11.93 7.50 19.58
CA TYR A 51 -11.53 6.56 18.52
C TYR A 51 -10.32 7.06 17.70
N LYS A 52 -10.09 8.38 17.69
CA LYS A 52 -8.89 9.04 17.12
C LYS A 52 -7.56 8.50 17.66
N ALA A 53 -7.51 8.09 18.93
CA ALA A 53 -6.32 7.52 19.55
C ALA A 53 -5.99 6.13 18.97
N LYS A 54 -7.01 5.33 18.68
CA LYS A 54 -6.86 4.08 17.91
C LYS A 54 -6.29 4.34 16.52
N PHE A 55 -6.77 5.35 15.80
CA PHE A 55 -6.18 5.74 14.52
C PHE A 55 -4.69 6.11 14.63
N GLU A 56 -4.31 6.93 15.60
CA GLU A 56 -2.91 7.34 15.77
C GLU A 56 -2.00 6.12 16.00
N THR A 57 -2.43 5.17 16.84
CA THR A 57 -1.65 3.98 17.18
C THR A 57 -1.61 2.97 16.02
N PHE A 58 -2.72 2.81 15.29
CA PHE A 58 -2.79 1.96 14.09
C PHE A 58 -1.87 2.50 12.99
N LYS A 59 -2.03 3.76 12.58
CA LYS A 59 -1.22 4.36 11.50
C LYS A 59 0.28 4.22 11.78
N LYS A 60 0.71 4.40 13.04
CA LYS A 60 2.08 4.11 13.51
C LYS A 60 2.51 2.65 13.33
N GLU A 61 1.76 1.70 13.89
CA GLU A 61 2.06 0.26 13.76
C GLU A 61 2.07 -0.21 12.29
N MET A 62 1.10 0.26 11.50
CA MET A 62 0.99 -0.03 10.08
C MET A 62 2.16 0.49 9.27
N LYS A 63 2.49 1.77 9.42
CA LYS A 63 3.69 2.38 8.83
C LYS A 63 4.96 1.62 9.25
N ALA A 64 5.03 1.17 10.50
CA ALA A 64 6.19 0.47 11.04
C ALA A 64 6.37 -0.92 10.39
N LYS A 65 5.30 -1.70 10.30
CA LYS A 65 5.30 -3.01 9.61
C LYS A 65 5.67 -2.87 8.15
N GLU A 66 4.99 -2.00 7.40
CA GLU A 66 5.29 -1.85 5.98
C GLU A 66 6.70 -1.30 5.71
N ALA A 67 7.19 -0.36 6.50
CA ALA A 67 8.56 0.16 6.39
C ALA A 67 9.62 -0.93 6.65
N GLU A 68 9.50 -1.66 7.76
CA GLU A 68 10.47 -2.70 8.14
C GLU A 68 10.46 -3.88 7.15
N LEU A 69 9.29 -4.35 6.75
CA LEU A 69 9.11 -5.37 5.72
C LEU A 69 9.69 -4.91 4.37
N ALA A 70 9.33 -3.72 3.91
CA ALA A 70 9.85 -3.18 2.65
C ALA A 70 11.36 -2.98 2.69
N LYS A 71 11.96 -2.49 3.79
CA LYS A 71 13.41 -2.37 3.96
C LYS A 71 14.12 -3.73 3.82
N ALA A 72 13.66 -4.76 4.54
CA ALA A 72 14.22 -6.12 4.46
C ALA A 72 14.05 -6.72 3.05
N HIS A 73 12.84 -6.65 2.49
CA HIS A 73 12.52 -7.14 1.15
C HIS A 73 13.38 -6.45 0.08
N GLU A 74 13.48 -5.12 0.09
CA GLU A 74 14.34 -4.33 -0.81
C GLU A 74 15.83 -4.68 -0.69
N GLU A 75 16.34 -4.91 0.53
CA GLU A 75 17.70 -5.42 0.79
C GLU A 75 17.97 -6.75 0.07
N ALA A 76 17.09 -7.75 0.26
CA ALA A 76 17.20 -9.04 -0.43
C ALA A 76 16.97 -8.95 -1.94
N VAL A 77 16.10 -8.02 -2.39
CA VAL A 77 15.80 -7.74 -3.80
C VAL A 77 16.94 -7.01 -4.52
N ALA A 78 17.81 -6.28 -3.82
CA ALA A 78 18.97 -5.60 -4.41
C ALA A 78 19.92 -6.53 -5.20
N LYS A 79 20.08 -7.78 -4.76
CA LYS A 79 20.86 -8.83 -5.44
C LYS A 79 20.06 -9.59 -6.53
N MET A 80 18.80 -9.25 -6.75
CA MET A 80 17.84 -9.92 -7.63
C MET A 80 17.65 -9.15 -8.96
N THR A 81 16.54 -9.37 -9.68
CA THR A 81 16.20 -8.70 -10.95
C THR A 81 16.10 -7.16 -10.84
N PRO A 82 16.31 -6.42 -11.94
CA PRO A 82 16.35 -4.94 -11.93
C PRO A 82 14.97 -4.31 -11.64
N GLU A 83 13.92 -4.81 -12.29
CA GLU A 83 12.52 -4.39 -12.08
C GLU A 83 12.04 -4.63 -10.65
N ALA A 84 12.53 -5.70 -10.02
CA ALA A 84 12.23 -6.02 -8.63
C ALA A 84 12.76 -4.92 -7.70
N LYS A 85 14.04 -4.50 -7.86
CA LYS A 85 14.61 -3.36 -7.12
C LYS A 85 13.75 -2.10 -7.29
N LYS A 86 13.29 -1.78 -8.50
CA LYS A 86 12.45 -0.60 -8.76
C LYS A 86 11.15 -0.65 -7.94
N ALA A 87 10.38 -1.74 -8.07
CA ALA A 87 9.14 -1.94 -7.32
C ALA A 87 9.37 -1.90 -5.79
N ASP A 88 10.32 -2.68 -5.28
CA ASP A 88 10.65 -2.73 -3.85
C ASP A 88 11.19 -1.41 -3.29
N ALA A 89 12.03 -0.68 -4.04
CA ALA A 89 12.51 0.65 -3.64
C ALA A 89 11.34 1.65 -3.56
N GLU A 90 10.44 1.65 -4.55
CA GLU A 90 9.21 2.42 -4.51
C GLU A 90 8.32 2.07 -3.29
N LEU A 91 8.12 0.79 -2.99
CA LEU A 91 7.41 0.37 -1.78
C LEU A 91 8.17 0.77 -0.49
N SER A 92 9.51 0.75 -0.49
CA SER A 92 10.34 1.10 0.68
C SER A 92 10.32 2.59 1.01
N LYS A 93 10.45 3.46 -0.01
CA LYS A 93 10.32 4.92 0.15
C LYS A 93 8.89 5.29 0.55
N ILE A 94 7.88 4.78 -0.16
CA ILE A 94 6.49 5.16 0.13
C ILE A 94 6.02 4.68 1.52
N ALA A 95 6.53 3.54 1.99
CA ALA A 95 6.21 2.98 3.29
C ALA A 95 6.63 3.85 4.50
N GLU A 96 7.55 4.81 4.31
CA GLU A 96 7.87 5.83 5.33
C GLU A 96 7.54 7.26 4.89
N ASP A 97 7.46 7.51 3.58
CA ASP A 97 7.20 8.83 2.99
C ASP A 97 6.01 8.71 2.03
N ASP A 98 4.80 8.71 2.59
CA ASP A 98 3.53 8.57 1.87
C ASP A 98 3.26 9.76 0.93
N SER A 99 3.73 10.94 1.33
CA SER A 99 3.66 12.21 0.59
C SER A 99 4.60 12.30 -0.62
N LEU A 100 5.63 11.46 -0.71
CA LEU A 100 6.55 11.37 -1.85
C LEU A 100 5.86 10.61 -3.00
N ASN A 101 5.07 11.33 -3.78
CA ASN A 101 4.42 10.88 -5.01
C ASN A 101 5.28 11.21 -6.25
N GLY A 102 4.71 11.03 -7.45
CA GLY A 102 5.35 11.31 -8.73
C GLY A 102 6.04 10.07 -9.30
N ILE A 103 6.98 9.48 -8.57
CA ILE A 103 7.78 8.31 -8.99
C ILE A 103 6.92 7.09 -9.36
N GLN A 104 5.70 7.01 -8.82
CA GLN A 104 4.66 6.04 -9.22
C GLN A 104 4.47 5.94 -10.75
N LYS A 105 4.68 7.04 -11.49
CA LYS A 105 4.76 7.05 -12.95
C LYS A 105 5.83 6.07 -13.46
N ALA A 106 7.10 6.26 -13.08
CA ALA A 106 8.22 5.44 -13.55
C ALA A 106 8.12 3.98 -13.07
N GLN A 107 7.59 3.76 -11.86
CA GLN A 107 7.26 2.43 -11.34
C GLN A 107 6.32 1.68 -12.29
N LYS A 108 5.18 2.31 -12.62
CA LYS A 108 4.23 1.78 -13.62
C LYS A 108 4.88 1.53 -14.97
N ILE A 109 5.58 2.52 -15.53
CA ILE A 109 6.31 2.44 -16.81
C ILE A 109 7.25 1.23 -16.82
N GLN A 110 8.08 1.02 -15.79
CA GLN A 110 9.01 -0.12 -15.70
C GLN A 110 8.28 -1.46 -15.54
N ALA A 111 7.25 -1.52 -14.68
CA ALA A 111 6.44 -2.71 -14.47
C ALA A 111 5.78 -3.18 -15.78
N ILE A 112 5.12 -2.27 -16.51
CA ILE A 112 4.55 -2.56 -17.84
C ILE A 112 5.63 -2.79 -18.89
N TYR A 113 6.77 -2.08 -18.86
CA TYR A 113 7.90 -2.24 -19.80
C TYR A 113 8.44 -3.68 -19.80
N LYS A 114 8.55 -4.32 -18.62
CA LYS A 114 8.99 -5.72 -18.48
C LYS A 114 7.99 -6.75 -19.01
N THR A 115 6.74 -6.37 -19.20
CA THR A 115 5.66 -7.24 -19.70
C THR A 115 5.07 -6.76 -21.04
N LEU A 116 5.84 -5.96 -21.80
CA LEU A 116 5.45 -5.46 -23.13
C LEU A 116 5.19 -6.60 -24.15
N PRO A 117 4.32 -6.37 -25.15
CA PRO A 117 3.98 -7.37 -26.17
C PRO A 117 5.14 -7.65 -27.14
N GLN A 118 5.09 -8.81 -27.80
CA GLN A 118 6.10 -9.17 -28.82
C GLN A 118 6.12 -8.20 -30.01
N SER A 119 5.01 -7.48 -30.31
CA SER A 119 5.04 -6.54 -31.42
C SER A 119 5.93 -5.32 -31.19
N VAL A 120 5.96 -4.74 -29.97
CA VAL A 120 6.86 -3.64 -29.66
C VAL A 120 8.27 -4.16 -29.38
N LYS A 121 8.42 -5.32 -28.71
CA LYS A 121 9.73 -5.96 -28.54
C LYS A 121 10.40 -6.24 -29.88
N ASP A 122 9.70 -6.85 -30.84
CA ASP A 122 10.25 -7.16 -32.16
C ASP A 122 10.54 -5.90 -33.01
N GLU A 123 9.64 -4.91 -33.02
CA GLU A 123 9.87 -3.65 -33.75
C GLU A 123 11.06 -2.83 -33.18
N LEU A 124 11.29 -2.89 -31.86
CA LEU A 124 12.37 -2.17 -31.17
C LEU A 124 13.67 -2.99 -31.07
N GLU A 125 13.62 -4.32 -31.20
CA GLU A 125 14.80 -5.22 -31.15
C GLU A 125 15.89 -4.83 -32.17
N LYS A 126 15.49 -4.22 -33.29
CA LYS A 126 16.37 -3.67 -34.33
C LYS A 126 17.21 -2.47 -33.83
N GLY A 127 16.77 -1.73 -32.82
CA GLY A 127 17.40 -0.49 -32.35
C GLY A 127 16.97 -0.06 -30.93
N ILE A 128 17.73 -0.49 -29.93
CA ILE A 128 17.54 -0.27 -28.49
C ILE A 128 18.19 1.03 -28.00
N GLY A 129 17.68 2.18 -28.43
CA GLY A 129 18.18 3.55 -28.14
C GLY A 129 19.71 3.68 -28.31
N PRO A 130 20.19 3.79 -29.57
CA PRO A 130 21.62 3.75 -29.91
C PRO A 130 22.36 5.03 -29.48
N ALA A 131 23.10 4.96 -28.37
CA ALA A 131 23.89 6.05 -27.78
C ALA A 131 25.01 5.50 -26.87
N VAL A 132 26.27 5.65 -27.29
CA VAL A 132 27.48 5.32 -26.50
C VAL A 132 27.66 6.32 -25.34
N PRO A 133 27.93 5.86 -24.10
CA PRO A 133 28.21 6.75 -22.96
C PRO A 133 29.60 7.40 -23.04
N GLN A 134 29.94 8.24 -22.06
CA GLN A 134 31.25 8.90 -21.91
C GLN A 134 31.82 8.84 -20.48
#